data_8X90
#
_entry.id   8X90
#
_cell.length_a   1.00
_cell.length_b   1.00
_cell.length_c   1.00
_cell.angle_alpha   90.00
_cell.angle_beta   90.00
_cell.angle_gamma   90.00
#
_symmetry.space_group_name_H-M   'P 1'
#
loop_
_entity.id
_entity.type
_entity.pdbx_description
1 polymer 'Voltage-dependent P/Q-type calcium channel subunit alpha-1A'
2 polymer 'Voltage-dependent calcium channel subunit alpha-2/delta-1'
3 polymer 'Voltage-dependent L-type calcium channel subunit beta-3'
4 branched 2-acetamido-2-deoxy-beta-D-glucopyranose-(1-4)-2-acetamido-2-deoxy-beta-D-glucopyranose-(1-4)-2-acetamido-2-deoxy-beta-D-glucopyranose
5 branched 2-acetamido-2-deoxy-beta-D-glucopyranose-(1-4)-2-acetamido-2-deoxy-beta-D-glucopyranose
6 branched 2-acetamido-2-deoxy-beta-D-glucopyranose-(1-4)-2-acetamido-2-deoxy-beta-D-glucopyranose-(1-4)-2-acetamido-2-deoxy-beta-D-glucopyranose-(1-4)-2-acetamido-2-deoxy-beta-D-glucopyranose
7 non-polymer 1,2-DIDECANOYL-SN-GLYCERO-3-[PHOSPHO-L-SERINE]
8 non-polymer CHOLESTEROL
9 non-polymer '[(2R)-1-octadecanoyloxy-3-[oxidanyl-[(1R,2R,3S,4R,5R,6S)-2,3,6-tris(oxidanyl)-4,5-diphosphonooxy-cyclohexyl]oxy-phospho ryl]oxy-propan-2-yl] (8Z)-icosa-5,8,11,14-tetraenoate'
10 non-polymer 'CALCIUM ION'
11 non-polymer 2-acetamido-2-deoxy-beta-D-glucopyranose
12 non-polymer 'CHOLESTEROL HEMISUCCINATE'
13 non-polymer 1,2-Distearoyl-sn-glycerophosphoethanolamine
#
loop_
_entity_poly.entity_id
_entity_poly.type
_entity_poly.pdbx_seq_one_letter_code
_entity_poly.pdbx_strand_id
1 'polypeptide(L)'
;MASWSHPQFEKGGGARGGSGGGSWSHPQFEKGFDYKDDDDKGTMARFGDEMPARYGGGGSGAAAGVVVGSGGGRGAGGSR
QGGQPGAQRMYKQSMAQRARTMALYNPIPVRQNCLTVNRSLFLFSEDNVVRKYAKKITEWPPFEYMILATIIANCIVLAL
EQHLPDDDKTPMSERLDDTEPYFIGIFCFEAGIKIIALGFAFHKGSYLRNGWNVMDFVVVLTGILATVGTEFDLRTLRAV
RVLRPLKLVSGIPSLQVVLKSIMKAMIPLLQIGLLLFFAILIFAIIGLEFYMGKFHTTCFEEGTDDIQGESPAPCGTEEP
ARTCPNGTKCQPYWEGPNNGITQFDNILFAVLTVFQCITMEGWTDLLYNSNDASGNTWNWLYFIPLIIIGSFFMLNLVLG
VLSGEFAKERERVENRRAFLKLRRQQQIERELNGYMEWISKAEEVILAEDETDGEQRHPFDALRRTTIKKSKTDLLNPEE
AEDQLADIASVGSPFARASIKSAKLENSTFFHKKERRMRFYIRRMVKTQAFYWTVLSLVALNTLCVAIVHYNQPEWLSDF
LYYAEFIFLGLFMSEMFIKMYGLGTRPYFHSSFNCFDCGVIIGSIFEVIWAVIKPGTSFGISVLRALRLLRIFKVTKYWA
SLRNLVVSLLNSMKSIISLLFLLFLFIVVFALLGMQLFGGQFNFDEGTPPTNFDTFPAAIMTVFQILTGEDWNEVMYDGI
KSQGGVQGGMVFSIYFIVLTLFGNYTLLNVFLAIAVDNLANAQELTKDEQEEEEAANQKLALQKAKEVAEVSPLSAANMS
IAVKEQQKNQKPAKSVWEQRTSEMRKQNLLASREALYNEMDPDERWKAAYTRHLRPDMKTHLDRPLVVDPQENRNNNTNK
SRAAEPTVDQRLGQQRAEDFLRKQARYHDRARDPSGSAGLDARRPWAGSQEAELSREGPYGRESDHHAREGSLEQPGFWE
GEAERGKAGDPHRRHVHRQGGSRESRSGSPRTGADGEHRRHRAHRRPGEEGPEDKAERRARHREGSRPARGGEGEGEGPD
GGERRRRHRHGAPATYEGDARREDKERRHRRRKENQGSGVPVSGPNLSTTRPIQQDLGRQDPPLAEDIDNMKNNKLATAE
SAAPHGSLGHAGLPQSPAKMGNSTDPGPMLAIPAMATNPQNAASRRTPNNPGNPSNPGPPKTPENSLIVTNPSGTQTNSA
KTARKPDHTTVDIPPACPPPLNHTVVQVNKNANPDPLPKKEEEKKEEEEDDRGEDGPKPMPPYSSMFILSTTNPLRRLCH
YILNLRYFEMCILMVIAMSSIALAAEDPVQPNAPRNNVLRYFDYVFTGVFTFEMVIKMIDLGLVLHQGAYFRDLWNILDF
IVVSGALVAFAFTGNSKGKDINTIKSLRVLRVLRPLKTIKRLPKLKAVFDCVVNSLKNVFNILIVYMLFMFIFAVVAVQL
FKGKFFHCTDESKEFEKDCRGKYLLYEKNEVKARDREWKKYEFHYDNVLWALLTLFTVSTGEGWPQVLKHSVDATFENQG
PSPGYRMEMSIFYVVYFVVFPFFFVNIFVALIIITFQEQGDKMMEEYSLEKNERACIDFAISAKPLTRHMPQNKQSFQYR
MWQFVVSPPFEYTIMAMIALNTIVLMMKFYGASVAYENALRVFNIVFTSLFSLECVLKVMAFGILNYFRDAWNIFDFVTV
LGSITDILVTEFGNNFINLSFLRLFRAARLIKLLRQGYTIRILLWTFVQSFKALPYVCLLIAMLFFIYAIIGMQVFGNIG
IDVEDEDSDEDEFQITEHNNFRTFFQALMLLFRSATGEAWHNIMLSCLSGKPCDKNSGILTRECGNEFAYFYFVSFIFLC
SFLMLNLFVAVIMDNFEYLTRDSSILGPHHLDEYVRVWAEYDPAAWGRMPYLDMYQMLRHMSPPLGLGKKCPARVAYKRL
LRMDLPVADDNTVHFNSTLMALIRTALDIKIAKGGADKQQMDAELRKEMMAIWPNLSQKTLDLLVTPHKSTDLTVGKIYA
AMMIMEYYRQSKAKKLQAMREEQDRTPLMFQRMEPPSPTQEGGPGQNALPSTQLDPGGALMAHESGLKESPSWVTQRAQE
MFQKTGTWSPEQGPPTDMPNSQPNSQSVEMREMGRDGYSDSEHYLPMEGQGRAASMPRLPAENQRRRGRPRGNNLSTISD
TSPMKRSASVLGPKARRLDDYSLERVPPEENQRHHQRRRDRSHRASERSLGRYTDVDTGLGTDLSMTTQSGDLPSKERDQ
ERGRPKDRKHRQHHHHHHHHHHPPPPDKDRYAQERPDHGRARARDQRWSRSPSEGREHMAHRQGSSSVSGSPAPSTSGTS
TPRRGRRQLPQTPSTPRPHVSYSPVIRKAGGSGPPQQQQQQQQQQQQQAVARPGRAATSGPRRYPGPTAEPLAGDRPPTG
GHSSGRSPRMERRVPGPARSESPRACRHGGARWPASGPHVSEGPPGPRHHGYYRGSDYDEADGPGSGGGEEAMAGAYDAP
PPVRHASSGATGRSPRTPRASGPACASPSRHGRRLPNGYYPAHGLARPRGPGSRKGLHEPYSESDDDWC
;
A
2 'polypeptide(L)'
;MAAGCLLALTLTLFQSLLIGPSSEEPFPSAVTIKSWVDKMQEDLVTLAKTASGVNQLVDIYEKYQDLYTVEPNNARQLVE
IAARDIEKLLSNRSKALVRLALEAEKVQAAHQWREDFASNEVVYYNAKDDLDPEKNDSEPGSQRIKPVFIEDANFGRQIS
YQHAAVHIPTDIYEGSTIVLNELNWTSALDEVFKKNREEDPSLLWQVFGSATGLARYYPASPWVDNSRTPNKIDLYDVRR
RPWYIQGAASPKDMLILVDVSGSVSGLTLKLIRTSVSEMLETLSDDDFVNVASFNSNAQDVSCFQHLVQANVRNKKVLKD
AVNNITAKGITDYKKGFSFAFEQLLNYNVSRANCNKIIMLFTDGGEERAQEIFNKYNKDKKVRVFTFSVGQHNYDRGPIQ
WMACENKGYYYEIPSIGAIRINTQEYLDVLGRPMVLAGDKAKQVQWTNVYLDALELGLVITGTLPVFNITGQFENKTNLK
NQLILGVMGVDVSLEDIKRLTPRFTLCPNGYYFAIDPNGYVLLHPNLQPKPIGVGIPTINLRKRRPNIQNPKSQEPVTLD
FLDAELENDIKVEIRNKMIDGESGEKTFRTLVKSQDERYIDKGNRTYTWTPVNGTDYSLALVLPTYSFYYIKAKLEETIT
QARYSETLKPDNFEESGYTFIAPRDYCNDLKISDNNTEFLLNFNEFIDRKTPNNPSCNADLINRVLLDAGFTNELVQNYW
SKQKNIKGVKARFVVTDGGITRVYPKEAGENWQENPETYEDSFYKRSLDNDNYVFTAPYFNKSGPGAYESGIMVSKAVEI
YIQGKLLKPAVVGIKIDVNSWIENFTKTSIRDPCAGPVCDCKRNSDVMDCVILDDGGFLLMANHDDYTNQIGRFFGEIDP
SLMRHLVNISVYAFNKSYDYQSVCEPGAAPKQGAGHRSAYVPSVADILQIGWWATAAAWSILQQFLLSLTFPRLLEAVEM
EDDDFTASLSKQSCITEQTQYFFDNDSKSFSGVLDCGNCSRIFHGEKLMNTNLIFIMVESKGTCPCDTRLLIQAEQTSDG
PNPCDMVKQPRYRKGPDVCFDNNVLEDYTDCGGVSGLNPSLWYIIGIQFLLLWLVSGSTHRLLLEHHHHHHHHHH
;
B
3 'polypeptide(L)'
;MYDDSYVPGFEDSEAGSADSYTSRPSLDSDVSLEEDRESARREVESQAQQQLERAKHKPVAFAVRTNVSYCGVLDEECPV
QGSGVNFEAKDFLHIKEKYSNDWWIGRLVKEGGDIAFIPSPQRLESIRLKQEQKARRSGNPSSLSDIGNRRSPPPSLAKQ
KQKQAEHVPPYDVVPSMRPVVLVGPSLKGYEVTDMMQKALFDFLKHRFDGRISITRVTADLSLAKRSVLNNPGKRTIIER
SSARSSIAEVQSEIERIFELAKSLQLVVLDADTINHPAQLAKTSLAPIIVFVKVSSPKVLQRLIRSRGKSQMKHLTVQMM
AYDKLVQCPPESFDVILDENQLEDACEHLAEYLEVYWRATHHPAPGPGLLGPPSAIPGLQNQQLLGERGEEHSPLERDSL
MPSDEASESSRQAWTGSSQRSSRHLEEDYADAYQDLYQPHRQHTSGLPSANGHDPQDRLLAQDSEHNHSDRNWQRNRPWP
KDSYLEHHHHHHHHHH
;
C
#
loop_
_chem_comp.id
_chem_comp.type
_chem_comp.name
_chem_comp.formula
3PE non-polymer 1,2-Distearoyl-sn-glycerophosphoethanolamine 'C41 H82 N O8 P'
CA non-polymer 'CALCIUM ION' 'Ca 2'
CLR non-polymer CHOLESTEROL 'C27 H46 O'
NAG D-saccharide, beta linking 2-acetamido-2-deoxy-beta-D-glucopyranose 'C8 H15 N O6'
PS1 non-polymer 1,2-DIDECANOYL-SN-GLYCERO-3-[PHOSPHO-L-SERINE] 'C26 H49 N O10 P -1'
PT5 non-polymer '[(2R)-1-octadecanoyloxy-3-[oxidanyl-[(1R,2R,3S,4R,5R,6S)-2,3,6-tris(oxidanyl)-4,5-diphosphonooxy-cyclohexyl]oxy-phospho ryl]oxy-propan-2-yl] (8Z)-icosa-5,8,11,14-tetraenoate' 'C47 H85 O19 P3'
Y01 non-polymer 'CHOLESTEROL HEMISUCCINATE' 'C31 H50 O4'
#
# COMPACT_ATOMS: atom_id res chain seq x y z
N VAL A 129 -30.33 -18.94 -38.67
CA VAL A 129 -31.37 -19.61 -39.45
C VAL A 129 -30.76 -20.70 -40.32
N VAL A 130 -31.38 -21.88 -40.33
CA VAL A 130 -30.85 -22.99 -41.11
C VAL A 130 -30.83 -22.75 -42.62
N ARG A 131 -31.89 -22.15 -43.16
CA ARG A 131 -31.98 -21.93 -44.62
C ARG A 131 -31.78 -23.23 -45.38
N LYS A 132 -32.34 -24.32 -44.85
CA LYS A 132 -32.19 -25.63 -45.49
C LYS A 132 -30.73 -25.98 -45.67
N TYR A 133 -30.38 -26.49 -46.85
CA TYR A 133 -28.98 -26.81 -47.14
C TYR A 133 -28.60 -26.28 -48.51
N ALA A 134 -28.50 -24.96 -48.66
CA ALA A 134 -28.19 -24.39 -49.96
C ALA A 134 -26.85 -23.70 -49.98
N LYS A 135 -25.95 -24.12 -50.87
CA LYS A 135 -24.64 -23.49 -51.00
C LYS A 135 -23.97 -22.98 -49.72
N LYS A 136 -23.83 -23.83 -48.71
CA LYS A 136 -23.15 -23.42 -47.49
C LYS A 136 -21.78 -24.09 -47.39
N ILE A 137 -20.74 -23.27 -47.17
CA ILE A 137 -19.37 -23.70 -47.28
C ILE A 137 -18.67 -23.49 -45.93
N THR A 138 -17.83 -24.46 -45.57
CA THR A 138 -17.10 -24.41 -44.32
C THR A 138 -16.02 -23.32 -44.38
N GLU A 139 -15.38 -23.09 -43.24
CA GLU A 139 -14.34 -22.07 -43.10
C GLU A 139 -12.98 -22.72 -42.90
N TRP A 140 -11.98 -22.23 -43.63
CA TRP A 140 -10.60 -22.70 -43.56
C TRP A 140 -9.86 -22.16 -42.34
N PRO A 141 -8.90 -22.90 -41.80
CA PRO A 141 -8.35 -22.60 -40.44
C PRO A 141 -7.74 -21.21 -40.32
N PRO A 142 -7.00 -20.70 -41.32
CA PRO A 142 -6.48 -19.34 -41.13
C PRO A 142 -7.56 -18.27 -41.08
N PHE A 143 -8.81 -18.59 -41.41
CA PHE A 143 -9.92 -17.72 -41.02
C PHE A 143 -10.01 -17.60 -39.50
N GLU A 144 -9.95 -18.74 -38.80
CA GLU A 144 -9.92 -18.71 -37.33
C GLU A 144 -8.67 -17.99 -36.83
N TYR A 145 -7.54 -18.19 -37.51
CA TYR A 145 -6.32 -17.49 -37.13
C TYR A 145 -6.49 -15.98 -37.27
N MET A 146 -7.16 -15.54 -38.34
CA MET A 146 -7.44 -14.12 -38.50
C MET A 146 -8.37 -13.60 -37.42
N ILE A 147 -9.33 -14.42 -37.00
CA ILE A 147 -10.20 -14.02 -35.89
C ILE A 147 -9.40 -13.82 -34.62
N LEU A 148 -8.48 -14.74 -34.33
CA LEU A 148 -7.60 -14.58 -33.17
C LEU A 148 -6.74 -13.33 -33.28
N ALA A 149 -6.21 -13.07 -34.47
CA ALA A 149 -5.41 -11.86 -34.67
C ALA A 149 -6.23 -10.60 -34.43
N THR A 150 -7.48 -10.60 -34.91
CA THR A 150 -8.38 -9.48 -34.65
C THR A 150 -8.64 -9.31 -33.16
N ILE A 151 -8.83 -10.42 -32.44
CA ILE A 151 -9.05 -10.34 -31.00
C ILE A 151 -7.84 -9.75 -30.30
N ILE A 152 -6.64 -10.19 -30.70
CA ILE A 152 -5.41 -9.66 -30.09
C ILE A 152 -5.26 -8.18 -30.38
N ALA A 153 -5.55 -7.77 -31.63
CA ALA A 153 -5.46 -6.35 -31.97
C ALA A 153 -6.45 -5.52 -31.18
N ASN A 154 -7.67 -6.04 -30.99
CA ASN A 154 -8.66 -5.32 -30.20
C ASN A 154 -8.25 -5.21 -28.75
N CYS A 155 -7.64 -6.27 -28.21
CA CYS A 155 -7.11 -6.21 -26.84
C CYS A 155 -6.03 -5.14 -26.72
N ILE A 156 -5.14 -5.07 -27.72
CA ILE A 156 -4.09 -4.05 -27.70
C ILE A 156 -4.72 -2.65 -27.75
N VAL A 157 -5.72 -2.47 -28.60
CA VAL A 157 -6.38 -1.17 -28.73
C VAL A 157 -7.02 -0.78 -27.40
N LEU A 158 -7.69 -1.74 -26.74
CA LEU A 158 -8.27 -1.46 -25.43
C LEU A 158 -7.21 -1.13 -24.40
N ALA A 159 -6.05 -1.78 -24.48
CA ALA A 159 -4.97 -1.52 -23.54
C ALA A 159 -4.20 -0.24 -23.85
N LEU A 160 -4.43 0.37 -25.01
CA LEU A 160 -3.74 1.61 -25.39
C LEU A 160 -4.59 2.85 -25.15
N GLU A 161 -5.63 2.76 -24.33
CA GLU A 161 -6.52 3.88 -24.06
C GLU A 161 -6.21 4.48 -22.69
N GLN A 162 -6.13 5.80 -22.65
CA GLN A 162 -5.89 6.54 -21.41
C GLN A 162 -7.14 7.34 -21.05
N HIS A 163 -7.44 7.39 -19.76
CA HIS A 163 -8.63 8.05 -19.25
C HIS A 163 -8.22 9.31 -18.49
N LEU A 164 -8.90 10.41 -18.78
CA LEU A 164 -8.63 11.70 -18.17
C LEU A 164 -9.88 12.19 -17.46
N PRO A 165 -9.72 13.00 -16.41
CA PRO A 165 -10.89 13.47 -15.65
C PRO A 165 -11.76 14.39 -16.49
N ASP A 166 -13.01 14.53 -16.03
CA ASP A 166 -14.02 15.37 -16.66
C ASP A 166 -14.17 14.91 -18.12
N ASP A 167 -14.13 15.81 -19.10
CA ASP A 167 -14.37 15.44 -20.50
C ASP A 167 -13.14 15.57 -21.36
N ASP A 168 -11.95 15.56 -20.76
CA ASP A 168 -10.72 15.66 -21.53
C ASP A 168 -10.41 14.35 -22.23
N LYS A 169 -9.84 14.45 -23.43
CA LYS A 169 -9.46 13.29 -24.22
C LYS A 169 -8.10 13.52 -24.86
N THR A 170 -7.26 12.50 -24.82
CA THR A 170 -5.99 12.55 -25.52
C THR A 170 -6.23 12.45 -27.03
N PRO A 171 -5.35 13.04 -27.84
CA PRO A 171 -5.51 12.93 -29.29
C PRO A 171 -5.49 11.49 -29.79
N MET A 172 -4.67 10.64 -29.17
CA MET A 172 -4.59 9.25 -29.61
C MET A 172 -5.88 8.51 -29.32
N SER A 173 -6.57 8.86 -28.23
CA SER A 173 -7.83 8.21 -27.90
C SER A 173 -8.89 8.48 -28.97
N GLU A 174 -8.92 9.70 -29.51
CA GLU A 174 -9.88 10.03 -30.55
C GLU A 174 -9.66 9.17 -31.79
N ARG A 175 -8.40 8.95 -32.16
CA ARG A 175 -8.10 8.06 -33.28
C ARG A 175 -8.50 6.62 -32.95
N LEU A 176 -8.16 6.16 -31.75
CA LEU A 176 -8.44 4.78 -31.36
C LEU A 176 -9.93 4.49 -31.36
N ASP A 177 -10.74 5.49 -31.02
CA ASP A 177 -12.18 5.26 -30.91
C ASP A 177 -12.85 4.94 -32.24
N ASP A 178 -12.24 5.31 -33.37
CA ASP A 178 -12.90 5.06 -34.65
C ASP A 178 -12.61 3.68 -35.22
N THR A 179 -11.77 2.89 -34.56
CA THR A 179 -11.50 1.52 -35.00
C THR A 179 -12.55 0.54 -34.53
N GLU A 180 -13.44 0.95 -33.63
CA GLU A 180 -14.50 0.07 -33.16
C GLU A 180 -15.41 -0.42 -34.28
N PRO A 181 -15.81 0.41 -35.27
CA PRO A 181 -16.62 -0.14 -36.37
C PRO A 181 -15.97 -1.30 -37.10
N TYR A 182 -14.65 -1.25 -37.33
CA TYR A 182 -13.99 -2.35 -38.04
C TYR A 182 -14.05 -3.64 -37.22
N PHE A 183 -13.75 -3.56 -35.92
CA PHE A 183 -13.78 -4.75 -35.08
C PHE A 183 -15.19 -5.30 -34.97
N ILE A 184 -16.18 -4.43 -34.79
CA ILE A 184 -17.55 -4.92 -34.66
C ILE A 184 -18.04 -5.50 -35.99
N GLY A 185 -17.59 -4.95 -37.11
CA GLY A 185 -17.94 -5.54 -38.39
C GLY A 185 -17.34 -6.91 -38.60
N ILE A 186 -16.07 -7.09 -38.22
CA ILE A 186 -15.43 -8.39 -38.34
C ILE A 186 -16.14 -9.40 -37.44
N PHE A 187 -16.45 -9.00 -36.21
CA PHE A 187 -17.15 -9.91 -35.30
C PHE A 187 -18.54 -10.25 -35.81
N CYS A 188 -19.24 -9.26 -36.37
CA CYS A 188 -20.56 -9.51 -36.95
C CYS A 188 -20.47 -10.48 -38.12
N PHE A 189 -19.44 -10.33 -38.96
CA PHE A 189 -19.26 -11.26 -40.06
C PHE A 189 -19.02 -12.67 -39.55
N GLU A 190 -18.17 -12.81 -38.53
CA GLU A 190 -17.89 -14.14 -37.98
C GLU A 190 -19.17 -14.76 -37.42
N ALA A 191 -19.91 -14.00 -36.62
CA ALA A 191 -21.14 -14.52 -36.03
C ALA A 191 -22.14 -14.90 -37.10
N GLY A 192 -22.29 -14.06 -38.13
CA GLY A 192 -23.24 -14.36 -39.19
C GLY A 192 -22.87 -15.60 -39.97
N ILE A 193 -21.61 -15.74 -40.36
CA ILE A 193 -21.21 -16.91 -41.15
C ILE A 193 -21.36 -18.17 -40.32
N LYS A 194 -20.98 -18.12 -39.04
CA LYS A 194 -21.12 -19.30 -38.19
C LYS A 194 -22.58 -19.68 -38.00
N ILE A 195 -23.46 -18.69 -37.79
CA ILE A 195 -24.86 -19.03 -37.55
C ILE A 195 -25.53 -19.54 -38.82
N ILE A 196 -25.15 -18.98 -39.99
CA ILE A 196 -25.79 -19.44 -41.22
C ILE A 196 -25.28 -20.83 -41.61
N ALA A 197 -23.99 -21.10 -41.40
CA ALA A 197 -23.47 -22.41 -41.77
C ALA A 197 -23.91 -23.49 -40.78
N LEU A 198 -23.96 -23.17 -39.49
CA LEU A 198 -24.37 -24.15 -38.50
C LEU A 198 -25.89 -24.27 -38.39
N GLY A 199 -26.63 -23.33 -38.96
CA GLY A 199 -28.07 -23.46 -39.04
C GLY A 199 -28.80 -23.50 -37.71
N PHE A 200 -28.47 -22.60 -36.80
CA PHE A 200 -29.16 -22.53 -35.52
C PHE A 200 -30.65 -22.25 -35.70
N SER A 206 -27.15 -24.78 -34.13
CA SER A 206 -26.77 -25.07 -32.75
C SER A 206 -25.81 -24.03 -32.22
N TYR A 207 -25.94 -22.79 -32.71
CA TYR A 207 -25.03 -21.73 -32.31
C TYR A 207 -25.13 -21.44 -30.82
N LEU A 208 -26.34 -21.23 -30.31
CA LEU A 208 -26.52 -20.87 -28.92
C LEU A 208 -26.35 -22.06 -27.98
N ARG A 209 -26.16 -23.27 -28.51
CA ARG A 209 -25.93 -24.43 -27.66
C ARG A 209 -24.62 -24.30 -26.90
N ASN A 210 -23.58 -23.81 -27.56
CA ASN A 210 -22.29 -23.64 -26.91
C ASN A 210 -22.21 -22.31 -26.18
N GLY A 211 -21.70 -22.34 -24.95
CA GLY A 211 -21.64 -21.13 -24.15
C GLY A 211 -20.70 -20.09 -24.71
N TRP A 212 -19.59 -20.53 -25.32
CA TRP A 212 -18.64 -19.59 -25.90
C TRP A 212 -19.27 -18.82 -27.04
N ASN A 213 -20.04 -19.52 -27.89
CA ASN A 213 -20.76 -18.84 -28.95
C ASN A 213 -21.80 -17.88 -28.39
N VAL A 214 -22.42 -18.23 -27.26
CA VAL A 214 -23.36 -17.32 -26.61
C VAL A 214 -22.65 -16.05 -26.16
N MET A 215 -21.46 -16.19 -25.57
CA MET A 215 -20.70 -15.03 -25.15
C MET A 215 -20.32 -14.16 -26.34
N ASP A 216 -19.85 -14.77 -27.43
CA ASP A 216 -19.53 -13.99 -28.61
C ASP A 216 -20.76 -13.27 -29.15
N PHE A 217 -21.90 -13.96 -29.18
CA PHE A 217 -23.13 -13.37 -29.71
C PHE A 217 -23.58 -12.20 -28.85
N VAL A 218 -23.55 -12.34 -27.53
CA VAL A 218 -24.00 -11.25 -26.68
C VAL A 218 -23.04 -10.07 -26.77
N VAL A 219 -21.74 -10.34 -26.90
CA VAL A 219 -20.78 -9.24 -27.10
C VAL A 219 -21.09 -8.52 -28.41
N VAL A 220 -21.38 -9.27 -29.47
CA VAL A 220 -21.69 -8.65 -30.76
C VAL A 220 -22.92 -7.75 -30.65
N LEU A 221 -23.99 -8.27 -30.06
CA LEU A 221 -25.22 -7.48 -29.93
C LEU A 221 -25.00 -6.24 -29.07
N THR A 222 -24.30 -6.39 -27.94
CA THR A 222 -24.03 -5.22 -27.11
C THR A 222 -23.22 -4.17 -27.86
N GLY A 223 -22.18 -4.60 -28.58
CA GLY A 223 -21.38 -3.65 -29.33
C GLY A 223 -22.15 -2.94 -30.41
N ILE A 224 -22.96 -3.69 -31.17
CA ILE A 224 -23.70 -3.07 -32.26
C ILE A 224 -24.82 -2.18 -31.76
N LEU A 225 -25.41 -2.48 -30.59
CA LEU A 225 -26.41 -1.59 -30.03
C LEU A 225 -25.77 -0.32 -29.47
N ALA A 226 -24.61 -0.45 -28.84
CA ALA A 226 -23.91 0.73 -28.33
C ALA A 226 -23.45 1.64 -29.47
N THR A 227 -22.93 1.04 -30.55
CA THR A 227 -22.40 1.84 -31.65
C THR A 227 -23.50 2.55 -32.42
N VAL A 228 -24.58 1.86 -32.73
CA VAL A 228 -25.67 2.39 -33.54
C VAL A 228 -26.70 2.99 -32.60
N GLY A 229 -26.86 4.32 -32.66
CA GLY A 229 -27.82 4.99 -31.81
C GLY A 229 -27.17 5.60 -30.57
N THR A 230 -27.01 6.92 -30.57
CA THR A 230 -26.41 7.63 -29.45
C THR A 230 -27.45 8.14 -28.45
N GLU A 231 -28.64 7.56 -28.46
CA GLU A 231 -29.68 7.98 -27.52
C GLU A 231 -29.28 7.63 -26.10
N PHE A 232 -29.46 8.60 -25.19
CA PHE A 232 -29.14 8.53 -23.77
C PHE A 232 -27.63 8.45 -23.51
N ASP A 233 -26.79 8.40 -24.55
CA ASP A 233 -25.34 8.35 -24.41
C ASP A 233 -24.92 7.19 -23.51
N LEU A 234 -25.31 5.99 -23.90
CA LEU A 234 -25.06 4.79 -23.09
C LEU A 234 -23.58 4.44 -23.04
N ARG A 235 -22.97 4.57 -21.88
CA ARG A 235 -21.58 4.15 -21.73
C ARG A 235 -21.57 2.86 -20.96
N THR A 236 -22.68 2.51 -20.32
CA THR A 236 -22.73 1.22 -19.67
C THR A 236 -22.54 0.08 -20.66
N LEU A 237 -22.92 0.29 -21.91
CA LEU A 237 -22.68 -0.70 -22.96
C LEU A 237 -21.28 -0.59 -23.55
N ARG A 238 -20.49 0.38 -23.13
CA ARG A 238 -19.06 0.36 -23.39
C ARG A 238 -18.29 -0.50 -22.39
N ALA A 239 -18.92 -0.84 -21.27
CA ALA A 239 -18.26 -1.68 -20.28
C ALA A 239 -18.22 -3.14 -20.70
N VAL A 240 -19.08 -3.53 -21.64
CA VAL A 240 -19.11 -4.91 -22.10
C VAL A 240 -17.86 -5.28 -22.88
N ARG A 241 -17.11 -4.27 -23.36
CA ARG A 241 -15.93 -4.54 -24.17
C ARG A 241 -14.80 -5.19 -23.38
N VAL A 242 -14.87 -5.16 -22.05
CA VAL A 242 -13.82 -5.78 -21.23
C VAL A 242 -13.81 -7.29 -21.42
N LEU A 243 -14.97 -7.86 -21.77
CA LEU A 243 -15.08 -9.30 -21.94
C LEU A 243 -14.47 -9.80 -23.24
N ARG A 244 -14.15 -8.91 -24.17
CA ARG A 244 -13.59 -9.35 -25.45
C ARG A 244 -12.28 -10.11 -25.30
N PRO A 245 -11.35 -9.74 -24.41
CA PRO A 245 -10.19 -10.62 -24.17
C PRO A 245 -10.55 -12.07 -23.92
N LEU A 246 -11.71 -12.34 -23.29
CA LEU A 246 -12.11 -13.72 -23.01
C LEU A 246 -12.43 -14.51 -24.28
N LYS A 247 -12.58 -13.85 -25.42
CA LYS A 247 -12.82 -14.57 -26.67
C LYS A 247 -11.61 -15.37 -27.12
N LEU A 248 -10.43 -15.06 -26.59
CA LEU A 248 -9.25 -15.87 -26.88
C LEU A 248 -9.44 -17.29 -26.41
N VAL A 249 -10.06 -17.47 -25.23
CA VAL A 249 -10.36 -18.81 -24.74
C VAL A 249 -11.34 -19.51 -25.67
N SER A 250 -12.35 -18.78 -26.15
CA SER A 250 -13.30 -19.37 -27.09
C SER A 250 -12.60 -19.82 -28.35
N GLY A 251 -11.60 -19.07 -28.81
CA GLY A 251 -10.84 -19.49 -29.98
C GLY A 251 -10.00 -20.72 -29.73
N ILE A 252 -9.36 -20.80 -28.58
CA ILE A 252 -8.36 -21.82 -28.30
C ILE A 252 -8.99 -22.89 -27.41
N PRO A 253 -9.20 -24.12 -27.90
CA PRO A 253 -9.83 -25.16 -27.06
C PRO A 253 -8.99 -25.58 -25.87
N SER A 254 -7.66 -25.46 -25.93
CA SER A 254 -6.83 -25.87 -24.80
C SER A 254 -7.13 -25.02 -23.57
N LEU A 255 -7.30 -23.71 -23.76
CA LEU A 255 -7.68 -22.85 -22.64
C LEU A 255 -9.05 -23.23 -22.10
N GLN A 256 -9.96 -23.68 -22.98
CA GLN A 256 -11.24 -24.18 -22.52
C GLN A 256 -11.08 -25.41 -21.62
N VAL A 257 -10.19 -26.33 -22.02
CA VAL A 257 -9.93 -27.50 -21.21
C VAL A 257 -9.36 -27.10 -19.85
N VAL A 258 -8.44 -26.14 -19.84
CA VAL A 258 -7.81 -25.73 -18.59
C VAL A 258 -8.83 -25.06 -17.66
N LEU A 259 -9.71 -24.21 -18.22
CA LEU A 259 -10.77 -23.64 -17.41
C LEU A 259 -11.71 -24.70 -16.88
N LYS A 260 -12.01 -25.71 -17.69
CA LYS A 260 -12.82 -26.82 -17.19
C LYS A 260 -12.15 -27.48 -15.99
N SER A 261 -10.84 -27.70 -16.08
CA SER A 261 -10.09 -28.31 -14.99
C SER A 261 -10.13 -27.45 -13.74
N ILE A 262 -9.98 -26.13 -13.89
CA ILE A 262 -10.02 -25.24 -12.72
C ILE A 262 -11.42 -25.26 -12.09
N MET A 263 -12.45 -25.07 -12.92
CA MET A 263 -13.80 -24.93 -12.41
C MET A 263 -14.29 -26.21 -11.75
N LYS A 264 -13.97 -27.38 -12.32
CA LYS A 264 -14.43 -28.63 -11.71
C LYS A 264 -13.89 -28.78 -10.29
N ALA A 265 -12.63 -28.44 -10.08
CA ALA A 265 -12.07 -28.48 -8.73
C ALA A 265 -12.66 -27.36 -7.87
N MET A 266 -13.05 -26.24 -8.47
CA MET A 266 -13.57 -25.14 -7.69
C MET A 266 -15.03 -25.34 -7.26
N ILE A 267 -15.76 -26.25 -7.90
CA ILE A 267 -17.17 -26.47 -7.53
C ILE A 267 -17.35 -26.85 -6.07
N PRO A 268 -16.57 -27.77 -5.48
CA PRO A 268 -16.83 -28.14 -4.07
C PRO A 268 -16.79 -26.98 -3.09
N LEU A 269 -16.12 -25.87 -3.44
CA LEU A 269 -15.97 -24.76 -2.51
C LEU A 269 -17.27 -23.99 -2.27
N LEU A 270 -18.34 -24.29 -3.01
CA LEU A 270 -19.59 -23.57 -2.81
C LEU A 270 -20.17 -23.84 -1.43
N GLN A 271 -20.07 -25.08 -0.95
CA GLN A 271 -20.50 -25.38 0.41
C GLN A 271 -19.68 -24.63 1.45
N ILE A 272 -18.39 -24.39 1.18
CA ILE A 272 -17.58 -23.58 2.08
C ILE A 272 -18.01 -22.12 2.02
N GLY A 273 -18.36 -21.64 0.82
CA GLY A 273 -18.86 -20.29 0.70
C GLY A 273 -20.16 -20.06 1.44
N LEU A 274 -21.02 -21.08 1.48
CA LEU A 274 -22.25 -20.98 2.26
C LEU A 274 -21.95 -20.80 3.74
N LEU A 275 -20.99 -21.59 4.26
CA LEU A 275 -20.56 -21.41 5.64
C LEU A 275 -19.97 -20.02 5.88
N LEU A 276 -19.15 -19.55 4.94
CA LEU A 276 -18.58 -18.21 5.09
C LEU A 276 -19.67 -17.16 5.15
N PHE A 277 -20.68 -17.28 4.28
CA PHE A 277 -21.77 -16.31 4.29
C PHE A 277 -22.56 -16.37 5.59
N PHE A 278 -22.83 -17.57 6.10
CA PHE A 278 -23.56 -17.68 7.36
C PHE A 278 -22.77 -17.09 8.52
N ALA A 279 -21.47 -17.37 8.58
CA ALA A 279 -20.65 -16.80 9.65
C ALA A 279 -20.59 -15.28 9.55
N ILE A 280 -20.44 -14.75 8.33
CA ILE A 280 -20.42 -13.31 8.14
C ILE A 280 -21.75 -12.71 8.58
N LEU A 281 -22.86 -13.36 8.23
CA LEU A 281 -24.18 -12.85 8.62
C LEU A 281 -24.34 -12.83 10.14
N ILE A 282 -23.93 -13.91 10.81
CA ILE A 282 -24.08 -13.97 12.27
C ILE A 282 -23.25 -12.87 12.93
N PHE A 283 -22.00 -12.74 12.50
CA PHE A 283 -21.13 -11.73 13.11
C PHE A 283 -21.58 -10.32 12.77
N ALA A 284 -22.12 -10.11 11.58
CA ALA A 284 -22.67 -8.80 11.23
C ALA A 284 -23.87 -8.46 12.08
N ILE A 285 -24.74 -9.45 12.33
CA ILE A 285 -25.89 -9.22 13.20
C ILE A 285 -25.44 -8.86 14.60
N ILE A 286 -24.45 -9.59 15.14
CA ILE A 286 -23.96 -9.31 16.47
C ILE A 286 -23.34 -7.92 16.54
N GLY A 287 -22.52 -7.57 15.55
CA GLY A 287 -21.90 -6.26 15.54
C GLY A 287 -22.91 -5.13 15.41
N LEU A 288 -23.91 -5.32 14.56
CA LEU A 288 -24.98 -4.34 14.44
C LEU A 288 -25.73 -4.19 15.76
N GLU A 289 -25.91 -5.28 16.49
CA GLU A 289 -26.63 -5.20 17.75
C GLU A 289 -25.80 -4.52 18.83
N PHE A 290 -24.46 -4.65 18.76
CA PHE A 290 -23.61 -4.12 19.82
C PHE A 290 -22.91 -2.81 19.45
N TYR A 291 -22.54 -2.62 18.19
CA TYR A 291 -21.74 -1.47 17.76
C TYR A 291 -22.55 -0.55 16.86
N MET A 292 -23.78 -0.29 17.24
CA MET A 292 -24.70 0.51 16.43
C MET A 292 -24.51 1.99 16.73
N GLY A 293 -23.96 2.73 15.76
CA GLY A 293 -23.85 4.17 15.87
C GLY A 293 -22.89 4.68 16.92
N LYS A 294 -21.96 3.85 17.40
CA LYS A 294 -21.05 4.26 18.45
C LYS A 294 -19.88 5.10 17.94
N PHE A 295 -19.67 5.17 16.63
CA PHE A 295 -18.49 5.82 16.06
C PHE A 295 -18.81 7.17 15.45
N HIS A 296 -19.79 7.89 16.02
CA HIS A 296 -20.18 9.21 15.54
C HIS A 296 -20.04 10.26 16.64
N THR A 297 -18.93 10.22 17.36
CA THR A 297 -18.69 11.14 18.48
C THR A 297 -17.19 11.32 18.63
N THR A 298 -16.69 12.49 18.23
CA THR A 298 -15.28 12.80 18.29
C THR A 298 -15.03 13.95 19.27
N CYS A 299 -13.76 14.37 19.38
CA CYS A 299 -13.38 15.48 20.26
C CYS A 299 -13.58 16.79 19.51
N PHE A 300 -14.82 17.27 19.54
CA PHE A 300 -15.15 18.54 18.91
C PHE A 300 -14.58 19.70 19.72
N GLU A 301 -14.41 20.84 19.04
CA GLU A 301 -13.90 22.03 19.70
C GLU A 301 -14.89 22.55 20.73
N GLU A 302 -14.36 23.18 21.78
CA GLU A 302 -15.18 23.67 22.87
C GLU A 302 -16.16 24.76 22.41
N GLY A 303 -15.63 25.87 21.92
CA GLY A 303 -16.48 26.99 21.55
C GLY A 303 -17.34 26.72 20.33
N THR A 304 -16.78 26.08 19.32
CA THR A 304 -17.44 25.89 18.04
C THR A 304 -17.50 24.43 17.67
N ASP A 305 -18.42 24.10 16.77
CA ASP A 305 -18.59 22.73 16.28
C ASP A 305 -17.62 22.47 15.14
N ASP A 306 -16.34 22.39 15.50
CA ASP A 306 -15.26 22.12 14.56
C ASP A 306 -14.37 21.01 15.11
N ILE A 307 -13.80 20.22 14.20
CA ILE A 307 -12.94 19.13 14.61
C ILE A 307 -11.65 19.70 15.21
N GLN A 308 -11.23 19.14 16.35
CA GLN A 308 -10.06 19.66 17.04
C GLN A 308 -8.81 19.54 16.18
N GLY A 309 -8.61 18.40 15.54
CA GLY A 309 -7.43 18.19 14.72
C GLY A 309 -7.76 17.71 13.32
N GLU A 310 -6.78 17.12 12.64
CA GLU A 310 -6.99 16.54 11.33
C GLU A 310 -6.95 15.02 11.36
N SER A 311 -6.89 14.41 12.55
CA SER A 311 -6.92 12.97 12.72
C SER A 311 -7.96 12.63 13.78
N PRO A 312 -9.25 12.74 13.44
CA PRO A 312 -10.30 12.49 14.43
C PRO A 312 -10.35 11.02 14.82
N ALA A 313 -10.74 10.78 16.06
CA ALA A 313 -10.89 9.44 16.60
C ALA A 313 -12.13 9.39 17.48
N PRO A 314 -12.74 8.21 17.62
CA PRO A 314 -13.92 8.09 18.49
C PRO A 314 -13.59 8.47 19.92
N CYS A 315 -14.56 9.06 20.61
CA CYS A 315 -14.41 9.50 21.98
C CYS A 315 -15.62 9.07 22.79
N GLY A 316 -15.51 9.20 24.11
CA GLY A 316 -16.61 8.94 25.00
C GLY A 316 -16.71 9.98 26.09
N THR A 317 -17.74 9.88 26.93
CA THR A 317 -17.97 10.86 27.99
C THR A 317 -17.92 10.17 29.36
N GLU A 318 -17.01 9.24 29.52
CA GLU A 318 -16.85 8.51 30.77
C GLU A 318 -15.45 7.89 30.76
N GLU A 319 -15.01 7.40 31.93
CA GLU A 319 -13.66 6.88 32.13
C GLU A 319 -13.32 5.69 31.24
N PRO A 320 -14.19 4.67 31.11
CA PRO A 320 -13.81 3.51 30.28
C PRO A 320 -13.47 3.88 28.84
N ALA A 321 -14.16 4.86 28.25
CA ALA A 321 -13.87 5.29 26.89
C ALA A 321 -12.67 6.23 26.91
N ARG A 322 -12.41 6.87 25.77
CA ARG A 322 -11.28 7.80 25.63
C ARG A 322 -11.78 9.21 25.90
N THR A 323 -11.32 9.80 26.99
CA THR A 323 -11.72 11.16 27.34
C THR A 323 -10.96 12.18 26.49
N CYS A 324 -11.67 13.23 26.10
CA CYS A 324 -11.07 14.29 25.29
C CYS A 324 -10.20 15.20 26.13
N PRO A 325 -9.31 15.96 25.50
CA PRO A 325 -8.49 16.92 26.24
C PRO A 325 -9.34 17.98 26.94
N ASN A 326 -8.68 18.80 27.76
CA ASN A 326 -9.40 19.78 28.58
C ASN A 326 -10.18 20.82 27.76
N GLY A 327 -9.65 21.26 26.61
CA GLY A 327 -10.33 22.29 25.86
C GLY A 327 -11.26 21.78 24.78
N THR A 328 -11.68 20.52 24.89
CA THR A 328 -12.54 19.90 23.89
C THR A 328 -13.66 19.13 24.57
N LYS A 329 -14.69 18.80 23.79
CA LYS A 329 -15.84 18.07 24.28
C LYS A 329 -16.29 17.06 23.22
N CYS A 330 -17.02 16.05 23.67
CA CYS A 330 -17.56 15.01 22.78
C CYS A 330 -18.93 15.47 22.28
N GLN A 331 -19.00 15.84 21.01
CA GLN A 331 -20.25 16.26 20.39
C GLN A 331 -20.66 15.29 19.29
N PRO A 332 -21.96 15.11 19.07
CA PRO A 332 -22.42 14.03 18.20
C PRO A 332 -22.17 14.27 16.73
N TYR A 333 -22.27 13.17 15.98
CA TYR A 333 -22.20 13.13 14.51
C TYR A 333 -20.85 13.67 14.00
N TRP A 334 -19.81 12.92 14.31
CA TRP A 334 -18.60 12.93 13.51
C TRP A 334 -18.79 11.92 12.38
N GLU A 335 -18.17 12.19 11.23
CA GLU A 335 -18.42 11.39 10.04
C GLU A 335 -18.14 9.92 10.28
N GLY A 336 -17.01 9.62 10.93
CA GLY A 336 -16.67 8.26 11.27
C GLY A 336 -15.34 7.83 10.67
N PRO A 337 -14.83 6.69 11.12
CA PRO A 337 -13.56 6.19 10.58
C PRO A 337 -13.66 5.87 9.11
N ASN A 338 -12.57 6.11 8.39
CA ASN A 338 -12.48 5.86 6.95
C ASN A 338 -13.59 6.58 6.20
N ASN A 339 -13.86 7.82 6.60
CA ASN A 339 -14.88 8.67 5.98
C ASN A 339 -16.27 8.04 6.05
N GLY A 340 -16.53 7.29 7.11
CA GLY A 340 -17.84 6.71 7.35
C GLY A 340 -18.11 5.42 6.61
N ILE A 341 -17.18 4.93 5.80
CA ILE A 341 -17.41 3.68 5.07
C ILE A 341 -17.43 2.50 6.03
N THR A 342 -16.60 2.51 7.07
CA THR A 342 -16.52 1.43 8.04
C THR A 342 -17.36 1.78 9.26
N GLN A 343 -18.40 0.98 9.52
CA GLN A 343 -19.35 1.25 10.59
C GLN A 343 -20.30 0.07 10.69
N PHE A 344 -21.15 0.10 11.72
CA PHE A 344 -22.24 -0.86 11.89
C PHE A 344 -23.53 -0.04 12.02
N ASP A 345 -24.10 0.33 10.88
CA ASP A 345 -25.32 1.12 10.86
C ASP A 345 -26.50 0.36 10.26
N ASN A 346 -26.36 -0.12 9.03
CA ASN A 346 -27.35 -0.98 8.41
C ASN A 346 -26.91 -2.43 8.59
N ILE A 347 -27.62 -3.36 7.93
CA ILE A 347 -27.12 -4.72 7.82
C ILE A 347 -26.13 -4.85 6.67
N LEU A 348 -26.08 -3.88 5.76
CA LEU A 348 -25.16 -3.91 4.64
C LEU A 348 -23.78 -3.41 5.04
N PHE A 349 -23.72 -2.29 5.76
CA PHE A 349 -22.44 -1.83 6.31
C PHE A 349 -21.86 -2.87 7.25
N ALA A 350 -22.70 -3.52 8.05
CA ALA A 350 -22.21 -4.55 8.95
C ALA A 350 -21.60 -5.72 8.19
N VAL A 351 -22.26 -6.17 7.11
CA VAL A 351 -21.73 -7.28 6.34
C VAL A 351 -20.42 -6.89 5.66
N LEU A 352 -20.36 -5.70 5.07
CA LEU A 352 -19.12 -5.27 4.42
C LEU A 352 -17.99 -5.16 5.45
N THR A 353 -18.28 -4.59 6.62
CA THR A 353 -17.27 -4.47 7.66
C THR A 353 -16.78 -5.82 8.13
N VAL A 354 -17.70 -6.77 8.34
CA VAL A 354 -17.30 -8.09 8.80
C VAL A 354 -16.47 -8.80 7.75
N PHE A 355 -16.84 -8.65 6.46
CA PHE A 355 -16.03 -9.25 5.41
C PHE A 355 -14.63 -8.65 5.37
N GLN A 356 -14.53 -7.34 5.52
CA GLN A 356 -13.22 -6.70 5.54
C GLN A 356 -12.37 -7.21 6.70
N CYS A 357 -12.98 -7.38 7.87
CA CYS A 357 -12.25 -7.98 8.99
C CYS A 357 -11.86 -9.41 8.71
N ILE A 358 -12.71 -10.15 7.99
CA ILE A 358 -12.40 -11.53 7.63
C ILE A 358 -11.15 -11.59 6.78
N THR A 359 -10.99 -10.64 5.85
CA THR A 359 -9.79 -10.60 4.99
C THR A 359 -8.54 -10.16 5.74
N MET A 360 -8.62 -10.07 7.07
CA MET A 360 -7.50 -9.71 7.92
C MET A 360 -6.91 -8.36 7.55
N GLU A 361 -7.74 -7.42 7.08
CA GLU A 361 -7.24 -6.12 6.64
C GLU A 361 -7.95 -5.03 7.42
N GLY A 362 -7.18 -4.27 8.21
CA GLY A 362 -7.71 -3.16 8.95
C GLY A 362 -8.54 -3.51 10.16
N TRP A 363 -8.54 -4.77 10.59
CA TRP A 363 -9.38 -5.16 11.72
C TRP A 363 -8.84 -4.63 13.04
N THR A 364 -7.52 -4.45 13.16
CA THR A 364 -6.98 -3.84 14.38
C THR A 364 -7.38 -2.38 14.48
N ASP A 365 -7.54 -1.70 13.34
CA ASP A 365 -8.04 -0.33 13.38
C ASP A 365 -9.44 -0.27 13.99
N LEU A 366 -10.31 -1.20 13.58
CA LEU A 366 -11.64 -1.27 14.17
C LEU A 366 -11.57 -1.63 15.65
N LEU A 367 -10.70 -2.56 16.02
CA LEU A 367 -10.56 -2.90 17.42
C LEU A 367 -10.15 -1.68 18.25
N TYR A 368 -9.20 -0.89 17.74
CA TYR A 368 -8.75 0.29 18.47
C TYR A 368 -9.83 1.37 18.51
N ASN A 369 -10.57 1.55 17.42
CA ASN A 369 -11.65 2.52 17.41
C ASN A 369 -12.74 2.15 18.41
N SER A 370 -13.11 0.86 18.45
CA SER A 370 -14.12 0.42 19.41
C SER A 370 -13.60 0.52 20.83
N ASN A 371 -12.30 0.26 21.03
CA ASN A 371 -11.70 0.43 22.34
C ASN A 371 -11.78 1.88 22.81
N ASP A 372 -11.50 2.82 21.89
CA ASP A 372 -11.63 4.24 22.22
C ASP A 372 -13.08 4.59 22.52
N ALA A 373 -14.01 4.03 21.76
CA ALA A 373 -15.41 4.44 21.89
C ALA A 373 -16.05 3.89 23.16
N SER A 374 -15.75 2.64 23.52
CA SER A 374 -16.47 2.01 24.63
C SER A 374 -15.58 1.18 25.55
N GLY A 375 -14.28 1.41 25.56
CA GLY A 375 -13.38 0.66 26.42
C GLY A 375 -12.89 -0.62 25.76
N ASN A 376 -11.84 -1.17 26.36
CA ASN A 376 -11.17 -2.35 25.81
C ASN A 376 -11.49 -3.63 26.58
N THR A 377 -12.53 -3.62 27.41
CA THR A 377 -12.78 -4.76 28.29
C THR A 377 -13.33 -5.96 27.52
N TRP A 378 -14.25 -5.74 26.59
CA TRP A 378 -14.99 -6.84 25.98
C TRP A 378 -14.91 -6.88 24.47
N ASN A 379 -14.25 -5.92 23.82
CA ASN A 379 -14.22 -5.88 22.37
C ASN A 379 -13.40 -7.03 21.77
N TRP A 380 -12.39 -7.50 22.51
CA TRP A 380 -11.59 -8.61 22.02
C TRP A 380 -12.42 -9.88 21.86
N LEU A 381 -13.37 -10.12 22.78
CA LEU A 381 -14.25 -11.27 22.65
C LEU A 381 -15.08 -11.24 21.38
N TYR A 382 -15.26 -10.07 20.77
CA TYR A 382 -15.94 -10.01 19.49
C TYR A 382 -14.98 -10.07 18.31
N PHE A 383 -13.81 -9.45 18.42
CA PHE A 383 -12.95 -9.38 17.25
C PHE A 383 -12.03 -10.60 17.10
N ILE A 384 -11.37 -11.05 18.16
CA ILE A 384 -10.48 -12.20 18.04
C ILE A 384 -11.22 -13.48 17.66
N PRO A 385 -12.33 -13.86 18.31
CA PRO A 385 -13.07 -15.02 17.83
C PRO A 385 -13.61 -14.86 16.42
N LEU A 386 -13.95 -13.64 16.00
CA LEU A 386 -14.33 -13.42 14.61
C LEU A 386 -13.23 -13.85 13.67
N ILE A 387 -12.00 -13.40 13.92
CA ILE A 387 -10.87 -13.78 13.08
C ILE A 387 -10.67 -15.28 13.13
N ILE A 388 -10.65 -15.87 14.32
CA ILE A 388 -10.35 -17.28 14.46
C ILE A 388 -11.37 -18.14 13.72
N ILE A 389 -12.66 -17.82 13.88
CA ILE A 389 -13.71 -18.63 13.28
C ILE A 389 -13.80 -18.41 11.77
N GLY A 390 -13.70 -17.16 11.32
CA GLY A 390 -13.95 -16.87 9.93
C GLY A 390 -12.75 -16.75 9.03
N SER A 391 -11.54 -16.89 9.54
CA SER A 391 -10.39 -16.73 8.66
C SER A 391 -9.41 -17.89 8.73
N PHE A 392 -9.21 -18.46 9.92
CA PHE A 392 -8.36 -19.64 10.07
C PHE A 392 -9.15 -20.92 9.88
N PHE A 393 -10.32 -21.02 10.50
CA PHE A 393 -11.16 -22.20 10.33
C PHE A 393 -11.62 -22.33 8.87
N MET A 394 -12.02 -21.22 8.26
CA MET A 394 -12.43 -21.26 6.85
C MET A 394 -11.26 -21.66 5.95
N LEU A 395 -10.06 -21.15 6.24
CA LEU A 395 -8.89 -21.54 5.47
C LEU A 395 -8.60 -23.02 5.62
N ASN A 396 -8.75 -23.55 6.84
CA ASN A 396 -8.56 -24.98 7.06
C ASN A 396 -9.58 -25.80 6.26
N LEU A 397 -10.84 -25.37 6.27
CA LEU A 397 -11.86 -26.07 5.49
C LEU A 397 -11.54 -26.04 4.01
N VAL A 398 -11.11 -24.88 3.49
CA VAL A 398 -10.79 -24.77 2.08
C VAL A 398 -9.63 -25.68 1.72
N LEU A 399 -8.59 -25.69 2.54
CA LEU A 399 -7.44 -26.55 2.28
C LEU A 399 -7.84 -28.02 2.29
N GLY A 400 -8.66 -28.41 3.27
CA GLY A 400 -9.08 -29.81 3.33
C GLY A 400 -9.90 -30.23 2.12
N VAL A 401 -10.87 -29.40 1.73
CA VAL A 401 -11.71 -29.73 0.58
C VAL A 401 -10.88 -29.79 -0.69
N LEU A 402 -9.97 -28.83 -0.88
CA LEU A 402 -9.13 -28.84 -2.07
C LEU A 402 -8.21 -30.05 -2.11
N SER A 403 -7.63 -30.41 -0.96
CA SER A 403 -6.76 -31.58 -0.92
C SER A 403 -7.54 -32.85 -1.24
N GLY A 404 -8.75 -32.98 -0.70
CA GLY A 404 -9.57 -34.13 -1.04
C GLY A 404 -9.93 -34.18 -2.51
N GLU A 405 -10.28 -33.03 -3.09
CA GLU A 405 -10.61 -32.99 -4.51
C GLU A 405 -9.41 -33.38 -5.36
N PHE A 406 -8.22 -32.88 -5.01
CA PHE A 406 -7.02 -33.22 -5.78
C PHE A 406 -6.69 -34.70 -5.65
N ALA A 407 -6.84 -35.27 -4.45
CA ALA A 407 -6.58 -36.69 -4.26
C ALA A 407 -7.54 -37.54 -5.09
N LYS A 408 -8.82 -37.16 -5.11
CA LYS A 408 -9.78 -37.89 -5.93
C LYS A 408 -9.50 -37.71 -7.42
N GLU A 409 -9.00 -36.53 -7.81
CA GLU A 409 -8.72 -36.27 -9.23
C GLU A 409 -7.52 -37.07 -9.71
N ARG A 410 -6.51 -37.25 -8.85
CA ARG A 410 -5.29 -37.93 -9.28
C ARG A 410 -5.57 -39.37 -9.73
N GLU A 411 -6.44 -40.07 -9.01
CA GLU A 411 -6.72 -41.48 -9.29
C GLU A 411 -7.71 -41.69 -10.43
N ARG A 412 -7.99 -40.66 -11.22
CA ARG A 412 -8.83 -40.84 -12.39
C ARG A 412 -8.07 -41.59 -13.49
N VAL A 413 -8.82 -42.15 -14.43
CA VAL A 413 -8.23 -43.06 -15.42
C VAL A 413 -7.22 -42.32 -16.31
N GLU A 414 -7.59 -41.12 -16.78
CA GLU A 414 -6.72 -40.38 -17.69
C GLU A 414 -5.41 -39.99 -17.01
N ASN A 415 -5.49 -39.50 -15.78
CA ASN A 415 -4.28 -39.13 -15.05
C ASN A 415 -3.42 -40.36 -14.77
N ARG A 416 -4.05 -41.49 -14.45
CA ARG A 416 -3.28 -42.71 -14.23
C ARG A 416 -2.55 -43.14 -15.49
N ARG A 417 -3.23 -43.05 -16.64
CA ARG A 417 -2.58 -43.43 -17.90
C ARG A 417 -1.41 -42.49 -18.22
N ALA A 418 -1.60 -41.19 -18.00
CA ALA A 418 -0.52 -40.24 -18.24
C ALA A 418 0.67 -40.52 -17.33
N PHE A 419 0.41 -40.83 -16.06
CA PHE A 419 1.50 -41.14 -15.14
C PHE A 419 2.21 -42.43 -15.53
N LEU A 420 1.45 -43.44 -15.98
CA LEU A 420 2.09 -44.67 -16.43
C LEU A 420 2.99 -44.41 -17.63
N LYS A 421 2.52 -43.56 -18.55
CA LYS A 421 3.36 -43.19 -19.69
C LYS A 421 4.64 -42.50 -19.23
N LEU A 422 4.53 -41.57 -18.29
CA LEU A 422 5.71 -40.88 -17.79
C LEU A 422 6.68 -41.83 -17.11
N ARG A 423 6.17 -42.76 -16.30
CA ARG A 423 7.04 -43.71 -15.63
C ARG A 423 7.75 -44.62 -16.61
N ARG A 424 7.02 -45.09 -17.64
CA ARG A 424 7.65 -45.94 -18.65
C ARG A 424 8.72 -45.18 -19.41
N GLN A 425 8.45 -43.92 -19.74
CA GLN A 425 9.48 -43.12 -20.42
C GLN A 425 10.70 -42.94 -19.53
N GLN A 426 10.51 -42.72 -18.23
CA GLN A 426 11.66 -42.56 -17.34
C GLN A 426 12.48 -43.84 -17.24
N GLN A 427 11.82 -45.00 -17.17
CA GLN A 427 12.55 -46.26 -17.19
C GLN A 427 13.34 -46.41 -18.49
N ILE A 428 12.74 -46.04 -19.61
CA ILE A 428 13.42 -46.11 -20.90
C ILE A 428 14.66 -45.22 -20.88
N GLU A 429 14.53 -44.00 -20.35
CA GLU A 429 15.68 -43.10 -20.31
C GLU A 429 16.78 -43.64 -19.42
N ARG A 430 16.43 -44.24 -18.28
CA ARG A 430 17.45 -44.84 -17.42
C ARG A 430 18.22 -45.94 -18.15
N GLU A 431 17.48 -46.86 -18.78
CA GLU A 431 18.12 -47.96 -19.48
C GLU A 431 18.97 -47.44 -20.64
N LEU A 432 18.47 -46.42 -21.35
CA LEU A 432 19.24 -45.81 -22.42
C LEU A 432 20.52 -45.19 -21.89
N ASN A 433 20.45 -44.51 -20.74
CA ASN A 433 21.65 -43.91 -20.17
C ASN A 433 22.68 -44.97 -19.84
N GLY A 434 22.24 -46.08 -19.24
CA GLY A 434 23.17 -47.16 -18.96
C GLY A 434 23.83 -47.71 -20.22
N TYR A 435 23.04 -47.94 -21.27
CA TYR A 435 23.62 -48.49 -22.49
C TYR A 435 24.50 -47.47 -23.21
N MET A 436 24.16 -46.18 -23.14
CA MET A 436 25.02 -45.16 -23.72
C MET A 436 26.36 -45.09 -22.99
N GLU A 437 26.36 -45.22 -21.66
CA GLU A 437 27.62 -45.32 -20.94
C GLU A 437 28.42 -46.53 -21.41
N TRP A 438 27.74 -47.67 -21.57
CA TRP A 438 28.39 -48.86 -22.08
C TRP A 438 29.09 -48.60 -23.41
N ILE A 439 28.34 -48.07 -24.39
CA ILE A 439 28.89 -47.84 -25.72
C ILE A 439 29.97 -46.78 -25.69
N SER A 440 29.83 -45.79 -24.81
CA SER A 440 30.85 -44.75 -24.72
C SER A 440 32.18 -45.32 -24.26
N LYS A 441 32.15 -46.10 -23.18
CA LYS A 441 33.40 -46.70 -22.70
C LYS A 441 33.97 -47.69 -23.70
N ALA A 442 33.11 -48.47 -24.36
CA ALA A 442 33.61 -49.44 -25.34
C ALA A 442 34.20 -48.75 -26.56
N GLU A 443 33.59 -47.66 -27.02
CA GLU A 443 34.06 -46.98 -28.22
C GLU A 443 35.29 -46.13 -27.92
N GLU A 444 35.47 -45.71 -26.66
CA GLU A 444 36.63 -44.90 -26.32
C GLU A 444 37.93 -45.68 -26.50
N VAL A 445 37.87 -47.00 -26.35
CA VAL A 445 39.08 -47.82 -26.38
C VAL A 445 39.30 -48.37 -27.79
N ILE A 446 38.51 -47.88 -28.75
CA ILE A 446 38.72 -48.28 -30.14
C ILE A 446 40.07 -47.80 -30.66
N LEU A 447 40.65 -46.79 -30.03
CA LEU A 447 41.98 -46.32 -30.42
C LEU A 447 43.02 -47.41 -30.18
N ALA A 448 43.95 -47.53 -31.12
CA ALA A 448 45.01 -48.54 -31.03
C ALA A 448 46.19 -48.16 -31.93
N SER A 508 52.08 -30.84 -38.57
CA SER A 508 51.09 -29.90 -38.05
C SER A 508 49.84 -30.62 -37.56
N THR A 509 48.68 -30.06 -37.87
CA THR A 509 47.42 -30.66 -37.44
C THR A 509 47.15 -31.97 -38.17
N PHE A 510 47.31 -31.96 -39.50
CA PHE A 510 47.00 -33.15 -40.29
C PHE A 510 48.05 -34.24 -40.10
N PHE A 511 49.32 -33.87 -40.11
CA PHE A 511 50.39 -34.87 -40.01
C PHE A 511 50.35 -35.57 -38.66
N HIS A 512 50.53 -34.82 -37.58
CA HIS A 512 50.50 -35.40 -36.24
C HIS A 512 49.08 -35.78 -35.85
N LYS A 513 48.95 -36.90 -35.15
CA LYS A 513 47.68 -37.33 -34.59
C LYS A 513 47.45 -36.77 -33.19
N LYS A 514 48.35 -35.91 -32.73
CA LYS A 514 48.18 -35.29 -31.41
C LYS A 514 46.91 -34.45 -31.37
N GLU A 515 46.50 -33.92 -32.52
CA GLU A 515 45.27 -33.12 -32.58
C GLU A 515 44.06 -33.91 -32.11
N ARG A 516 44.08 -35.23 -32.26
CA ARG A 516 43.05 -36.11 -31.72
C ARG A 516 43.43 -36.74 -30.39
N ARG A 517 44.72 -37.04 -30.19
CA ARG A 517 45.15 -37.67 -28.94
C ARG A 517 44.92 -36.76 -27.75
N MET A 518 45.25 -35.47 -27.90
CA MET A 518 45.07 -34.53 -26.79
C MET A 518 43.59 -34.28 -26.53
N ARG A 519 42.77 -34.27 -27.57
CA ARG A 519 41.32 -34.16 -27.37
C ARG A 519 40.80 -35.37 -26.60
N PHE A 520 41.28 -36.56 -26.93
CA PHE A 520 40.89 -37.74 -26.17
C PHE A 520 41.31 -37.61 -24.71
N TYR A 521 42.53 -37.12 -24.48
CA TYR A 521 43.05 -36.98 -23.13
C TYR A 521 42.22 -35.99 -22.32
N ILE A 522 41.88 -34.84 -22.91
CA ILE A 522 41.11 -33.84 -22.17
C ILE A 522 39.67 -34.31 -21.98
N ARG A 523 39.12 -35.07 -22.93
CA ARG A 523 37.79 -35.63 -22.73
C ARG A 523 37.79 -36.60 -21.57
N ARG A 524 38.84 -37.41 -21.44
CA ARG A 524 38.97 -38.27 -20.26
C ARG A 524 39.11 -37.43 -18.99
N MET A 525 39.89 -36.35 -19.05
CA MET A 525 40.12 -35.51 -17.88
C MET A 525 38.82 -34.85 -17.41
N VAL A 526 37.90 -34.58 -18.34
CA VAL A 526 36.69 -33.85 -17.99
C VAL A 526 35.88 -34.60 -16.93
N LYS A 527 35.69 -35.90 -17.11
CA LYS A 527 34.84 -36.67 -16.21
C LYS A 527 35.50 -36.97 -14.87
N THR A 528 36.75 -36.56 -14.66
CA THR A 528 37.40 -36.79 -13.38
C THR A 528 36.70 -36.00 -12.28
N GLN A 529 36.77 -36.54 -11.06
CA GLN A 529 36.11 -35.90 -9.92
C GLN A 529 36.68 -34.51 -9.67
N ALA A 530 37.98 -34.32 -9.86
CA ALA A 530 38.60 -33.02 -9.63
C ALA A 530 38.03 -31.97 -10.57
N PHE A 531 37.85 -32.32 -11.84
CA PHE A 531 37.33 -31.38 -12.82
C PHE A 531 35.92 -30.90 -12.50
N TYR A 532 35.18 -31.63 -11.67
CA TYR A 532 33.85 -31.24 -11.22
C TYR A 532 33.92 -30.47 -9.91
N TRP A 533 34.69 -30.97 -8.96
CA TRP A 533 34.77 -30.34 -7.65
C TRP A 533 35.41 -28.96 -7.74
N THR A 534 36.45 -28.80 -8.56
CA THR A 534 37.09 -27.49 -8.67
C THR A 534 36.17 -26.49 -9.36
N VAL A 535 35.37 -26.93 -10.33
CA VAL A 535 34.42 -26.03 -10.96
C VAL A 535 33.35 -25.60 -9.96
N LEU A 536 32.88 -26.52 -9.13
CA LEU A 536 31.95 -26.15 -8.07
C LEU A 536 32.59 -25.16 -7.09
N SER A 537 33.87 -25.36 -6.78
CA SER A 537 34.56 -24.43 -5.89
C SER A 537 34.64 -23.04 -6.49
N LEU A 538 34.97 -22.95 -7.79
CA LEU A 538 35.01 -21.64 -8.45
C LEU A 538 33.63 -20.99 -8.49
N VAL A 539 32.58 -21.79 -8.69
CA VAL A 539 31.22 -21.24 -8.66
C VAL A 539 30.91 -20.67 -7.28
N ALA A 540 31.29 -21.40 -6.22
CA ALA A 540 31.07 -20.90 -4.87
C ALA A 540 31.86 -19.62 -4.62
N LEU A 541 33.10 -19.55 -5.11
CA LEU A 541 33.88 -18.33 -4.95
C LEU A 541 33.25 -17.16 -5.67
N ASN A 542 32.74 -17.38 -6.89
CA ASN A 542 32.05 -16.32 -7.61
C ASN A 542 30.80 -15.88 -6.87
N THR A 543 30.06 -16.83 -6.29
CA THR A 543 28.88 -16.47 -5.51
C THR A 543 29.25 -15.60 -4.32
N LEU A 544 30.32 -15.96 -3.61
CA LEU A 544 30.76 -15.13 -2.48
C LEU A 544 31.18 -13.76 -2.96
N CYS A 545 31.92 -13.68 -4.07
CA CYS A 545 32.38 -12.39 -4.57
C CYS A 545 31.23 -11.48 -4.95
N VAL A 546 30.19 -12.02 -5.60
CA VAL A 546 29.05 -11.19 -5.93
C VAL A 546 28.18 -10.90 -4.71
N ALA A 547 28.28 -11.71 -3.66
CA ALA A 547 27.56 -11.41 -2.43
C ALA A 547 28.22 -10.33 -1.58
N ILE A 548 29.54 -10.17 -1.69
CA ILE A 548 30.24 -9.19 -0.86
C ILE A 548 29.81 -7.75 -1.13
N VAL A 549 29.31 -7.46 -2.34
CA VAL A 549 29.05 -6.08 -2.75
C VAL A 549 28.06 -5.42 -1.79
N HIS A 550 28.38 -4.20 -1.36
CA HIS A 550 27.48 -3.40 -0.53
C HIS A 550 27.62 -1.93 -0.90
N TYR A 551 26.97 -1.07 -0.13
CA TYR A 551 26.78 0.32 -0.54
C TYR A 551 28.08 1.11 -0.51
N ASN A 552 28.82 1.02 0.59
CA ASN A 552 30.05 1.80 0.73
C ASN A 552 31.28 0.91 0.76
N GLN A 553 31.33 -0.07 -0.14
CA GLN A 553 32.51 -0.91 -0.22
C GLN A 553 33.73 -0.06 -0.57
N PRO A 554 34.87 -0.30 0.06
CA PRO A 554 36.05 0.54 -0.21
C PRO A 554 36.51 0.40 -1.65
N GLU A 555 37.26 1.42 -2.08
CA GLU A 555 37.67 1.53 -3.48
C GLU A 555 38.55 0.37 -3.90
N TRP A 556 39.46 -0.07 -3.01
CA TRP A 556 40.27 -1.24 -3.31
C TRP A 556 39.39 -2.48 -3.49
N LEU A 557 38.34 -2.60 -2.68
CA LEU A 557 37.42 -3.72 -2.83
C LEU A 557 36.70 -3.65 -4.17
N SER A 558 36.34 -2.45 -4.62
CA SER A 558 35.70 -2.31 -5.93
C SER A 558 36.63 -2.77 -7.04
N ASP A 559 37.91 -2.37 -6.98
CA ASP A 559 38.86 -2.81 -8.00
C ASP A 559 39.05 -4.32 -7.95
N PHE A 560 39.19 -4.88 -6.74
CA PHE A 560 39.38 -6.32 -6.61
C PHE A 560 38.20 -7.08 -7.18
N LEU A 561 36.97 -6.61 -6.92
CA LEU A 561 35.81 -7.30 -7.45
C LEU A 561 35.70 -7.14 -8.96
N TYR A 562 36.09 -5.98 -9.49
CA TYR A 562 36.10 -5.80 -10.94
C TYR A 562 37.04 -6.81 -11.61
N TYR A 563 38.28 -6.87 -11.13
CA TYR A 563 39.24 -7.82 -11.70
C TYR A 563 38.81 -9.26 -11.46
N ALA A 564 38.24 -9.55 -10.29
CA ALA A 564 37.81 -10.91 -9.98
C ALA A 564 36.66 -11.33 -10.88
N GLU A 565 35.71 -10.44 -11.15
CA GLU A 565 34.63 -10.76 -12.06
C GLU A 565 35.17 -11.05 -13.46
N PHE A 566 36.12 -10.23 -13.93
CA PHE A 566 36.71 -10.50 -15.23
C PHE A 566 37.42 -11.85 -15.26
N ILE A 567 38.21 -12.16 -14.22
CA ILE A 567 38.95 -13.41 -14.20
C ILE A 567 38.00 -14.59 -14.13
N PHE A 568 36.93 -14.49 -13.33
CA PHE A 568 35.97 -15.58 -13.24
C PHE A 568 35.26 -15.80 -14.57
N LEU A 569 34.88 -14.72 -15.25
CA LEU A 569 34.25 -14.87 -16.56
C LEU A 569 35.20 -15.54 -17.54
N GLY A 570 36.48 -15.14 -17.53
CA GLY A 570 37.45 -15.78 -18.39
C GLY A 570 37.64 -17.24 -18.09
N LEU A 571 37.70 -17.59 -16.80
CA LEU A 571 37.89 -18.99 -16.42
C LEU A 571 36.69 -19.85 -16.82
N PHE A 572 35.48 -19.32 -16.63
CA PHE A 572 34.30 -20.10 -17.01
C PHE A 572 34.20 -20.23 -18.52
N MET A 573 34.61 -19.19 -19.27
CA MET A 573 34.66 -19.30 -20.71
C MET A 573 35.68 -20.34 -21.17
N SER A 574 36.84 -20.37 -20.50
CA SER A 574 37.83 -21.40 -20.81
C SER A 574 37.30 -22.79 -20.51
N GLU A 575 36.56 -22.94 -19.39
CA GLU A 575 35.94 -24.22 -19.08
C GLU A 575 34.95 -24.62 -20.16
N MET A 576 34.15 -23.65 -20.64
CA MET A 576 33.27 -23.89 -21.77
C MET A 576 34.03 -24.42 -22.98
N PHE A 577 35.13 -23.75 -23.33
CA PHE A 577 35.88 -24.14 -24.53
C PHE A 577 36.48 -25.53 -24.38
N ILE A 578 37.07 -25.82 -23.22
CA ILE A 578 37.65 -27.14 -22.99
C ILE A 578 36.59 -28.21 -23.05
N LYS A 579 35.43 -27.97 -22.41
CA LYS A 579 34.34 -28.94 -22.46
C LYS A 579 33.89 -29.19 -23.89
N MET A 580 33.69 -28.12 -24.65
CA MET A 580 33.16 -28.25 -26.00
C MET A 580 34.15 -28.97 -26.93
N TYR A 581 35.44 -28.66 -26.80
CA TYR A 581 36.42 -29.29 -27.67
C TYR A 581 36.68 -30.74 -27.26
N GLY A 582 36.68 -31.02 -25.96
CA GLY A 582 36.85 -32.38 -25.49
C GLY A 582 35.71 -33.30 -25.85
N LEU A 583 34.51 -33.00 -25.35
CA LEU A 583 33.37 -33.89 -25.59
C LEU A 583 32.83 -33.75 -26.99
N GLY A 584 32.99 -32.59 -27.62
CA GLY A 584 32.43 -32.37 -28.93
C GLY A 584 31.36 -31.28 -28.92
N THR A 585 31.25 -30.54 -30.02
CA THR A 585 30.28 -29.44 -30.08
C THR A 585 28.85 -29.97 -29.94
N ARG A 586 28.52 -31.01 -30.70
CA ARG A 586 27.16 -31.57 -30.63
C ARG A 586 26.85 -32.18 -29.27
N PRO A 587 27.70 -33.03 -28.67
CA PRO A 587 27.39 -33.51 -27.32
C PRO A 587 27.26 -32.40 -26.29
N TYR A 588 28.07 -31.35 -26.42
CA TYR A 588 27.98 -30.22 -25.49
C TYR A 588 26.64 -29.50 -25.66
N PHE A 589 26.24 -29.21 -26.89
CA PHE A 589 24.99 -28.50 -27.12
C PHE A 589 23.80 -29.36 -26.71
N HIS A 590 23.92 -30.68 -26.84
CA HIS A 590 22.80 -31.57 -26.48
C HIS A 590 22.49 -31.49 -24.99
N SER A 591 23.52 -31.42 -24.14
CA SER A 591 23.30 -31.36 -22.70
C SER A 591 22.61 -30.05 -22.31
N SER A 592 21.61 -30.15 -21.44
CA SER A 592 20.85 -28.98 -21.03
C SER A 592 21.65 -28.08 -20.11
N PHE A 593 22.42 -28.67 -19.19
CA PHE A 593 23.23 -27.86 -18.27
C PHE A 593 24.31 -27.08 -19.00
N ASN A 594 24.89 -27.66 -20.05
CA ASN A 594 25.84 -26.91 -20.87
C ASN A 594 25.17 -25.73 -21.55
N CYS A 595 23.93 -25.91 -22.01
CA CYS A 595 23.19 -24.79 -22.58
C CYS A 595 22.91 -23.72 -21.53
N PHE A 596 22.61 -24.14 -20.29
CA PHE A 596 22.40 -23.17 -19.21
C PHE A 596 23.66 -22.38 -18.94
N ASP A 597 24.81 -23.05 -18.91
CA ASP A 597 26.07 -22.34 -18.73
C ASP A 597 26.37 -21.41 -19.90
N CYS A 598 26.03 -21.83 -21.12
CA CYS A 598 26.16 -20.93 -22.27
C CYS A 598 25.31 -19.68 -22.08
N GLY A 599 24.07 -19.86 -21.61
CA GLY A 599 23.22 -18.71 -21.36
C GLY A 599 23.79 -17.79 -20.30
N VAL A 600 24.35 -18.35 -19.24
CA VAL A 600 24.95 -17.52 -18.20
C VAL A 600 26.15 -16.75 -18.74
N ILE A 601 26.97 -17.41 -19.57
CA ILE A 601 28.14 -16.74 -20.13
C ILE A 601 27.72 -15.60 -21.05
N ILE A 602 26.73 -15.85 -21.92
CA ILE A 602 26.24 -14.81 -22.81
C ILE A 602 25.64 -13.66 -22.01
N GLY A 603 24.92 -13.98 -20.94
CA GLY A 603 24.37 -12.94 -20.09
C GLY A 603 25.44 -12.09 -19.43
N SER A 604 26.51 -12.73 -18.96
CA SER A 604 27.62 -11.97 -18.37
C SER A 604 28.27 -11.05 -19.40
N ILE A 605 28.49 -11.56 -20.61
CA ILE A 605 29.05 -10.73 -21.67
C ILE A 605 28.13 -9.54 -21.97
N PHE A 606 26.83 -9.81 -22.06
CA PHE A 606 25.88 -8.74 -22.34
C PHE A 606 25.86 -7.70 -21.23
N GLU A 607 25.93 -8.14 -19.97
CA GLU A 607 25.96 -7.20 -18.86
C GLU A 607 27.21 -6.32 -18.92
N VAL A 608 28.36 -6.92 -19.24
CA VAL A 608 29.59 -6.15 -19.34
C VAL A 608 29.45 -5.09 -20.44
N ILE A 609 28.96 -5.51 -21.61
CA ILE A 609 28.82 -4.58 -22.73
C ILE A 609 27.84 -3.47 -22.39
N TRP A 610 26.71 -3.81 -21.77
CA TRP A 610 25.70 -2.82 -21.44
C TRP A 610 26.21 -1.84 -20.38
N ALA A 611 26.98 -2.33 -19.41
CA ALA A 611 27.57 -1.44 -18.42
C ALA A 611 28.56 -0.49 -19.07
N VAL A 612 29.35 -0.99 -20.02
CA VAL A 612 30.29 -0.12 -20.73
C VAL A 612 29.53 0.95 -21.52
N ILE A 613 28.51 0.55 -22.26
CA ILE A 613 27.78 1.48 -23.11
C ILE A 613 26.95 2.45 -22.28
N LYS A 614 26.19 1.91 -21.30
CA LYS A 614 25.25 2.71 -20.52
C LYS A 614 25.52 2.47 -19.03
N PRO A 615 26.51 3.16 -18.47
CA PRO A 615 26.73 3.07 -17.02
C PRO A 615 25.56 3.66 -16.24
N GLY A 616 25.34 3.11 -15.05
CA GLY A 616 24.27 3.59 -14.20
C GLY A 616 23.47 2.49 -13.54
N THR A 617 23.34 1.35 -14.22
CA THR A 617 22.59 0.23 -13.68
C THR A 617 23.36 -1.06 -13.93
N SER A 618 23.12 -2.04 -13.06
CA SER A 618 23.74 -3.35 -13.19
C SER A 618 22.75 -4.40 -12.68
N PHE A 619 22.65 -5.52 -13.39
CA PHE A 619 21.69 -6.55 -13.06
C PHE A 619 22.29 -7.74 -12.31
N GLY A 620 23.61 -7.85 -12.26
CA GLY A 620 24.25 -8.95 -11.57
C GLY A 620 23.85 -10.31 -12.11
N ILE A 621 23.89 -10.45 -13.45
CA ILE A 621 23.40 -11.67 -14.09
C ILE A 621 24.26 -12.86 -13.70
N SER A 622 25.52 -12.60 -13.30
CA SER A 622 26.44 -13.69 -13.00
C SER A 622 26.02 -14.49 -11.78
N VAL A 623 25.13 -13.96 -10.94
CA VAL A 623 24.73 -14.67 -9.74
C VAL A 623 23.90 -15.92 -10.08
N LEU A 624 23.33 -15.99 -11.28
CA LEU A 624 22.55 -17.17 -11.65
C LEU A 624 23.42 -18.42 -11.78
N ARG A 625 24.74 -18.26 -11.83
CA ARG A 625 25.61 -19.43 -11.79
C ARG A 625 25.55 -20.15 -10.46
N ALA A 626 25.04 -19.49 -9.41
CA ALA A 626 24.90 -20.14 -8.11
C ALA A 626 23.88 -21.28 -8.14
N LEU A 627 23.05 -21.35 -9.17
CA LEU A 627 22.12 -22.46 -9.31
C LEU A 627 22.85 -23.78 -9.53
N ARG A 628 24.12 -23.73 -9.94
CA ARG A 628 24.91 -24.94 -10.12
C ARG A 628 25.26 -25.60 -8.80
N LEU A 629 25.12 -24.89 -7.67
CA LEU A 629 25.31 -25.52 -6.37
C LEU A 629 24.25 -26.55 -6.04
N LEU A 630 23.16 -26.58 -6.80
CA LEU A 630 22.14 -27.61 -6.61
C LEU A 630 22.63 -28.98 -7.05
N ARG A 631 23.76 -29.06 -7.74
CA ARG A 631 24.33 -30.34 -8.12
C ARG A 631 24.94 -31.08 -6.95
N ILE A 632 25.21 -30.39 -5.84
CA ILE A 632 25.76 -31.03 -4.65
C ILE A 632 24.78 -32.06 -4.09
N PHE A 633 23.50 -31.95 -4.43
CA PHE A 633 22.52 -32.91 -3.94
C PHE A 633 22.74 -34.31 -4.51
N LYS A 634 23.56 -34.44 -5.56
CA LYS A 634 23.80 -35.75 -6.15
C LYS A 634 24.52 -36.68 -5.19
N VAL A 635 25.44 -36.16 -4.37
CA VAL A 635 26.18 -37.01 -3.45
C VAL A 635 25.35 -37.46 -2.26
N THR A 636 24.20 -36.83 -2.03
CA THR A 636 23.30 -37.22 -0.96
C THR A 636 22.22 -38.16 -1.51
N LYS A 637 21.37 -38.63 -0.62
CA LYS A 637 20.27 -39.50 -1.00
C LYS A 637 19.01 -38.72 -1.37
N TYR A 638 19.06 -37.39 -1.32
CA TYR A 638 17.93 -36.55 -1.65
C TYR A 638 17.84 -36.22 -3.13
N TRP A 639 18.77 -36.71 -3.95
CA TRP A 639 18.79 -36.36 -5.36
C TRP A 639 17.60 -36.95 -6.10
N ALA A 640 17.17 -38.15 -5.73
CA ALA A 640 16.12 -38.82 -6.47
C ALA A 640 14.81 -38.02 -6.43
N SER A 641 14.39 -37.60 -5.23
CA SER A 641 13.13 -36.88 -5.10
C SER A 641 13.17 -35.54 -5.82
N LEU A 642 14.27 -34.79 -5.68
CA LEU A 642 14.38 -33.50 -6.36
C LEU A 642 14.39 -33.67 -7.87
N ARG A 643 15.13 -34.65 -8.38
CA ARG A 643 15.16 -34.87 -9.82
C ARG A 643 13.79 -35.29 -10.33
N ASN A 644 13.08 -36.13 -9.59
CA ASN A 644 11.74 -36.52 -10.02
C ASN A 644 10.79 -35.33 -10.01
N LEU A 645 10.93 -34.44 -9.02
CA LEU A 645 10.12 -33.23 -9.00
C LEU A 645 10.38 -32.36 -10.22
N VAL A 646 11.66 -32.20 -10.57
CA VAL A 646 12.01 -31.40 -11.75
C VAL A 646 11.47 -32.05 -13.02
N VAL A 647 11.58 -33.37 -13.13
CA VAL A 647 11.06 -34.07 -14.30
C VAL A 647 9.55 -33.92 -14.41
N SER A 648 8.84 -34.05 -13.29
CA SER A 648 7.40 -33.88 -13.32
C SER A 648 7.01 -32.46 -13.68
N LEU A 649 7.76 -31.47 -13.18
CA LEU A 649 7.50 -30.09 -13.55
C LEU A 649 7.71 -29.85 -15.04
N LEU A 650 8.79 -30.42 -15.59
CA LEU A 650 9.08 -30.22 -17.01
C LEU A 650 8.08 -30.97 -17.89
N ASN A 651 7.54 -32.09 -17.42
CA ASN A 651 6.56 -32.82 -18.21
C ASN A 651 5.29 -32.00 -18.38
N SER A 652 4.73 -31.50 -17.29
CA SER A 652 3.52 -30.68 -17.34
C SER A 652 3.90 -29.21 -17.32
N MET A 653 4.61 -28.81 -18.37
CA MET A 653 5.02 -27.43 -18.54
C MET A 653 4.05 -26.63 -19.40
N LYS A 654 3.35 -27.29 -20.32
CA LYS A 654 2.30 -26.62 -21.08
C LYS A 654 1.08 -26.33 -20.22
N SER A 655 0.71 -27.27 -19.34
CA SER A 655 -0.43 -27.08 -18.45
C SER A 655 -0.16 -26.03 -17.37
N ILE A 656 1.09 -25.65 -17.16
CA ILE A 656 1.41 -24.56 -16.24
C ILE A 656 1.38 -23.22 -16.97
N ILE A 657 1.92 -23.18 -18.19
CA ILE A 657 1.87 -21.96 -18.99
C ILE A 657 0.42 -21.59 -19.30
N SER A 658 -0.42 -22.58 -19.58
CA SER A 658 -1.84 -22.30 -19.83
C SER A 658 -2.51 -21.71 -18.59
N LEU A 659 -2.22 -22.27 -17.41
CA LEU A 659 -2.79 -21.75 -16.18
C LEU A 659 -2.35 -20.31 -15.93
N LEU A 660 -1.06 -20.04 -16.11
CA LEU A 660 -0.57 -18.68 -15.92
C LEU A 660 -1.20 -17.72 -16.92
N PHE A 661 -1.37 -18.17 -18.17
CA PHE A 661 -1.99 -17.32 -19.18
C PHE A 661 -3.44 -17.01 -18.85
N LEU A 662 -4.19 -18.00 -18.35
CA LEU A 662 -5.57 -17.73 -17.95
C LEU A 662 -5.63 -16.78 -16.77
N LEU A 663 -4.72 -16.94 -15.81
CA LEU A 663 -4.66 -16.00 -14.70
C LEU A 663 -4.38 -14.59 -15.19
N PHE A 664 -3.44 -14.45 -16.14
CA PHE A 664 -3.13 -13.15 -16.71
C PHE A 664 -4.33 -12.58 -17.47
N LEU A 665 -5.06 -13.42 -18.17
CA LEU A 665 -6.26 -12.96 -18.89
C LEU A 665 -7.31 -12.42 -17.93
N PHE A 666 -7.52 -13.13 -16.82
CA PHE A 666 -8.48 -12.65 -15.83
C PHE A 666 -8.02 -11.33 -15.20
N ILE A 667 -6.71 -11.20 -14.95
CA ILE A 667 -6.17 -9.94 -14.43
C ILE A 667 -6.41 -8.82 -15.42
N VAL A 668 -6.18 -9.09 -16.71
CA VAL A 668 -6.38 -8.07 -17.74
C VAL A 668 -7.85 -7.65 -17.81
N VAL A 669 -8.75 -8.62 -17.76
CA VAL A 669 -10.18 -8.31 -17.81
C VAL A 669 -10.59 -7.44 -16.64
N PHE A 670 -10.13 -7.79 -15.43
CA PHE A 670 -10.48 -6.98 -14.27
C PHE A 670 -9.84 -5.60 -14.31
N ALA A 671 -8.62 -5.50 -14.86
CA ALA A 671 -7.99 -4.19 -15.02
C ALA A 671 -8.78 -3.32 -15.98
N LEU A 672 -9.23 -3.89 -17.10
CA LEU A 672 -10.05 -3.13 -18.04
C LEU A 672 -11.36 -2.69 -17.41
N LEU A 673 -11.99 -3.58 -16.63
CA LEU A 673 -13.22 -3.21 -15.95
C LEU A 673 -12.99 -2.07 -14.97
N GLY A 674 -11.88 -2.13 -14.22
CA GLY A 674 -11.56 -1.05 -13.30
C GLY A 674 -11.31 0.26 -14.02
N MET A 675 -10.66 0.20 -15.18
CA MET A 675 -10.46 1.40 -15.98
C MET A 675 -11.79 1.99 -16.44
N GLN A 676 -12.72 1.13 -16.87
CA GLN A 676 -14.01 1.64 -17.31
C GLN A 676 -14.80 2.26 -16.16
N LEU A 677 -14.83 1.60 -15.00
CA LEU A 677 -15.61 2.12 -13.88
C LEU A 677 -14.97 3.37 -13.28
N PHE A 678 -13.74 3.25 -12.78
CA PHE A 678 -13.12 4.37 -12.09
C PHE A 678 -12.34 5.27 -13.04
N GLY A 679 -11.34 4.72 -13.71
CA GLY A 679 -10.62 5.49 -14.72
C GLY A 679 -9.97 6.73 -14.15
N GLY A 680 -10.19 7.87 -14.82
CA GLY A 680 -9.56 9.11 -14.45
C GLY A 680 -10.20 9.83 -13.28
N GLN A 681 -11.17 9.20 -12.61
CA GLN A 681 -11.91 9.85 -11.55
C GLN A 681 -11.18 9.87 -10.21
N PHE A 682 -9.93 9.41 -10.16
CA PHE A 682 -9.15 9.40 -8.92
C PHE A 682 -8.35 10.68 -8.70
N ASN A 683 -8.66 11.76 -9.40
CA ASN A 683 -7.94 13.02 -9.24
C ASN A 683 -8.55 13.81 -8.08
N PHE A 684 -8.21 13.38 -6.87
CA PHE A 684 -8.69 14.07 -5.67
C PHE A 684 -7.91 15.36 -5.47
N ASP A 685 -8.41 16.18 -4.53
CA ASP A 685 -7.78 17.46 -4.25
C ASP A 685 -6.41 17.31 -3.62
N GLU A 686 -6.14 16.20 -2.94
CA GLU A 686 -4.85 15.98 -2.30
C GLU A 686 -3.85 15.29 -3.21
N GLY A 687 -4.22 14.99 -4.44
CA GLY A 687 -3.31 14.33 -5.37
C GLY A 687 -3.80 12.96 -5.78
N THR A 688 -3.40 12.52 -6.98
CA THR A 688 -3.82 11.22 -7.46
C THR A 688 -3.06 10.13 -6.71
N PRO A 689 -3.75 9.15 -6.11
CA PRO A 689 -3.05 8.10 -5.38
C PRO A 689 -2.23 7.25 -6.34
N PRO A 690 -1.13 6.65 -5.86
CA PRO A 690 -0.34 5.78 -6.73
C PRO A 690 -1.12 4.60 -7.28
N THR A 691 -2.09 4.09 -6.52
CA THR A 691 -2.91 2.96 -6.96
C THR A 691 -4.16 3.51 -7.65
N ASN A 692 -3.97 3.94 -8.89
CA ASN A 692 -5.04 4.49 -9.71
C ASN A 692 -5.29 3.60 -10.91
N PHE A 693 -6.43 3.84 -11.57
CA PHE A 693 -6.84 3.10 -12.75
C PHE A 693 -6.72 3.94 -14.02
N ASP A 694 -5.84 4.94 -14.01
CA ASP A 694 -5.74 5.85 -15.14
C ASP A 694 -5.18 5.15 -16.37
N THR A 695 -3.97 4.62 -16.27
CA THR A 695 -3.32 3.93 -17.37
C THR A 695 -3.35 2.42 -17.15
N PHE A 696 -3.11 1.68 -18.22
CA PHE A 696 -3.18 0.22 -18.21
C PHE A 696 -2.15 -0.41 -17.27
N PRO A 697 -0.87 0.00 -17.30
CA PRO A 697 0.07 -0.55 -16.30
C PRO A 697 -0.34 -0.28 -14.87
N ALA A 698 -0.84 0.93 -14.60
CA ALA A 698 -1.30 1.23 -13.25
C ALA A 698 -2.50 0.38 -12.86
N ALA A 699 -3.42 0.15 -13.81
CA ALA A 699 -4.56 -0.71 -13.54
C ALA A 699 -4.12 -2.14 -13.23
N ILE A 700 -3.16 -2.66 -14.01
CA ILE A 700 -2.67 -4.01 -13.75
C ILE A 700 -2.02 -4.10 -12.38
N MET A 701 -1.22 -3.09 -12.04
CA MET A 701 -0.57 -3.07 -10.73
C MET A 701 -1.59 -3.05 -9.61
N THR A 702 -2.61 -2.22 -9.75
CA THR A 702 -3.64 -2.11 -8.72
C THR A 702 -4.41 -3.41 -8.57
N VAL A 703 -4.79 -4.04 -9.69
CA VAL A 703 -5.52 -5.30 -9.62
C VAL A 703 -4.65 -6.39 -9.00
N PHE A 704 -3.36 -6.41 -9.34
CA PHE A 704 -2.46 -7.38 -8.72
C PHE A 704 -2.37 -7.17 -7.22
N GLN A 705 -2.27 -5.92 -6.79
CA GLN A 705 -2.20 -5.63 -5.35
C GLN A 705 -3.48 -6.05 -4.65
N ILE A 706 -4.63 -5.84 -5.28
CA ILE A 706 -5.89 -6.30 -4.68
C ILE A 706 -5.92 -7.83 -4.60
N LEU A 707 -5.43 -8.51 -5.64
CA LEU A 707 -5.41 -9.96 -5.61
C LEU A 707 -4.54 -10.48 -4.48
N THR A 708 -3.36 -9.89 -4.28
CA THR A 708 -2.53 -10.30 -3.16
C THR A 708 -3.15 -9.93 -1.82
N GLY A 709 -4.20 -9.10 -1.81
CA GLY A 709 -4.94 -8.82 -0.60
C GLY A 709 -4.32 -7.78 0.30
N GLU A 710 -3.25 -7.11 -0.12
CA GLU A 710 -2.59 -6.12 0.72
C GLU A 710 -3.17 -4.74 0.45
N ASP A 711 -3.75 -4.14 1.49
CA ASP A 711 -4.29 -2.77 1.41
C ASP A 711 -5.35 -2.65 0.32
N TRP A 712 -6.15 -3.70 0.14
CA TRP A 712 -7.26 -3.60 -0.80
C TRP A 712 -8.37 -2.72 -0.25
N ASN A 713 -8.48 -2.61 1.07
CA ASN A 713 -9.52 -1.77 1.66
C ASN A 713 -9.27 -0.29 1.38
N GLU A 714 -8.01 0.14 1.35
CA GLU A 714 -7.73 1.53 1.00
C GLU A 714 -8.13 1.84 -0.43
N VAL A 715 -7.84 0.92 -1.35
CA VAL A 715 -8.24 1.12 -2.74
C VAL A 715 -9.76 1.12 -2.85
N MET A 716 -10.43 0.28 -2.06
CA MET A 716 -11.90 0.30 -2.04
C MET A 716 -12.43 1.63 -1.53
N TYR A 717 -11.79 2.17 -0.49
CA TYR A 717 -12.21 3.47 0.04
C TYR A 717 -12.06 4.56 -1.02
N ASP A 718 -10.93 4.56 -1.72
CA ASP A 718 -10.73 5.54 -2.79
C ASP A 718 -11.75 5.37 -3.91
N GLY A 719 -12.03 4.13 -4.28
CA GLY A 719 -13.02 3.90 -5.34
C GLY A 719 -14.41 4.35 -4.96
N ILE A 720 -14.79 4.12 -3.70
CA ILE A 720 -16.09 4.59 -3.23
C ILE A 720 -16.12 6.11 -3.16
N LYS A 721 -15.01 6.72 -2.73
CA LYS A 721 -14.95 8.18 -2.62
C LYS A 721 -15.00 8.84 -4.00
N SER A 722 -14.50 8.16 -5.03
CA SER A 722 -14.47 8.77 -6.36
C SER A 722 -15.88 9.09 -6.87
N GLN A 723 -16.81 8.15 -6.74
CA GLN A 723 -18.21 8.41 -7.11
C GLN A 723 -19.00 8.84 -5.89
N GLY A 724 -18.73 10.07 -5.46
CA GLY A 724 -19.46 10.65 -4.34
C GLY A 724 -18.84 10.32 -3.00
N GLY A 725 -19.38 9.30 -2.33
CA GLY A 725 -18.86 8.88 -1.05
C GLY A 725 -19.73 7.81 -0.42
N VAL A 726 -19.84 7.83 0.90
CA VAL A 726 -20.74 6.91 1.58
C VAL A 726 -22.19 7.16 1.17
N GLN A 727 -22.51 8.40 0.79
CA GLN A 727 -23.88 8.75 0.42
C GLN A 727 -24.34 7.99 -0.82
N GLY A 728 -23.69 8.22 -1.95
CA GLY A 728 -24.14 7.66 -3.21
C GLY A 728 -23.09 6.95 -4.03
N GLY A 729 -22.17 6.25 -3.35
CA GLY A 729 -21.13 5.52 -4.06
C GLY A 729 -20.82 4.19 -3.43
N MET A 730 -21.69 3.72 -2.54
CA MET A 730 -21.46 2.48 -1.82
C MET A 730 -21.72 1.25 -2.66
N VAL A 731 -22.31 1.39 -3.85
CA VAL A 731 -22.58 0.25 -4.71
C VAL A 731 -21.33 -0.24 -5.44
N PHE A 732 -20.26 0.56 -5.47
CA PHE A 732 -19.05 0.19 -6.18
C PHE A 732 -18.13 -0.70 -5.36
N SER A 733 -18.50 -1.01 -4.11
CA SER A 733 -17.71 -1.95 -3.32
C SER A 733 -17.84 -3.38 -3.83
N ILE A 734 -18.84 -3.68 -4.65
CA ILE A 734 -19.01 -5.02 -5.18
C ILE A 734 -17.82 -5.41 -6.05
N TYR A 735 -17.27 -4.45 -6.78
CA TYR A 735 -16.11 -4.73 -7.62
C TYR A 735 -14.96 -5.27 -6.78
N PHE A 736 -14.60 -4.57 -5.70
CA PHE A 736 -13.50 -4.99 -4.86
C PHE A 736 -13.81 -6.27 -4.09
N ILE A 737 -15.06 -6.43 -3.62
CA ILE A 737 -15.43 -7.65 -2.93
C ILE A 737 -15.25 -8.86 -3.85
N VAL A 738 -15.81 -8.79 -5.06
CA VAL A 738 -15.68 -9.89 -6.01
C VAL A 738 -14.23 -10.12 -6.35
N LEU A 739 -13.48 -9.05 -6.62
CA LEU A 739 -12.09 -9.20 -6.99
C LEU A 739 -11.29 -9.95 -5.93
N THR A 740 -11.36 -9.49 -4.68
CA THR A 740 -10.54 -10.14 -3.64
C THR A 740 -11.05 -11.55 -3.35
N LEU A 741 -12.38 -11.75 -3.29
CA LEU A 741 -12.93 -13.05 -2.97
C LEU A 741 -12.55 -14.09 -4.02
N PHE A 742 -12.60 -13.71 -5.30
N PHE A 742 -12.60 -13.71 -5.30
CA PHE A 742 -12.23 -14.64 -6.35
CA PHE A 742 -12.22 -14.66 -6.33
C PHE A 742 -10.71 -14.81 -6.43
C PHE A 742 -10.71 -14.81 -6.43
N GLY A 743 -9.96 -13.73 -6.24
CA GLY A 743 -8.52 -13.81 -6.41
C GLY A 743 -7.84 -14.69 -5.39
N ASN A 744 -8.23 -14.54 -4.11
CA ASN A 744 -7.60 -15.36 -3.08
C ASN A 744 -7.76 -16.85 -3.39
N TYR A 745 -9.00 -17.27 -3.62
CA TYR A 745 -9.26 -18.70 -3.77
C TYR A 745 -8.82 -19.22 -5.12
N THR A 746 -8.83 -18.39 -6.17
CA THR A 746 -8.35 -18.84 -7.47
C THR A 746 -6.84 -18.99 -7.47
N LEU A 747 -6.12 -18.05 -6.87
CA LEU A 747 -4.68 -18.22 -6.73
C LEU A 747 -4.35 -19.47 -5.91
N LEU A 748 -5.07 -19.66 -4.78
CA LEU A 748 -4.84 -20.84 -3.98
C LEU A 748 -5.08 -22.11 -4.77
N ASN A 749 -6.21 -22.20 -5.48
CA ASN A 749 -6.51 -23.40 -6.26
C ASN A 749 -5.46 -23.62 -7.35
N VAL A 750 -5.16 -22.59 -8.13
CA VAL A 750 -4.28 -22.74 -9.29
C VAL A 750 -2.88 -23.17 -8.86
N PHE A 751 -2.34 -22.61 -7.78
CA PHE A 751 -0.99 -22.98 -7.40
C PHE A 751 -0.92 -24.23 -6.55
N LEU A 752 -1.91 -24.46 -5.68
CA LEU A 752 -1.92 -25.67 -4.88
C LEU A 752 -2.15 -26.91 -5.74
N ALA A 753 -2.97 -26.82 -6.78
CA ALA A 753 -3.14 -27.96 -7.68
C ALA A 753 -1.82 -28.32 -8.34
N ILE A 754 -1.08 -27.32 -8.83
CA ILE A 754 0.21 -27.57 -9.44
C ILE A 754 1.15 -28.24 -8.45
N ALA A 755 1.26 -27.66 -7.25
CA ALA A 755 2.19 -28.20 -6.26
C ALA A 755 1.84 -29.63 -5.89
N VAL A 756 0.57 -29.89 -5.58
CA VAL A 756 0.17 -31.23 -5.16
C VAL A 756 0.38 -32.24 -6.27
N ASP A 757 -0.05 -31.91 -7.49
CA ASP A 757 0.09 -32.86 -8.59
C ASP A 757 1.54 -33.20 -8.85
N ASN A 758 2.41 -32.19 -8.95
CA ASN A 758 3.81 -32.47 -9.24
C ASN A 758 4.51 -33.20 -8.11
N LEU A 759 4.25 -32.82 -6.85
CA LEU A 759 4.90 -33.50 -5.74
C LEU A 759 4.43 -34.95 -5.62
N ALA A 760 3.13 -35.20 -5.83
CA ALA A 760 2.65 -36.57 -5.79
C ALA A 760 3.25 -37.41 -6.90
N ASN A 761 3.34 -36.84 -8.11
CA ASN A 761 3.98 -37.58 -9.21
C ASN A 761 5.44 -37.88 -8.89
N ALA A 762 6.16 -36.91 -8.34
CA ALA A 762 7.56 -37.13 -7.97
C ALA A 762 7.69 -38.23 -6.94
N GLN A 763 6.84 -38.20 -5.91
CA GLN A 763 6.91 -39.22 -4.87
C GLN A 763 6.64 -40.60 -5.44
N GLU A 764 5.60 -40.73 -6.27
CA GLU A 764 5.26 -42.02 -6.82
C GLU A 764 6.37 -42.54 -7.75
N LEU A 765 6.96 -41.67 -8.56
CA LEU A 765 8.08 -42.09 -9.39
C LEU A 765 9.26 -42.56 -8.55
N THR A 766 9.57 -41.83 -7.47
CA THR A 766 10.68 -42.22 -6.61
C THR A 766 10.44 -43.58 -5.98
N LYS A 767 9.24 -43.79 -5.43
CA LYS A 767 8.93 -45.06 -4.79
C LYS A 767 8.97 -46.20 -5.81
N ASP A 768 8.41 -45.98 -6.99
CA ASP A 768 8.41 -47.03 -8.01
C ASP A 768 9.81 -47.35 -8.48
N GLU A 769 10.66 -46.34 -8.67
CA GLU A 769 12.02 -46.62 -9.12
C GLU A 769 12.81 -47.36 -8.04
N GLN A 770 12.62 -47.00 -6.78
CA GLN A 770 13.29 -47.73 -5.70
C GLN A 770 12.83 -49.18 -5.66
N GLU A 771 11.52 -49.42 -5.76
CA GLU A 771 11.03 -50.80 -5.70
C GLU A 771 11.50 -51.60 -6.91
N GLU A 772 11.55 -50.98 -8.09
CA GLU A 772 11.95 -51.74 -9.27
C GLU A 772 13.44 -52.04 -9.25
N GLU A 773 14.27 -51.12 -8.73
CA GLU A 773 15.68 -51.44 -8.61
C GLU A 773 15.93 -52.52 -7.58
N GLU A 774 15.17 -52.51 -6.47
CA GLU A 774 15.28 -53.60 -5.52
C GLU A 774 14.89 -54.93 -6.15
N ALA A 775 13.75 -54.96 -6.85
CA ALA A 775 13.29 -56.19 -7.49
C ALA A 775 14.30 -56.68 -8.52
N ALA A 776 14.87 -55.77 -9.31
CA ALA A 776 15.88 -56.15 -10.27
C ALA A 776 17.12 -56.70 -9.59
N ASN A 777 17.51 -56.12 -8.46
CA ASN A 777 18.67 -56.64 -7.74
C ASN A 777 18.45 -58.07 -7.28
N GLN A 778 17.30 -58.35 -6.66
CA GLN A 778 17.04 -59.73 -6.23
C GLN A 778 16.93 -60.67 -7.43
N LYS A 779 16.25 -60.25 -8.50
CA LYS A 779 16.09 -61.15 -9.65
C LYS A 779 17.42 -61.44 -10.32
N LEU A 780 18.26 -60.41 -10.49
CA LEU A 780 19.58 -60.61 -11.09
C LEU A 780 20.45 -61.51 -10.21
N ALA A 781 20.42 -61.28 -8.89
CA ALA A 781 21.20 -62.13 -7.99
C ALA A 781 20.73 -63.58 -8.07
N LEU A 782 19.42 -63.80 -8.10
CA LEU A 782 18.89 -65.16 -8.19
C LEU A 782 19.29 -65.83 -9.49
N GLN A 783 19.21 -65.10 -10.60
CA GLN A 783 19.57 -65.70 -11.89
C GLN A 783 21.07 -65.97 -11.98
N LYS A 784 21.89 -65.10 -11.37
CA LYS A 784 23.33 -65.31 -11.38
C LYS A 784 23.75 -66.45 -10.47
N ALA A 785 23.02 -66.67 -9.39
CA ALA A 785 23.39 -67.71 -8.43
C ALA A 785 23.37 -69.10 -9.04
N LYS A 786 22.69 -69.28 -10.17
CA LYS A 786 22.70 -70.58 -10.83
C LYS A 786 24.09 -70.97 -11.30
N GLU A 787 24.91 -69.98 -11.68
CA GLU A 787 26.27 -70.27 -12.13
C GLU A 787 27.20 -70.61 -10.98
N VAL A 788 26.95 -70.07 -9.78
CA VAL A 788 27.78 -70.35 -8.62
C VAL A 788 27.19 -71.47 -7.75
N ALA A 789 26.07 -72.06 -8.16
CA ALA A 789 25.43 -73.08 -7.33
C ALA A 789 26.31 -74.30 -7.15
N GLU A 790 27.29 -74.48 -8.03
CA GLU A 790 28.20 -75.63 -7.90
C GLU A 790 29.05 -75.51 -6.63
N VAL A 791 29.65 -74.35 -6.40
CA VAL A 791 30.49 -74.16 -5.22
C VAL A 791 29.65 -74.14 -3.96
N SER A 792 28.54 -73.40 -3.98
CA SER A 792 27.65 -73.26 -2.83
C SER A 792 28.39 -72.75 -1.59
N ASN A 809 14.80 -55.43 5.03
CA ASN A 809 14.39 -54.77 6.26
C ASN A 809 12.90 -54.41 6.22
N GLN A 810 12.59 -53.19 6.63
CA GLN A 810 11.22 -52.69 6.64
C GLN A 810 11.13 -51.47 5.75
N LYS A 811 10.09 -51.41 4.93
CA LYS A 811 9.83 -50.20 4.17
C LYS A 811 9.33 -49.10 5.10
N PRO A 812 9.61 -47.83 4.80
CA PRO A 812 9.08 -46.76 5.65
C PRO A 812 7.57 -46.77 5.66
N ALA A 813 7.01 -46.42 6.83
CA ALA A 813 5.56 -46.42 6.97
C ALA A 813 4.93 -45.45 5.97
N LYS A 814 3.93 -45.93 5.25
CA LYS A 814 3.29 -45.12 4.22
C LYS A 814 2.50 -43.98 4.85
N SER A 815 2.53 -42.84 4.18
CA SER A 815 1.77 -41.69 4.64
C SER A 815 0.28 -41.94 4.48
N VAL A 816 -0.51 -41.10 5.18
CA VAL A 816 -1.96 -41.19 5.05
C VAL A 816 -2.38 -40.94 3.61
N TRP A 817 -1.73 -40.00 2.94
CA TRP A 817 -2.02 -39.72 1.54
C TRP A 817 -1.79 -40.95 0.68
N GLU A 818 -0.64 -41.61 0.85
CA GLU A 818 -0.33 -42.79 0.05
C GLU A 818 -1.29 -43.94 0.34
N GLN A 819 -1.61 -44.16 1.61
CA GLN A 819 -2.53 -45.24 1.95
C GLN A 819 -3.91 -45.02 1.33
N ARG A 820 -4.44 -43.80 1.48
CA ARG A 820 -5.76 -43.51 0.93
C ARG A 820 -5.72 -43.57 -0.59
N THR A 821 -4.63 -43.12 -1.21
CA THR A 821 -4.52 -43.18 -2.67
C THR A 821 -4.50 -44.63 -3.15
N SER A 822 -3.77 -45.50 -2.45
CA SER A 822 -3.76 -46.91 -2.83
C SER A 822 -5.14 -47.54 -2.66
N GLU A 823 -5.83 -47.21 -1.57
CA GLU A 823 -7.18 -47.74 -1.37
C GLU A 823 -8.12 -47.29 -2.47
N MET A 824 -8.07 -46.01 -2.84
CA MET A 824 -8.92 -45.52 -3.91
C MET A 824 -8.56 -46.15 -5.24
N ARG A 825 -7.27 -46.38 -5.49
CA ARG A 825 -6.84 -47.05 -6.71
C ARG A 825 -7.42 -48.46 -6.78
N LYS A 826 -7.33 -49.21 -5.69
CA LYS A 826 -7.89 -50.56 -5.67
C LYS A 826 -9.40 -50.53 -5.87
N GLN A 827 -10.09 -49.61 -5.20
CA GLN A 827 -11.54 -49.53 -5.34
C GLN A 827 -11.95 -49.19 -6.77
N ASN A 828 -11.22 -48.28 -7.42
CA ASN A 828 -11.54 -47.92 -8.80
C ASN A 828 -11.22 -49.06 -9.77
N LEU A 829 -10.11 -49.78 -9.55
CA LEU A 829 -9.81 -50.92 -10.40
C LEU A 829 -10.79 -52.06 -10.18
N LEU A 830 -11.43 -52.11 -9.01
CA LEU A 830 -12.46 -53.11 -8.77
C LEU A 830 -13.61 -52.97 -9.75
N ALA A 831 -13.89 -51.74 -10.22
CA ALA A 831 -14.96 -51.54 -11.18
C ALA A 831 -14.65 -52.26 -12.50
N SER A 832 -13.41 -52.15 -12.98
CA SER A 832 -12.98 -52.79 -14.21
C SER A 832 -13.87 -52.42 -15.40
N ASN A 1273 27.63 -47.40 47.22
CA ASN A 1273 26.79 -46.33 46.67
C ASN A 1273 25.36 -46.45 47.16
N PRO A 1274 25.11 -46.02 48.40
CA PRO A 1274 23.76 -46.11 48.96
C PRO A 1274 22.85 -45.00 48.45
N LEU A 1275 23.41 -43.81 48.23
CA LEU A 1275 22.61 -42.69 47.76
C LEU A 1275 22.26 -42.81 46.29
N ARG A 1276 23.09 -43.50 45.50
CA ARG A 1276 22.82 -43.63 44.07
C ARG A 1276 21.56 -44.42 43.78
N ARG A 1277 21.14 -45.30 44.68
CA ARG A 1277 19.88 -46.02 44.54
C ARG A 1277 18.72 -45.32 45.24
N LEU A 1278 18.99 -44.63 46.35
CA LEU A 1278 17.94 -43.84 47.00
C LEU A 1278 17.44 -42.74 46.07
N CYS A 1279 18.37 -42.03 45.43
CA CYS A 1279 17.98 -40.98 44.48
C CYS A 1279 17.25 -41.56 43.28
N HIS A 1280 17.68 -42.73 42.80
CA HIS A 1280 16.98 -43.40 41.71
C HIS A 1280 15.55 -43.74 42.11
N TYR A 1281 15.35 -44.19 43.35
CA TYR A 1281 14.00 -44.41 43.86
C TYR A 1281 13.21 -43.10 43.90
N ILE A 1282 13.86 -42.01 44.31
CA ILE A 1282 13.16 -40.73 44.42
C ILE A 1282 12.68 -40.25 43.06
N LEU A 1283 13.54 -40.33 42.04
CA LEU A 1283 13.14 -39.83 40.72
C LEU A 1283 12.04 -40.66 40.09
N ASN A 1284 11.82 -41.89 40.55
CA ASN A 1284 10.73 -42.72 40.06
C ASN A 1284 9.49 -42.60 40.93
N LEU A 1285 9.51 -41.70 41.92
CA LEU A 1285 8.42 -41.58 42.87
C LEU A 1285 7.35 -40.62 42.34
N ARG A 1286 6.09 -41.04 42.49
CA ARG A 1286 4.97 -40.34 41.84
C ARG A 1286 4.77 -38.94 42.41
N TYR A 1287 4.84 -38.81 43.74
CA TYR A 1287 4.67 -37.48 44.35
C TYR A 1287 5.71 -36.52 43.83
N PHE A 1288 6.93 -37.00 43.60
CA PHE A 1288 7.99 -36.14 43.10
C PHE A 1288 7.68 -35.58 41.73
N GLU A 1289 7.23 -36.43 40.80
CA GLU A 1289 6.97 -35.94 39.45
C GLU A 1289 5.76 -35.02 39.42
N MET A 1290 4.71 -35.35 40.18
CA MET A 1290 3.57 -34.44 40.25
C MET A 1290 3.97 -33.09 40.86
N CYS A 1291 4.79 -33.12 41.91
CA CYS A 1291 5.26 -31.87 42.51
C CYS A 1291 6.08 -31.06 41.53
N ILE A 1292 6.94 -31.72 40.75
CA ILE A 1292 7.76 -31.00 39.78
C ILE A 1292 6.89 -30.35 38.72
N LEU A 1293 5.88 -31.08 38.22
CA LEU A 1293 4.98 -30.49 37.25
C LEU A 1293 4.23 -29.30 37.83
N MET A 1294 3.77 -29.42 39.08
CA MET A 1294 3.07 -28.31 39.72
C MET A 1294 3.97 -27.10 39.88
N VAL A 1295 5.23 -27.32 40.27
CA VAL A 1295 6.16 -26.22 40.46
C VAL A 1295 6.48 -25.55 39.12
N ILE A 1296 6.61 -26.34 38.06
CA ILE A 1296 6.87 -25.76 36.74
C ILE A 1296 5.69 -24.91 36.29
N ALA A 1297 4.47 -25.42 36.50
CA ALA A 1297 3.28 -24.64 36.15
C ALA A 1297 3.20 -23.35 36.95
N MET A 1298 3.51 -23.41 38.25
CA MET A 1298 3.50 -22.20 39.06
C MET A 1298 4.57 -21.21 38.59
N SER A 1299 5.73 -21.72 38.17
CA SER A 1299 6.78 -20.84 37.66
C SER A 1299 6.31 -20.14 36.38
N SER A 1300 5.69 -20.90 35.47
CA SER A 1300 5.19 -20.30 34.24
C SER A 1300 4.15 -19.24 34.53
N ILE A 1301 3.24 -19.51 35.47
CA ILE A 1301 2.22 -18.52 35.81
C ILE A 1301 2.85 -17.29 36.45
N ALA A 1302 3.88 -17.49 37.28
CA ALA A 1302 4.54 -16.36 37.93
C ALA A 1302 5.24 -15.48 36.92
N LEU A 1303 5.85 -16.07 35.90
CA LEU A 1303 6.51 -15.28 34.87
C LEU A 1303 5.56 -14.34 34.15
N ALA A 1304 4.26 -14.63 34.15
CA ALA A 1304 3.29 -13.81 33.45
C ALA A 1304 2.71 -12.70 34.31
N ALA A 1305 3.13 -12.59 35.57
CA ALA A 1305 2.57 -11.59 36.47
C ALA A 1305 3.53 -10.46 36.81
N GLU A 1306 4.76 -10.49 36.32
CA GLU A 1306 5.70 -9.42 36.61
C GLU A 1306 5.30 -8.13 35.90
N ASP A 1307 5.82 -7.02 36.42
CA ASP A 1307 5.52 -5.71 35.87
C ASP A 1307 6.73 -5.19 35.10
N PRO A 1308 6.72 -5.21 33.77
CA PRO A 1308 7.87 -4.70 33.01
C PRO A 1308 8.12 -3.21 33.22
N VAL A 1309 7.08 -2.42 33.42
CA VAL A 1309 7.24 -0.97 33.45
C VAL A 1309 8.03 -0.53 34.69
N GLN A 1310 7.64 -1.02 35.86
CA GLN A 1310 8.22 -0.53 37.10
C GLN A 1310 9.03 -1.63 37.79
N PRO A 1311 10.37 -1.58 37.74
CA PRO A 1311 11.15 -2.58 38.46
C PRO A 1311 10.91 -2.57 39.96
N ASN A 1312 10.63 -1.42 40.55
CA ASN A 1312 10.42 -1.29 41.99
C ASN A 1312 8.95 -1.43 42.39
N ALA A 1313 8.13 -2.04 41.53
CA ALA A 1313 6.73 -2.25 41.88
C ALA A 1313 6.62 -3.25 43.03
N PRO A 1314 5.58 -3.12 43.86
CA PRO A 1314 5.44 -4.06 44.99
C PRO A 1314 5.28 -5.51 44.57
N ARG A 1315 4.78 -5.77 43.36
CA ARG A 1315 4.54 -7.14 42.94
C ARG A 1315 5.83 -7.87 42.55
N ASN A 1316 6.76 -7.13 41.94
CA ASN A 1316 8.04 -7.74 41.57
C ASN A 1316 8.84 -8.16 42.80
N ASN A 1317 8.78 -7.35 43.87
CA ASN A 1317 9.47 -7.70 45.09
C ASN A 1317 8.95 -9.01 45.67
N VAL A 1318 7.63 -9.20 45.63
CA VAL A 1318 7.04 -10.46 46.10
C VAL A 1318 7.45 -11.60 45.18
N LEU A 1319 7.40 -11.38 43.87
CA LEU A 1319 7.70 -12.45 42.92
C LEU A 1319 9.17 -12.88 42.99
N ARG A 1320 10.04 -12.01 43.49
CA ARG A 1320 11.45 -12.39 43.63
C ARG A 1320 11.62 -13.60 44.54
N TYR A 1321 10.89 -13.65 45.65
CA TYR A 1321 11.01 -14.79 46.55
C TYR A 1321 10.43 -16.07 45.95
N PHE A 1322 9.37 -15.94 45.15
CA PHE A 1322 8.90 -17.08 44.37
C PHE A 1322 10.00 -17.58 43.44
N ASP A 1323 10.73 -16.65 42.82
CA ASP A 1323 11.86 -17.04 41.97
C ASP A 1323 12.92 -17.78 42.78
N TYR A 1324 13.23 -17.30 43.98
CA TYR A 1324 14.16 -18.01 44.85
C TYR A 1324 13.70 -19.44 45.11
N VAL A 1325 12.43 -19.62 45.47
CA VAL A 1325 11.91 -20.95 45.80
C VAL A 1325 11.98 -21.86 44.59
N PHE A 1326 11.55 -21.36 43.43
CA PHE A 1326 11.57 -22.18 42.22
C PHE A 1326 12.99 -22.55 41.85
N THR A 1327 13.93 -21.61 41.97
CA THR A 1327 15.33 -21.92 41.67
C THR A 1327 15.88 -22.98 42.61
N GLY A 1328 15.52 -22.91 43.89
CA GLY A 1328 15.96 -23.93 44.82
C GLY A 1328 15.42 -25.31 44.47
N VAL A 1329 14.14 -25.37 44.11
CA VAL A 1329 13.54 -26.65 43.72
C VAL A 1329 14.25 -27.21 42.50
N PHE A 1330 14.53 -26.35 41.51
CA PHE A 1330 15.19 -26.82 40.30
C PHE A 1330 16.63 -27.25 40.59
N THR A 1331 17.31 -26.56 41.51
CA THR A 1331 18.64 -27.00 41.91
C THR A 1331 18.61 -28.39 42.52
N PHE A 1332 17.65 -28.64 43.40
CA PHE A 1332 17.54 -29.97 44.00
C PHE A 1332 17.27 -31.04 42.94
N GLU A 1333 16.36 -30.74 42.01
CA GLU A 1333 16.04 -31.71 40.96
C GLU A 1333 17.26 -31.99 40.10
N MET A 1334 18.00 -30.95 39.70
CA MET A 1334 19.19 -31.16 38.89
C MET A 1334 20.25 -31.96 39.64
N VAL A 1335 20.47 -31.65 40.91
CA VAL A 1335 21.55 -32.32 41.63
C VAL A 1335 21.22 -33.79 41.84
N ILE A 1336 19.94 -34.11 42.11
CA ILE A 1336 19.58 -35.51 42.27
C ILE A 1336 19.69 -36.26 40.94
N LYS A 1337 19.31 -35.60 39.84
CA LYS A 1337 19.48 -36.24 38.53
C LYS A 1337 20.94 -36.45 38.19
N MET A 1338 21.80 -35.50 38.58
CA MET A 1338 23.24 -35.68 38.43
C MET A 1338 23.74 -36.86 39.23
N ILE A 1339 23.25 -37.03 40.46
CA ILE A 1339 23.69 -38.15 41.29
C ILE A 1339 23.34 -39.47 40.61
N ASP A 1340 22.11 -39.59 40.10
CA ASP A 1340 21.73 -40.85 39.46
C ASP A 1340 22.46 -41.05 38.14
N LEU A 1341 22.46 -40.05 37.26
CA LEU A 1341 23.02 -40.26 35.93
C LEU A 1341 24.53 -40.26 35.95
N GLY A 1342 25.16 -39.38 36.72
CA GLY A 1342 26.60 -39.30 36.77
C GLY A 1342 27.16 -38.40 35.68
N LEU A 1343 28.49 -38.27 35.69
CA LEU A 1343 29.18 -37.38 34.76
C LEU A 1343 30.29 -38.06 33.97
N VAL A 1344 30.87 -39.16 34.45
CA VAL A 1344 32.05 -39.72 33.82
C VAL A 1344 31.67 -40.73 32.73
N LEU A 1345 31.36 -40.20 31.55
CA LEU A 1345 31.16 -40.95 30.31
C LEU A 1345 30.40 -42.26 30.54
N HIS A 1346 29.29 -42.20 31.27
CA HIS A 1346 28.47 -43.39 31.44
C HIS A 1346 27.67 -43.74 30.20
N GLN A 1347 27.64 -42.84 29.20
CA GLN A 1347 26.94 -42.96 27.92
C GLN A 1347 25.43 -42.92 28.11
N GLY A 1348 24.94 -42.84 29.34
CA GLY A 1348 23.53 -42.55 29.61
C GLY A 1348 23.46 -41.41 30.60
N ALA A 1349 24.50 -40.58 30.60
CA ALA A 1349 24.69 -39.55 31.62
C ALA A 1349 23.80 -38.34 31.33
N TYR A 1350 23.95 -37.32 32.19
CA TYR A 1350 23.14 -36.12 32.14
C TYR A 1350 23.28 -35.37 30.82
N PHE A 1351 24.51 -34.99 30.47
CA PHE A 1351 24.75 -34.07 29.37
C PHE A 1351 24.61 -34.73 27.99
N ARG A 1352 24.03 -35.92 27.90
CA ARG A 1352 23.85 -36.54 26.58
C ARG A 1352 22.54 -36.12 25.94
N ASP A 1353 21.50 -35.88 26.74
CA ASP A 1353 20.19 -35.54 26.22
C ASP A 1353 19.97 -34.03 26.36
N LEU A 1354 19.50 -33.41 25.27
CA LEU A 1354 19.50 -31.95 25.16
C LEU A 1354 18.68 -31.29 26.26
N TRP A 1355 17.56 -31.91 26.64
CA TRP A 1355 16.71 -31.33 27.67
C TRP A 1355 17.46 -31.13 28.98
N ASN A 1356 18.37 -32.05 29.30
CA ASN A 1356 19.19 -31.88 30.50
C ASN A 1356 20.09 -30.65 30.39
N ILE A 1357 20.68 -30.42 29.21
CA ILE A 1357 21.48 -29.21 29.02
C ILE A 1357 20.61 -27.98 29.15
N LEU A 1358 19.38 -28.02 28.65
CA LEU A 1358 18.47 -26.88 28.78
C LEU A 1358 18.18 -26.59 30.25
N ASP A 1359 17.89 -27.64 31.03
CA ASP A 1359 17.62 -27.46 32.45
C ASP A 1359 18.85 -26.90 33.17
N PHE A 1360 20.04 -27.42 32.81
CA PHE A 1360 21.28 -26.90 33.39
C PHE A 1360 21.48 -25.44 33.06
N ILE A 1361 21.20 -25.03 31.81
CA ILE A 1361 21.34 -23.63 31.44
C ILE A 1361 20.40 -22.77 32.28
N VAL A 1362 19.15 -23.21 32.42
CA VAL A 1362 18.18 -22.42 33.19
C VAL A 1362 18.66 -22.24 34.63
N VAL A 1363 19.03 -23.34 35.29
CA VAL A 1363 19.37 -23.26 36.71
C VAL A 1363 20.69 -22.51 36.92
N SER A 1364 21.68 -22.76 36.05
CA SER A 1364 22.96 -22.06 36.16
C SER A 1364 22.78 -20.57 35.91
N GLY A 1365 21.94 -20.20 34.95
CA GLY A 1365 21.64 -18.80 34.74
C GLY A 1365 21.00 -18.15 35.95
N ALA A 1366 20.05 -18.85 36.57
CA ALA A 1366 19.43 -18.32 37.79
C ALA A 1366 20.47 -18.10 38.88
N LEU A 1367 21.32 -19.11 39.12
CA LEU A 1367 22.33 -18.97 40.17
C LEU A 1367 23.33 -17.86 39.87
N VAL A 1368 23.76 -17.75 38.61
CA VAL A 1368 24.70 -16.69 38.24
C VAL A 1368 24.06 -15.32 38.42
N ALA A 1369 22.79 -15.19 38.04
CA ALA A 1369 22.09 -13.93 38.24
C ALA A 1369 22.02 -13.57 39.72
N PHE A 1370 21.75 -14.56 40.58
CA PHE A 1370 21.77 -14.30 42.01
C PHE A 1370 23.17 -13.91 42.47
N ALA A 1371 24.20 -14.48 41.85
CA ALA A 1371 25.57 -14.20 42.25
C ALA A 1371 25.98 -12.77 41.92
N PHE A 1372 25.65 -12.28 40.72
CA PHE A 1372 26.12 -10.96 40.32
C PHE A 1372 25.53 -9.82 41.16
N THR A 1373 24.32 -10.01 41.64
CA THR A 1373 23.71 -8.93 42.37
C THR A 1373 24.20 -9.09 43.78
N GLY A 1374 25.23 -9.92 43.94
CA GLY A 1374 25.78 -10.17 45.27
C GLY A 1374 26.31 -8.90 45.88
N ASN A 1375 27.01 -8.08 45.09
CA ASN A 1375 27.46 -6.78 45.59
C ASN A 1375 27.33 -5.72 44.50
N SER A 1376 27.04 -4.47 44.86
CA SER A 1376 27.04 -3.37 43.88
C SER A 1376 26.25 -3.46 42.58
N LYS A 1377 24.96 -3.74 42.63
CA LYS A 1377 24.16 -3.91 41.40
C LYS A 1377 24.31 -2.89 40.25
N GLY A 1378 24.72 -1.64 40.52
CA GLY A 1378 24.78 -0.64 39.48
C GLY A 1378 25.92 -0.81 38.49
N LYS A 1379 26.86 -1.72 38.77
CA LYS A 1379 28.00 -1.89 37.86
C LYS A 1379 27.54 -2.35 36.48
N ASP A 1380 26.75 -3.42 36.43
CA ASP A 1380 26.19 -3.95 35.19
C ASP A 1380 24.77 -4.41 35.46
N ILE A 1381 23.80 -3.73 34.85
CA ILE A 1381 22.39 -4.12 34.96
C ILE A 1381 21.95 -4.96 33.76
N ASN A 1382 22.55 -4.75 32.59
CA ASN A 1382 22.22 -5.58 31.43
C ASN A 1382 22.58 -7.04 31.68
N THR A 1383 23.64 -7.28 32.46
CA THR A 1383 24.04 -8.64 32.76
C THR A 1383 22.95 -9.38 33.53
N ILE A 1384 22.44 -8.79 34.61
CA ILE A 1384 21.37 -9.44 35.36
C ILE A 1384 20.08 -9.46 34.55
N LYS A 1385 19.88 -8.46 33.69
CA LYS A 1385 18.69 -8.41 32.85
C LYS A 1385 18.62 -9.60 31.90
N SER A 1386 19.72 -9.91 31.23
CA SER A 1386 19.74 -11.04 30.31
C SER A 1386 19.53 -12.36 31.04
N LEU A 1387 20.14 -12.52 32.22
CA LEU A 1387 19.97 -13.75 32.97
C LEU A 1387 18.55 -13.88 33.50
N ARG A 1388 17.89 -12.76 33.83
CA ARG A 1388 16.47 -12.80 34.15
C ARG A 1388 15.65 -13.21 32.93
N VAL A 1389 16.01 -12.71 31.75
CA VAL A 1389 15.32 -13.07 30.52
C VAL A 1389 15.45 -14.56 30.26
N LEU A 1390 16.56 -15.16 30.68
CA LEU A 1390 16.77 -16.59 30.46
C LEU A 1390 15.72 -17.46 31.15
N ARG A 1391 14.96 -16.92 32.10
CA ARG A 1391 13.98 -17.71 32.83
C ARG A 1391 12.85 -18.21 31.95
N VAL A 1392 12.68 -17.64 30.75
CA VAL A 1392 11.50 -17.95 29.93
C VAL A 1392 11.49 -19.40 29.46
N LEU A 1393 12.58 -20.14 29.65
CA LEU A 1393 12.63 -21.53 29.21
C LEU A 1393 11.89 -22.48 30.15
N ARG A 1394 11.39 -22.00 31.28
CA ARG A 1394 10.66 -22.87 32.20
C ARG A 1394 9.43 -23.53 31.55
N PRO A 1395 8.61 -22.84 30.75
CA PRO A 1395 7.50 -23.54 30.08
C PRO A 1395 7.95 -24.74 29.27
N LEU A 1396 9.11 -24.66 28.62
CA LEU A 1396 9.60 -25.75 27.79
C LEU A 1396 9.92 -27.00 28.59
N LYS A 1397 10.01 -26.91 29.91
CA LYS A 1397 10.34 -28.05 30.75
C LYS A 1397 9.18 -29.03 30.93
N THR A 1398 8.07 -28.82 30.23
CA THR A 1398 6.95 -29.75 30.25
C THR A 1398 6.85 -30.61 29.00
N ILE A 1399 7.56 -30.26 27.93
CA ILE A 1399 7.49 -31.03 26.69
C ILE A 1399 8.00 -32.45 26.93
N LYS A 1400 9.12 -32.58 27.63
CA LYS A 1400 9.63 -33.91 27.94
C LYS A 1400 8.79 -34.61 28.98
N ARG A 1401 8.25 -33.84 29.93
CA ARG A 1401 7.50 -34.43 31.04
C ARG A 1401 6.08 -34.81 30.72
N LEU A 1402 5.55 -34.38 29.59
CA LEU A 1402 4.25 -34.80 29.10
C LEU A 1402 4.44 -35.65 27.86
N PRO A 1403 4.22 -36.97 27.93
CA PRO A 1403 4.52 -37.83 26.77
C PRO A 1403 3.81 -37.43 25.49
N LYS A 1404 2.55 -37.00 25.59
CA LYS A 1404 1.80 -36.63 24.38
C LYS A 1404 2.34 -35.33 23.79
N LEU A 1405 2.70 -34.37 24.64
CA LEU A 1405 3.28 -33.13 24.13
C LEU A 1405 4.60 -33.39 23.42
N LYS A 1406 5.41 -34.30 23.95
CA LYS A 1406 6.61 -34.72 23.23
C LYS A 1406 6.27 -35.45 21.93
N ALA A 1407 5.17 -36.21 21.90
CA ALA A 1407 4.75 -36.86 20.67
C ALA A 1407 4.25 -35.87 19.62
N VAL A 1408 3.84 -34.67 20.02
CA VAL A 1408 3.52 -33.60 19.08
C VAL A 1408 4.77 -32.85 18.65
N PHE A 1409 5.67 -32.59 19.59
CA PHE A 1409 6.93 -31.92 19.25
C PHE A 1409 7.74 -32.75 18.27
N ASP A 1410 7.77 -34.07 18.46
CA ASP A 1410 8.48 -34.94 17.51
C ASP A 1410 7.84 -34.92 16.13
N CYS A 1411 6.51 -34.83 16.07
CA CYS A 1411 5.85 -34.71 14.77
C CYS A 1411 6.23 -33.39 14.09
N VAL A 1412 6.30 -32.30 14.86
CA VAL A 1412 6.74 -31.03 14.29
C VAL A 1412 8.17 -31.15 13.77
N VAL A 1413 9.03 -31.86 14.52
CA VAL A 1413 10.41 -32.03 14.10
C VAL A 1413 10.49 -32.84 12.81
N ASN A 1414 9.68 -33.89 12.69
CA ASN A 1414 9.64 -34.66 11.45
C ASN A 1414 9.15 -33.81 10.29
N SER A 1415 8.16 -32.95 10.54
CA SER A 1415 7.70 -32.05 9.49
C SER A 1415 8.80 -31.11 9.03
N LEU A 1416 9.61 -30.62 9.98
CA LEU A 1416 10.78 -29.83 9.59
C LEU A 1416 11.76 -30.66 8.77
N LYS A 1417 11.99 -31.92 9.17
CA LYS A 1417 12.97 -32.74 8.49
C LYS A 1417 12.55 -33.05 7.06
N ASN A 1418 11.23 -33.23 6.83
CA ASN A 1418 10.77 -33.62 5.51
C ASN A 1418 10.95 -32.51 4.48
N VAL A 1419 10.89 -31.25 4.91
CA VAL A 1419 10.87 -30.13 3.98
C VAL A 1419 12.21 -29.40 3.97
N PHE A 1420 13.25 -30.03 4.51
CA PHE A 1420 14.54 -29.35 4.60
C PHE A 1420 15.14 -29.04 3.23
N ASN A 1421 15.10 -29.98 2.29
CA ASN A 1421 15.71 -29.75 0.99
C ASN A 1421 14.98 -28.65 0.21
N ILE A 1422 13.65 -28.64 0.26
CA ILE A 1422 12.91 -27.55 -0.35
C ILE A 1422 13.25 -26.23 0.33
N LEU A 1423 13.51 -26.27 1.64
CA LEU A 1423 13.92 -25.06 2.34
C LEU A 1423 15.28 -24.57 1.84
N ILE A 1424 16.20 -25.49 1.56
CA ILE A 1424 17.50 -25.10 1.02
C ILE A 1424 17.33 -24.45 -0.35
N VAL A 1425 16.50 -25.06 -1.21
CA VAL A 1425 16.26 -24.46 -2.53
C VAL A 1425 15.63 -23.09 -2.39
N TYR A 1426 14.68 -22.95 -1.45
CA TYR A 1426 14.03 -21.66 -1.23
C TYR A 1426 15.03 -20.61 -0.79
N MET A 1427 15.93 -20.97 0.12
CA MET A 1427 16.95 -20.03 0.57
C MET A 1427 17.90 -19.64 -0.56
N LEU A 1428 18.28 -20.60 -1.40
CA LEU A 1428 19.15 -20.28 -2.53
C LEU A 1428 18.48 -19.31 -3.49
N PHE A 1429 17.22 -19.56 -3.82
CA PHE A 1429 16.51 -18.65 -4.73
C PHE A 1429 16.34 -17.26 -4.12
N MET A 1430 16.01 -17.20 -2.83
CA MET A 1430 15.88 -15.90 -2.19
C MET A 1430 17.22 -15.18 -2.12
N PHE A 1431 18.32 -15.91 -1.95
CA PHE A 1431 19.63 -15.29 -1.97
C PHE A 1431 19.94 -14.70 -3.34
N ILE A 1432 19.60 -15.43 -4.41
CA ILE A 1432 19.81 -14.91 -5.75
C ILE A 1432 19.01 -13.64 -5.97
N PHE A 1433 17.73 -13.66 -5.55
CA PHE A 1433 16.89 -12.48 -5.70
C PHE A 1433 17.42 -11.31 -4.88
N ALA A 1434 17.90 -11.58 -3.67
CA ALA A 1434 18.45 -10.52 -2.84
C ALA A 1434 19.69 -9.90 -3.46
N VAL A 1435 20.57 -10.72 -4.04
CA VAL A 1435 21.75 -10.20 -4.71
C VAL A 1435 21.35 -9.33 -5.90
N VAL A 1436 20.38 -9.78 -6.69
CA VAL A 1436 19.93 -8.99 -7.83
C VAL A 1436 19.35 -7.66 -7.36
N ALA A 1437 18.54 -7.69 -6.30
CA ALA A 1437 17.96 -6.46 -5.77
C ALA A 1437 19.04 -5.52 -5.24
N VAL A 1438 20.09 -6.07 -4.62
CA VAL A 1438 21.21 -5.24 -4.20
C VAL A 1438 21.85 -4.56 -5.40
N GLN A 1439 22.04 -5.30 -6.50
CA GLN A 1439 22.63 -4.70 -7.69
C GLN A 1439 21.76 -3.59 -8.23
N LEU A 1440 20.43 -3.79 -8.25
CA LEU A 1440 19.55 -2.79 -8.86
C LEU A 1440 19.38 -1.57 -7.97
N PHE A 1441 19.20 -1.75 -6.65
CA PHE A 1441 18.77 -0.68 -5.76
C PHE A 1441 19.79 -0.41 -4.68
N LYS A 1442 21.07 -0.34 -5.02
CA LYS A 1442 22.12 -0.06 -4.05
C LYS A 1442 22.32 1.44 -3.93
N GLY A 1443 22.00 2.00 -2.76
CA GLY A 1443 22.20 3.40 -2.52
C GLY A 1443 21.18 4.32 -3.15
N LYS A 1444 20.15 3.77 -3.80
CA LYS A 1444 19.13 4.56 -4.47
C LYS A 1444 17.93 4.85 -3.56
N PHE A 1445 17.94 4.36 -2.33
CA PHE A 1445 16.82 4.50 -1.40
C PHE A 1445 17.03 5.63 -0.41
N PHE A 1446 17.67 6.71 -0.84
CA PHE A 1446 17.84 7.90 -0.04
C PHE A 1446 16.82 8.95 -0.45
N HIS A 1447 16.15 9.54 0.54
CA HIS A 1447 15.20 10.60 0.27
C HIS A 1447 15.48 11.76 1.20
N CYS A 1448 14.71 12.82 1.05
CA CYS A 1448 14.88 14.03 1.85
C CYS A 1448 13.54 14.45 2.43
N THR A 1449 13.58 15.11 3.59
CA THR A 1449 12.35 15.59 4.19
C THR A 1449 11.66 16.59 3.28
N ASP A 1450 12.42 17.49 2.67
CA ASP A 1450 11.93 18.38 1.64
C ASP A 1450 12.08 17.69 0.30
N GLU A 1451 10.97 17.46 -0.39
CA GLU A 1451 10.99 16.69 -1.63
C GLU A 1451 11.66 17.45 -2.78
N SER A 1452 11.75 18.78 -2.70
CA SER A 1452 12.28 19.56 -3.81
C SER A 1452 13.80 19.44 -3.96
N LYS A 1453 14.50 18.94 -2.95
CA LYS A 1453 15.95 18.82 -2.99
C LYS A 1453 16.35 17.40 -3.34
N GLU A 1454 17.19 17.25 -4.36
CA GLU A 1454 17.57 15.93 -4.85
C GLU A 1454 18.81 15.37 -4.19
N PHE A 1455 19.81 16.21 -3.92
CA PHE A 1455 21.10 15.75 -3.44
C PHE A 1455 21.27 16.00 -1.95
N GLU A 1456 22.37 15.50 -1.40
CA GLU A 1456 22.60 15.60 0.04
C GLU A 1456 23.00 17.01 0.44
N LYS A 1457 23.85 17.67 -0.35
CA LYS A 1457 24.35 18.99 0.01
C LYS A 1457 23.21 20.00 0.09
N ASP A 1458 22.16 19.81 -0.70
CA ASP A 1458 21.03 20.74 -0.70
C ASP A 1458 20.12 20.55 0.50
N CYS A 1459 20.15 19.37 1.13
CA CYS A 1459 19.21 19.05 2.21
C CYS A 1459 19.78 19.48 3.56
N ARG A 1460 19.92 20.78 3.73
CA ARG A 1460 20.39 21.36 4.99
C ARG A 1460 19.64 22.66 5.24
N GLY A 1461 19.38 22.93 6.51
CA GLY A 1461 18.67 24.14 6.88
C GLY A 1461 17.22 23.89 7.28
N LYS A 1462 16.34 24.83 6.95
CA LYS A 1462 14.93 24.71 7.29
C LYS A 1462 14.09 24.92 6.04
N TYR A 1463 12.93 24.26 6.00
CA TYR A 1463 12.00 24.38 4.89
C TYR A 1463 10.59 24.54 5.44
N LEU A 1464 9.73 25.16 4.64
CA LEU A 1464 8.36 25.43 5.05
C LEU A 1464 7.47 24.25 4.68
N LEU A 1465 6.82 23.67 5.69
CA LEU A 1465 5.91 22.56 5.47
C LEU A 1465 4.50 23.11 5.33
N TYR A 1466 3.97 23.09 4.11
CA TYR A 1466 2.67 23.69 3.82
C TYR A 1466 1.58 22.67 4.13
N GLU A 1467 1.05 22.74 5.35
CA GLU A 1467 0.00 21.86 5.81
C GLU A 1467 -1.36 22.56 5.66
N LYS A 1468 -2.42 21.76 5.76
CA LYS A 1468 -3.77 22.29 5.63
C LYS A 1468 -4.04 23.32 6.71
N ASN A 1469 -4.22 24.57 6.29
CA ASN A 1469 -4.61 25.73 7.10
C ASN A 1469 -3.50 26.22 8.04
N GLU A 1470 -2.35 25.54 8.10
CA GLU A 1470 -1.23 26.02 8.88
C GLU A 1470 0.07 25.79 8.11
N VAL A 1471 0.98 26.74 8.20
CA VAL A 1471 2.32 26.64 7.64
C VAL A 1471 3.30 26.46 8.78
N LYS A 1472 4.10 25.40 8.71
CA LYS A 1472 5.02 25.04 9.78
C LYS A 1472 6.43 24.96 9.22
N ALA A 1473 7.39 25.48 9.98
CA ALA A 1473 8.80 25.41 9.60
C ALA A 1473 9.43 24.16 10.20
N ARG A 1474 10.04 23.34 9.35
CA ARG A 1474 10.68 22.10 9.77
C ARG A 1474 12.10 22.08 9.22
N ASP A 1475 12.85 21.05 9.60
CA ASP A 1475 14.23 20.89 9.17
C ASP A 1475 14.32 19.86 8.05
N ARG A 1476 15.32 20.05 7.19
CA ARG A 1476 15.59 19.11 6.11
C ARG A 1476 16.53 18.03 6.60
N GLU A 1477 16.17 16.77 6.36
CA GLU A 1477 16.96 15.63 6.79
C GLU A 1477 17.17 14.68 5.63
N TRP A 1478 18.41 14.21 5.45
CA TRP A 1478 18.75 13.28 4.38
C TRP A 1478 18.64 11.86 4.92
N LYS A 1479 17.41 11.39 5.03
CA LYS A 1479 17.15 10.09 5.63
C LYS A 1479 17.16 8.98 4.60
N LYS A 1480 17.46 7.78 5.08
CA LYS A 1480 17.32 6.57 4.27
C LYS A 1480 15.96 5.94 4.54
N TYR A 1481 15.45 5.23 3.54
CA TYR A 1481 14.15 4.59 3.70
C TYR A 1481 14.23 3.47 4.74
N GLU A 1482 13.08 3.15 5.32
CA GLU A 1482 13.04 2.19 6.42
C GLU A 1482 13.52 0.82 5.98
N PHE A 1483 13.08 0.35 4.82
CA PHE A 1483 13.48 -0.94 4.27
C PHE A 1483 14.13 -0.70 2.92
N HIS A 1484 15.42 -0.96 2.83
CA HIS A 1484 16.22 -0.67 1.65
C HIS A 1484 16.91 -1.94 1.16
N TYR A 1485 17.74 -1.77 0.12
CA TYR A 1485 18.58 -2.83 -0.43
C TYR A 1485 20.01 -2.29 -0.45
N ASP A 1486 20.70 -2.40 0.67
CA ASP A 1486 22.08 -1.91 0.76
C ASP A 1486 23.11 -3.02 0.72
N ASN A 1487 22.90 -4.09 1.47
CA ASN A 1487 23.72 -5.29 1.37
C ASN A 1487 22.79 -6.50 1.26
N VAL A 1488 23.38 -7.70 1.29
CA VAL A 1488 22.58 -8.90 1.12
C VAL A 1488 21.63 -9.10 2.30
N LEU A 1489 22.06 -8.74 3.51
CA LEU A 1489 21.21 -8.94 4.68
C LEU A 1489 19.99 -8.03 4.66
N TRP A 1490 20.18 -6.74 4.34
CA TRP A 1490 19.05 -5.84 4.24
C TRP A 1490 18.11 -6.25 3.11
N ALA A 1491 18.67 -6.71 1.99
CA ALA A 1491 17.83 -7.18 0.89
C ALA A 1491 17.03 -8.39 1.31
N LEU A 1492 17.64 -9.33 2.03
CA LEU A 1492 16.92 -10.51 2.49
C LEU A 1492 15.79 -10.12 3.45
N LEU A 1493 16.06 -9.19 4.37
CA LEU A 1493 15.00 -8.75 5.28
C LEU A 1493 13.86 -8.08 4.53
N THR A 1494 14.18 -7.21 3.57
CA THR A 1494 13.14 -6.54 2.80
C THR A 1494 12.33 -7.54 1.98
N LEU A 1495 12.99 -8.52 1.38
CA LEU A 1495 12.26 -9.52 0.61
C LEU A 1495 11.40 -10.41 1.50
N PHE A 1496 11.86 -10.72 2.72
CA PHE A 1496 11.00 -11.45 3.65
C PHE A 1496 9.77 -10.64 4.01
N THR A 1497 9.95 -9.33 4.26
CA THR A 1497 8.81 -8.48 4.56
C THR A 1497 7.84 -8.44 3.38
N VAL A 1498 8.36 -8.37 2.16
CA VAL A 1498 7.51 -8.38 0.97
C VAL A 1498 6.76 -9.71 0.86
N SER A 1499 7.44 -10.82 1.12
CA SER A 1499 6.80 -12.13 1.02
C SER A 1499 5.69 -12.29 2.04
N THR A 1500 5.89 -11.78 3.26
CA THR A 1500 4.81 -11.79 4.24
C THR A 1500 3.64 -10.93 3.83
N GLY A 1501 3.82 -10.03 2.85
CA GLY A 1501 2.76 -9.24 2.31
C GLY A 1501 2.61 -7.85 2.90
N GLU A 1502 3.30 -7.57 3.99
CA GLU A 1502 3.13 -6.29 4.68
C GLU A 1502 4.01 -5.21 4.06
N GLY A 1503 3.39 -4.10 3.66
CA GLY A 1503 4.12 -2.94 3.23
C GLY A 1503 4.87 -3.06 1.92
N TRP A 1504 4.60 -4.10 1.13
CA TRP A 1504 5.30 -4.22 -0.15
C TRP A 1504 4.89 -3.15 -1.16
N PRO A 1505 3.67 -2.60 -1.17
CA PRO A 1505 3.40 -1.48 -2.09
C PRO A 1505 4.31 -0.28 -1.86
N GLN A 1506 4.65 0.02 -0.61
CA GLN A 1506 5.60 1.11 -0.36
C GLN A 1506 6.97 0.78 -0.92
N VAL A 1507 7.41 -0.47 -0.79
CA VAL A 1507 8.69 -0.87 -1.36
C VAL A 1507 8.65 -0.76 -2.87
N LEU A 1508 7.52 -1.12 -3.49
CA LEU A 1508 7.38 -0.99 -4.93
C LEU A 1508 7.44 0.47 -5.36
N LYS A 1509 6.78 1.36 -4.63
CA LYS A 1509 6.84 2.78 -4.95
C LYS A 1509 8.26 3.31 -4.83
N HIS A 1510 8.96 2.92 -3.77
CA HIS A 1510 10.34 3.36 -3.60
C HIS A 1510 11.24 2.85 -4.72
N SER A 1511 11.02 1.60 -5.14
CA SER A 1511 11.81 1.02 -6.21
C SER A 1511 11.56 1.73 -7.54
N VAL A 1512 10.29 2.02 -7.85
CA VAL A 1512 9.98 2.68 -9.11
C VAL A 1512 10.30 4.16 -9.09
N ASP A 1513 10.52 4.75 -7.91
CA ASP A 1513 10.94 6.14 -7.81
C ASP A 1513 12.45 6.30 -7.70
N ALA A 1514 13.21 5.21 -7.72
CA ALA A 1514 14.65 5.30 -7.53
C ALA A 1514 15.32 5.85 -8.78
N THR A 1515 16.08 6.94 -8.62
CA THR A 1515 16.73 7.58 -9.76
C THR A 1515 18.16 7.12 -9.95
N PHE A 1516 19.01 7.38 -8.96
CA PHE A 1516 20.44 7.10 -9.09
C PHE A 1516 21.02 6.98 -7.69
N GLU A 1517 22.29 6.60 -7.63
CA GLU A 1517 22.99 6.46 -6.35
C GLU A 1517 23.17 7.83 -5.72
N ASN A 1518 22.88 7.92 -4.42
CA ASN A 1518 23.01 9.16 -3.66
C ASN A 1518 22.22 10.30 -4.30
N GLN A 1519 20.97 10.00 -4.67
CA GLN A 1519 20.10 10.99 -5.30
C GLN A 1519 18.67 10.75 -4.86
N GLY A 1520 17.92 11.84 -4.72
CA GLY A 1520 16.55 11.77 -4.26
C GLY A 1520 15.63 11.12 -5.27
N PRO A 1521 14.49 10.61 -4.79
CA PRO A 1521 13.55 9.95 -5.70
C PRO A 1521 12.84 10.93 -6.60
N SER A 1522 12.42 10.42 -7.77
CA SER A 1522 11.60 11.17 -8.71
C SER A 1522 10.43 10.27 -9.09
N PRO A 1523 9.19 10.70 -8.87
CA PRO A 1523 8.05 9.80 -9.10
C PRO A 1523 7.98 9.31 -10.54
N GLY A 1524 7.64 8.01 -10.68
CA GLY A 1524 7.46 7.42 -11.98
C GLY A 1524 8.69 7.37 -12.86
N TYR A 1525 9.89 7.42 -12.26
CA TYR A 1525 11.11 7.41 -13.06
C TYR A 1525 11.25 6.11 -13.83
N ARG A 1526 11.37 4.99 -13.12
CA ARG A 1526 11.60 3.68 -13.72
C ARG A 1526 10.45 2.75 -13.35
N MET A 1527 9.39 2.79 -14.14
CA MET A 1527 8.22 1.97 -13.89
C MET A 1527 8.43 0.51 -14.25
N GLU A 1528 9.47 0.18 -15.01
CA GLU A 1528 9.73 -1.20 -15.41
C GLU A 1528 10.21 -2.07 -14.26
N MET A 1529 10.52 -1.49 -13.10
CA MET A 1529 10.94 -2.29 -11.95
C MET A 1529 9.80 -3.09 -11.34
N SER A 1530 8.56 -2.84 -11.77
CA SER A 1530 7.43 -3.64 -11.27
C SER A 1530 7.54 -5.10 -11.68
N ILE A 1531 8.27 -5.41 -12.76
CA ILE A 1531 8.46 -6.79 -13.16
C ILE A 1531 9.24 -7.58 -12.12
N PHE A 1532 10.19 -6.94 -11.44
CA PHE A 1532 10.92 -7.63 -10.38
C PHE A 1532 9.98 -8.12 -9.29
N TYR A 1533 9.09 -7.25 -8.82
CA TYR A 1533 8.17 -7.62 -7.76
C TYR A 1533 7.04 -8.51 -8.24
N VAL A 1534 6.70 -8.47 -9.53
CA VAL A 1534 5.74 -9.43 -10.05
C VAL A 1534 6.34 -10.83 -10.10
N VAL A 1535 7.59 -10.94 -10.58
CA VAL A 1535 8.24 -12.24 -10.65
C VAL A 1535 8.51 -12.78 -9.25
N TYR A 1536 8.89 -11.92 -8.32
CA TYR A 1536 9.10 -12.36 -6.95
C TYR A 1536 7.82 -12.95 -6.36
N PHE A 1537 6.69 -12.28 -6.57
CA PHE A 1537 5.42 -12.78 -6.05
C PHE A 1537 5.02 -14.08 -6.74
N VAL A 1538 5.25 -14.18 -8.05
CA VAL A 1538 4.90 -15.42 -8.75
C VAL A 1538 5.74 -16.57 -8.25
N VAL A 1539 7.02 -16.32 -7.95
CA VAL A 1539 7.92 -17.41 -7.60
C VAL A 1539 7.78 -17.80 -6.14
N PHE A 1540 8.09 -16.89 -5.22
CA PHE A 1540 8.18 -17.36 -3.84
C PHE A 1540 6.82 -17.54 -3.17
N PRO A 1541 6.01 -16.49 -2.97
CA PRO A 1541 4.80 -16.66 -2.15
C PRO A 1541 3.74 -17.52 -2.79
N PHE A 1542 3.66 -17.52 -4.13
CA PHE A 1542 2.62 -18.29 -4.81
C PHE A 1542 3.04 -19.73 -5.04
N PHE A 1543 4.33 -19.96 -5.31
CA PHE A 1543 4.79 -21.28 -5.72
C PHE A 1543 5.48 -22.03 -4.59
N PHE A 1544 6.47 -21.42 -3.93
CA PHE A 1544 7.22 -22.17 -2.92
C PHE A 1544 6.41 -22.40 -1.65
N VAL A 1545 5.58 -21.44 -1.24
CA VAL A 1545 4.75 -21.66 -0.06
C VAL A 1545 3.77 -22.79 -0.30
N ASN A 1546 3.19 -22.84 -1.51
CA ASN A 1546 2.29 -23.93 -1.85
C ASN A 1546 3.03 -25.26 -2.00
N ILE A 1547 4.29 -25.24 -2.43
CA ILE A 1547 5.08 -26.47 -2.42
C ILE A 1547 5.29 -26.96 -0.99
N PHE A 1548 5.59 -26.04 -0.06
CA PHE A 1548 5.72 -26.43 1.33
C PHE A 1548 4.43 -27.05 1.86
N VAL A 1549 3.30 -26.40 1.58
CA VAL A 1549 2.01 -26.91 2.06
C VAL A 1549 1.74 -28.30 1.47
N ALA A 1550 1.95 -28.45 0.16
CA ALA A 1550 1.69 -29.72 -0.49
C ALA A 1550 2.61 -30.82 0.03
N LEU A 1551 3.89 -30.52 0.24
CA LEU A 1551 4.81 -31.52 0.76
C LEU A 1551 4.43 -31.95 2.16
N ILE A 1552 4.06 -30.99 3.02
CA ILE A 1552 3.67 -31.35 4.38
C ILE A 1552 2.39 -32.18 4.37
N ILE A 1553 1.45 -31.84 3.48
CA ILE A 1553 0.22 -32.62 3.40
C ILE A 1553 0.51 -34.03 2.93
N ILE A 1554 1.35 -34.18 1.91
CA ILE A 1554 1.57 -35.49 1.30
C ILE A 1554 2.38 -36.39 2.22
N THR A 1555 3.43 -35.86 2.85
CA THR A 1555 4.33 -36.68 3.65
C THR A 1555 3.94 -36.75 5.12
N PHE A 1556 2.67 -36.49 5.43
CA PHE A 1556 2.22 -36.55 6.81
C PHE A 1556 2.18 -37.98 7.32
N GLN A 1557 2.54 -38.17 8.58
CA GLN A 1557 2.55 -39.48 9.22
C GLN A 1557 1.41 -39.55 10.22
N GLU A 1558 0.66 -40.66 10.18
CA GLU A 1558 -0.45 -40.85 11.11
C GLU A 1558 0.07 -41.01 12.53
N GLN A 1559 -0.62 -40.38 13.48
CA GLN A 1559 -0.22 -40.45 14.87
C GLN A 1559 -0.64 -41.79 15.48
N GLY A 1560 0.30 -42.44 16.16
CA GLY A 1560 -0.02 -43.69 16.83
C GLY A 1560 -0.42 -44.77 15.83
N ASP A 1561 -1.59 -45.36 16.06
CA ASP A 1561 -2.17 -46.43 15.26
C ASP A 1561 -1.35 -47.71 15.30
N LYS A 1562 -0.44 -47.84 16.27
CA LYS A 1562 0.32 -49.08 16.54
C LYS A 1562 1.09 -49.47 15.28
N MET A 1563 1.07 -50.74 14.87
CA MET A 1563 1.85 -51.20 13.74
C MET A 1563 1.03 -52.00 12.72
N MET A 1564 -0.15 -52.50 13.11
CA MET A 1564 -1.18 -53.06 12.23
C MET A 1564 -0.68 -54.07 11.20
N GLU A 1565 0.40 -54.79 11.51
CA GLU A 1565 0.85 -55.85 10.60
C GLU A 1565 -0.03 -57.08 10.71
N GLU A 1566 -0.56 -57.38 11.90
CA GLU A 1566 -1.35 -58.58 12.08
C GLU A 1566 -2.70 -58.48 11.37
N TYR A 1567 -3.31 -57.29 11.38
CA TYR A 1567 -4.60 -57.12 10.75
C TYR A 1567 -4.46 -57.11 9.24
N SER A 1568 -5.49 -57.63 8.56
CA SER A 1568 -5.45 -57.82 7.12
C SER A 1568 -6.44 -56.91 6.40
N LEU A 1569 -7.73 -56.96 6.75
CA LEU A 1569 -8.74 -56.18 6.04
C LEU A 1569 -9.27 -55.09 6.97
N GLU A 1570 -8.59 -53.94 6.94
CA GLU A 1570 -8.97 -52.78 7.72
C GLU A 1570 -8.75 -51.47 6.96
N LYS A 1571 -8.61 -51.51 5.64
CA LYS A 1571 -8.40 -50.29 4.87
C LYS A 1571 -9.61 -49.37 4.98
N ASN A 1572 -10.80 -49.90 4.74
CA ASN A 1572 -12.05 -49.16 4.92
C ASN A 1572 -13.03 -49.86 5.84
N GLU A 1573 -12.78 -51.12 6.20
CA GLU A 1573 -13.74 -51.88 7.01
C GLU A 1573 -13.73 -51.40 8.46
N ARG A 1574 -12.65 -50.76 8.91
CA ARG A 1574 -12.55 -50.34 10.31
C ARG A 1574 -13.79 -49.58 10.75
N ALA A 1575 -14.02 -48.42 10.15
CA ALA A 1575 -15.09 -47.54 10.61
C ALA A 1575 -16.47 -48.12 10.33
N CYS A 1576 -16.61 -48.84 9.21
CA CYS A 1576 -17.89 -49.43 8.87
C CYS A 1576 -18.31 -50.46 9.92
N ILE A 1577 -17.44 -51.42 10.22
CA ILE A 1577 -17.80 -52.44 11.20
C ILE A 1577 -17.84 -51.86 12.60
N ASP A 1578 -17.04 -50.81 12.88
CA ASP A 1578 -17.10 -50.18 14.19
C ASP A 1578 -18.44 -49.48 14.40
N PHE A 1579 -18.95 -48.79 13.38
CA PHE A 1579 -20.25 -48.18 13.48
C PHE A 1579 -21.34 -49.24 13.55
N ALA A 1580 -21.14 -50.36 12.87
CA ALA A 1580 -22.06 -51.49 13.01
C ALA A 1580 -22.11 -51.99 14.45
N ILE A 1581 -20.95 -52.04 15.12
CA ILE A 1581 -20.91 -52.41 16.52
C ILE A 1581 -21.69 -51.39 17.35
N SER A 1582 -21.39 -50.12 17.17
CA SER A 1582 -22.03 -49.04 17.93
C SER A 1582 -23.13 -48.39 17.10
N ALA A 1583 -24.21 -49.14 16.94
CA ALA A 1583 -25.39 -48.68 16.20
C ALA A 1583 -26.59 -48.72 17.13
N LYS A 1584 -27.29 -47.59 17.24
CA LYS A 1584 -28.45 -47.46 18.11
C LYS A 1584 -29.63 -46.93 17.32
N PRO A 1585 -30.76 -47.65 17.29
CA PRO A 1585 -31.92 -47.16 16.55
C PRO A 1585 -32.45 -45.87 17.15
N LEU A 1586 -32.95 -44.99 16.29
CA LEU A 1586 -33.56 -43.75 16.76
C LEU A 1586 -34.85 -44.05 17.51
N THR A 1587 -35.05 -43.37 18.63
CA THR A 1587 -36.16 -43.64 19.53
C THR A 1587 -37.12 -42.45 19.56
N ARG A 1588 -38.39 -42.71 19.28
CA ARG A 1588 -39.47 -41.78 19.51
C ARG A 1588 -40.15 -42.10 20.83
N HIS A 1589 -41.03 -41.20 21.25
CA HIS A 1589 -41.67 -41.33 22.56
C HIS A 1589 -42.55 -42.58 22.60
N MET A 1590 -43.59 -42.63 21.77
CA MET A 1590 -44.41 -43.82 21.56
C MET A 1590 -44.82 -44.56 22.84
N PRO A 1591 -45.70 -43.96 23.65
CA PRO A 1591 -46.25 -44.71 24.79
C PRO A 1591 -47.36 -45.64 24.37
N GLN A 1592 -48.16 -45.18 23.40
CA GLN A 1592 -49.33 -45.85 22.82
C GLN A 1592 -50.49 -45.91 23.81
N ASN A 1593 -50.27 -45.56 25.08
CA ASN A 1593 -51.31 -45.68 26.09
C ASN A 1593 -52.40 -44.64 25.90
N LYS A 1594 -52.00 -43.37 25.76
CA LYS A 1594 -52.95 -42.26 25.70
C LYS A 1594 -53.22 -41.89 24.23
N GLN A 1595 -53.94 -42.78 23.56
CA GLN A 1595 -54.33 -42.53 22.17
C GLN A 1595 -55.33 -41.39 22.06
N SER A 1596 -56.05 -41.08 23.13
CA SER A 1596 -57.12 -40.08 23.06
C SER A 1596 -56.57 -38.68 22.88
N PHE A 1597 -55.59 -38.28 23.68
CA PHE A 1597 -55.12 -36.90 23.64
C PHE A 1597 -53.62 -36.76 23.44
N GLN A 1598 -52.82 -37.63 24.06
CA GLN A 1598 -51.37 -37.48 23.98
C GLN A 1598 -50.84 -37.87 22.60
N TYR A 1599 -51.37 -38.96 22.04
CA TYR A 1599 -50.90 -39.42 20.73
C TYR A 1599 -51.22 -38.42 19.64
N ARG A 1600 -52.41 -37.82 19.68
CA ARG A 1600 -52.79 -36.83 18.67
C ARG A 1600 -51.85 -35.63 18.70
N MET A 1601 -51.57 -35.11 19.89
CA MET A 1601 -50.70 -33.92 19.96
C MET A 1601 -49.26 -34.29 19.67
N TRP A 1602 -48.85 -35.53 19.98
CA TRP A 1602 -47.53 -35.98 19.55
C TRP A 1602 -47.43 -36.00 18.03
N GLN A 1603 -48.48 -36.50 17.37
CA GLN A 1603 -48.52 -36.45 15.91
C GLN A 1603 -48.45 -35.01 15.42
N PHE A 1604 -49.13 -34.11 16.11
CA PHE A 1604 -49.10 -32.70 15.72
C PHE A 1604 -47.69 -32.12 15.84
N VAL A 1605 -46.96 -32.47 16.90
CA VAL A 1605 -45.63 -31.90 17.12
C VAL A 1605 -44.67 -32.34 16.02
N VAL A 1606 -44.51 -33.64 15.84
CA VAL A 1606 -43.61 -34.16 14.80
C VAL A 1606 -44.46 -34.33 13.55
N SER A 1607 -44.57 -33.24 12.79
CA SER A 1607 -45.36 -33.22 11.57
C SER A 1607 -44.79 -32.16 10.65
N PRO A 1608 -44.86 -32.36 9.34
CA PRO A 1608 -44.24 -31.41 8.39
C PRO A 1608 -44.68 -29.97 8.62
N PRO A 1609 -45.99 -29.71 8.84
CA PRO A 1609 -46.38 -28.31 9.10
C PRO A 1609 -45.66 -27.70 10.30
N PHE A 1610 -45.45 -28.47 11.35
CA PHE A 1610 -44.77 -27.95 12.54
C PHE A 1610 -43.33 -27.54 12.20
N GLU A 1611 -42.58 -28.44 11.55
CA GLU A 1611 -41.19 -28.14 11.23
C GLU A 1611 -41.08 -26.97 10.27
N TYR A 1612 -41.96 -26.92 9.28
CA TYR A 1612 -41.92 -25.82 8.31
C TYR A 1612 -42.31 -24.50 8.97
N THR A 1613 -43.26 -24.53 9.91
CA THR A 1613 -43.60 -23.31 10.64
C THR A 1613 -42.44 -22.84 11.49
N ILE A 1614 -41.73 -23.77 12.13
CA ILE A 1614 -40.55 -23.39 12.91
C ILE A 1614 -39.50 -22.74 12.02
N MET A 1615 -39.24 -23.34 10.86
CA MET A 1615 -38.25 -22.77 9.95
C MET A 1615 -38.69 -21.40 9.44
N ALA A 1616 -39.98 -21.24 9.13
CA ALA A 1616 -40.48 -19.96 8.66
C ALA A 1616 -40.35 -18.89 9.73
N MET A 1617 -40.70 -19.22 10.98
CA MET A 1617 -40.55 -18.25 12.06
C MET A 1617 -39.09 -17.91 12.31
N ILE A 1618 -38.19 -18.89 12.18
CA ILE A 1618 -36.77 -18.62 12.34
C ILE A 1618 -36.29 -17.65 11.26
N ALA A 1619 -36.70 -17.87 10.01
CA ALA A 1619 -36.31 -16.96 8.93
C ALA A 1619 -36.87 -15.56 9.14
N LEU A 1620 -38.13 -15.47 9.56
CA LEU A 1620 -38.74 -14.16 9.79
C LEU A 1620 -38.05 -13.43 10.94
N ASN A 1621 -37.69 -14.16 12.01
CA ASN A 1621 -37.00 -13.52 13.13
C ASN A 1621 -35.61 -13.09 12.72
N THR A 1622 -34.95 -13.86 11.84
CA THR A 1622 -33.68 -13.42 11.27
C THR A 1622 -33.85 -12.11 10.52
N ILE A 1623 -34.88 -12.01 9.69
CA ILE A 1623 -35.14 -10.77 8.97
C ILE A 1623 -35.38 -9.63 9.94
N VAL A 1624 -36.18 -9.87 10.99
CA VAL A 1624 -36.49 -8.84 11.97
C VAL A 1624 -35.21 -8.35 12.65
N LEU A 1625 -34.30 -9.27 12.99
CA LEU A 1625 -33.01 -8.86 13.52
C LEU A 1625 -32.23 -8.03 12.51
N MET A 1626 -32.37 -8.35 11.22
CA MET A 1626 -31.62 -7.62 10.20
C MET A 1626 -32.16 -6.22 9.95
N MET A 1627 -33.46 -5.99 10.18
CA MET A 1627 -34.06 -4.69 9.83
C MET A 1627 -33.69 -3.55 10.77
N LYS A 1628 -32.76 -3.75 11.71
CA LYS A 1628 -32.34 -2.65 12.56
C LYS A 1628 -31.42 -1.71 11.78
N PHE A 1629 -31.67 -0.41 11.90
CA PHE A 1629 -30.82 0.58 11.25
C PHE A 1629 -30.79 1.85 12.07
N TYR A 1630 -29.73 2.62 11.87
CA TYR A 1630 -29.43 3.81 12.68
C TYR A 1630 -30.27 4.98 12.19
N GLY A 1631 -30.88 5.69 13.14
CA GLY A 1631 -31.69 6.85 12.82
C GLY A 1631 -33.17 6.56 12.64
N ALA A 1632 -33.65 5.39 13.06
CA ALA A 1632 -35.06 5.05 12.90
C ALA A 1632 -35.91 5.80 13.93
N SER A 1633 -37.20 5.86 13.64
CA SER A 1633 -38.15 6.50 14.55
C SER A 1633 -38.45 5.60 15.73
N VAL A 1634 -39.07 6.20 16.76
CA VAL A 1634 -39.44 5.43 17.95
C VAL A 1634 -40.48 4.37 17.63
N ALA A 1635 -41.39 4.67 16.68
CA ALA A 1635 -42.40 3.69 16.30
C ALA A 1635 -41.76 2.44 15.71
N TYR A 1636 -40.71 2.62 14.90
CA TYR A 1636 -40.00 1.50 14.31
C TYR A 1636 -39.39 0.61 15.38
N GLU A 1637 -38.73 1.22 16.37
CA GLU A 1637 -38.12 0.45 17.44
C GLU A 1637 -39.17 -0.28 18.27
N ASN A 1638 -40.29 0.38 18.56
CA ASN A 1638 -41.35 -0.27 19.31
C ASN A 1638 -41.95 -1.44 18.52
N ALA A 1639 -42.12 -1.27 17.21
CA ALA A 1639 -42.62 -2.37 16.38
C ALA A 1639 -41.65 -3.54 16.39
N LEU A 1640 -40.34 -3.26 16.32
CA LEU A 1640 -39.35 -4.32 16.38
C LEU A 1640 -39.41 -5.05 17.73
N ARG A 1641 -39.59 -4.29 18.81
CA ARG A 1641 -39.72 -4.92 20.13
C ARG A 1641 -40.94 -5.81 20.20
N VAL A 1642 -42.07 -5.35 19.67
CA VAL A 1642 -43.28 -6.16 19.68
C VAL A 1642 -43.10 -7.43 18.84
N PHE A 1643 -42.44 -7.30 17.69
CA PHE A 1643 -42.17 -8.47 16.86
C PHE A 1643 -41.29 -9.47 17.58
N ASN A 1644 -40.27 -8.99 18.27
CA ASN A 1644 -39.42 -9.88 19.06
C ASN A 1644 -40.22 -10.59 20.13
N ILE A 1645 -41.11 -9.86 20.81
CA ILE A 1645 -41.94 -10.46 21.85
C ILE A 1645 -42.82 -11.56 21.26
N VAL A 1646 -43.43 -11.29 20.10
CA VAL A 1646 -44.29 -12.28 19.46
C VAL A 1646 -43.49 -13.53 19.09
N PHE A 1647 -42.32 -13.34 18.49
CA PHE A 1647 -41.52 -14.48 18.07
C PHE A 1647 -41.06 -15.32 19.25
N THR A 1648 -40.59 -14.67 20.32
CA THR A 1648 -40.13 -15.43 21.47
C THR A 1648 -41.30 -16.11 22.18
N SER A 1649 -42.49 -15.50 22.15
CA SER A 1649 -43.66 -16.18 22.70
C SER A 1649 -44.00 -17.43 21.90
N LEU A 1650 -43.88 -17.34 20.57
CA LEU A 1650 -44.09 -18.53 19.74
C LEU A 1650 -43.08 -19.62 20.05
N PHE A 1651 -41.80 -19.24 20.21
CA PHE A 1651 -40.79 -20.24 20.55
C PHE A 1651 -41.04 -20.85 21.92
N SER A 1652 -41.48 -20.05 22.89
CA SER A 1652 -41.79 -20.58 24.21
C SER A 1652 -42.97 -21.54 24.15
N LEU A 1653 -43.99 -21.22 23.36
CA LEU A 1653 -45.12 -22.12 23.19
C LEU A 1653 -44.66 -23.43 22.54
N GLU A 1654 -43.78 -23.41 21.56
CA GLU A 1654 -43.28 -24.70 21.03
C GLU A 1654 -42.45 -25.44 22.06
N CYS A 1655 -41.65 -24.74 22.87
CA CYS A 1655 -40.94 -25.46 23.92
C CYS A 1655 -41.93 -26.17 24.85
N VAL A 1656 -42.98 -25.47 25.26
CA VAL A 1656 -43.98 -26.07 26.14
C VAL A 1656 -44.66 -27.26 25.46
N LEU A 1657 -45.00 -27.10 24.18
CA LEU A 1657 -45.68 -28.16 23.45
C LEU A 1657 -44.80 -29.40 23.32
N LYS A 1658 -43.50 -29.21 23.02
CA LYS A 1658 -42.61 -30.37 22.96
C LYS A 1658 -42.40 -31.00 24.33
N VAL A 1659 -42.36 -30.19 25.38
CA VAL A 1659 -42.26 -30.74 26.74
C VAL A 1659 -43.47 -31.63 27.03
N MET A 1660 -44.65 -31.15 26.68
CA MET A 1660 -45.86 -31.96 26.87
C MET A 1660 -45.81 -33.23 26.03
N ALA A 1661 -45.34 -33.13 24.79
CA ALA A 1661 -45.38 -34.28 23.89
C ALA A 1661 -44.39 -35.37 24.30
N PHE A 1662 -43.17 -34.98 24.68
CA PHE A 1662 -42.09 -35.93 24.88
C PHE A 1662 -41.86 -36.31 26.34
N GLY A 1663 -42.24 -35.46 27.28
CA GLY A 1663 -41.87 -35.68 28.67
C GLY A 1663 -40.55 -35.02 28.97
N ILE A 1664 -40.37 -34.55 30.21
CA ILE A 1664 -39.22 -33.69 30.52
C ILE A 1664 -37.90 -34.41 30.30
N LEU A 1665 -37.83 -35.71 30.62
CA LEU A 1665 -36.58 -36.43 30.42
C LEU A 1665 -36.26 -36.61 28.94
N ASN A 1666 -37.23 -37.06 28.15
CA ASN A 1666 -37.01 -37.17 26.71
C ASN A 1666 -36.82 -35.79 26.10
N TYR A 1667 -37.47 -34.78 26.66
CA TYR A 1667 -37.24 -33.41 26.20
C TYR A 1667 -35.79 -33.00 26.40
N PHE A 1668 -35.21 -33.35 27.55
CA PHE A 1668 -33.88 -32.90 27.94
C PHE A 1668 -32.79 -33.90 27.58
N ARG A 1669 -33.10 -34.96 26.84
CA ARG A 1669 -32.09 -35.90 26.37
C ARG A 1669 -31.75 -35.70 24.89
N ASP A 1670 -31.72 -34.45 24.43
CA ASP A 1670 -31.36 -34.16 23.04
C ASP A 1670 -30.73 -32.78 23.00
N ALA A 1671 -29.44 -32.72 22.66
CA ALA A 1671 -28.65 -31.51 22.85
C ALA A 1671 -29.26 -30.30 22.14
N TRP A 1672 -29.73 -30.48 20.90
CA TRP A 1672 -30.39 -29.40 20.20
C TRP A 1672 -31.57 -28.85 21.01
N ASN A 1673 -32.26 -29.73 21.73
CA ASN A 1673 -33.45 -29.33 22.46
C ASN A 1673 -33.08 -28.54 23.72
N ILE A 1674 -32.01 -28.94 24.40
CA ILE A 1674 -31.49 -28.13 25.50
C ILE A 1674 -31.04 -26.78 24.98
N PHE A 1675 -30.44 -26.73 23.79
CA PHE A 1675 -30.06 -25.46 23.20
C PHE A 1675 -31.28 -24.57 22.99
N ASP A 1676 -32.36 -25.16 22.47
CA ASP A 1676 -33.60 -24.39 22.27
C ASP A 1676 -34.13 -23.86 23.59
N PHE A 1677 -34.13 -24.71 24.62
CA PHE A 1677 -34.66 -24.32 25.93
C PHE A 1677 -33.83 -23.18 26.53
N VAL A 1678 -32.50 -23.27 26.42
CA VAL A 1678 -31.63 -22.23 26.94
C VAL A 1678 -31.83 -20.92 26.20
N THR A 1679 -31.96 -20.99 24.87
CA THR A 1679 -32.19 -19.76 24.10
C THR A 1679 -33.53 -19.11 24.49
N VAL A 1680 -34.56 -19.93 24.70
CA VAL A 1680 -35.86 -19.39 25.10
C VAL A 1680 -35.74 -18.70 26.47
N LEU A 1681 -35.06 -19.35 27.42
CA LEU A 1681 -34.88 -18.71 28.73
C LEU A 1681 -34.12 -17.41 28.60
N GLY A 1682 -33.08 -17.38 27.77
CA GLY A 1682 -32.31 -16.15 27.61
C GLY A 1682 -33.13 -15.03 27.01
N SER A 1683 -33.95 -15.33 26.02
CA SER A 1683 -34.81 -14.31 25.43
C SER A 1683 -35.80 -13.78 26.45
N ILE A 1684 -36.41 -14.68 27.24
CA ILE A 1684 -37.36 -14.24 28.26
C ILE A 1684 -36.67 -13.35 29.29
N THR A 1685 -35.47 -13.75 29.72
CA THR A 1685 -34.73 -12.96 30.69
C THR A 1685 -34.38 -11.58 30.14
N ASP A 1686 -33.98 -11.53 28.87
CA ASP A 1686 -33.68 -10.24 28.25
C ASP A 1686 -34.90 -9.34 28.22
N ILE A 1687 -36.06 -9.90 27.88
CA ILE A 1687 -37.28 -9.11 27.85
C ILE A 1687 -37.66 -8.60 29.23
N LEU A 1688 -37.54 -9.47 30.24
CA LEU A 1688 -37.86 -9.03 31.61
C LEU A 1688 -36.91 -7.95 32.08
N VAL A 1689 -35.62 -8.07 31.76
CA VAL A 1689 -34.65 -7.04 32.12
C VAL A 1689 -35.01 -5.73 31.43
N THR A 1690 -35.38 -5.79 30.14
CA THR A 1690 -35.76 -4.58 29.42
C THR A 1690 -36.98 -3.91 30.03
N GLU A 1691 -38.01 -4.69 30.36
CA GLU A 1691 -39.26 -4.10 30.83
C GLU A 1691 -39.12 -3.61 32.28
N PHE A 1692 -38.22 -4.23 33.05
CA PHE A 1692 -37.99 -3.77 34.42
C PHE A 1692 -37.60 -2.31 34.41
N GLY A 1693 -36.51 -1.99 33.72
CA GLY A 1693 -36.05 -0.62 33.64
C GLY A 1693 -35.04 -0.30 34.73
N ASN A 1694 -34.23 0.74 34.54
CA ASN A 1694 -33.25 1.18 35.55
C ASN A 1694 -32.38 0.05 36.09
N ASN A 1695 -32.23 -0.03 37.41
CA ASN A 1695 -31.45 -1.12 38.02
C ASN A 1695 -30.07 -1.20 37.42
N PHE A 1696 -29.67 -2.40 37.01
CA PHE A 1696 -28.38 -2.56 36.34
C PHE A 1696 -28.72 -2.89 34.90
N ILE A 1697 -27.90 -2.42 33.96
CA ILE A 1697 -28.23 -2.64 32.56
C ILE A 1697 -28.13 -4.11 32.18
N ASN A 1698 -27.41 -4.91 32.96
CA ASN A 1698 -27.20 -6.34 32.69
C ASN A 1698 -26.56 -6.52 31.31
N LEU A 1699 -25.75 -5.54 30.92
CA LEU A 1699 -25.03 -5.54 29.64
C LEU A 1699 -25.97 -5.82 28.48
N SER A 1700 -25.46 -6.53 27.46
CA SER A 1700 -26.28 -6.90 26.32
C SER A 1700 -26.01 -8.32 25.86
N PHE A 1701 -25.28 -9.11 26.66
CA PHE A 1701 -24.98 -10.48 26.27
C PHE A 1701 -26.22 -11.35 26.21
N LEU A 1702 -27.30 -10.92 26.86
CA LEU A 1702 -28.57 -11.63 26.71
C LEU A 1702 -29.09 -11.53 25.28
N ARG A 1703 -28.74 -10.45 24.58
CA ARG A 1703 -29.16 -10.29 23.20
C ARG A 1703 -28.36 -11.19 22.26
N LEU A 1704 -27.21 -11.69 22.70
CA LEU A 1704 -26.55 -12.76 21.96
C LEU A 1704 -27.44 -14.00 21.91
N PHE A 1705 -28.17 -14.26 23.00
CA PHE A 1705 -29.13 -15.37 22.98
C PHE A 1705 -30.25 -15.11 21.98
N ARG A 1706 -30.65 -13.84 21.82
CA ARG A 1706 -31.60 -13.48 20.78
C ARG A 1706 -31.05 -13.81 19.41
N ALA A 1707 -29.79 -13.42 19.17
CA ALA A 1707 -29.18 -13.59 17.84
C ALA A 1707 -28.80 -15.03 17.55
N ALA A 1708 -28.67 -15.86 18.57
CA ALA A 1708 -28.19 -17.23 18.39
C ALA A 1708 -29.23 -18.18 17.79
N ARG A 1709 -30.36 -17.68 17.29
CA ARG A 1709 -31.33 -18.57 16.68
C ARG A 1709 -30.89 -19.06 15.31
N LEU A 1710 -29.89 -18.40 14.71
CA LEU A 1710 -29.42 -18.79 13.39
C LEU A 1710 -28.80 -20.19 13.39
N ILE A 1711 -28.20 -20.60 14.52
CA ILE A 1711 -27.57 -21.90 14.59
C ILE A 1711 -28.58 -23.03 14.38
N LYS A 1712 -29.84 -22.80 14.73
CA LYS A 1712 -30.87 -23.82 14.53
C LYS A 1712 -31.05 -24.16 13.06
N LEU A 1713 -30.72 -23.23 12.16
CA LEU A 1713 -30.86 -23.49 10.72
C LEU A 1713 -29.90 -24.55 10.23
N LEU A 1714 -28.87 -24.90 10.99
CA LEU A 1714 -27.90 -25.90 10.57
C LEU A 1714 -28.49 -27.31 10.54
N ARG A 1715 -29.69 -27.51 11.11
CA ARG A 1715 -30.29 -28.84 11.14
C ARG A 1715 -30.80 -29.28 9.77
N GLN A 1716 -30.83 -28.39 8.77
CA GLN A 1716 -31.26 -28.74 7.43
C GLN A 1716 -30.12 -28.93 6.45
N GLY A 1717 -28.97 -28.32 6.69
CA GLY A 1717 -27.82 -28.46 5.83
C GLY A 1717 -27.03 -29.71 6.11
N TYR A 1718 -27.51 -30.85 5.62
CA TYR A 1718 -26.91 -32.14 5.95
C TYR A 1718 -25.40 -32.14 5.66
N THR A 1719 -25.02 -31.77 4.44
CA THR A 1719 -23.60 -31.74 4.09
C THR A 1719 -22.84 -30.75 4.94
N ILE A 1720 -23.41 -29.56 5.13
CA ILE A 1720 -22.75 -28.52 5.93
C ILE A 1720 -22.60 -28.97 7.38
N ARG A 1721 -23.67 -29.53 7.95
CA ARG A 1721 -23.60 -29.98 9.34
C ARG A 1721 -22.58 -31.10 9.50
N ILE A 1722 -22.54 -32.04 8.55
CA ILE A 1722 -21.57 -33.12 8.62
C ILE A 1722 -20.14 -32.58 8.54
N LEU A 1723 -19.92 -31.64 7.62
CA LEU A 1723 -18.60 -31.03 7.49
C LEU A 1723 -18.16 -30.36 8.79
N LEU A 1724 -19.03 -29.51 9.35
CA LEU A 1724 -18.68 -28.82 10.58
C LEU A 1724 -18.44 -29.79 11.72
N TRP A 1725 -19.32 -30.79 11.87
CA TRP A 1725 -19.19 -31.73 12.97
C TRP A 1725 -17.91 -32.54 12.85
N THR A 1726 -17.56 -32.98 11.63
CA THR A 1726 -16.34 -33.75 11.45
C THR A 1726 -15.11 -32.92 11.80
N PHE A 1727 -15.07 -31.66 11.34
CA PHE A 1727 -13.87 -30.86 11.63
C PHE A 1727 -13.79 -30.49 13.11
N VAL A 1728 -14.93 -30.23 13.76
CA VAL A 1728 -14.91 -29.95 15.19
C VAL A 1728 -14.46 -31.17 15.97
N GLN A 1729 -14.93 -32.36 15.58
CA GLN A 1729 -14.49 -33.58 16.24
C GLN A 1729 -12.99 -33.80 16.06
N SER A 1730 -12.48 -33.51 14.86
CA SER A 1730 -11.04 -33.63 14.64
C SER A 1730 -10.26 -32.65 15.50
N PHE A 1731 -10.75 -31.41 15.63
CA PHE A 1731 -10.09 -30.44 16.49
C PHE A 1731 -10.09 -30.90 17.94
N LYS A 1732 -11.20 -31.46 18.41
CA LYS A 1732 -11.26 -31.95 19.78
C LYS A 1732 -10.34 -33.16 19.98
N ALA A 1733 -10.17 -33.97 18.94
CA ALA A 1733 -9.31 -35.15 19.03
C ALA A 1733 -7.86 -34.77 19.33
N LEU A 1734 -7.43 -33.60 18.83
CA LEU A 1734 -6.05 -33.16 18.98
C LEU A 1734 -5.95 -31.99 19.93
N PRO A 1735 -5.79 -32.23 21.24
CA PRO A 1735 -5.71 -31.10 22.18
C PRO A 1735 -4.30 -30.55 22.38
N TYR A 1736 -3.28 -31.39 22.17
CA TYR A 1736 -1.91 -30.95 22.44
C TYR A 1736 -1.29 -30.20 21.27
N VAL A 1737 -1.79 -30.46 20.05
CA VAL A 1737 -1.35 -29.68 18.90
C VAL A 1737 -1.77 -28.22 19.05
N CYS A 1738 -2.94 -27.98 19.64
CA CYS A 1738 -3.39 -26.63 19.95
C CYS A 1738 -2.78 -26.09 21.23
N LEU A 1739 -2.09 -26.92 22.01
CA LEU A 1739 -1.36 -26.48 23.19
C LEU A 1739 0.06 -26.05 22.86
N LEU A 1740 0.68 -26.66 21.83
CA LEU A 1740 2.00 -26.23 21.41
C LEU A 1740 1.98 -24.78 20.92
N ILE A 1741 0.96 -24.41 20.16
CA ILE A 1741 0.83 -23.02 19.70
C ILE A 1741 0.65 -22.08 20.88
N ALA A 1742 -0.16 -22.49 21.87
CA ALA A 1742 -0.35 -21.67 23.05
C ALA A 1742 0.95 -21.49 23.81
N MET A 1743 1.76 -22.56 23.90
CA MET A 1743 3.05 -22.45 24.57
C MET A 1743 3.98 -21.51 23.81
N LEU A 1744 3.97 -21.57 22.47
CA LEU A 1744 4.79 -20.65 21.69
C LEU A 1744 4.38 -19.21 21.94
N PHE A 1745 3.07 -18.95 21.92
CA PHE A 1745 2.58 -17.60 22.19
C PHE A 1745 2.97 -17.14 23.59
N PHE A 1746 2.87 -18.04 24.57
CA PHE A 1746 3.24 -17.72 25.94
C PHE A 1746 4.70 -17.32 26.04
N ILE A 1747 5.58 -18.14 25.46
CA ILE A 1747 7.02 -17.88 25.55
C ILE A 1747 7.37 -16.57 24.87
N TYR A 1748 6.82 -16.33 23.67
CA TYR A 1748 7.15 -15.10 22.98
C TYR A 1748 6.56 -13.88 23.68
N ALA A 1749 5.39 -14.02 24.29
CA ALA A 1749 4.83 -12.91 25.05
C ALA A 1749 5.69 -12.58 26.26
N ILE A 1750 6.20 -13.60 26.96
CA ILE A 1750 7.06 -13.34 28.11
C ILE A 1750 8.37 -12.68 27.66
N ILE A 1751 8.94 -13.16 26.55
CA ILE A 1751 10.17 -12.55 26.05
C ILE A 1751 9.94 -11.09 25.68
N GLY A 1752 8.83 -10.81 24.98
CA GLY A 1752 8.51 -9.43 24.65
C GLY A 1752 8.31 -8.56 25.88
N MET A 1753 7.64 -9.10 26.89
CA MET A 1753 7.43 -8.37 28.14
C MET A 1753 8.76 -8.02 28.79
N GLN A 1754 9.68 -8.97 28.85
CA GLN A 1754 10.94 -8.74 29.54
C GLN A 1754 11.95 -7.96 28.71
N VAL A 1755 11.75 -7.83 27.39
CA VAL A 1755 12.70 -7.10 26.57
C VAL A 1755 12.18 -5.71 26.21
N PHE A 1756 11.01 -5.66 25.57
CA PHE A 1756 10.47 -4.40 25.07
C PHE A 1756 9.35 -3.85 25.95
N GLY A 1757 9.29 -4.27 27.22
CA GLY A 1757 8.16 -3.89 28.05
C GLY A 1757 8.18 -2.44 28.51
N ASN A 1758 9.36 -1.83 28.57
CA ASN A 1758 9.51 -0.51 29.17
C ASN A 1758 9.61 0.62 28.14
N ILE A 1759 9.26 0.35 26.87
CA ILE A 1759 9.27 1.40 25.87
C ILE A 1759 8.16 2.40 26.17
N GLY A 1760 8.49 3.68 26.12
CA GLY A 1760 7.52 4.72 26.44
C GLY A 1760 6.49 4.90 25.32
N ILE A 1761 5.25 5.12 25.73
CA ILE A 1761 4.14 5.32 24.79
C ILE A 1761 3.55 6.72 24.89
N ASP A 1762 3.91 7.50 25.91
CA ASP A 1762 3.29 8.81 26.10
C ASP A 1762 3.69 9.78 24.99
N VAL A 1763 4.88 9.59 24.40
CA VAL A 1763 5.37 10.55 23.41
C VAL A 1763 4.56 10.45 22.13
N GLU A 1764 4.06 11.58 21.67
CA GLU A 1764 3.44 11.71 20.36
C GLU A 1764 4.10 12.88 19.63
N ASP A 1765 4.62 12.61 18.43
CA ASP A 1765 5.39 13.59 17.69
C ASP A 1765 4.45 14.63 17.06
N GLU A 1766 5.05 15.70 16.53
CA GLU A 1766 4.27 16.76 15.89
C GLU A 1766 3.49 16.21 14.71
N ASP A 1767 4.15 15.40 13.87
CA ASP A 1767 3.46 14.66 12.81
C ASP A 1767 3.00 13.29 13.27
N SER A 1768 3.51 12.85 14.43
CA SER A 1768 3.17 11.53 14.99
C SER A 1768 3.76 10.37 14.20
N ASP A 1769 4.26 10.62 13.00
CA ASP A 1769 4.93 9.58 12.23
C ASP A 1769 4.32 8.20 12.40
N GLU A 1770 3.01 8.10 12.16
CA GLU A 1770 2.30 6.83 12.36
C GLU A 1770 3.05 5.60 11.86
N ASP A 1771 3.83 5.74 10.79
CA ASP A 1771 4.52 4.58 10.23
C ASP A 1771 5.47 3.95 11.24
N GLU A 1772 6.17 4.76 12.02
CA GLU A 1772 7.26 4.26 12.87
C GLU A 1772 6.89 4.23 14.34
N PHE A 1773 5.96 5.07 14.78
CA PHE A 1773 5.48 5.04 16.16
C PHE A 1773 4.24 4.15 16.24
N GLN A 1774 4.47 2.84 16.24
CA GLN A 1774 3.41 1.86 16.34
C GLN A 1774 3.29 1.23 17.72
N ILE A 1775 4.11 1.66 18.67
CA ILE A 1775 3.99 1.22 20.06
C ILE A 1775 3.22 2.32 20.79
N THR A 1776 1.93 2.09 20.98
CA THR A 1776 1.03 3.06 21.58
C THR A 1776 0.31 2.41 22.77
N GLU A 1777 -0.70 3.11 23.28
CA GLU A 1777 -1.51 2.58 24.38
C GLU A 1777 -2.34 1.38 23.97
N HIS A 1778 -2.45 1.10 22.67
CA HIS A 1778 -3.21 -0.04 22.18
C HIS A 1778 -2.33 -1.21 21.73
N ASN A 1779 -1.05 -0.95 21.45
CA ASN A 1779 -0.14 -1.95 20.89
C ASN A 1779 1.16 -1.98 21.67
N ASN A 1780 1.06 -2.05 22.99
CA ASN A 1780 2.24 -2.04 23.84
C ASN A 1780 2.55 -3.44 24.37
N PHE A 1781 3.64 -3.55 25.12
CA PHE A 1781 4.10 -4.79 25.72
C PHE A 1781 3.96 -4.78 27.24
N ARG A 1782 3.19 -3.83 27.78
CA ARG A 1782 3.27 -3.54 29.21
C ARG A 1782 2.70 -4.65 30.07
N THR A 1783 1.74 -5.41 29.57
CA THR A 1783 1.16 -6.49 30.36
C THR A 1783 1.04 -7.74 29.49
N PHE A 1784 0.75 -8.85 30.14
CA PHE A 1784 0.68 -10.14 29.44
C PHE A 1784 -0.40 -10.13 28.37
N PHE A 1785 -1.56 -9.55 28.68
CA PHE A 1785 -2.67 -9.57 27.72
C PHE A 1785 -2.39 -8.65 26.54
N GLN A 1786 -1.78 -7.48 26.78
CA GLN A 1786 -1.40 -6.61 25.68
C GLN A 1786 -0.31 -7.24 24.82
N ALA A 1787 0.65 -7.93 25.44
CA ALA A 1787 1.66 -8.64 24.67
C ALA A 1787 1.05 -9.72 23.80
N LEU A 1788 0.09 -10.48 24.36
CA LEU A 1788 -0.59 -11.51 23.58
C LEU A 1788 -1.38 -10.89 22.44
N MET A 1789 -2.02 -9.75 22.68
CA MET A 1789 -2.76 -9.07 21.62
C MET A 1789 -1.83 -8.61 20.51
N LEU A 1790 -0.67 -8.05 20.86
CA LEU A 1790 0.30 -7.65 19.84
C LEU A 1790 0.79 -8.85 19.06
N LEU A 1791 1.07 -9.97 19.75
CA LEU A 1791 1.53 -11.16 19.07
C LEU A 1791 0.48 -11.69 18.11
N PHE A 1792 -0.80 -11.70 18.52
CA PHE A 1792 -1.86 -12.15 17.64
C PHE A 1792 -2.01 -11.22 16.43
N ARG A 1793 -1.90 -9.91 16.65
CA ARG A 1793 -1.97 -8.97 15.53
C ARG A 1793 -0.84 -9.22 14.54
N SER A 1794 0.37 -9.45 15.05
CA SER A 1794 1.49 -9.76 14.16
C SER A 1794 1.26 -11.08 13.43
N ALA A 1795 0.69 -12.08 14.12
CA ALA A 1795 0.43 -13.36 13.48
C ALA A 1795 -0.57 -13.21 12.34
N THR A 1796 -1.58 -12.36 12.53
CA THR A 1796 -2.49 -12.04 11.41
C THR A 1796 -1.79 -11.27 10.30
N GLY A 1797 -0.58 -10.79 10.54
CA GLY A 1797 0.18 -10.10 9.50
C GLY A 1797 -0.40 -8.74 9.14
N GLU A 1798 -0.29 -7.78 10.06
CA GLU A 1798 -0.82 -6.44 9.84
C GLU A 1798 0.20 -5.43 10.38
N ALA A 1799 1.06 -4.94 9.49
CA ALA A 1799 2.07 -3.94 9.82
C ALA A 1799 2.99 -4.40 10.94
N TRP A 1800 3.37 -5.69 10.92
CA TRP A 1800 4.29 -6.21 11.91
C TRP A 1800 5.68 -5.64 11.74
N HIS A 1801 6.07 -5.32 10.50
CA HIS A 1801 7.39 -4.76 10.26
C HIS A 1801 7.53 -3.39 10.91
N ASN A 1802 6.45 -2.60 10.90
CA ASN A 1802 6.49 -1.31 11.57
C ASN A 1802 6.66 -1.46 13.08
N ILE A 1803 6.02 -2.47 13.67
CA ILE A 1803 6.21 -2.76 15.08
C ILE A 1803 7.67 -3.16 15.35
N MET A 1804 8.22 -4.00 14.46
CA MET A 1804 9.61 -4.41 14.61
C MET A 1804 10.55 -3.20 14.57
N LEU A 1805 10.29 -2.27 13.66
CA LEU A 1805 11.09 -1.05 13.59
C LEU A 1805 10.91 -0.21 14.85
N SER A 1806 9.70 -0.15 15.38
CA SER A 1806 9.43 0.63 16.58
C SER A 1806 10.06 0.01 17.83
N CYS A 1807 10.34 -1.28 17.82
CA CYS A 1807 10.95 -1.94 18.97
C CYS A 1807 12.47 -1.93 18.95
N LEU A 1808 13.09 -1.25 17.99
CA LEU A 1808 14.55 -1.23 17.91
C LEU A 1808 15.13 -0.36 19.00
N SER A 1809 16.45 -0.18 18.96
CA SER A 1809 17.16 0.54 20.00
C SER A 1809 17.01 2.05 19.82
N GLY A 1810 17.34 2.78 20.89
CA GLY A 1810 17.33 4.23 20.84
C GLY A 1810 15.99 4.89 21.07
N LYS A 1811 15.02 4.15 21.62
CA LYS A 1811 13.72 4.78 21.81
C LYS A 1811 13.58 5.31 23.23
N PRO A 1812 12.78 6.37 23.41
CA PRO A 1812 12.59 6.92 24.76
C PRO A 1812 11.98 5.91 25.70
N CYS A 1813 12.39 5.98 26.97
CA CYS A 1813 11.88 5.09 27.99
C CYS A 1813 10.65 5.69 28.65
N ASP A 1814 9.96 4.88 29.45
CA ASP A 1814 8.79 5.34 30.18
C ASP A 1814 9.22 6.12 31.41
N LYS A 1815 8.33 6.99 31.88
CA LYS A 1815 8.65 7.87 33.01
C LYS A 1815 8.91 7.07 34.28
N ASN A 1816 8.14 6.01 34.50
CA ASN A 1816 8.25 5.21 35.72
C ASN A 1816 9.25 4.08 35.60
N SER A 1817 9.95 3.98 34.47
CA SER A 1817 10.95 2.92 34.31
C SER A 1817 12.10 3.08 35.29
N GLY A 1818 12.52 4.32 35.52
CA GLY A 1818 13.72 4.59 36.29
C GLY A 1818 14.94 4.93 35.46
N ILE A 1819 14.79 5.02 34.14
CA ILE A 1819 15.88 5.35 33.24
C ILE A 1819 15.57 6.72 32.63
N LEU A 1820 16.55 7.63 32.70
CA LEU A 1820 16.36 9.01 32.26
C LEU A 1820 17.03 9.27 30.91
N THR A 1821 17.32 8.23 30.15
CA THR A 1821 17.95 8.37 28.84
C THR A 1821 17.24 7.48 27.83
N ARG A 1822 17.36 7.84 26.56
CA ARG A 1822 16.71 7.12 25.47
C ARG A 1822 17.51 5.84 25.20
N GLU A 1823 17.37 4.87 26.10
CA GLU A 1823 18.08 3.61 26.00
C GLU A 1823 17.12 2.45 26.27
N CYS A 1824 15.96 2.48 25.62
CA CYS A 1824 15.00 1.39 25.68
C CYS A 1824 14.73 0.88 24.29
N GLY A 1825 14.66 -0.43 24.14
CA GLY A 1825 14.57 -1.08 22.86
C GLY A 1825 15.90 -1.74 22.49
N ASN A 1826 15.81 -2.87 21.81
CA ASN A 1826 16.98 -3.65 21.45
C ASN A 1826 16.98 -3.97 19.97
N GLU A 1827 18.16 -4.27 19.45
CA GLU A 1827 18.31 -4.76 18.08
C GLU A 1827 17.89 -6.21 17.95
N PHE A 1828 17.55 -6.87 19.06
CA PHE A 1828 17.02 -8.23 19.04
C PHE A 1828 15.66 -8.32 18.36
N ALA A 1829 15.01 -7.18 18.11
CA ALA A 1829 13.67 -7.20 17.55
C ALA A 1829 13.62 -7.85 16.18
N TYR A 1830 14.69 -7.70 15.38
CA TYR A 1830 14.74 -8.35 14.08
C TYR A 1830 14.53 -9.85 14.20
N PHE A 1831 15.41 -10.51 14.96
CA PHE A 1831 15.28 -11.95 15.16
C PHE A 1831 13.97 -12.30 15.84
N TYR A 1832 13.58 -11.51 16.86
CA TYR A 1832 12.33 -11.76 17.56
C TYR A 1832 11.16 -11.89 16.59
N PHE A 1833 10.92 -10.83 15.81
CA PHE A 1833 9.75 -10.81 14.95
C PHE A 1833 9.86 -11.80 13.79
N VAL A 1834 11.04 -11.92 13.18
CA VAL A 1834 11.18 -12.85 12.06
C VAL A 1834 10.95 -14.29 12.52
N SER A 1835 11.58 -14.68 13.63
CA SER A 1835 11.41 -16.03 14.14
C SER A 1835 9.98 -16.27 14.58
N PHE A 1836 9.33 -15.27 15.20
CA PHE A 1836 7.94 -15.45 15.60
C PHE A 1836 7.06 -15.69 14.38
N ILE A 1837 7.25 -14.91 13.32
CA ILE A 1837 6.43 -15.07 12.12
C ILE A 1837 6.63 -16.47 11.54
N PHE A 1838 7.89 -16.88 11.39
CA PHE A 1838 8.16 -18.18 10.78
C PHE A 1838 7.59 -19.32 11.62
N LEU A 1839 7.83 -19.30 12.93
CA LEU A 1839 7.37 -20.38 13.79
C LEU A 1839 5.84 -20.43 13.87
N CYS A 1840 5.20 -19.27 13.98
CA CYS A 1840 3.74 -19.24 14.03
C CYS A 1840 3.12 -19.76 12.75
N SER A 1841 3.67 -19.35 11.60
CA SER A 1841 3.16 -19.86 10.33
C SER A 1841 3.35 -21.37 10.24
N PHE A 1842 4.53 -21.87 10.65
CA PHE A 1842 4.77 -23.31 10.59
C PHE A 1842 3.82 -24.07 11.48
N LEU A 1843 3.58 -23.59 12.71
CA LEU A 1843 2.72 -24.31 13.64
C LEU A 1843 1.27 -24.29 13.19
N MET A 1844 0.80 -23.18 12.64
CA MET A 1844 -0.57 -23.17 12.13
C MET A 1844 -0.70 -24.08 10.93
N LEU A 1845 0.31 -24.10 10.06
CA LEU A 1845 0.27 -25.04 8.93
C LEU A 1845 0.23 -26.47 9.41
N ASN A 1846 1.04 -26.80 10.43
CA ASN A 1846 1.06 -28.17 10.94
C ASN A 1846 -0.29 -28.55 11.55
N LEU A 1847 -0.90 -27.65 12.30
CA LEU A 1847 -2.23 -27.94 12.87
C LEU A 1847 -3.26 -28.15 11.76
N PHE A 1848 -3.23 -27.29 10.73
CA PHE A 1848 -4.17 -27.43 9.64
C PHE A 1848 -4.00 -28.77 8.94
N VAL A 1849 -2.75 -29.16 8.66
CA VAL A 1849 -2.49 -30.41 7.98
C VAL A 1849 -2.90 -31.59 8.86
N ALA A 1850 -2.68 -31.49 10.17
CA ALA A 1850 -3.07 -32.57 11.07
C ALA A 1850 -4.59 -32.78 11.02
N VAL A 1851 -5.35 -31.70 11.10
CA VAL A 1851 -6.81 -31.83 11.05
C VAL A 1851 -7.25 -32.38 9.69
N ILE A 1852 -6.66 -31.88 8.60
CA ILE A 1852 -7.05 -32.32 7.27
C ILE A 1852 -6.78 -33.81 7.10
N MET A 1853 -5.60 -34.25 7.53
CA MET A 1853 -5.25 -35.66 7.38
C MET A 1853 -6.08 -36.55 8.29
N ASP A 1854 -6.49 -36.03 9.45
CA ASP A 1854 -7.40 -36.80 10.29
C ASP A 1854 -8.75 -36.98 9.61
N ASN A 1855 -9.25 -35.94 8.95
CA ASN A 1855 -10.51 -36.01 8.22
C ASN A 1855 -10.35 -36.51 6.79
N PHE A 1856 -9.17 -36.99 6.42
CA PHE A 1856 -8.91 -37.26 5.00
C PHE A 1856 -9.78 -38.39 4.47
N GLU A 1857 -10.37 -39.19 5.35
CA GLU A 1857 -11.29 -40.23 4.91
C GLU A 1857 -12.56 -39.62 4.33
N TYR A 1858 -13.17 -38.67 5.08
CA TYR A 1858 -14.37 -38.01 4.59
C TYR A 1858 -14.09 -37.15 3.36
N LEU A 1859 -12.95 -36.45 3.36
CA LEU A 1859 -12.66 -35.49 2.30
C LEU A 1859 -12.46 -36.16 0.95
N THR A 1860 -12.15 -37.46 0.92
CA THR A 1860 -11.96 -38.20 -0.32
C THR A 1860 -12.99 -39.31 -0.48
N ARG A 1861 -14.17 -39.12 0.10
CA ARG A 1861 -15.22 -40.13 0.00
C ARG A 1861 -15.81 -40.15 -1.41
N ASP A 1862 -16.46 -41.25 -1.74
CA ASP A 1862 -17.17 -41.41 -2.99
C ASP A 1862 -18.56 -41.95 -2.71
N SER A 1863 -19.56 -41.41 -3.42
CA SER A 1863 -20.94 -41.85 -3.19
C SER A 1863 -21.13 -43.29 -3.63
N SER A 1864 -20.43 -43.71 -4.69
CA SER A 1864 -20.61 -45.07 -5.22
C SER A 1864 -20.17 -46.12 -4.21
N ILE A 1865 -19.10 -45.86 -3.47
CA ILE A 1865 -18.56 -46.81 -2.51
C ILE A 1865 -19.14 -46.50 -1.14
N LEU A 1866 -19.59 -47.55 -0.44
CA LEU A 1866 -20.22 -47.37 0.85
C LEU A 1866 -19.26 -46.79 1.87
N GLY A 1867 -19.74 -45.85 2.66
CA GLY A 1867 -18.98 -45.27 3.75
C GLY A 1867 -19.85 -45.11 4.99
N PRO A 1868 -19.22 -44.85 6.13
CA PRO A 1868 -20.00 -44.65 7.37
C PRO A 1868 -20.98 -43.49 7.31
N HIS A 1869 -20.88 -42.63 6.29
CA HIS A 1869 -21.75 -41.47 6.21
C HIS A 1869 -23.17 -41.88 5.82
N HIS A 1870 -23.29 -42.83 4.89
CA HIS A 1870 -24.60 -43.27 4.42
C HIS A 1870 -25.31 -44.13 5.45
N LEU A 1871 -24.57 -44.66 6.41
CA LEU A 1871 -25.15 -45.57 7.37
C LEU A 1871 -26.24 -44.95 8.22
N ASP A 1872 -26.08 -43.68 8.53
CA ASP A 1872 -27.10 -43.01 9.31
C ASP A 1872 -28.46 -42.89 8.61
N GLU A 1873 -28.51 -42.77 7.28
CA GLU A 1873 -29.81 -42.74 6.61
C GLU A 1873 -30.50 -44.05 6.80
N TYR A 1874 -29.73 -45.12 6.72
CA TYR A 1874 -30.30 -46.43 6.94
C TYR A 1874 -30.84 -46.45 8.32
N VAL A 1875 -30.06 -45.95 9.27
CA VAL A 1875 -30.51 -46.05 10.63
C VAL A 1875 -31.79 -45.31 10.77
N ARG A 1876 -31.88 -44.13 10.18
CA ARG A 1876 -33.07 -43.32 10.33
C ARG A 1876 -34.28 -44.03 9.80
N VAL A 1877 -34.17 -44.56 8.59
CA VAL A 1877 -35.33 -45.19 8.04
C VAL A 1877 -35.74 -46.46 8.80
N TRP A 1878 -34.76 -47.23 9.28
CA TRP A 1878 -35.08 -48.43 10.05
C TRP A 1878 -35.81 -48.08 11.31
N ALA A 1879 -35.34 -47.03 11.97
CA ALA A 1879 -35.99 -46.64 13.18
C ALA A 1879 -37.40 -46.18 12.87
N GLU A 1880 -37.56 -45.48 11.76
CA GLU A 1880 -38.89 -45.04 11.37
C GLU A 1880 -39.88 -46.19 11.15
N TYR A 1881 -39.51 -47.24 10.40
CA TYR A 1881 -40.53 -48.26 10.16
C TYR A 1881 -41.18 -48.74 11.45
N ASP A 1882 -40.36 -48.97 12.49
CA ASP A 1882 -40.89 -49.44 13.76
C ASP A 1882 -41.02 -48.26 14.71
N PRO A 1883 -42.23 -47.78 15.02
CA PRO A 1883 -42.35 -46.69 15.99
C PRO A 1883 -41.77 -47.02 17.35
N ALA A 1884 -41.93 -48.27 17.80
CA ALA A 1884 -41.32 -48.68 19.06
C ALA A 1884 -39.80 -48.77 18.93
N ALA A 1885 -39.31 -49.13 17.75
CA ALA A 1885 -37.87 -49.24 17.48
C ALA A 1885 -37.19 -50.21 18.45
N TRP A 1886 -37.83 -51.37 18.66
CA TRP A 1886 -37.27 -52.37 19.56
C TRP A 1886 -36.04 -53.06 19.01
N GLY A 1887 -35.72 -52.86 17.74
CA GLY A 1887 -34.57 -53.50 17.13
C GLY A 1887 -34.87 -54.74 16.32
N ARG A 1888 -36.14 -55.10 16.16
CA ARG A 1888 -36.53 -56.26 15.37
C ARG A 1888 -37.65 -55.85 14.42
N MET A 1889 -37.46 -56.16 13.14
CA MET A 1889 -38.38 -55.73 12.09
C MET A 1889 -38.64 -56.91 11.15
N PRO A 1890 -39.89 -57.10 10.72
CA PRO A 1890 -40.24 -58.34 10.01
C PRO A 1890 -39.48 -58.51 8.71
N TYR A 1891 -39.19 -59.77 8.38
CA TYR A 1891 -38.41 -60.07 7.18
C TYR A 1891 -39.12 -59.67 5.90
N LEU A 1892 -40.46 -59.60 5.90
CA LEU A 1892 -41.17 -59.21 4.70
C LEU A 1892 -40.97 -57.74 4.37
N ASP A 1893 -41.02 -56.87 5.39
CA ASP A 1893 -40.79 -55.45 5.17
C ASP A 1893 -39.34 -55.15 4.83
N MET A 1894 -38.44 -56.11 5.00
CA MET A 1894 -37.03 -55.85 4.73
C MET A 1894 -36.78 -55.72 3.23
N TYR A 1895 -37.69 -56.26 2.41
CA TYR A 1895 -37.61 -56.00 0.97
C TYR A 1895 -37.99 -54.56 0.65
N GLN A 1896 -39.03 -54.04 1.30
CA GLN A 1896 -39.36 -52.62 1.15
C GLN A 1896 -38.32 -51.74 1.84
N MET A 1897 -37.62 -52.31 2.82
CA MET A 1897 -36.49 -51.65 3.47
C MET A 1897 -35.44 -51.19 2.47
N LEU A 1898 -35.00 -52.10 1.59
CA LEU A 1898 -33.88 -51.81 0.72
C LEU A 1898 -34.24 -50.92 -0.46
N ARG A 1899 -35.49 -50.98 -0.94
CA ARG A 1899 -35.87 -50.28 -2.15
C ARG A 1899 -36.02 -48.77 -1.97
N HIS A 1900 -36.37 -48.32 -0.77
CA HIS A 1900 -36.62 -46.89 -0.57
C HIS A 1900 -35.32 -46.08 -0.61
N MET A 1901 -34.25 -46.62 -0.03
CA MET A 1901 -32.97 -45.92 -0.01
C MET A 1901 -32.20 -46.11 -1.30
N SER A 1902 -31.27 -45.21 -1.54
CA SER A 1902 -30.43 -45.21 -2.73
C SER A 1902 -29.24 -46.15 -2.55
N PRO A 1903 -28.66 -46.62 -3.65
CA PRO A 1903 -27.43 -47.41 -3.56
C PRO A 1903 -26.29 -46.56 -3.03
N PRO A 1904 -25.15 -47.17 -2.63
CA PRO A 1904 -24.78 -48.59 -2.70
C PRO A 1904 -25.37 -49.44 -1.59
N LEU A 1905 -25.69 -48.84 -0.45
CA LEU A 1905 -26.23 -49.60 0.67
C LEU A 1905 -27.63 -50.13 0.35
N GLY A 1906 -28.49 -49.28 -0.18
CA GLY A 1906 -29.80 -49.70 -0.62
C GLY A 1906 -29.76 -50.23 -2.04
N LEU A 1907 -30.96 -50.56 -2.54
CA LEU A 1907 -31.11 -51.04 -3.91
C LEU A 1907 -31.73 -50.03 -4.84
N GLY A 1908 -32.50 -49.08 -4.34
CA GLY A 1908 -33.16 -48.10 -5.18
C GLY A 1908 -34.57 -48.50 -5.55
N LYS A 1909 -35.42 -47.51 -5.79
CA LYS A 1909 -36.82 -47.80 -6.13
C LYS A 1909 -36.95 -48.44 -7.50
N LYS A 1910 -35.96 -48.24 -8.36
CA LYS A 1910 -35.98 -48.79 -9.72
C LYS A 1910 -35.25 -50.13 -9.83
N CYS A 1911 -34.79 -50.68 -8.72
CA CYS A 1911 -34.03 -51.93 -8.78
C CYS A 1911 -34.93 -53.08 -9.22
N PRO A 1912 -34.48 -53.91 -10.15
CA PRO A 1912 -35.27 -55.09 -10.53
C PRO A 1912 -35.36 -56.08 -9.37
N ALA A 1913 -36.45 -56.84 -9.35
CA ALA A 1913 -36.66 -57.82 -8.28
C ALA A 1913 -35.58 -58.90 -8.30
N ARG A 1914 -35.21 -59.38 -9.49
CA ARG A 1914 -34.21 -60.41 -9.59
C ARG A 1914 -32.85 -59.93 -9.09
N VAL A 1915 -32.48 -58.69 -9.41
CA VAL A 1915 -31.25 -58.13 -8.87
C VAL A 1915 -31.37 -57.93 -7.36
N ALA A 1916 -32.56 -57.55 -6.89
CA ALA A 1916 -32.78 -57.37 -5.46
C ALA A 1916 -32.60 -58.68 -4.71
N TYR A 1917 -33.17 -59.76 -5.24
CA TYR A 1917 -33.10 -61.05 -4.55
C TYR A 1917 -31.68 -61.61 -4.57
N LYS A 1918 -30.94 -61.36 -5.66
CA LYS A 1918 -29.59 -61.87 -5.77
C LYS A 1918 -28.67 -61.33 -4.67
N ARG A 1919 -28.78 -60.03 -4.36
CA ARG A 1919 -28.01 -59.46 -3.26
C ARG A 1919 -28.43 -60.06 -1.93
N LEU A 1920 -29.73 -60.33 -1.77
CA LEU A 1920 -30.23 -60.92 -0.52
C LEU A 1920 -29.61 -62.28 -0.27
N LEU A 1921 -29.28 -63.02 -1.32
CA LEU A 1921 -28.65 -64.33 -1.16
C LEU A 1921 -27.29 -64.23 -0.50
N ARG A 1922 -26.53 -63.18 -0.81
CA ARG A 1922 -25.18 -63.03 -0.28
C ARG A 1922 -25.16 -62.59 1.18
N MET A 1923 -26.25 -62.01 1.68
CA MET A 1923 -26.28 -61.54 3.06
C MET A 1923 -26.34 -62.71 4.05
N ASP A 1924 -27.12 -63.73 3.74
CA ASP A 1924 -27.27 -64.92 4.60
C ASP A 1924 -27.68 -64.52 6.01
N LEU A 1925 -28.61 -63.57 6.11
CA LEU A 1925 -29.07 -63.09 7.41
C LEU A 1925 -30.00 -64.11 8.05
N PRO A 1926 -29.70 -64.61 9.25
CA PRO A 1926 -30.62 -65.54 9.90
C PRO A 1926 -31.92 -64.86 10.31
N VAL A 1927 -33.00 -65.64 10.32
CA VAL A 1927 -34.31 -65.18 10.70
C VAL A 1927 -34.65 -65.74 12.08
N ALA A 1928 -35.09 -64.87 12.99
CA ALA A 1928 -35.46 -65.31 14.32
C ALA A 1928 -36.79 -66.07 14.28
N ASP A 1929 -37.09 -66.73 15.41
CA ASP A 1929 -38.31 -67.54 15.49
C ASP A 1929 -39.58 -66.70 15.35
N ASP A 1930 -39.50 -65.40 15.64
CA ASP A 1930 -40.64 -64.51 15.46
C ASP A 1930 -40.70 -63.89 14.07
N ASN A 1931 -39.94 -64.43 13.11
CA ASN A 1931 -39.93 -63.99 11.72
C ASN A 1931 -39.43 -62.55 11.56
N THR A 1932 -38.63 -62.07 12.50
CA THR A 1932 -38.04 -60.74 12.43
C THR A 1932 -36.53 -60.84 12.26
N VAL A 1933 -35.93 -59.73 11.86
CA VAL A 1933 -34.49 -59.62 11.70
C VAL A 1933 -33.98 -58.51 12.60
N HIS A 1934 -32.82 -58.73 13.22
CA HIS A 1934 -32.27 -57.78 14.18
C HIS A 1934 -31.67 -56.58 13.46
N PHE A 1935 -31.68 -55.43 14.15
CA PHE A 1935 -31.16 -54.20 13.56
C PHE A 1935 -29.66 -54.29 13.30
N ASN A 1936 -28.91 -54.72 14.33
CA ASN A 1936 -27.45 -54.80 14.19
C ASN A 1936 -27.03 -55.88 13.21
N SER A 1937 -27.69 -57.03 13.22
CA SER A 1937 -27.32 -58.12 12.33
C SER A 1937 -27.52 -57.74 10.87
N THR A 1938 -28.63 -57.05 10.58
CA THR A 1938 -28.87 -56.60 9.21
C THR A 1938 -27.81 -55.60 8.76
N LEU A 1939 -27.41 -54.69 9.64
CA LEU A 1939 -26.42 -53.68 9.28
C LEU A 1939 -25.09 -54.31 8.93
N MET A 1940 -24.64 -55.29 9.72
CA MET A 1940 -23.37 -55.95 9.42
C MET A 1940 -23.43 -56.67 8.08
N ALA A 1941 -24.54 -57.36 7.81
CA ALA A 1941 -24.69 -58.02 6.51
C ALA A 1941 -24.74 -57.00 5.38
N LEU A 1942 -25.40 -55.87 5.61
CA LEU A 1942 -25.47 -54.81 4.60
C LEU A 1942 -24.09 -54.24 4.31
N ILE A 1943 -23.32 -53.94 5.35
CA ILE A 1943 -21.97 -53.42 5.16
C ILE A 1943 -21.09 -54.47 4.50
N ARG A 1944 -21.17 -55.71 4.98
CA ARG A 1944 -20.29 -56.77 4.50
C ARG A 1944 -20.51 -57.03 3.01
N THR A 1945 -21.78 -57.07 2.58
CA THR A 1945 -22.12 -57.31 1.18
C THR A 1945 -21.62 -56.23 0.24
N ALA A 1946 -21.68 -54.96 0.65
CA ALA A 1946 -21.28 -53.86 -0.22
C ALA A 1946 -19.77 -53.72 -0.35
N LEU A 1947 -19.02 -54.10 0.68
CA LEU A 1947 -17.57 -53.98 0.68
C LEU A 1947 -16.86 -55.29 0.40
N ASP A 1948 -17.60 -56.39 0.28
CA ASP A 1948 -17.02 -57.72 0.03
C ASP A 1948 -15.98 -58.08 1.10
N ILE A 1949 -16.36 -57.91 2.36
CA ILE A 1949 -15.45 -58.22 3.46
C ILE A 1949 -15.29 -59.73 3.57
N LYS A 1950 -14.11 -60.22 3.20
CA LYS A 1950 -13.73 -61.64 3.30
C LYS A 1950 -14.67 -62.55 2.52
N ILE A 1951 -15.58 -61.98 1.73
CA ILE A 1951 -16.80 -62.68 1.33
C ILE A 1951 -16.44 -63.86 0.43
N ALA A 1952 -16.53 -65.06 0.99
CA ALA A 1952 -16.28 -66.27 0.22
C ALA A 1952 -17.43 -66.58 -0.72
N LYS A 1953 -17.14 -67.33 -1.77
CA LYS A 1953 -18.11 -67.65 -2.80
C LYS A 1953 -18.97 -68.87 -2.46
N GLY A 1954 -18.73 -69.51 -1.33
CA GLY A 1954 -19.50 -70.67 -0.93
C GLY A 1954 -18.66 -71.84 -0.45
N GLY A 1955 -19.27 -72.77 0.26
CA GLY A 1955 -18.58 -73.95 0.73
C GLY A 1955 -18.02 -73.79 2.13
N ALA A 1956 -17.11 -74.70 2.47
CA ALA A 1956 -16.48 -74.70 3.78
C ALA A 1956 -15.60 -73.47 3.99
N ASP A 1957 -15.28 -72.77 2.90
CA ASP A 1957 -14.48 -71.55 3.01
C ASP A 1957 -15.18 -70.50 3.88
N LYS A 1958 -16.52 -70.48 3.85
CA LYS A 1958 -17.27 -69.45 4.57
C LYS A 1958 -17.08 -69.56 6.08
N GLN A 1959 -17.00 -70.78 6.61
CA GLN A 1959 -16.80 -70.95 8.04
C GLN A 1959 -15.41 -70.48 8.45
N GLN A 1960 -14.40 -70.74 7.60
CA GLN A 1960 -13.04 -70.29 7.88
C GLN A 1960 -12.93 -68.76 7.84
N MET A 1961 -13.56 -68.12 6.86
CA MET A 1961 -13.54 -66.65 6.80
C MET A 1961 -14.38 -66.01 7.89
N ASP A 1962 -15.46 -66.66 8.34
CA ASP A 1962 -16.12 -66.19 9.56
C ASP A 1962 -15.24 -66.34 10.78
N ALA A 1963 -14.51 -67.45 10.87
CA ALA A 1963 -13.62 -67.67 12.00
C ALA A 1963 -12.47 -66.67 12.02
N GLU A 1964 -11.89 -66.37 10.85
CA GLU A 1964 -10.82 -65.40 10.79
C GLU A 1964 -11.31 -64.00 11.14
N LEU A 1965 -12.52 -63.65 10.68
CA LEU A 1965 -13.09 -62.34 11.00
C LEU A 1965 -13.34 -62.20 12.50
N ARG A 1966 -13.81 -63.27 13.14
CA ARG A 1966 -14.05 -63.22 14.58
C ARG A 1966 -12.76 -62.97 15.34
N LYS A 1967 -11.68 -63.65 14.95
CA LYS A 1967 -10.40 -63.46 15.63
C LYS A 1967 -9.88 -62.04 15.44
N GLU A 1968 -10.02 -61.49 14.23
CA GLU A 1968 -9.57 -60.13 13.98
C GLU A 1968 -10.35 -59.11 14.79
N MET A 1969 -11.67 -59.29 14.88
CA MET A 1969 -12.49 -58.37 15.67
C MET A 1969 -12.13 -58.43 17.15
N MET A 1970 -11.90 -59.63 17.67
CA MET A 1970 -11.43 -59.77 19.05
C MET A 1970 -10.07 -59.13 19.24
N ALA A 1971 -9.18 -59.25 18.25
CA ALA A 1971 -7.87 -58.62 18.35
C ALA A 1971 -7.97 -57.10 18.36
N ILE A 1972 -8.89 -56.53 17.58
CA ILE A 1972 -9.08 -55.09 17.54
C ILE A 1972 -9.92 -54.60 18.71
N TRP A 1973 -10.93 -55.37 19.11
CA TRP A 1973 -11.83 -55.01 20.20
C TRP A 1973 -11.85 -56.13 21.24
N PRO A 1974 -10.85 -56.17 22.11
CA PRO A 1974 -10.86 -57.18 23.18
C PRO A 1974 -12.04 -57.06 24.13
N ASN A 1975 -12.55 -55.86 24.35
CA ASN A 1975 -13.65 -55.63 25.29
C ASN A 1975 -15.02 -55.96 24.69
N LEU A 1976 -15.07 -56.37 23.43
CA LEU A 1976 -16.34 -56.69 22.79
C LEU A 1976 -16.90 -57.96 23.39
N SER A 1977 -18.12 -57.89 23.92
CA SER A 1977 -18.74 -59.04 24.56
C SER A 1977 -19.02 -60.14 23.55
N GLN A 1978 -18.97 -61.39 24.02
CA GLN A 1978 -19.21 -62.54 23.14
C GLN A 1978 -20.62 -62.51 22.59
N LYS A 1979 -21.59 -62.06 23.38
CA LYS A 1979 -22.96 -61.97 22.89
C LYS A 1979 -23.07 -61.00 21.72
N THR A 1980 -22.37 -59.87 21.80
CA THR A 1980 -22.39 -58.92 20.70
C THR A 1980 -21.69 -59.49 19.46
N LEU A 1981 -20.59 -60.22 19.67
CA LEU A 1981 -19.89 -60.83 18.54
C LEU A 1981 -20.77 -61.85 17.83
N ASP A 1982 -21.46 -62.70 18.58
CA ASP A 1982 -22.38 -63.65 17.97
C ASP A 1982 -23.58 -62.96 17.35
N LEU A 1983 -23.90 -61.74 17.80
CA LEU A 1983 -24.96 -60.95 17.17
C LEU A 1983 -24.50 -60.31 15.86
N LEU A 1984 -23.25 -59.89 15.77
CA LEU A 1984 -22.75 -59.25 14.55
C LEU A 1984 -22.31 -60.30 13.53
N VAL A 1985 -21.53 -61.28 13.98
CA VAL A 1985 -21.15 -62.41 13.14
C VAL A 1985 -21.86 -63.65 13.67
N THR A 1986 -23.04 -63.93 13.13
CA THR A 1986 -23.89 -64.99 13.64
C THR A 1986 -23.24 -66.36 13.40
N PRO A 1987 -23.14 -67.22 14.41
CA PRO A 1987 -22.67 -68.59 14.18
C PRO A 1987 -23.64 -69.33 13.28
N HIS A 1988 -23.12 -69.95 12.24
CA HIS A 1988 -23.94 -70.53 11.17
C HIS A 1988 -24.28 -71.97 11.53
N LYS A 1989 -25.55 -72.22 11.82
CA LYS A 1989 -26.08 -73.57 11.94
C LYS A 1989 -26.83 -73.94 10.68
N SER A 1990 -26.71 -75.20 10.27
CA SER A 1990 -27.38 -75.66 9.05
C SER A 1990 -28.90 -75.61 9.20
N THR A 1991 -29.42 -75.81 10.42
CA THR A 1991 -30.86 -75.85 10.62
C THR A 1991 -31.47 -74.45 10.57
N ASP A 1992 -30.66 -73.42 10.79
CA ASP A 1992 -31.19 -72.06 10.83
C ASP A 1992 -31.78 -71.64 9.50
N LEU A 1993 -32.96 -71.02 9.56
CA LEU A 1993 -33.64 -70.50 8.38
C LEU A 1993 -33.18 -69.06 8.16
N THR A 1994 -32.37 -68.85 7.13
CA THR A 1994 -31.86 -67.53 6.82
C THR A 1994 -32.74 -66.83 5.79
N VAL A 1995 -32.54 -65.52 5.66
CA VAL A 1995 -33.26 -64.76 4.65
C VAL A 1995 -32.93 -65.27 3.25
N GLY A 1996 -31.66 -65.62 3.01
CA GLY A 1996 -31.29 -66.13 1.70
C GLY A 1996 -32.04 -67.38 1.32
N LYS A 1997 -32.23 -68.28 2.29
CA LYS A 1997 -33.00 -69.50 2.04
C LYS A 1997 -34.45 -69.18 1.66
N ILE A 1998 -35.05 -68.20 2.34
CA ILE A 1998 -36.44 -67.84 2.06
C ILE A 1998 -36.56 -67.29 0.64
N TYR A 1999 -35.65 -66.39 0.25
CA TYR A 1999 -35.73 -65.79 -1.07
C TYR A 1999 -35.26 -66.76 -2.16
N ALA A 2000 -34.37 -67.69 -1.83
CA ALA A 2000 -33.98 -68.71 -2.81
C ALA A 2000 -35.16 -69.60 -3.16
N ALA A 2001 -35.97 -69.96 -2.16
CA ALA A 2001 -37.10 -70.85 -2.39
C ALA A 2001 -38.13 -70.21 -3.33
N MET A 2002 -38.43 -68.93 -3.12
CA MET A 2002 -39.47 -68.29 -3.93
C MET A 2002 -39.02 -68.12 -5.37
N MET A 2003 -37.74 -67.82 -5.60
CA MET A 2003 -37.22 -67.76 -6.96
C MET A 2003 -37.27 -69.14 -7.62
N ILE A 2004 -36.89 -70.18 -6.89
CA ILE A 2004 -36.98 -71.54 -7.42
C ILE A 2004 -38.43 -71.89 -7.72
N MET A 2005 -39.34 -71.56 -6.80
CA MET A 2005 -40.76 -71.76 -7.07
C MET A 2005 -41.22 -70.93 -8.25
N GLU A 2006 -40.80 -69.66 -8.31
CA GLU A 2006 -41.14 -68.83 -9.45
C GLU A 2006 -40.53 -69.35 -10.74
N TYR A 2007 -39.25 -69.76 -10.69
CA TYR A 2007 -38.62 -70.36 -11.86
C TYR A 2007 -39.32 -71.66 -12.24
N TYR A 2008 -39.67 -72.48 -11.26
CA TYR A 2008 -40.44 -73.69 -11.54
C TYR A 2008 -41.82 -73.36 -12.12
N ARG A 2009 -42.48 -72.35 -11.56
CA ARG A 2009 -43.76 -71.92 -12.09
C ARG A 2009 -43.61 -71.38 -13.51
N GLN A 2010 -42.58 -70.57 -13.76
CA GLN A 2010 -42.35 -70.03 -15.09
C GLN A 2010 -41.93 -71.13 -16.07
N SER A 2011 -41.09 -72.06 -15.62
CA SER A 2011 -40.69 -73.17 -16.47
C SER A 2011 -41.88 -74.06 -16.81
N LYS A 2012 -42.73 -74.35 -15.83
CA LYS A 2012 -43.94 -75.12 -16.10
C LYS A 2012 -44.87 -74.37 -17.04
N ALA A 2013 -45.06 -73.06 -16.81
CA ALA A 2013 -45.95 -72.29 -17.66
C ALA A 2013 -45.46 -72.28 -19.10
N LYS A 2014 -44.15 -72.15 -19.30
CA LYS A 2014 -43.59 -72.22 -20.65
C LYS A 2014 -43.80 -73.60 -21.24
N LYS A 2015 -43.67 -74.66 -20.43
CA LYS A 2015 -43.82 -76.02 -20.93
C LYS A 2015 -45.24 -76.26 -21.45
N LEU A 2016 -46.25 -75.82 -20.70
CA LEU A 2016 -47.62 -75.92 -21.20
C LEU A 2016 -47.82 -75.11 -22.46
N GLN A 2017 -47.24 -73.91 -22.52
CA GLN A 2017 -47.30 -73.10 -23.73
C GLN A 2017 -46.58 -73.80 -24.87
N ALA A 2018 -45.42 -74.39 -24.59
CA ALA A 2018 -44.67 -75.10 -25.63
C ALA A 2018 -45.44 -76.33 -26.10
N MET A 2019 -46.07 -77.05 -25.18
CA MET A 2019 -46.81 -78.26 -25.53
C MET A 2019 -48.12 -77.92 -26.23
N ARG A 2020 -48.50 -76.65 -26.23
CA ARG A 2020 -49.71 -76.18 -26.89
C ARG A 2020 -49.42 -75.54 -28.24
N GLU A 2021 -48.37 -74.72 -28.32
CA GLU A 2021 -48.01 -74.10 -29.60
C GLU A 2021 -47.53 -75.14 -30.60
N GLU A 2022 -46.95 -76.24 -30.12
CA GLU A 2022 -46.49 -77.33 -30.98
C GLU A 2022 -47.60 -78.29 -31.36
N GLN A 2023 -48.80 -78.14 -30.78
CA GLN A 2023 -49.91 -79.04 -31.04
C GLN A 2023 -50.98 -78.46 -31.95
N ASP A 2024 -50.89 -77.18 -32.29
CA ASP A 2024 -51.91 -76.53 -33.10
C ASP A 2024 -51.70 -76.75 -34.59
N ARG A 2025 -50.63 -77.42 -35.00
CA ARG A 2025 -50.40 -77.70 -36.40
C ARG A 2025 -51.03 -79.03 -36.81
N PRO B 26 -55.17 74.30 16.62
CA PRO B 26 -54.95 74.38 15.17
C PRO B 26 -53.51 74.74 14.83
N PHE B 27 -53.21 74.78 13.53
CA PHE B 27 -51.87 75.11 13.09
C PHE B 27 -51.62 76.61 13.23
N PRO B 28 -50.56 77.03 13.93
CA PRO B 28 -50.31 78.45 14.12
C PRO B 28 -50.09 79.18 12.80
N SER B 29 -50.35 80.48 12.83
CA SER B 29 -50.16 81.30 11.64
C SER B 29 -48.67 81.54 11.36
N ALA B 30 -48.38 81.91 10.11
CA ALA B 30 -47.00 82.13 9.70
C ALA B 30 -46.37 83.27 10.48
N VAL B 31 -47.10 84.37 10.70
CA VAL B 31 -46.55 85.48 11.45
C VAL B 31 -46.30 85.08 12.90
N THR B 32 -47.19 84.27 13.48
CA THR B 32 -47.00 83.83 14.86
C THR B 32 -45.76 82.95 15.00
N ILE B 33 -45.59 81.97 14.12
CA ILE B 33 -44.41 81.11 14.21
C ILE B 33 -43.14 81.89 13.88
N LYS B 34 -43.24 82.87 12.97
CA LYS B 34 -42.08 83.71 12.69
C LYS B 34 -41.66 84.50 13.92
N SER B 35 -42.63 85.07 14.63
CA SER B 35 -42.32 85.79 15.86
C SER B 35 -41.73 84.86 16.90
N TRP B 36 -42.26 83.63 17.00
CA TRP B 36 -41.75 82.67 17.97
C TRP B 36 -40.30 82.31 17.68
N VAL B 37 -39.99 82.05 16.40
CA VAL B 37 -38.62 81.73 16.00
C VAL B 37 -37.71 82.93 16.22
N ASP B 38 -38.20 84.14 15.94
CA ASP B 38 -37.41 85.34 16.18
C ASP B 38 -37.10 85.50 17.66
N LYS B 39 -38.07 85.22 18.53
CA LYS B 39 -37.82 85.30 19.97
C LYS B 39 -36.77 84.30 20.40
N MET B 40 -36.88 83.05 19.94
CA MET B 40 -35.89 82.04 20.30
C MET B 40 -34.50 82.42 19.78
N GLN B 41 -34.43 82.90 18.53
CA GLN B 41 -33.17 83.39 17.98
C GLN B 41 -32.59 84.47 18.88
N GLU B 42 -33.29 85.59 19.00
CA GLU B 42 -32.88 86.69 19.87
C GLU B 42 -32.32 86.20 21.20
N ASP B 43 -33.06 85.32 21.89
CA ASP B 43 -32.60 84.81 23.17
C ASP B 43 -31.26 84.11 23.04
N LEU B 44 -31.15 83.15 22.13
CA LEU B 44 -29.92 82.36 22.02
C LEU B 44 -28.73 83.21 21.58
N VAL B 45 -28.95 84.06 20.57
CA VAL B 45 -27.85 84.85 20.03
C VAL B 45 -27.38 85.89 21.05
N THR B 46 -28.31 86.53 21.76
CA THR B 46 -27.89 87.49 22.79
C THR B 46 -27.18 86.79 23.93
N LEU B 47 -27.65 85.61 24.33
CA LEU B 47 -26.97 84.87 25.40
C LEU B 47 -25.54 84.52 24.98
N ALA B 48 -25.38 84.01 23.76
CA ALA B 48 -24.05 83.61 23.29
C ALA B 48 -23.14 84.83 23.14
N LYS B 49 -23.68 85.95 22.66
CA LYS B 49 -22.84 87.13 22.43
C LYS B 49 -22.46 87.81 23.73
N THR B 50 -23.36 87.83 24.71
CA THR B 50 -23.10 88.48 25.99
C THR B 50 -22.46 87.54 27.00
N ALA B 51 -22.27 86.27 26.66
CA ALA B 51 -21.55 85.34 27.52
C ALA B 51 -20.14 85.13 26.99
N SER B 52 -19.99 84.72 25.74
CA SER B 52 -18.67 84.66 25.11
C SER B 52 -18.34 86.03 24.52
N GLY B 53 -17.20 86.59 24.93
CA GLY B 53 -16.87 87.94 24.54
C GLY B 53 -16.27 88.05 23.15
N VAL B 54 -17.10 87.93 22.11
CA VAL B 54 -16.61 88.09 20.75
C VAL B 54 -16.09 89.51 20.54
N ASN B 55 -16.93 90.51 20.79
CA ASN B 55 -16.49 91.90 20.73
C ASN B 55 -15.40 92.18 21.76
N GLN B 56 -15.44 91.49 22.90
CA GLN B 56 -14.40 91.66 23.91
C GLN B 56 -13.04 91.24 23.39
N LEU B 57 -12.92 90.04 22.82
CA LEU B 57 -11.64 89.65 22.23
C LEU B 57 -11.26 90.52 21.04
N VAL B 58 -12.25 90.97 20.27
CA VAL B 58 -11.92 91.89 19.17
C VAL B 58 -11.21 93.12 19.72
N ASP B 59 -11.83 93.77 20.72
CA ASP B 59 -11.26 94.98 21.30
C ASP B 59 -9.91 94.70 21.94
N ILE B 60 -9.78 93.54 22.61
CA ILE B 60 -8.50 93.16 23.21
C ILE B 60 -7.43 93.06 22.15
N TYR B 61 -7.76 92.42 21.02
CA TYR B 61 -6.76 92.21 19.97
C TYR B 61 -6.33 93.52 19.33
N GLU B 62 -7.26 94.44 19.07
CA GLU B 62 -6.80 95.71 18.51
C GLU B 62 -6.03 96.53 19.54
N LYS B 63 -6.52 96.60 20.78
CA LYS B 63 -5.93 97.50 21.76
C LYS B 63 -4.67 96.93 22.40
N TYR B 64 -4.34 95.67 22.13
CA TYR B 64 -3.04 95.08 22.44
C TYR B 64 -2.18 94.94 21.20
N GLN B 65 -2.22 95.93 20.31
CA GLN B 65 -1.37 95.92 19.13
C GLN B 65 0.07 96.20 19.55
N ASP B 66 0.96 96.28 18.54
CA ASP B 66 2.38 96.56 18.71
C ASP B 66 3.11 95.40 19.39
N LEU B 67 2.37 94.37 19.80
CA LEU B 67 2.94 93.13 20.30
C LEU B 67 2.97 92.04 19.25
N TYR B 68 2.58 92.35 18.02
CA TYR B 68 2.60 91.39 16.94
C TYR B 68 2.56 92.15 15.61
N THR B 69 2.97 91.46 14.55
CA THR B 69 2.92 92.01 13.20
C THR B 69 2.21 91.03 12.29
N VAL B 70 1.49 91.57 11.31
CA VAL B 70 0.73 90.77 10.35
C VAL B 70 1.60 90.57 9.12
N GLU B 71 1.90 89.31 8.81
CA GLU B 71 2.73 89.01 7.67
C GLU B 71 1.92 88.29 6.58
N PRO B 72 2.24 88.54 5.31
CA PRO B 72 1.51 87.87 4.23
C PRO B 72 1.90 86.42 4.09
N ASN B 73 1.05 85.67 3.38
CA ASN B 73 1.28 84.26 3.08
C ASN B 73 1.31 84.14 1.56
N ASN B 74 2.49 84.34 0.98
CA ASN B 74 2.66 84.27 -0.47
C ASN B 74 2.68 82.81 -0.88
N ALA B 75 1.55 82.33 -1.40
CA ALA B 75 1.43 80.92 -1.74
C ALA B 75 2.43 80.52 -2.80
N ARG B 76 2.61 81.35 -3.83
CA ARG B 76 3.56 81.04 -4.89
C ARG B 76 4.97 80.89 -4.37
N GLN B 77 5.31 81.56 -3.27
CA GLN B 77 6.63 81.41 -2.66
C GLN B 77 6.69 80.22 -1.72
N LEU B 78 5.65 80.02 -0.88
CA LEU B 78 5.67 78.92 0.08
C LEU B 78 5.69 77.58 -0.63
N VAL B 79 4.86 77.39 -1.65
CA VAL B 79 4.83 76.10 -2.32
C VAL B 79 6.13 75.83 -3.06
N GLU B 80 6.75 76.85 -3.65
CA GLU B 80 8.04 76.67 -4.30
C GLU B 80 9.15 76.36 -3.30
N ILE B 81 9.14 77.01 -2.14
CA ILE B 81 10.15 76.73 -1.12
C ILE B 81 10.01 75.29 -0.63
N ALA B 82 8.77 74.87 -0.36
CA ALA B 82 8.56 73.50 0.11
C ALA B 82 8.95 72.49 -0.97
N ALA B 83 8.62 72.77 -2.23
CA ALA B 83 9.01 71.87 -3.31
C ALA B 83 10.53 71.78 -3.43
N ARG B 84 11.22 72.91 -3.29
CA ARG B 84 12.68 72.90 -3.36
C ARG B 84 13.27 72.11 -2.20
N ASP B 85 12.70 72.24 -1.01
CA ASP B 85 13.18 71.46 0.13
C ASP B 85 12.98 69.96 -0.09
N ILE B 86 11.82 69.58 -0.63
CA ILE B 86 11.58 68.16 -0.91
C ILE B 86 12.54 67.66 -1.98
N GLU B 87 12.81 68.48 -3.00
CA GLU B 87 13.78 68.09 -4.02
C GLU B 87 15.16 67.90 -3.41
N LYS B 88 15.57 68.78 -2.51
CA LYS B 88 16.88 68.66 -1.88
C LYS B 88 16.95 67.40 -1.02
N LEU B 89 15.89 67.09 -0.29
CA LEU B 89 15.87 65.86 0.51
C LEU B 89 15.98 64.63 -0.38
N LEU B 90 15.23 64.61 -1.49
CA LEU B 90 15.31 63.47 -2.39
C LEU B 90 16.66 63.35 -3.08
N SER B 91 17.30 64.47 -3.40
CA SER B 91 18.64 64.42 -3.98
C SER B 91 19.65 63.89 -2.96
N ASN B 92 19.54 64.32 -1.70
CA ASN B 92 20.35 63.74 -0.64
C ASN B 92 20.16 62.23 -0.56
N ARG B 93 18.90 61.78 -0.63
CA ARG B 93 18.62 60.35 -0.57
C ARG B 93 19.09 59.59 -1.80
N SER B 94 19.17 60.26 -2.94
CA SER B 94 19.61 59.62 -4.18
C SER B 94 21.13 59.52 -4.30
N LYS B 95 21.87 60.48 -3.77
CA LYS B 95 23.32 60.40 -3.80
C LYS B 95 23.83 59.16 -3.07
N ALA B 96 23.22 58.84 -1.93
CA ALA B 96 23.60 57.64 -1.20
C ALA B 96 23.39 56.39 -2.04
N LEU B 97 22.25 56.31 -2.74
CA LEU B 97 22.00 55.17 -3.61
C LEU B 97 23.05 55.07 -4.71
N VAL B 98 23.40 56.21 -5.31
CA VAL B 98 24.37 56.20 -6.40
C VAL B 98 25.71 55.67 -5.92
N ARG B 99 26.20 56.19 -4.79
CA ARG B 99 27.52 55.77 -4.33
C ARG B 99 27.50 54.33 -3.82
N LEU B 100 26.40 53.91 -3.19
CA LEU B 100 26.29 52.52 -2.78
C LEU B 100 26.30 51.58 -3.96
N ALA B 101 25.58 51.91 -5.03
CA ALA B 101 25.57 51.07 -6.22
C ALA B 101 26.96 50.99 -6.85
N LEU B 102 27.65 52.12 -6.93
CA LEU B 102 29.00 52.11 -7.50
C LEU B 102 29.93 51.22 -6.69
N GLU B 103 29.91 51.37 -5.37
CA GLU B 103 30.80 50.55 -4.53
C GLU B 103 30.44 49.07 -4.64
N ALA B 104 29.15 48.74 -4.66
CA ALA B 104 28.76 47.34 -4.77
C ALA B 104 29.21 46.75 -6.10
N GLU B 105 29.07 47.50 -7.18
CA GLU B 105 29.52 47.02 -8.49
C GLU B 105 31.02 46.76 -8.48
N LYS B 106 31.80 47.69 -7.92
CA LYS B 106 33.25 47.50 -7.89
C LYS B 106 33.63 46.29 -7.04
N VAL B 107 33.00 46.13 -5.87
CA VAL B 107 33.33 45.04 -4.98
C VAL B 107 32.99 43.69 -5.63
N GLN B 108 31.85 43.62 -6.31
CA GLN B 108 31.56 42.41 -7.07
C GLN B 108 32.58 42.18 -8.17
N ALA B 109 33.04 43.25 -8.83
CA ALA B 109 34.04 43.08 -9.87
C ALA B 109 35.35 42.52 -9.30
N ALA B 110 35.68 42.86 -8.06
CA ALA B 110 36.94 42.42 -7.47
C ALA B 110 36.83 41.08 -6.73
N HIS B 111 35.65 40.47 -6.67
CA HIS B 111 35.49 39.26 -5.88
C HIS B 111 36.08 38.04 -6.56
N GLN B 112 36.46 37.05 -5.74
CA GLN B 112 36.94 35.76 -6.20
C GLN B 112 36.01 34.67 -5.69
N TRP B 113 35.61 33.76 -6.57
CA TRP B 113 34.62 32.73 -6.23
C TRP B 113 35.31 31.60 -5.46
N ARG B 114 35.38 31.78 -4.15
CA ARG B 114 35.88 30.72 -3.28
C ARG B 114 34.83 29.62 -3.14
N GLU B 115 35.31 28.41 -2.89
CA GLU B 115 34.42 27.27 -2.64
C GLU B 115 34.69 26.59 -1.31
N ASP B 116 35.95 26.54 -0.89
CA ASP B 116 36.31 25.95 0.40
C ASP B 116 36.32 27.04 1.46
N PHE B 117 35.27 27.08 2.28
CA PHE B 117 35.13 28.05 3.35
C PHE B 117 35.42 27.38 4.68
N ALA B 118 36.39 27.90 5.42
CA ALA B 118 36.63 27.42 6.77
C ALA B 118 35.47 27.84 7.68
N SER B 119 35.39 27.20 8.85
CA SER B 119 34.25 27.41 9.73
C SER B 119 34.11 28.86 10.17
N ASN B 120 35.20 29.64 10.14
CA ASN B 120 35.15 31.06 10.48
C ASN B 120 35.86 31.84 9.36
N GLU B 121 35.10 32.17 8.31
CA GLU B 121 35.60 33.02 7.25
C GLU B 121 34.68 34.20 6.92
N VAL B 122 33.38 34.04 7.11
CA VAL B 122 32.41 35.13 6.94
C VAL B 122 31.80 35.43 8.29
N VAL B 123 31.72 36.72 8.63
CA VAL B 123 31.26 37.17 9.94
C VAL B 123 30.10 38.14 9.73
N TYR B 124 28.98 37.88 10.40
CA TYR B 124 27.79 38.70 10.24
C TYR B 124 26.88 38.46 11.44
N TYR B 125 25.69 39.07 11.39
CA TYR B 125 24.76 39.07 12.51
C TYR B 125 23.56 38.15 12.31
N ASN B 126 23.08 38.02 11.07
CA ASN B 126 22.00 37.12 10.66
C ASN B 126 20.63 37.62 11.10
N ALA B 127 20.59 38.64 11.97
CA ALA B 127 19.38 39.40 12.25
C ALA B 127 18.16 38.56 12.62
N LYS B 128 18.37 37.26 12.88
CA LYS B 128 17.28 36.39 13.27
C LYS B 128 17.67 35.39 14.35
N ASP B 129 18.90 35.45 14.84
CA ASP B 129 19.36 34.52 15.86
C ASP B 129 18.95 35.01 17.24
N ASP B 130 18.73 34.06 18.15
CA ASP B 130 18.46 34.43 19.54
C ASP B 130 19.67 35.13 20.13
N LEU B 131 19.42 36.27 20.79
CA LEU B 131 20.51 37.07 21.31
C LEU B 131 21.27 36.38 22.43
N ASP B 132 20.68 35.37 23.06
CA ASP B 132 21.32 34.62 24.14
C ASP B 132 21.22 33.13 23.85
N PRO B 133 22.03 32.62 22.92
CA PRO B 133 22.03 31.17 22.66
C PRO B 133 22.89 30.40 23.65
N GLU B 134 24.01 31.00 24.06
CA GLU B 134 24.99 30.35 24.93
C GLU B 134 25.40 28.98 24.39
N LYS B 135 25.98 28.99 23.20
CA LYS B 135 26.45 27.76 22.57
C LYS B 135 27.97 27.71 22.53
N GLU B 139 27.36 28.66 10.46
CA GLU B 139 28.08 27.65 11.25
C GLU B 139 29.07 26.82 10.41
N PRO B 140 28.66 26.31 9.24
CA PRO B 140 29.64 25.61 8.38
C PRO B 140 30.79 26.51 7.95
N GLY B 141 30.53 27.79 7.73
CA GLY B 141 31.58 28.72 7.34
C GLY B 141 31.39 30.10 7.95
N SER B 142 30.45 30.25 8.87
CA SER B 142 30.04 31.54 9.38
C SER B 142 30.30 31.63 10.88
N GLN B 143 30.60 32.84 11.34
CA GLN B 143 30.76 33.15 12.76
C GLN B 143 29.82 34.29 13.11
N ARG B 144 28.95 34.07 14.09
CA ARG B 144 27.94 35.05 14.44
C ARG B 144 28.57 36.22 15.20
N ILE B 145 27.85 37.35 15.21
CA ILE B 145 28.22 38.55 15.95
C ILE B 145 27.22 38.75 17.08
N LYS B 146 27.74 38.99 18.28
CA LYS B 146 26.90 39.38 19.40
C LYS B 146 26.96 40.89 19.52
N PRO B 147 25.98 41.63 19.00
CA PRO B 147 26.07 43.09 18.98
C PRO B 147 25.43 43.72 20.20
N VAL B 148 25.58 45.04 20.31
CA VAL B 148 25.01 45.82 21.38
C VAL B 148 24.01 46.81 20.79
N PHE B 149 22.77 46.73 21.25
CA PHE B 149 21.72 47.67 20.88
C PHE B 149 21.37 48.48 22.11
N ILE B 150 21.42 49.81 21.99
CA ILE B 150 21.10 50.63 23.16
C ILE B 150 19.68 51.16 23.08
N GLU B 151 19.40 52.06 22.13
CA GLU B 151 18.07 52.59 21.85
C GLU B 151 18.24 53.61 20.74
N ASP B 152 17.13 53.96 20.09
CA ASP B 152 17.09 55.13 19.20
C ASP B 152 15.64 55.52 18.99
N ALA B 153 15.27 56.71 19.48
CA ALA B 153 13.91 57.19 19.31
C ALA B 153 13.58 57.55 17.88
N ASN B 154 14.60 57.74 17.03
CA ASN B 154 14.36 58.01 15.61
C ASN B 154 13.72 56.79 14.94
N PHE B 155 14.08 55.59 15.37
CA PHE B 155 13.50 54.35 14.83
C PHE B 155 12.46 53.72 15.75
N GLY B 156 12.59 53.89 17.06
CA GLY B 156 11.74 53.23 18.01
C GLY B 156 12.23 51.85 18.41
N ARG B 157 12.95 51.17 17.52
CA ARG B 157 13.54 49.87 17.81
C ARG B 157 14.89 50.06 18.48
N GLN B 158 15.60 48.97 18.72
CA GLN B 158 16.96 49.00 19.25
C GLN B 158 17.91 48.65 18.11
N ILE B 159 18.83 49.57 17.82
CA ILE B 159 19.68 49.45 16.65
C ILE B 159 21.15 49.53 17.07
N SER B 160 22.02 49.09 16.17
CA SER B 160 23.46 49.20 16.34
C SER B 160 24.05 49.84 15.10
N TYR B 161 24.89 50.86 15.29
CA TYR B 161 25.53 51.56 14.19
C TYR B 161 26.86 50.93 13.80
N GLN B 162 27.31 49.90 14.51
CA GLN B 162 28.64 49.35 14.28
C GLN B 162 28.71 48.50 13.02
N HIS B 163 27.64 47.81 12.65
CA HIS B 163 27.67 46.90 11.52
C HIS B 163 26.26 46.73 10.99
N ALA B 164 26.18 46.16 9.78
CA ALA B 164 24.91 45.91 9.13
C ALA B 164 24.40 44.51 9.46
N ALA B 165 23.08 44.35 9.39
CA ALA B 165 22.43 43.08 9.65
C ALA B 165 22.01 42.43 8.35
N VAL B 166 21.99 41.10 8.33
CA VAL B 166 21.65 40.32 7.16
C VAL B 166 20.42 39.49 7.47
N HIS B 167 19.42 39.57 6.60
CA HIS B 167 18.21 38.75 6.72
C HIS B 167 18.24 37.69 5.64
N ILE B 168 18.15 36.43 6.05
CA ILE B 168 18.09 35.30 5.13
C ILE B 168 16.77 34.57 5.40
N PRO B 169 15.87 34.47 4.42
CA PRO B 169 14.57 33.84 4.66
C PRO B 169 14.71 32.38 5.05
N THR B 170 13.62 31.83 5.57
CA THR B 170 13.65 30.48 6.13
C THR B 170 13.99 29.44 5.07
N ASP B 171 13.42 29.58 3.87
CA ASP B 171 13.59 28.55 2.85
C ASP B 171 15.04 28.41 2.42
N ILE B 172 15.74 29.53 2.25
CA ILE B 172 17.11 29.51 1.74
C ILE B 172 18.08 29.23 2.87
N TYR B 173 18.93 28.22 2.68
CA TYR B 173 19.96 27.87 3.66
C TYR B 173 21.07 28.91 3.63
N GLU B 174 21.64 29.17 4.81
CA GLU B 174 22.67 30.18 4.97
C GLU B 174 24.09 29.61 4.86
N GLY B 175 24.22 28.33 4.55
CA GLY B 175 25.54 27.74 4.42
C GLY B 175 25.90 27.37 2.99
N SER B 176 25.03 27.69 2.05
CA SER B 176 25.27 27.37 0.65
C SER B 176 26.45 28.18 0.10
N THR B 177 27.14 27.60 -0.87
CA THR B 177 28.25 28.30 -1.51
C THR B 177 27.81 29.54 -2.27
N ILE B 178 26.54 29.62 -2.68
CA ILE B 178 26.04 30.82 -3.33
C ILE B 178 25.68 31.91 -2.33
N VAL B 179 25.39 31.55 -1.08
CA VAL B 179 25.05 32.54 -0.06
C VAL B 179 26.28 33.01 0.68
N LEU B 180 27.24 32.12 0.93
CA LEU B 180 28.45 32.51 1.65
C LEU B 180 29.28 33.50 0.86
N ASN B 181 29.34 33.34 -0.45
CA ASN B 181 30.11 34.25 -1.29
C ASN B 181 29.55 35.67 -1.23
N GLU B 182 28.23 35.81 -1.28
CA GLU B 182 27.63 37.13 -1.13
C GLU B 182 27.79 37.65 0.28
N LEU B 183 27.63 36.79 1.29
CA LEU B 183 27.87 37.21 2.66
C LEU B 183 29.30 37.72 2.85
N ASN B 184 30.23 37.25 2.03
CA ASN B 184 31.59 37.75 2.10
C ASN B 184 31.73 39.09 1.36
N TRP B 185 31.31 39.15 0.10
CA TRP B 185 31.61 40.35 -0.69
C TRP B 185 30.74 41.54 -0.29
N THR B 186 29.51 41.30 0.18
CA THR B 186 28.68 42.41 0.64
C THR B 186 29.18 43.02 1.93
N SER B 187 30.14 42.40 2.61
CA SER B 187 30.67 42.95 3.85
C SER B 187 31.39 44.26 3.64
N ALA B 188 31.76 44.60 2.39
CA ALA B 188 32.36 45.89 2.10
C ALA B 188 31.36 47.02 2.08
N LEU B 189 30.06 46.70 1.99
CA LEU B 189 29.04 47.74 1.95
C LEU B 189 28.86 48.44 3.29
N ASP B 190 29.34 47.85 4.38
CA ASP B 190 29.18 48.47 5.69
C ASP B 190 29.93 49.79 5.80
N GLU B 191 31.12 49.90 5.19
CA GLU B 191 31.85 51.15 5.24
C GLU B 191 31.09 52.27 4.54
N VAL B 192 30.51 51.98 3.37
CA VAL B 192 29.72 52.99 2.68
C VAL B 192 28.44 53.30 3.44
N PHE B 193 27.84 52.29 4.08
CA PHE B 193 26.69 52.54 4.95
C PHE B 193 27.03 53.55 6.04
N LYS B 194 28.15 53.33 6.72
CA LYS B 194 28.56 54.23 7.79
C LYS B 194 28.89 55.62 7.25
N LYS B 195 29.56 55.68 6.08
CA LYS B 195 29.88 56.97 5.49
C LYS B 195 28.62 57.76 5.17
N ASN B 196 27.63 57.10 4.57
CA ASN B 196 26.37 57.78 4.26
C ASN B 196 25.65 58.22 5.53
N ARG B 197 25.62 57.37 6.55
CA ARG B 197 24.93 57.74 7.78
C ARG B 197 25.63 58.90 8.49
N GLU B 198 26.95 59.00 8.39
CA GLU B 198 27.68 60.11 9.00
C GLU B 198 27.61 61.38 8.18
N GLU B 199 27.46 61.27 6.85
CA GLU B 199 27.26 62.47 6.04
C GLU B 199 25.86 63.03 6.21
N ASP B 200 24.85 62.16 6.26
CA ASP B 200 23.46 62.57 6.46
C ASP B 200 22.90 61.77 7.64
N PRO B 201 22.94 62.34 8.84
CA PRO B 201 22.48 61.61 10.03
C PRO B 201 20.99 61.31 10.06
N SER B 202 20.23 61.68 9.03
CA SER B 202 18.79 61.46 9.00
C SER B 202 18.40 60.24 8.17
N LEU B 203 19.36 59.43 7.74
CA LEU B 203 19.05 58.25 6.94
C LEU B 203 18.48 57.16 7.83
N LEU B 204 17.32 56.63 7.44
CA LEU B 204 16.65 55.59 8.23
C LEU B 204 17.19 54.20 7.89
N TRP B 205 16.98 53.75 6.65
CA TRP B 205 17.39 52.42 6.25
C TRP B 205 18.20 52.50 4.96
N GLN B 206 19.13 51.56 4.82
CA GLN B 206 19.93 51.42 3.60
C GLN B 206 20.02 49.92 3.31
N VAL B 207 19.05 49.42 2.55
CA VAL B 207 18.91 47.99 2.31
C VAL B 207 19.50 47.67 0.95
N PHE B 208 20.11 46.48 0.85
CA PHE B 208 20.60 45.95 -0.42
C PHE B 208 19.96 44.59 -0.64
N GLY B 209 18.88 44.56 -1.41
CA GLY B 209 18.30 43.30 -1.81
C GLY B 209 19.24 42.55 -2.75
N SER B 210 19.26 41.23 -2.61
CA SER B 210 20.15 40.39 -3.39
C SER B 210 19.35 39.41 -4.23
N ALA B 211 19.92 39.02 -5.37
CA ALA B 211 19.23 38.11 -6.28
C ALA B 211 19.07 36.72 -5.69
N THR B 212 19.79 36.39 -4.61
CA THR B 212 19.66 35.10 -3.96
C THR B 212 18.68 35.12 -2.80
N GLY B 213 18.34 36.28 -2.26
CA GLY B 213 17.31 36.35 -1.24
C GLY B 213 17.70 37.09 0.02
N LEU B 214 18.99 37.27 0.26
CA LEU B 214 19.43 37.93 1.47
C LEU B 214 19.36 39.44 1.33
N ALA B 215 19.07 40.11 2.45
CA ALA B 215 18.98 41.56 2.51
C ALA B 215 19.90 42.08 3.60
N ARG B 216 20.63 43.15 3.29
CA ARG B 216 21.57 43.78 4.22
C ARG B 216 21.16 45.22 4.43
N TYR B 217 20.74 45.54 5.65
CA TYR B 217 20.39 46.90 6.04
C TYR B 217 21.37 47.38 7.11
N TYR B 218 21.71 48.68 7.06
CA TYR B 218 22.84 49.15 7.88
C TYR B 218 22.52 49.14 9.37
N PRO B 219 21.50 49.87 9.87
CA PRO B 219 21.28 49.85 11.32
C PRO B 219 20.90 48.45 11.78
N ALA B 220 21.79 47.83 12.53
CA ALA B 220 21.60 46.44 12.94
C ALA B 220 20.45 46.36 13.94
N SER B 221 19.32 45.85 13.49
CA SER B 221 18.17 45.65 14.36
C SER B 221 17.64 44.25 14.16
N PRO B 222 17.15 43.60 15.21
CA PRO B 222 16.59 42.26 15.06
C PRO B 222 15.36 42.29 14.15
N TRP B 223 15.13 41.17 13.47
CA TRP B 223 14.01 41.09 12.56
C TRP B 223 12.68 41.16 13.33
N VAL B 224 11.59 41.32 12.60
CA VAL B 224 10.29 41.50 13.22
C VAL B 224 9.93 40.25 14.02
N ASP B 225 9.44 40.47 15.23
CA ASP B 225 9.09 39.37 16.13
C ASP B 225 7.62 39.02 15.98
N ASN B 231 2.49 31.95 14.45
CA ASN B 231 3.56 30.97 14.63
C ASN B 231 4.91 31.67 14.49
N LYS B 232 4.87 32.95 14.16
CA LYS B 232 6.05 33.82 14.00
C LYS B 232 6.97 33.35 12.88
N ILE B 233 6.51 32.46 12.00
CA ILE B 233 7.34 32.04 10.87
C ILE B 233 7.50 33.20 9.89
N ASP B 234 8.72 33.37 9.39
CA ASP B 234 9.03 34.50 8.53
C ASP B 234 8.87 34.09 7.06
N LEU B 235 7.89 34.67 6.38
CA LEU B 235 7.69 34.47 4.96
C LEU B 235 8.27 35.63 4.13
N TYR B 236 9.00 36.53 4.76
CA TYR B 236 9.55 37.68 4.06
C TYR B 236 10.58 37.22 3.02
N ASP B 237 10.52 37.83 1.85
CA ASP B 237 11.48 37.58 0.78
C ASP B 237 11.74 38.89 0.07
N VAL B 238 13.01 39.35 0.12
CA VAL B 238 13.34 40.66 -0.41
C VAL B 238 13.09 40.74 -1.91
N ARG B 239 13.10 39.61 -2.61
CA ARG B 239 12.92 39.60 -4.05
C ARG B 239 11.47 39.79 -4.48
N ARG B 240 10.54 39.92 -3.52
CA ARG B 240 9.13 40.13 -3.82
C ARG B 240 8.58 41.45 -3.31
N ARG B 241 9.36 42.20 -2.54
CA ARG B 241 8.88 43.47 -2.02
C ARG B 241 8.66 44.46 -3.17
N PRO B 242 7.70 45.38 -3.04
CA PRO B 242 7.39 46.27 -4.16
C PRO B 242 8.57 47.10 -4.64
N TRP B 243 9.45 47.55 -3.74
CA TRP B 243 10.59 48.35 -4.19
C TRP B 243 11.55 47.51 -5.04
N TYR B 244 11.81 46.27 -4.64
CA TYR B 244 12.68 45.41 -5.42
C TYR B 244 12.09 45.14 -6.79
N ILE B 245 10.79 44.87 -6.85
CA ILE B 245 10.14 44.60 -8.14
C ILE B 245 10.18 45.84 -9.02
N GLN B 246 9.99 47.02 -8.41
CA GLN B 246 10.07 48.26 -9.18
C GLN B 246 11.47 48.47 -9.75
N GLY B 247 12.50 48.23 -8.95
CA GLY B 247 13.85 48.47 -9.38
C GLY B 247 14.51 47.39 -10.20
N ALA B 248 13.82 46.27 -10.44
CA ALA B 248 14.42 45.15 -11.16
C ALA B 248 13.93 45.00 -12.59
N ALA B 249 12.94 45.76 -13.01
CA ALA B 249 12.38 45.61 -14.35
C ALA B 249 11.62 46.89 -14.70
N SER B 250 10.85 46.83 -15.78
CA SER B 250 10.08 47.94 -16.31
C SER B 250 8.60 47.60 -16.28
N PRO B 251 7.72 48.59 -16.38
CA PRO B 251 6.28 48.30 -16.40
C PRO B 251 5.91 47.30 -17.48
N LYS B 252 4.99 46.40 -17.15
CA LYS B 252 4.67 45.25 -17.97
C LYS B 252 3.23 45.32 -18.47
N ASP B 253 2.95 44.53 -19.50
CA ASP B 253 1.60 44.28 -20.01
C ASP B 253 1.40 42.77 -19.95
N MET B 254 0.97 42.28 -18.80
CA MET B 254 0.87 40.86 -18.53
C MET B 254 -0.53 40.35 -18.86
N LEU B 255 -0.61 39.22 -19.53
CA LEU B 255 -1.87 38.55 -19.80
C LEU B 255 -1.72 37.09 -19.39
N ILE B 256 -2.28 36.75 -18.22
CA ILE B 256 -2.19 35.38 -17.73
C ILE B 256 -3.17 34.51 -18.50
N LEU B 257 -2.68 33.41 -19.03
CA LEU B 257 -3.48 32.46 -19.81
C LEU B 257 -3.57 31.16 -19.02
N VAL B 258 -4.72 30.90 -18.43
CA VAL B 258 -4.91 29.76 -17.55
C VAL B 258 -5.58 28.63 -18.32
N ASP B 259 -5.03 27.43 -18.19
CA ASP B 259 -5.62 26.24 -18.79
C ASP B 259 -6.69 25.67 -17.84
N VAL B 260 -7.90 25.49 -18.37
CA VAL B 260 -9.02 25.05 -17.55
C VAL B 260 -9.66 23.80 -18.15
N SER B 261 -8.85 22.99 -18.85
CA SER B 261 -9.36 21.76 -19.44
C SER B 261 -9.64 20.74 -18.36
N GLY B 262 -10.07 19.55 -18.79
CA GLY B 262 -10.42 18.51 -17.82
C GLY B 262 -9.23 17.99 -17.04
N SER B 263 -8.07 17.91 -17.69
CA SER B 263 -6.91 17.25 -17.08
C SER B 263 -6.35 18.01 -15.88
N VAL B 264 -6.63 19.31 -15.76
CA VAL B 264 -6.05 20.10 -14.68
C VAL B 264 -6.93 20.01 -13.45
N SER B 265 -7.93 19.13 -13.47
CA SER B 265 -8.83 18.97 -12.34
C SER B 265 -8.11 18.35 -11.16
N GLY B 266 -8.44 18.79 -9.96
CA GLY B 266 -7.90 18.21 -8.74
C GLY B 266 -6.83 19.11 -8.13
N LEU B 267 -5.69 18.51 -7.79
CA LEU B 267 -4.60 19.27 -7.16
C LEU B 267 -4.04 20.31 -8.12
N THR B 268 -3.97 19.98 -9.41
CA THR B 268 -3.40 20.91 -10.38
C THR B 268 -4.19 22.21 -10.42
N LEU B 269 -5.52 22.14 -10.33
CA LEU B 269 -6.32 23.36 -10.34
C LEU B 269 -6.05 24.22 -9.11
N LYS B 270 -5.95 23.61 -7.93
CA LYS B 270 -5.66 24.37 -6.73
C LYS B 270 -4.29 25.04 -6.83
N LEU B 271 -3.28 24.30 -7.30
CA LEU B 271 -1.96 24.88 -7.45
C LEU B 271 -1.97 26.01 -8.46
N ILE B 272 -2.71 25.85 -9.56
CA ILE B 272 -2.79 26.90 -10.57
C ILE B 272 -3.44 28.16 -9.98
N ARG B 273 -4.51 27.98 -9.21
CA ARG B 273 -5.18 29.13 -8.62
C ARG B 273 -4.27 29.87 -7.66
N THR B 274 -3.59 29.12 -6.78
CA THR B 274 -2.68 29.76 -5.84
C THR B 274 -1.52 30.45 -6.55
N SER B 275 -0.98 29.81 -7.58
CA SER B 275 0.13 30.39 -8.33
C SER B 275 -0.29 31.66 -9.05
N VAL B 276 -1.49 31.66 -9.64
CA VAL B 276 -1.98 32.86 -10.31
C VAL B 276 -2.18 33.99 -9.31
N SER B 277 -2.72 33.69 -8.13
CA SER B 277 -2.88 34.71 -7.12
C SER B 277 -1.53 35.30 -6.70
N GLU B 278 -0.55 34.42 -6.46
CA GLU B 278 0.77 34.91 -6.06
C GLU B 278 1.44 35.71 -7.17
N MET B 279 1.26 35.32 -8.43
CA MET B 279 1.79 36.11 -9.53
C MET B 279 1.13 37.47 -9.60
N LEU B 280 -0.19 37.52 -9.37
CA LEU B 280 -0.87 38.81 -9.33
C LEU B 280 -0.37 39.68 -8.19
N GLU B 281 0.08 39.06 -7.10
CA GLU B 281 0.63 39.85 -6.00
C GLU B 281 1.93 40.56 -6.36
N THR B 282 2.64 40.09 -7.37
CA THR B 282 3.89 40.74 -7.81
C THR B 282 3.63 41.73 -8.94
N LEU B 283 2.71 42.66 -8.74
CA LEU B 283 2.38 43.65 -9.77
C LEU B 283 2.13 45.00 -9.10
N SER B 284 2.63 46.06 -9.73
CA SER B 284 2.51 47.41 -9.22
C SER B 284 1.37 48.14 -9.93
N ASP B 285 1.19 49.41 -9.57
CA ASP B 285 0.13 50.19 -10.18
C ASP B 285 0.48 50.60 -11.61
N ASP B 286 1.76 50.66 -11.94
CA ASP B 286 2.18 50.97 -13.30
C ASP B 286 1.99 49.78 -14.24
N ASP B 287 1.65 48.61 -13.73
CA ASP B 287 1.52 47.40 -14.53
C ASP B 287 0.06 47.15 -14.85
N PHE B 288 -0.19 46.70 -16.08
CA PHE B 288 -1.53 46.35 -16.54
C PHE B 288 -1.62 44.85 -16.77
N VAL B 289 -2.71 44.25 -16.29
CA VAL B 289 -2.85 42.80 -16.28
C VAL B 289 -4.30 42.43 -16.57
N ASN B 290 -4.47 41.31 -17.28
CA ASN B 290 -5.77 40.69 -17.45
C ASN B 290 -5.60 39.18 -17.45
N VAL B 291 -6.57 38.48 -16.88
CA VAL B 291 -6.51 37.02 -16.73
C VAL B 291 -7.57 36.41 -17.63
N ALA B 292 -7.15 35.48 -18.49
CA ALA B 292 -8.03 34.76 -19.39
C ALA B 292 -7.93 33.27 -19.13
N SER B 293 -8.89 32.52 -19.68
CA SER B 293 -8.93 31.08 -19.53
C SER B 293 -9.39 30.47 -20.83
N PHE B 294 -9.07 29.19 -21.03
CA PHE B 294 -9.43 28.52 -22.27
C PHE B 294 -9.42 27.01 -22.03
N ASN B 295 -10.57 26.37 -22.21
CA ASN B 295 -10.61 24.92 -22.38
C ASN B 295 -10.67 24.55 -23.86
N SER B 296 -11.75 24.93 -24.54
CA SER B 296 -11.88 24.77 -25.98
C SER B 296 -12.12 26.08 -26.71
N ASN B 297 -12.76 27.06 -26.07
CA ASN B 297 -12.83 28.43 -26.57
C ASN B 297 -12.42 29.36 -25.44
N ALA B 298 -11.65 30.40 -25.77
CA ALA B 298 -11.15 31.30 -24.75
C ALA B 298 -12.24 32.26 -24.29
N GLN B 299 -12.12 32.70 -23.03
CA GLN B 299 -13.04 33.68 -22.49
C GLN B 299 -12.33 34.42 -21.36
N ASP B 300 -12.79 35.63 -21.08
CA ASP B 300 -12.24 36.40 -19.98
C ASP B 300 -12.72 35.82 -18.66
N VAL B 301 -11.81 35.69 -17.69
CA VAL B 301 -12.17 35.08 -16.41
C VAL B 301 -13.09 36.00 -15.62
N SER B 302 -12.93 37.32 -15.75
CA SER B 302 -13.70 38.27 -14.96
C SER B 302 -14.47 39.23 -15.85
N CYS B 303 -15.08 40.26 -15.24
CA CYS B 303 -15.86 41.22 -16.01
C CYS B 303 -15.00 42.05 -16.96
N PHE B 304 -13.71 42.21 -16.65
CA PHE B 304 -12.82 42.94 -17.52
C PHE B 304 -12.67 42.24 -18.85
N GLN B 305 -12.45 43.01 -19.91
CA GLN B 305 -12.43 42.44 -21.25
C GLN B 305 -11.13 42.71 -22.00
N HIS B 306 -10.46 43.82 -21.70
CA HIS B 306 -9.28 44.22 -22.44
C HIS B 306 -8.02 44.18 -21.59
N LEU B 307 -7.93 45.01 -20.55
CA LEU B 307 -6.77 45.13 -19.67
C LEU B 307 -7.10 46.10 -18.54
N VAL B 308 -6.62 45.82 -17.34
CA VAL B 308 -6.80 46.72 -16.21
C VAL B 308 -5.45 46.93 -15.53
N GLN B 309 -5.24 48.14 -15.02
CA GLN B 309 -4.05 48.39 -14.21
C GLN B 309 -4.18 47.65 -12.90
N ALA B 310 -3.04 47.22 -12.36
CA ALA B 310 -3.02 46.38 -11.17
C ALA B 310 -3.13 47.25 -9.91
N ASN B 311 -4.33 47.79 -9.70
CA ASN B 311 -4.64 48.44 -8.44
C ASN B 311 -4.87 47.38 -7.37
N VAL B 312 -5.23 47.82 -6.16
CA VAL B 312 -5.54 46.89 -5.09
C VAL B 312 -6.93 46.28 -5.26
N ARG B 313 -7.77 46.85 -6.12
CA ARG B 313 -9.14 46.40 -6.31
C ARG B 313 -9.33 45.54 -7.54
N ASN B 314 -8.74 45.95 -8.67
CA ASN B 314 -8.78 45.12 -9.87
C ASN B 314 -8.08 43.79 -9.62
N LYS B 315 -7.00 43.81 -8.84
CA LYS B 315 -6.32 42.58 -8.49
C LYS B 315 -7.22 41.65 -7.67
N LYS B 316 -7.98 42.22 -6.73
CA LYS B 316 -8.91 41.39 -5.96
C LYS B 316 -10.00 40.81 -6.85
N VAL B 317 -10.50 41.61 -7.80
CA VAL B 317 -11.51 41.10 -8.71
C VAL B 317 -10.97 39.92 -9.50
N LEU B 318 -9.75 40.07 -10.03
CA LEU B 318 -9.14 38.97 -10.78
C LEU B 318 -8.90 37.75 -9.91
N LYS B 319 -8.46 37.96 -8.66
CA LYS B 319 -8.23 36.84 -7.76
C LYS B 319 -9.51 36.08 -7.46
N ASP B 320 -10.61 36.80 -7.20
CA ASP B 320 -11.87 36.13 -6.94
C ASP B 320 -12.36 35.38 -8.16
N ALA B 321 -12.26 35.99 -9.35
CA ALA B 321 -12.68 35.32 -10.57
C ALA B 321 -11.85 34.07 -10.83
N VAL B 322 -10.55 34.12 -10.51
CA VAL B 322 -9.71 32.94 -10.67
C VAL B 322 -10.10 31.86 -9.67
N ASN B 323 -10.39 32.25 -8.42
CA ASN B 323 -10.80 31.28 -7.42
C ASN B 323 -12.17 30.67 -7.72
N ASN B 324 -12.96 31.30 -8.58
CA ASN B 324 -14.23 30.72 -9.00
C ASN B 324 -14.10 29.78 -10.19
N ILE B 325 -12.88 29.54 -10.68
CA ILE B 325 -12.70 28.77 -11.90
C ILE B 325 -12.94 27.28 -11.64
N THR B 326 -13.63 26.64 -12.57
CA THR B 326 -13.80 25.19 -12.61
C THR B 326 -13.22 24.65 -13.90
N ALA B 327 -12.82 23.37 -13.87
CA ALA B 327 -12.09 22.76 -14.96
C ALA B 327 -12.97 21.77 -15.71
N LYS B 328 -13.08 21.94 -17.03
CA LYS B 328 -13.86 21.05 -17.89
C LYS B 328 -13.60 21.34 -19.36
N GLY B 329 -13.29 20.31 -20.15
CA GLY B 329 -13.16 20.46 -21.58
C GLY B 329 -11.89 19.82 -22.12
N ILE B 330 -11.60 20.11 -23.37
CA ILE B 330 -10.45 19.56 -24.09
C ILE B 330 -9.59 20.72 -24.60
N THR B 331 -8.30 20.69 -24.28
CA THR B 331 -7.41 21.82 -24.51
C THR B 331 -7.34 22.19 -25.99
N ASP B 332 -7.29 23.50 -26.26
CA ASP B 332 -7.11 24.04 -27.60
C ASP B 332 -6.16 25.23 -27.51
N TYR B 333 -4.88 25.00 -27.77
CA TYR B 333 -3.89 26.07 -27.64
C TYR B 333 -4.06 27.12 -28.72
N LYS B 334 -4.37 26.71 -29.94
CA LYS B 334 -4.47 27.64 -31.07
C LYS B 334 -5.63 28.62 -30.93
N LYS B 335 -6.57 28.37 -30.01
CA LYS B 335 -7.65 29.30 -29.74
C LYS B 335 -7.42 30.14 -28.50
N GLY B 336 -6.52 29.73 -27.62
CA GLY B 336 -6.17 30.52 -26.46
C GLY B 336 -5.10 31.54 -26.77
N PHE B 337 -4.09 31.13 -27.56
CA PHE B 337 -3.04 32.07 -27.91
C PHE B 337 -3.53 33.10 -28.93
N SER B 338 -4.41 32.70 -29.85
CA SER B 338 -5.01 33.64 -30.77
C SER B 338 -5.90 34.66 -30.06
N PHE B 339 -6.25 34.38 -28.81
CA PHE B 339 -7.02 35.30 -27.97
C PHE B 339 -6.10 36.19 -27.13
N ALA B 340 -5.05 35.60 -26.56
CA ALA B 340 -4.08 36.37 -25.80
C ALA B 340 -3.39 37.40 -26.67
N PHE B 341 -2.92 36.99 -27.85
CA PHE B 341 -2.24 37.92 -28.75
C PHE B 341 -3.18 39.03 -29.22
N GLU B 342 -4.48 38.73 -29.33
CA GLU B 342 -5.42 39.75 -29.76
C GLU B 342 -5.72 40.75 -28.65
N GLN B 343 -5.84 40.29 -27.40
CA GLN B 343 -5.99 41.24 -26.31
C GLN B 343 -4.69 41.98 -26.01
N LEU B 344 -3.55 41.50 -26.49
CA LEU B 344 -2.32 42.27 -26.39
C LEU B 344 -2.16 43.28 -27.53
N LEU B 345 -3.11 43.34 -28.45
CA LEU B 345 -3.10 44.28 -29.56
C LEU B 345 -4.14 45.38 -29.42
N ASN B 346 -4.95 45.36 -28.36
CA ASN B 346 -6.02 46.33 -28.17
C ASN B 346 -5.41 47.63 -27.65
N TYR B 347 -5.47 48.68 -28.47
CA TYR B 347 -4.89 49.97 -28.11
C TYR B 347 -5.94 51.06 -27.89
N ASN B 348 -7.23 50.70 -27.82
CA ASN B 348 -8.24 51.69 -27.47
C ASN B 348 -8.16 52.09 -26.01
N VAL B 349 -7.48 51.31 -25.17
CA VAL B 349 -7.48 51.53 -23.74
C VAL B 349 -6.08 51.94 -23.29
N SER B 350 -5.97 52.30 -22.02
CA SER B 350 -4.69 52.72 -21.45
C SER B 350 -3.88 51.49 -21.03
N ARG B 351 -2.57 51.55 -21.30
CA ARG B 351 -1.68 50.44 -20.97
C ARG B 351 -0.26 50.97 -20.83
N ALA B 352 0.60 50.15 -20.22
CA ALA B 352 1.99 50.52 -20.04
C ALA B 352 2.73 50.59 -21.38
N ASN B 353 2.21 49.94 -22.41
CA ASN B 353 2.73 50.05 -23.78
C ASN B 353 4.17 49.57 -23.90
N CYS B 354 4.59 48.66 -23.02
CA CYS B 354 5.89 48.02 -23.16
C CYS B 354 5.92 46.77 -22.28
N ASN B 355 6.85 45.87 -22.59
CA ASN B 355 6.98 44.58 -21.91
C ASN B 355 5.67 43.79 -22.00
N LYS B 356 5.30 43.48 -23.24
CA LYS B 356 4.10 42.68 -23.51
C LYS B 356 4.46 41.21 -23.33
N ILE B 357 3.96 40.61 -22.25
CA ILE B 357 4.36 39.26 -21.84
C ILE B 357 3.11 38.42 -21.62
N ILE B 358 3.21 37.13 -21.93
CA ILE B 358 2.11 36.18 -21.79
C ILE B 358 2.53 35.10 -20.81
N MET B 359 1.67 34.82 -19.84
CA MET B 359 1.88 33.75 -18.87
C MET B 359 0.94 32.61 -19.19
N LEU B 360 1.51 31.44 -19.46
CA LEU B 360 0.72 30.24 -19.73
C LEU B 360 0.81 29.29 -18.54
N PHE B 361 -0.32 29.07 -17.87
CA PHE B 361 -0.40 28.16 -16.74
C PHE B 361 -1.12 26.91 -17.20
N THR B 362 -0.38 25.82 -17.34
CA THR B 362 -0.93 24.55 -17.79
C THR B 362 -0.19 23.42 -17.08
N ASP B 363 -0.44 22.19 -17.51
CA ASP B 363 0.27 21.03 -16.99
C ASP B 363 1.21 20.41 -18.01
N GLY B 364 0.73 20.18 -19.23
CA GLY B 364 1.54 19.60 -20.28
C GLY B 364 0.67 19.19 -21.44
N GLY B 365 1.24 19.13 -22.63
CA GLY B 365 0.44 18.83 -23.79
C GLY B 365 1.24 18.23 -24.92
N GLU B 366 0.66 18.32 -26.12
CA GLU B 366 1.22 17.74 -27.32
C GLU B 366 1.35 18.72 -28.47
N GLU B 367 0.61 19.83 -28.44
CA GLU B 367 0.58 20.78 -29.53
C GLU B 367 1.47 21.96 -29.21
N ARG B 368 2.34 22.32 -30.15
CA ARG B 368 3.22 23.48 -30.00
C ARG B 368 2.70 24.71 -30.73
N ALA B 369 1.80 24.54 -31.69
CA ALA B 369 1.11 25.64 -32.36
C ALA B 369 2.10 26.63 -32.99
N GLN B 370 2.88 26.12 -33.94
CA GLN B 370 3.83 26.97 -34.64
C GLN B 370 3.13 28.02 -35.51
N GLU B 371 1.97 27.66 -36.07
CA GLU B 371 1.28 28.58 -36.97
C GLU B 371 0.83 29.85 -36.25
N ILE B 372 0.32 29.71 -35.03
CA ILE B 372 -0.16 30.86 -34.29
C ILE B 372 0.98 31.83 -34.01
N PHE B 373 2.13 31.30 -33.59
CA PHE B 373 3.28 32.15 -33.32
C PHE B 373 3.81 32.79 -34.59
N ASN B 374 3.92 32.02 -35.68
CA ASN B 374 4.38 32.60 -36.94
C ASN B 374 3.42 33.66 -37.46
N LYS B 375 2.14 33.57 -37.10
CA LYS B 375 1.16 34.53 -37.58
C LYS B 375 1.16 35.80 -36.74
N TYR B 376 1.11 35.66 -35.41
CA TYR B 376 0.98 36.82 -34.54
C TYR B 376 2.31 37.41 -34.11
N ASN B 377 3.24 36.57 -33.67
CA ASN B 377 4.52 37.04 -33.13
C ASN B 377 5.64 36.41 -33.97
N LYS B 378 5.96 37.04 -35.10
CA LYS B 378 7.03 36.58 -35.96
C LYS B 378 8.28 37.44 -35.84
N ASP B 379 8.12 38.73 -35.52
CA ASP B 379 9.24 39.59 -35.21
C ASP B 379 9.66 39.50 -33.74
N LYS B 380 8.96 38.69 -32.95
CA LYS B 380 9.32 38.38 -31.57
C LYS B 380 9.36 39.65 -30.71
N LYS B 381 8.19 40.26 -30.57
CA LYS B 381 8.03 41.40 -29.67
C LYS B 381 7.23 41.05 -28.41
N VAL B 382 6.70 39.84 -28.31
CA VAL B 382 5.92 39.41 -27.15
C VAL B 382 6.64 38.22 -26.52
N ARG B 383 6.99 38.36 -25.25
CA ARG B 383 7.60 37.28 -24.50
C ARG B 383 6.55 36.27 -24.08
N VAL B 384 6.97 35.01 -23.96
CA VAL B 384 6.08 33.92 -23.55
C VAL B 384 6.75 33.15 -22.43
N PHE B 385 6.07 33.07 -21.28
CA PHE B 385 6.53 32.29 -20.15
C PHE B 385 5.54 31.15 -19.92
N THR B 386 6.04 29.92 -19.88
CA THR B 386 5.21 28.73 -19.76
C THR B 386 5.48 28.06 -18.42
N PHE B 387 4.40 27.72 -17.72
CA PHE B 387 4.47 27.09 -16.41
C PHE B 387 3.84 25.71 -16.49
N SER B 388 4.53 24.71 -15.95
CA SER B 388 4.05 23.33 -15.90
C SER B 388 3.68 23.03 -14.45
N VAL B 389 2.42 23.26 -14.12
CA VAL B 389 1.96 23.19 -12.74
C VAL B 389 1.45 21.79 -12.44
N GLY B 390 1.73 21.32 -11.22
CA GLY B 390 1.20 20.07 -10.73
C GLY B 390 2.16 18.90 -10.85
N GLN B 391 1.77 17.80 -10.22
CA GLN B 391 2.53 16.55 -10.24
C GLN B 391 1.81 15.59 -11.19
N HIS B 392 2.43 15.32 -12.33
CA HIS B 392 1.85 14.47 -13.34
C HIS B 392 2.96 13.86 -14.18
N ASN B 393 2.59 13.21 -15.28
CA ASN B 393 3.56 12.59 -16.18
C ASN B 393 3.18 12.86 -17.62
N TYR B 394 2.76 14.09 -17.92
CA TYR B 394 2.42 14.47 -19.28
C TYR B 394 3.67 14.94 -20.02
N ASP B 395 3.50 15.24 -21.30
CA ASP B 395 4.63 15.61 -22.16
C ASP B 395 4.95 17.08 -21.95
N ARG B 396 6.00 17.36 -21.19
CA ARG B 396 6.47 18.73 -20.99
C ARG B 396 7.43 19.13 -22.09
N GLY B 397 7.06 18.89 -23.34
CA GLY B 397 7.95 19.17 -24.46
C GLY B 397 7.57 20.37 -25.30
N PRO B 398 6.30 20.47 -25.70
CA PRO B 398 5.89 21.64 -26.49
C PRO B 398 6.01 22.96 -25.74
N ILE B 399 5.74 22.98 -24.43
CA ILE B 399 5.77 24.24 -23.71
C ILE B 399 7.19 24.75 -23.54
N GLN B 400 8.17 23.85 -23.37
CA GLN B 400 9.56 24.28 -23.32
C GLN B 400 9.98 24.89 -24.65
N TRP B 401 9.58 24.28 -25.77
CA TRP B 401 9.89 24.86 -27.07
C TRP B 401 9.19 26.21 -27.25
N MET B 402 7.97 26.32 -26.72
CA MET B 402 7.25 27.60 -26.81
C MET B 402 7.97 28.69 -26.04
N ALA B 403 8.48 28.36 -24.85
CA ALA B 403 9.24 29.34 -24.08
C ALA B 403 10.62 29.58 -24.66
N CYS B 404 11.11 28.67 -25.50
CA CYS B 404 12.44 28.84 -26.10
C CYS B 404 12.37 29.69 -27.37
N GLU B 405 11.48 29.35 -28.30
CA GLU B 405 11.42 30.06 -29.57
C GLU B 405 11.08 31.53 -29.35
N ASN B 406 10.00 31.81 -28.62
CA ASN B 406 9.69 33.16 -28.18
C ASN B 406 10.52 33.47 -26.94
N LYS B 407 10.92 34.72 -26.79
CA LYS B 407 11.68 35.11 -25.61
C LYS B 407 10.90 34.74 -24.35
N GLY B 408 11.58 34.09 -23.42
CA GLY B 408 10.91 33.63 -22.22
C GLY B 408 11.74 32.57 -21.51
N TYR B 409 11.15 32.03 -20.46
CA TYR B 409 11.81 31.05 -19.63
C TYR B 409 10.77 30.02 -19.19
N TYR B 410 11.23 28.85 -18.78
CA TYR B 410 10.34 27.73 -18.47
C TYR B 410 10.39 27.43 -16.98
N TYR B 411 9.22 27.21 -16.38
CA TYR B 411 9.09 26.97 -14.94
C TYR B 411 8.29 25.71 -14.68
N GLU B 412 8.57 25.06 -13.56
CA GLU B 412 7.82 23.90 -13.09
C GLU B 412 7.43 24.12 -11.64
N ILE B 413 6.15 23.93 -11.34
CA ILE B 413 5.61 24.12 -10.00
C ILE B 413 5.00 22.81 -9.55
N PRO B 414 5.73 21.95 -8.85
CA PRO B 414 5.16 20.65 -8.45
C PRO B 414 4.53 20.66 -7.07
N SER B 415 4.64 21.77 -6.36
CA SER B 415 4.12 21.83 -5.00
C SER B 415 3.91 23.29 -4.60
N ILE B 416 3.31 23.48 -3.43
CA ILE B 416 3.01 24.83 -2.95
C ILE B 416 4.29 25.59 -2.66
N GLY B 417 5.34 24.89 -2.24
CA GLY B 417 6.58 25.56 -1.87
C GLY B 417 7.23 26.28 -3.04
N ALA B 418 7.18 25.69 -4.23
CA ALA B 418 7.87 26.27 -5.38
C ALA B 418 7.11 27.46 -5.96
N ILE B 419 5.88 27.69 -5.51
CA ILE B 419 5.03 28.72 -6.11
C ILE B 419 5.69 30.09 -6.00
N ARG B 420 6.16 30.44 -4.80
CA ARG B 420 6.69 31.78 -4.57
C ARG B 420 7.90 32.06 -5.45
N ILE B 421 8.89 31.16 -5.43
CA ILE B 421 10.10 31.37 -6.20
C ILE B 421 9.80 31.39 -7.69
N ASN B 422 9.00 30.43 -8.17
CA ASN B 422 8.76 30.34 -9.61
C ASN B 422 7.96 31.53 -10.11
N THR B 423 7.06 32.07 -9.28
CA THR B 423 6.31 33.26 -9.68
C THR B 423 7.18 34.50 -9.65
N GLN B 424 8.17 34.55 -8.74
CA GLN B 424 8.98 35.76 -8.63
C GLN B 424 10.15 35.78 -9.62
N GLU B 425 10.52 34.62 -10.18
CA GLU B 425 11.75 34.56 -10.97
C GLU B 425 11.70 35.34 -12.29
N TYR B 426 10.51 35.60 -12.84
CA TYR B 426 10.46 36.12 -14.21
C TYR B 426 11.04 37.53 -14.33
N LEU B 427 11.18 38.23 -13.20
CA LEU B 427 11.82 39.55 -13.24
C LEU B 427 13.28 39.44 -13.67
N ASP B 428 13.95 38.34 -13.33
CA ASP B 428 15.32 38.15 -13.76
C ASP B 428 15.41 38.08 -15.28
N VAL B 429 14.45 37.41 -15.92
CA VAL B 429 14.41 37.38 -17.38
C VAL B 429 14.09 38.76 -17.94
N LEU B 430 13.14 39.47 -17.32
CA LEU B 430 12.76 40.78 -17.84
C LEU B 430 13.87 41.80 -17.69
N GLY B 431 14.82 41.56 -16.76
CA GLY B 431 15.82 42.56 -16.46
C GLY B 431 16.94 42.67 -17.48
N ARG B 432 17.02 41.75 -18.45
CA ARG B 432 18.13 41.77 -19.38
C ARG B 432 18.22 43.04 -20.24
N PRO B 433 17.14 43.54 -20.86
CA PRO B 433 17.31 44.74 -21.69
C PRO B 433 17.84 45.95 -20.94
N MET B 434 17.45 46.14 -19.68
CA MET B 434 17.88 47.34 -18.96
C MET B 434 19.33 47.25 -18.55
N VAL B 435 19.83 46.05 -18.23
CA VAL B 435 21.24 45.91 -17.92
C VAL B 435 22.07 46.02 -19.19
N LEU B 436 21.53 45.56 -20.32
CA LEU B 436 22.24 45.73 -21.58
C LEU B 436 22.21 47.18 -22.05
N ALA B 437 21.27 47.98 -21.54
CA ALA B 437 21.23 49.39 -21.88
C ALA B 437 22.49 50.10 -21.37
N GLY B 438 23.06 49.62 -20.28
CA GLY B 438 24.24 50.22 -19.71
C GLY B 438 23.94 51.14 -18.54
N ASP B 439 24.79 52.16 -18.40
CA ASP B 439 24.59 53.15 -17.35
C ASP B 439 23.56 54.18 -17.79
N LYS B 440 22.41 53.71 -18.28
CA LYS B 440 21.30 54.56 -18.65
C LYS B 440 20.01 54.19 -17.93
N ALA B 441 19.87 52.94 -17.51
CA ALA B 441 18.73 52.49 -16.72
C ALA B 441 18.89 52.75 -15.24
N LYS B 442 20.05 53.28 -14.82
CA LYS B 442 20.30 53.57 -13.41
C LYS B 442 19.65 54.92 -13.06
N GLN B 443 18.33 54.87 -12.93
CA GLN B 443 17.52 56.02 -12.54
C GLN B 443 16.81 55.70 -11.24
N VAL B 444 16.88 56.62 -10.28
CA VAL B 444 16.25 56.40 -8.98
C VAL B 444 14.74 56.54 -9.12
N GLN B 445 14.02 55.53 -8.63
CA GLN B 445 12.56 55.51 -8.69
C GLN B 445 12.02 55.39 -7.27
N TRP B 446 10.96 56.13 -6.98
CA TRP B 446 10.36 56.15 -5.65
C TRP B 446 9.05 55.38 -5.67
N THR B 447 8.89 54.46 -4.73
CA THR B 447 7.71 53.61 -4.67
C THR B 447 6.52 54.37 -4.10
N ASN B 448 5.35 53.73 -4.17
CA ASN B 448 4.17 54.27 -3.53
C ASN B 448 4.30 54.19 -2.02
N VAL B 449 3.49 55.00 -1.32
CA VAL B 449 3.50 54.97 0.13
C VAL B 449 3.06 53.59 0.62
N TYR B 450 3.87 52.99 1.49
CA TYR B 450 3.59 51.67 2.02
C TYR B 450 4.10 51.59 3.44
N LEU B 451 3.50 50.69 4.22
CA LEU B 451 3.92 50.47 5.59
C LEU B 451 5.26 49.73 5.62
N ASP B 452 6.21 50.25 6.37
CA ASP B 452 7.54 49.64 6.44
C ASP B 452 7.46 48.27 7.09
N ALA B 453 8.32 47.37 6.59
CA ALA B 453 8.39 46.03 7.18
C ALA B 453 8.88 46.07 8.62
N LEU B 454 9.85 46.93 8.90
CA LEU B 454 10.43 47.07 10.23
C LEU B 454 9.67 48.06 11.11
N GLU B 455 8.42 48.35 10.77
CA GLU B 455 7.49 49.10 11.63
C GLU B 455 7.97 50.53 11.89
N LEU B 456 8.27 51.27 10.83
CA LEU B 456 8.46 52.71 10.92
C LEU B 456 7.25 53.50 10.48
N GLY B 457 6.19 52.85 10.02
CA GLY B 457 5.04 53.56 9.49
C GLY B 457 5.12 53.74 8.00
N LEU B 458 4.49 54.81 7.52
CA LEU B 458 4.45 55.10 6.10
C LEU B 458 5.80 55.61 5.62
N VAL B 459 6.34 54.97 4.58
CA VAL B 459 7.62 55.34 3.99
C VAL B 459 7.54 55.17 2.48
N ILE B 460 8.52 55.75 1.79
CA ILE B 460 8.74 55.51 0.37
C ILE B 460 10.22 55.19 0.17
N THR B 461 10.51 54.26 -0.74
CA THR B 461 11.86 53.76 -0.94
C THR B 461 12.36 54.16 -2.33
N GLY B 462 13.57 54.70 -2.38
CA GLY B 462 14.22 54.96 -3.66
C GLY B 462 15.06 53.76 -4.07
N THR B 463 14.90 53.33 -5.31
CA THR B 463 15.50 52.08 -5.79
C THR B 463 16.47 52.37 -6.91
N LEU B 464 17.65 51.75 -6.82
CA LEU B 464 18.66 51.84 -7.87
C LEU B 464 19.17 50.43 -8.16
N PRO B 465 19.03 49.92 -9.37
CA PRO B 465 19.51 48.56 -9.67
C PRO B 465 21.04 48.50 -9.60
N VAL B 466 21.54 47.33 -9.22
CA VAL B 466 22.98 47.06 -9.19
C VAL B 466 23.28 46.08 -10.31
N PHE B 467 24.14 46.49 -11.25
CA PHE B 467 24.43 45.69 -12.41
C PHE B 467 25.63 44.78 -12.18
N ASN B 468 25.81 43.84 -13.10
CA ASN B 468 26.92 42.89 -13.05
C ASN B 468 28.01 43.35 -14.00
N ILE B 469 29.15 43.78 -13.45
CA ILE B 469 30.23 44.32 -14.25
C ILE B 469 31.50 43.48 -14.13
N THR B 470 31.37 42.20 -13.79
CA THR B 470 32.53 41.33 -13.74
C THR B 470 33.15 41.22 -15.13
N GLY B 471 34.44 41.51 -15.22
CA GLY B 471 35.09 41.56 -16.52
C GLY B 471 34.55 42.64 -17.43
N GLN B 472 34.30 43.82 -16.88
CA GLN B 472 33.80 44.92 -17.71
C GLN B 472 34.92 45.58 -18.51
N PHE B 473 36.08 45.77 -17.89
CA PHE B 473 37.17 46.47 -18.57
C PHE B 473 37.67 45.69 -19.78
N GLU B 474 37.82 44.39 -19.65
CA GLU B 474 38.25 43.53 -20.75
C GLU B 474 37.05 42.77 -21.29
N ASN B 475 36.89 42.79 -22.62
CA ASN B 475 35.71 42.22 -23.26
C ASN B 475 35.88 40.70 -23.40
N LYS B 476 35.77 40.02 -22.26
CA LYS B 476 35.85 38.56 -22.22
C LYS B 476 34.51 37.91 -21.84
N THR B 477 33.92 38.33 -20.73
CA THR B 477 32.73 37.69 -20.18
C THR B 477 31.55 38.64 -20.26
N ASN B 478 30.47 38.18 -20.91
CA ASN B 478 29.21 38.90 -20.94
C ASN B 478 28.02 37.98 -20.84
N LEU B 479 28.22 36.67 -20.68
CA LEU B 479 27.12 35.72 -20.69
C LEU B 479 26.25 35.87 -19.46
N LYS B 480 26.85 35.90 -18.27
CA LYS B 480 26.12 36.02 -17.02
C LYS B 480 26.01 37.46 -16.53
N ASN B 481 26.59 38.42 -17.27
CA ASN B 481 26.50 39.82 -16.86
C ASN B 481 25.15 40.43 -17.18
N GLN B 482 24.24 39.66 -17.79
CA GLN B 482 22.93 40.17 -18.15
C GLN B 482 21.90 40.04 -17.03
N LEU B 483 22.31 39.62 -15.83
CA LEU B 483 21.41 39.54 -14.69
C LEU B 483 21.85 40.55 -13.63
N ILE B 484 20.87 41.18 -12.97
CA ILE B 484 21.18 42.16 -11.95
C ILE B 484 21.71 41.46 -10.70
N LEU B 485 22.58 42.17 -9.97
CA LEU B 485 23.02 41.69 -8.66
C LEU B 485 21.92 41.86 -7.62
N GLY B 486 21.22 42.98 -7.68
CA GLY B 486 20.20 43.29 -6.70
C GLY B 486 19.71 44.71 -6.88
N VAL B 487 18.96 45.18 -5.90
CA VAL B 487 18.41 46.53 -5.90
C VAL B 487 18.80 47.21 -4.59
N MET B 488 19.38 48.40 -4.68
CA MET B 488 19.64 49.23 -3.52
C MET B 488 18.40 49.99 -3.14
N GLY B 489 18.26 50.28 -1.84
CA GLY B 489 17.10 51.00 -1.36
C GLY B 489 17.35 51.82 -0.12
N VAL B 490 16.89 53.07 -0.13
CA VAL B 490 16.94 53.94 1.04
C VAL B 490 15.52 54.40 1.34
N ASP B 491 15.16 54.38 2.62
CA ASP B 491 13.82 54.72 3.05
C ASP B 491 13.77 56.12 3.64
N VAL B 492 12.82 56.92 3.18
CA VAL B 492 12.52 58.22 3.75
C VAL B 492 11.09 58.21 4.26
N SER B 493 10.90 58.64 5.50
CA SER B 493 9.62 58.59 6.17
C SER B 493 8.79 59.82 5.80
N LEU B 494 7.46 59.64 5.76
CA LEU B 494 6.57 60.75 5.48
C LEU B 494 6.66 61.84 6.53
N GLU B 495 7.14 61.51 7.73
CA GLU B 495 7.33 62.52 8.75
C GLU B 495 8.35 63.56 8.32
N ASP B 496 9.41 63.13 7.62
CA ASP B 496 10.38 64.09 7.11
C ASP B 496 9.75 65.06 6.13
N ILE B 497 8.95 64.54 5.20
CA ILE B 497 8.32 65.40 4.20
C ILE B 497 7.32 66.34 4.86
N LYS B 498 6.61 65.85 5.88
CA LYS B 498 5.71 66.73 6.62
C LYS B 498 6.48 67.81 7.37
N ARG B 499 7.66 67.47 7.90
CA ARG B 499 8.47 68.47 8.57
C ARG B 499 9.01 69.51 7.61
N LEU B 500 9.23 69.13 6.34
CA LEU B 500 9.67 70.10 5.35
C LEU B 500 8.56 71.08 4.96
N THR B 501 7.32 70.81 5.34
CA THR B 501 6.18 71.69 5.02
C THR B 501 5.53 72.13 6.32
N PRO B 502 5.94 73.27 6.89
CA PRO B 502 5.33 73.74 8.15
C PRO B 502 3.91 74.24 7.91
N ARG B 503 3.02 73.91 8.84
CA ARG B 503 1.60 74.23 8.71
C ARG B 503 1.08 75.15 9.81
N PHE B 504 1.91 75.50 10.79
CA PHE B 504 1.45 76.30 11.91
C PHE B 504 1.40 77.79 11.61
N THR B 505 2.02 78.24 10.52
CA THR B 505 1.79 79.60 10.06
C THR B 505 0.49 79.72 9.28
N LEU B 506 -0.09 78.57 8.89
CA LEU B 506 -1.32 78.57 8.11
C LEU B 506 -2.52 78.41 9.02
N CYS B 507 -3.69 78.73 8.47
CA CYS B 507 -4.93 78.47 9.16
C CYS B 507 -5.17 76.96 9.24
N PRO B 508 -5.87 76.49 10.28
CA PRO B 508 -6.18 75.05 10.38
C PRO B 508 -6.81 74.48 9.13
N ASN B 509 -7.66 75.29 8.46
CA ASN B 509 -8.27 74.84 7.22
C ASN B 509 -7.27 74.68 6.08
N GLY B 510 -6.13 75.38 6.15
CA GLY B 510 -5.12 75.24 5.12
C GLY B 510 -4.24 74.04 5.36
N TYR B 511 -3.76 73.44 4.27
CA TYR B 511 -2.94 72.23 4.36
C TYR B 511 -2.16 72.04 3.07
N TYR B 512 -1.19 71.13 3.13
CA TYR B 512 -0.35 70.75 2.00
C TYR B 512 -0.75 69.36 1.53
N PHE B 513 -0.62 69.10 0.23
CA PHE B 513 -0.75 67.76 -0.30
C PHE B 513 0.07 67.62 -1.58
N ALA B 514 0.52 66.39 -1.83
CA ALA B 514 1.36 66.08 -2.97
C ALA B 514 0.74 64.93 -3.77
N ILE B 515 0.90 65.00 -5.09
CA ILE B 515 0.26 64.05 -6.01
C ILE B 515 1.34 63.43 -6.90
N ASP B 516 1.31 62.11 -7.04
CA ASP B 516 2.17 61.41 -7.98
C ASP B 516 1.47 61.26 -9.32
N PRO B 517 2.18 60.83 -10.37
CA PRO B 517 1.52 60.71 -11.69
C PRO B 517 0.29 59.81 -11.68
N ASN B 518 0.28 58.75 -10.89
CA ASN B 518 -0.91 57.90 -10.81
C ASN B 518 -2.07 58.60 -10.12
N GLY B 519 -1.83 59.72 -9.45
CA GLY B 519 -2.86 60.47 -8.76
C GLY B 519 -2.95 60.22 -7.28
N TYR B 520 -2.17 59.30 -6.74
CA TYR B 520 -2.21 59.01 -5.31
C TYR B 520 -1.54 60.14 -4.52
N VAL B 521 -1.92 60.24 -3.25
CA VAL B 521 -1.43 61.32 -2.40
C VAL B 521 -0.17 60.86 -1.69
N LEU B 522 0.93 61.60 -1.89
CA LEU B 522 2.11 61.40 -1.06
C LEU B 522 1.91 62.00 0.33
N LEU B 523 1.31 63.18 0.39
CA LEU B 523 0.97 63.85 1.64
C LEU B 523 -0.49 64.24 1.59
N HIS B 524 -1.21 64.01 2.69
CA HIS B 524 -2.58 64.48 2.79
C HIS B 524 -3.03 64.31 4.23
N PRO B 525 -3.77 65.28 4.79
CA PRO B 525 -4.29 65.10 6.15
C PRO B 525 -5.18 63.88 6.29
N ASN B 526 -5.95 63.54 5.26
CA ASN B 526 -6.86 62.40 5.35
C ASN B 526 -6.11 61.08 5.33
N LEU B 527 -4.96 61.04 4.66
CA LEU B 527 -4.17 59.82 4.59
C LEU B 527 -3.72 59.39 5.99
N GLN B 528 -3.93 58.13 6.30
CA GLN B 528 -3.65 57.56 7.61
C GLN B 528 -2.87 56.27 7.45
N PRO B 529 -2.05 55.91 8.45
CA PRO B 529 -1.23 54.67 8.35
C PRO B 529 -2.05 53.41 8.55
N LYS B 530 -2.95 53.15 7.61
CA LYS B 530 -3.78 51.95 7.62
C LYS B 530 -3.86 51.38 6.22
N PRO B 531 -3.95 50.05 6.09
CA PRO B 531 -4.09 49.46 4.75
C PRO B 531 -5.40 49.87 4.11
N ILE B 532 -5.36 50.04 2.78
CA ILE B 532 -6.55 50.47 2.05
C ILE B 532 -7.59 49.36 2.05
N GLY B 533 -8.82 49.72 2.40
CA GLY B 533 -9.93 48.78 2.34
C GLY B 533 -10.23 48.34 0.93
N VAL B 534 -10.27 47.03 0.71
CA VAL B 534 -10.42 46.53 -0.66
C VAL B 534 -11.86 46.09 -0.92
N GLY B 535 -12.60 45.76 0.13
CA GLY B 535 -13.98 45.35 -0.04
C GLY B 535 -14.62 45.08 1.31
N ILE B 536 -15.86 44.61 1.26
CA ILE B 536 -16.54 44.27 2.51
C ILE B 536 -15.82 43.09 3.16
N PRO B 537 -15.60 43.10 4.48
CA PRO B 537 -14.90 41.98 5.11
C PRO B 537 -15.72 40.71 5.05
N THR B 538 -15.08 39.64 4.60
CA THR B 538 -15.73 38.33 4.53
C THR B 538 -15.79 37.70 5.91
N ILE B 539 -16.88 36.97 6.16
CA ILE B 539 -17.05 36.29 7.44
C ILE B 539 -16.04 35.16 7.56
N ASN B 540 -15.56 34.94 8.78
CA ASN B 540 -14.57 33.90 9.07
C ASN B 540 -13.30 34.10 8.24
N SER B 553 -0.77 45.11 5.48
CA SER B 553 0.50 45.81 5.69
C SER B 553 1.40 45.65 4.48
N GLN B 554 1.40 44.44 3.90
CA GLN B 554 2.23 44.19 2.73
C GLN B 554 1.77 45.02 1.53
N GLU B 555 0.47 45.17 1.36
CA GLU B 555 -0.06 45.92 0.24
C GLU B 555 0.30 47.40 0.39
N PRO B 556 0.64 48.08 -0.69
CA PRO B 556 0.93 49.52 -0.60
C PRO B 556 -0.31 50.31 -0.22
N VAL B 557 -0.10 51.42 0.48
CA VAL B 557 -1.17 52.32 0.86
C VAL B 557 -1.32 53.36 -0.25
N THR B 558 -2.28 53.14 -1.15
CA THR B 558 -2.50 54.02 -2.29
C THR B 558 -3.89 54.61 -2.19
N LEU B 559 -3.95 55.93 -1.97
CA LEU B 559 -5.21 56.65 -1.84
C LEU B 559 -5.22 57.78 -2.87
N ASP B 560 -6.24 57.77 -3.72
CA ASP B 560 -6.31 58.80 -4.76
C ASP B 560 -6.69 60.15 -4.16
N PHE B 561 -6.33 61.21 -4.88
CA PHE B 561 -6.69 62.55 -4.44
C PHE B 561 -8.21 62.73 -4.39
N LEU B 562 -8.91 62.20 -5.40
CA LEU B 562 -10.36 62.32 -5.43
C LEU B 562 -11.02 61.44 -4.38
N ASP B 563 -10.32 60.44 -3.85
CA ASP B 563 -10.86 59.58 -2.82
C ASP B 563 -10.48 60.04 -1.42
N ALA B 564 -9.67 61.10 -1.30
CA ALA B 564 -9.34 61.67 -0.02
C ALA B 564 -10.12 62.94 0.29
N GLU B 565 -10.85 63.47 -0.67
CA GLU B 565 -11.69 64.65 -0.48
C GLU B 565 -12.99 64.45 -1.24
N LEU B 566 -13.91 65.40 -1.09
CA LEU B 566 -15.14 65.37 -1.87
C LEU B 566 -14.81 65.63 -3.33
N GLU B 567 -15.28 64.73 -4.21
CA GLU B 567 -15.01 64.88 -5.63
C GLU B 567 -15.78 66.06 -6.20
N ASN B 568 -15.08 66.87 -6.97
CA ASN B 568 -15.67 68.07 -7.57
C ASN B 568 -15.13 68.24 -8.98
N ASP B 569 -15.89 68.96 -9.82
CA ASP B 569 -15.48 69.15 -11.20
C ASP B 569 -14.16 69.90 -11.30
N ILE B 570 -13.98 70.92 -10.46
CA ILE B 570 -12.74 71.69 -10.49
C ILE B 570 -11.58 70.86 -9.97
N LYS B 571 -11.81 70.04 -8.95
CA LYS B 571 -10.75 69.22 -8.37
C LYS B 571 -10.24 68.14 -9.31
N VAL B 572 -11.01 67.79 -10.34
CA VAL B 572 -10.50 66.84 -11.33
C VAL B 572 -9.57 67.54 -12.31
N GLU B 573 -9.93 68.76 -12.72
CA GLU B 573 -9.05 69.54 -13.59
C GLU B 573 -7.75 69.88 -12.88
N ILE B 574 -7.83 70.23 -11.60
CA ILE B 574 -6.62 70.51 -10.82
C ILE B 574 -5.76 69.27 -10.72
N ARG B 575 -6.38 68.11 -10.49
CA ARG B 575 -5.62 66.86 -10.41
C ARG B 575 -4.92 66.57 -11.73
N ASN B 576 -5.63 66.77 -12.86
CA ASN B 576 -5.02 66.53 -14.16
C ASN B 576 -3.86 67.49 -14.41
N LYS B 577 -4.01 68.76 -14.02
CA LYS B 577 -2.93 69.72 -14.21
C LYS B 577 -1.71 69.36 -13.37
N MET B 578 -1.92 68.93 -12.12
CA MET B 578 -0.80 68.52 -11.29
C MET B 578 -0.13 67.27 -11.84
N ILE B 579 -0.91 66.34 -12.38
CA ILE B 579 -0.33 65.15 -13.00
C ILE B 579 0.52 65.54 -14.22
N ASP B 580 0.01 66.47 -15.04
CA ASP B 580 0.77 66.90 -16.21
C ASP B 580 2.06 67.58 -15.81
N GLY B 581 2.10 68.20 -14.63
CA GLY B 581 3.28 68.90 -14.19
C GLY B 581 3.28 70.36 -14.55
N GLU B 582 2.21 71.06 -14.21
CA GLU B 582 2.05 72.48 -14.49
C GLU B 582 1.91 73.25 -13.19
N SER B 583 2.17 74.55 -13.26
CA SER B 583 2.03 75.45 -12.12
C SER B 583 0.90 76.43 -12.40
N GLY B 584 -0.06 76.51 -11.48
CA GLY B 584 -1.20 77.38 -11.67
C GLY B 584 -1.91 77.67 -10.37
N GLU B 585 -2.84 78.62 -10.44
CA GLU B 585 -3.64 79.04 -9.30
C GLU B 585 -5.12 78.86 -9.64
N LYS B 586 -5.90 78.36 -8.69
CA LYS B 586 -7.33 78.20 -8.87
C LYS B 586 -8.06 78.60 -7.60
N THR B 587 -9.00 79.53 -7.72
CA THR B 587 -9.85 79.95 -6.62
C THR B 587 -11.30 79.66 -7.00
N PHE B 588 -11.99 78.87 -6.17
CA PHE B 588 -13.32 78.43 -6.50
C PHE B 588 -14.10 78.11 -5.24
N ARG B 589 -15.42 78.09 -5.35
CA ARG B 589 -16.27 77.73 -4.24
C ARG B 589 -16.38 76.21 -4.13
N THR B 590 -16.14 75.66 -2.95
CA THR B 590 -16.08 74.23 -2.77
C THR B 590 -16.76 73.82 -1.47
N LEU B 591 -17.11 72.54 -1.40
CA LEU B 591 -17.71 71.93 -0.21
C LEU B 591 -16.64 71.13 0.51
N VAL B 592 -16.44 71.43 1.80
CA VAL B 592 -15.41 70.77 2.60
C VAL B 592 -16.09 69.96 3.71
N LYS B 593 -15.68 68.72 3.85
CA LYS B 593 -16.19 67.88 4.93
C LYS B 593 -15.56 68.28 6.26
N SER B 594 -16.36 68.27 7.32
CA SER B 594 -15.86 68.58 8.64
C SER B 594 -14.99 67.44 9.16
N GLN B 595 -14.16 67.76 10.15
CA GLN B 595 -13.26 66.75 10.72
C GLN B 595 -14.03 65.62 11.38
N ASP B 596 -15.10 65.95 12.12
CA ASP B 596 -15.90 64.91 12.76
C ASP B 596 -16.69 64.10 11.73
N GLU B 597 -16.73 64.56 10.48
CA GLU B 597 -17.32 63.88 9.32
C GLU B 597 -18.83 63.77 9.42
N ARG B 598 -19.49 64.52 10.30
CA ARG B 598 -20.93 64.54 10.35
C ARG B 598 -21.54 65.72 9.60
N TYR B 599 -20.72 66.69 9.18
CA TYR B 599 -21.20 67.94 8.61
C TYR B 599 -20.45 68.24 7.31
N ILE B 600 -21.11 68.98 6.43
CA ILE B 600 -20.47 69.55 5.25
C ILE B 600 -20.74 71.05 5.25
N ASP B 601 -19.67 71.84 5.14
CA ASP B 601 -19.77 73.29 5.15
C ASP B 601 -19.14 73.85 3.89
N LYS B 602 -19.66 74.99 3.46
CA LYS B 602 -19.27 75.62 2.20
C LYS B 602 -18.30 76.76 2.47
N GLY B 603 -17.19 76.78 1.72
CA GLY B 603 -16.17 77.78 1.92
C GLY B 603 -15.44 78.11 0.64
N ASN B 604 -14.67 79.19 0.70
CA ASN B 604 -13.82 79.64 -0.40
C ASN B 604 -12.41 79.13 -0.16
N ARG B 605 -11.84 78.45 -1.15
CA ARG B 605 -10.48 77.91 -1.04
C ARG B 605 -9.69 78.24 -2.29
N THR B 606 -8.40 78.50 -2.11
CA THR B 606 -7.48 78.79 -3.21
C THR B 606 -6.46 77.68 -3.30
N TYR B 607 -6.37 77.05 -4.47
CA TYR B 607 -5.45 75.96 -4.72
C TYR B 607 -4.26 76.48 -5.51
N THR B 608 -3.07 76.34 -4.95
CA THR B 608 -1.83 76.74 -5.60
C THR B 608 -0.92 75.52 -5.67
N TRP B 609 -0.53 75.14 -6.88
CA TRP B 609 0.26 73.94 -7.09
C TRP B 609 1.43 74.23 -8.03
N THR B 610 2.59 73.66 -7.70
CA THR B 610 3.77 73.72 -8.55
C THR B 610 4.42 72.35 -8.58
N PRO B 611 5.02 71.97 -9.70
CA PRO B 611 5.68 70.65 -9.77
C PRO B 611 7.00 70.66 -9.02
N VAL B 612 7.25 69.57 -8.29
CA VAL B 612 8.55 69.37 -7.67
C VAL B 612 9.53 68.95 -8.76
N ASN B 613 10.32 69.90 -9.25
CA ASN B 613 11.14 69.68 -10.43
C ASN B 613 12.23 68.66 -10.14
N GLY B 614 12.53 67.83 -11.15
CA GLY B 614 13.41 66.69 -10.96
C GLY B 614 12.77 65.49 -10.31
N THR B 615 11.47 65.53 -10.04
CA THR B 615 10.75 64.45 -9.38
C THR B 615 9.34 64.40 -9.95
N ASP B 616 8.79 63.18 -10.03
CA ASP B 616 7.46 63.01 -10.62
C ASP B 616 6.38 63.64 -9.75
N TYR B 617 6.62 63.76 -8.44
CA TYR B 617 5.60 64.30 -7.54
C TYR B 617 5.36 65.77 -7.81
N SER B 618 4.12 66.19 -7.54
CA SER B 618 3.71 67.59 -7.64
C SER B 618 3.13 68.03 -6.31
N LEU B 619 3.47 69.25 -5.90
CA LEU B 619 3.10 69.77 -4.59
C LEU B 619 2.07 70.88 -4.75
N ALA B 620 1.08 70.90 -3.87
CA ALA B 620 0.02 71.89 -3.89
C ALA B 620 -0.26 72.40 -2.49
N LEU B 621 -0.79 73.61 -2.42
CA LEU B 621 -1.12 74.27 -1.15
C LEU B 621 -2.55 74.78 -1.21
N VAL B 622 -3.32 74.49 -0.16
CA VAL B 622 -4.71 74.92 -0.05
C VAL B 622 -4.78 76.03 0.98
N LEU B 623 -5.40 77.15 0.61
CA LEU B 623 -5.50 78.30 1.51
C LEU B 623 -6.88 78.93 1.43
N PRO B 624 -7.59 79.05 2.55
CA PRO B 624 -8.79 79.88 2.57
C PRO B 624 -8.43 81.35 2.45
N THR B 625 -9.46 82.16 2.16
CA THR B 625 -9.24 83.59 1.95
C THR B 625 -8.70 84.27 3.21
N TYR B 626 -9.28 83.94 4.37
CA TYR B 626 -8.83 84.58 5.62
C TYR B 626 -7.43 84.14 6.01
N SER B 627 -6.96 83.01 5.48
CA SER B 627 -5.64 82.51 5.82
C SER B 627 -4.52 83.27 5.14
N PHE B 628 -4.85 84.20 4.23
CA PHE B 628 -3.81 84.90 3.47
C PHE B 628 -2.92 85.73 4.38
N TYR B 629 -3.43 86.13 5.55
CA TYR B 629 -2.67 86.90 6.52
C TYR B 629 -2.62 86.15 7.85
N TYR B 630 -1.46 86.18 8.50
CA TYR B 630 -1.27 85.52 9.78
C TYR B 630 -0.52 86.43 10.73
N ILE B 631 -0.70 86.17 12.02
CA ILE B 631 -0.14 87.01 13.08
C ILE B 631 1.17 86.38 13.57
N LYS B 632 2.24 87.17 13.57
CA LYS B 632 3.53 86.76 14.08
C LYS B 632 3.85 87.55 15.34
N ALA B 633 4.15 86.85 16.42
CA ALA B 633 4.36 87.50 17.70
C ALA B 633 5.67 88.28 17.71
N LYS B 634 5.66 89.40 18.44
CA LYS B 634 6.86 90.22 18.57
C LYS B 634 7.81 89.62 19.61
N LEU B 635 9.08 90.04 19.54
CA LEU B 635 10.06 89.57 20.50
C LEU B 635 9.72 90.04 21.92
N GLU B 636 9.24 91.27 22.04
CA GLU B 636 8.77 91.84 23.31
C GLU B 636 9.94 91.87 24.29
N GLU B 637 9.75 91.48 25.55
CA GLU B 637 10.79 91.53 26.56
C GLU B 637 10.59 90.41 27.56
N THR B 638 11.65 90.12 28.31
CA THR B 638 11.62 88.99 29.25
C THR B 638 10.54 89.18 30.31
N ILE B 639 10.26 90.42 30.69
CA ILE B 639 9.22 90.68 31.68
C ILE B 639 7.87 90.21 31.16
N THR B 640 7.57 90.52 29.90
CA THR B 640 6.32 90.07 29.30
C THR B 640 6.25 88.55 29.22
N GLN B 641 7.37 87.91 28.86
CA GLN B 641 7.38 86.44 28.79
C GLN B 641 7.13 85.83 30.16
N ALA B 642 7.76 86.37 31.21
CA ALA B 642 7.53 85.85 32.55
C ALA B 642 6.08 86.06 32.99
N ARG B 643 5.52 87.24 32.69
CA ARG B 643 4.14 87.51 33.06
C ARG B 643 3.18 86.58 32.35
N TYR B 644 3.43 86.31 31.07
CA TYR B 644 2.58 85.38 30.32
C TYR B 644 2.76 83.95 30.82
N SER B 645 3.97 83.59 31.23
CA SER B 645 4.21 82.24 31.76
C SER B 645 3.51 82.05 33.10
N GLU B 646 3.38 83.13 33.87
CA GLU B 646 2.68 83.04 35.15
C GLU B 646 1.22 82.62 34.96
N THR B 647 0.64 82.93 33.79
CA THR B 647 -0.79 82.73 33.59
C THR B 647 -1.17 81.26 33.61
N LEU B 648 -0.40 80.42 32.91
CA LEU B 648 -0.81 79.04 32.66
C LEU B 648 -0.21 78.03 33.64
N LYS B 649 0.31 78.50 34.78
CA LYS B 649 0.85 77.57 35.76
C LYS B 649 -0.26 76.72 36.36
N PRO B 650 0.03 75.49 36.79
CA PRO B 650 -1.03 74.63 37.35
C PRO B 650 -1.72 75.22 38.56
N ASP B 651 -0.99 75.94 39.42
CA ASP B 651 -1.63 76.56 40.57
C ASP B 651 -2.55 77.70 40.14
N ASN B 652 -2.30 78.29 38.98
CA ASN B 652 -3.11 79.39 38.47
C ASN B 652 -4.31 78.94 37.65
N PHE B 653 -4.64 77.65 37.65
CA PHE B 653 -5.84 77.19 36.95
C PHE B 653 -7.11 77.83 37.50
N GLU B 654 -7.20 77.99 38.82
CA GLU B 654 -8.46 78.42 39.42
C GLU B 654 -8.91 79.78 38.90
N GLU B 655 -7.98 80.73 38.81
CA GLU B 655 -8.33 82.04 38.27
C GLU B 655 -8.52 81.99 36.76
N SER B 656 -7.58 81.36 36.06
CA SER B 656 -7.59 81.40 34.60
C SER B 656 -8.59 80.42 34.00
N GLY B 657 -8.81 79.30 34.67
CA GLY B 657 -9.55 78.20 34.09
C GLY B 657 -8.62 77.09 33.62
N TYR B 658 -9.20 75.90 33.48
CA TYR B 658 -8.40 74.73 33.11
C TYR B 658 -7.78 74.93 31.74
N THR B 659 -6.45 75.05 31.69
CA THR B 659 -5.74 75.46 30.48
C THR B 659 -5.28 74.24 29.70
N PHE B 660 -5.54 74.26 28.39
CA PHE B 660 -5.07 73.24 27.47
C PHE B 660 -4.01 73.84 26.57
N ILE B 661 -2.91 73.12 26.37
CA ILE B 661 -1.84 73.56 25.47
C ILE B 661 -1.63 72.48 24.42
N ALA B 662 -1.59 72.89 23.16
CA ALA B 662 -1.45 71.94 22.07
C ALA B 662 -0.07 71.29 22.10
N PRO B 663 0.03 70.00 21.84
CA PRO B 663 1.33 69.29 21.84
C PRO B 663 2.12 69.52 20.55
N ARG B 664 2.60 70.76 20.39
CA ARG B 664 3.46 71.14 19.27
C ARG B 664 4.88 71.26 19.77
N ASP B 665 5.82 70.64 19.05
CA ASP B 665 7.21 70.65 19.47
C ASP B 665 7.79 72.05 19.37
N TYR B 666 8.18 72.60 20.52
CA TYR B 666 8.81 73.91 20.60
C TYR B 666 10.31 73.84 20.78
N CYS B 667 10.83 72.76 21.37
CA CYS B 667 12.26 72.58 21.56
C CYS B 667 12.60 71.13 21.24
N ASN B 668 13.85 70.92 20.81
CA ASN B 668 14.30 69.57 20.49
C ASN B 668 14.32 68.68 21.72
N ASP B 669 14.78 69.22 22.85
CA ASP B 669 14.77 68.44 24.09
C ASP B 669 13.36 68.30 24.63
N LEU B 670 12.49 69.26 24.33
CA LEU B 670 11.10 69.17 24.75
C LEU B 670 10.41 67.99 24.09
N LYS B 671 9.69 67.21 24.90
CA LYS B 671 9.04 65.99 24.44
C LYS B 671 7.53 66.15 24.55
N ILE B 672 6.84 65.90 23.43
CA ILE B 672 5.39 65.93 23.44
C ILE B 672 4.86 64.65 24.08
N SER B 673 3.71 64.77 24.74
CA SER B 673 3.09 63.65 25.44
C SER B 673 1.62 63.56 25.05
N ASP B 674 1.10 62.33 25.06
CA ASP B 674 -0.31 62.13 24.76
C ASP B 674 -1.20 62.82 25.80
N ASN B 675 -0.83 62.72 27.07
CA ASN B 675 -1.57 63.38 28.14
C ASN B 675 -1.14 64.84 28.22
N ASN B 676 -2.12 65.74 28.21
CA ASN B 676 -1.81 67.17 28.14
C ASN B 676 -1.21 67.68 29.44
N THR B 677 -1.52 67.03 30.56
CA THR B 677 -1.03 67.50 31.85
C THR B 677 0.50 67.43 31.92
N GLU B 678 1.08 66.31 31.48
CA GLU B 678 2.52 66.16 31.50
C GLU B 678 3.19 67.20 30.58
N PHE B 679 2.62 67.41 29.40
CA PHE B 679 3.21 68.37 28.48
C PHE B 679 3.12 69.79 29.03
N LEU B 680 2.01 70.13 29.67
CA LEU B 680 1.88 71.46 30.27
C LEU B 680 2.88 71.65 31.40
N LEU B 681 3.07 70.63 32.24
CA LEU B 681 4.09 70.71 33.28
C LEU B 681 5.47 70.90 32.68
N ASN B 682 5.77 70.14 31.62
CA ASN B 682 7.07 70.25 30.96
C ASN B 682 7.27 71.65 30.39
N PHE B 683 6.28 72.18 29.71
CA PHE B 683 6.41 73.51 29.12
C PHE B 683 6.62 74.55 30.20
N ASN B 684 5.86 74.45 31.30
CA ASN B 684 6.02 75.40 32.40
C ASN B 684 7.44 75.34 32.96
N GLU B 685 7.96 74.13 33.18
CA GLU B 685 9.27 74.03 33.83
C GLU B 685 10.39 74.45 32.88
N PHE B 686 10.28 74.15 31.58
CA PHE B 686 11.29 74.64 30.65
C PHE B 686 11.25 76.16 30.52
N ILE B 687 10.06 76.76 30.44
CA ILE B 687 9.99 78.21 30.31
C ILE B 687 10.53 78.88 31.57
N ASP B 688 10.14 78.40 32.74
CA ASP B 688 10.50 79.07 33.99
C ASP B 688 11.95 78.80 34.38
N ARG B 689 12.46 77.60 34.09
CA ARG B 689 13.70 77.16 34.71
C ARG B 689 14.92 77.86 34.10
N LYS B 690 15.11 77.74 32.78
CA LYS B 690 16.33 78.21 32.16
C LYS B 690 16.07 79.58 31.55
N THR B 691 15.22 79.69 30.53
CA THR B 691 14.95 80.92 29.77
C THR B 691 13.62 80.76 29.07
N PRO B 692 12.85 81.84 28.91
CA PRO B 692 11.71 81.79 27.98
C PRO B 692 12.14 81.51 26.55
N ASN B 693 13.26 82.08 26.11
CA ASN B 693 13.80 81.86 24.79
C ASN B 693 15.17 81.20 24.91
N ASN B 694 15.33 80.06 24.25
CA ASN B 694 16.54 79.26 24.37
C ASN B 694 17.02 78.82 22.99
N PRO B 695 18.32 78.59 22.82
CA PRO B 695 18.82 78.00 21.58
C PRO B 695 18.25 76.59 21.39
N SER B 696 18.20 76.17 20.12
CA SER B 696 17.60 74.91 19.70
C SER B 696 16.10 74.86 19.98
N CYS B 697 15.45 76.02 20.05
CA CYS B 697 14.02 76.12 20.24
C CYS B 697 13.44 77.04 19.18
N ASN B 698 12.15 76.84 18.88
CA ASN B 698 11.45 77.65 17.89
C ASN B 698 10.93 78.90 18.58
N ALA B 699 11.58 80.05 18.31
CA ALA B 699 11.21 81.28 18.98
C ALA B 699 9.80 81.73 18.60
N ASP B 700 9.43 81.61 17.33
CA ASP B 700 8.14 82.10 16.87
C ASP B 700 7.00 81.35 17.54
N LEU B 701 7.08 80.02 17.62
CA LEU B 701 6.01 79.24 18.24
C LEU B 701 5.85 79.58 19.71
N ILE B 702 6.96 79.68 20.44
CA ILE B 702 6.89 79.99 21.86
C ILE B 702 6.33 81.39 22.08
N ASN B 703 6.77 82.36 21.27
CA ASN B 703 6.27 83.71 21.40
C ASN B 703 4.77 83.76 21.13
N ARG B 704 4.31 83.06 20.09
CA ARG B 704 2.89 83.02 19.80
C ARG B 704 2.09 82.40 20.94
N VAL B 705 2.60 81.29 21.50
CA VAL B 705 1.88 80.62 22.59
C VAL B 705 1.78 81.53 23.80
N LEU B 706 2.88 82.18 24.18
CA LEU B 706 2.84 83.05 25.34
C LEU B 706 1.95 84.27 25.12
N LEU B 707 1.99 84.84 23.91
CA LEU B 707 1.11 85.97 23.60
C LEU B 707 -0.36 85.56 23.69
N ASP B 708 -0.68 84.38 23.16
CA ASP B 708 -2.06 83.89 23.25
C ASP B 708 -2.46 83.64 24.69
N ALA B 709 -1.55 83.11 25.51
CA ALA B 709 -1.84 82.89 26.91
C ALA B 709 -2.13 84.20 27.63
N GLY B 710 -1.32 85.23 27.35
CA GLY B 710 -1.58 86.53 27.95
C GLY B 710 -2.92 87.10 27.53
N PHE B 711 -3.23 87.01 26.23
CA PHE B 711 -4.51 87.51 25.74
C PHE B 711 -5.68 86.78 26.39
N THR B 712 -5.58 85.45 26.51
CA THR B 712 -6.66 84.67 27.10
C THR B 712 -6.84 84.98 28.57
N ASN B 713 -5.73 85.10 29.32
CA ASN B 713 -5.83 85.43 30.73
C ASN B 713 -6.44 86.82 30.92
N GLU B 714 -6.02 87.78 30.10
CA GLU B 714 -6.61 89.11 30.18
C GLU B 714 -8.11 89.06 29.91
N LEU B 715 -8.51 88.31 28.88
CA LEU B 715 -9.93 88.16 28.59
C LEU B 715 -10.69 87.62 29.79
N VAL B 716 -10.21 86.50 30.36
CA VAL B 716 -10.98 85.85 31.42
C VAL B 716 -11.07 86.75 32.63
N GLN B 717 -9.94 87.32 33.08
CA GLN B 717 -9.96 88.13 34.28
C GLN B 717 -10.77 89.40 34.10
N ASN B 718 -10.76 89.99 32.89
CA ASN B 718 -11.48 91.24 32.70
C ASN B 718 -12.98 91.00 32.56
N TYR B 719 -13.40 89.92 31.90
CA TYR B 719 -14.81 89.78 31.56
C TYR B 719 -15.48 88.58 32.23
N TRP B 720 -14.87 87.39 32.14
CA TRP B 720 -15.56 86.19 32.61
C TRP B 720 -15.62 86.15 34.14
N SER B 721 -14.58 86.67 34.80
CA SER B 721 -14.55 86.64 36.25
C SER B 721 -15.64 87.52 36.86
N LYS B 722 -16.07 88.56 36.14
CA LYS B 722 -17.09 89.46 36.67
C LYS B 722 -18.41 88.73 36.89
N GLN B 723 -18.81 87.88 35.94
CA GLN B 723 -20.04 87.10 36.04
C GLN B 723 -19.64 85.67 36.42
N LYS B 724 -19.72 85.37 37.73
CA LYS B 724 -19.29 84.06 38.20
C LYS B 724 -20.20 82.95 37.67
N ASN B 725 -21.51 83.17 37.68
CA ASN B 725 -22.47 82.16 37.26
C ASN B 725 -23.50 82.78 36.33
N ILE B 726 -23.80 82.08 35.24
CA ILE B 726 -24.85 82.47 34.31
C ILE B 726 -25.83 81.29 34.21
N LYS B 727 -27.12 81.59 34.34
CA LYS B 727 -28.11 80.51 34.35
C LYS B 727 -28.14 79.76 33.03
N GLY B 728 -28.05 80.48 31.91
CA GLY B 728 -28.11 79.82 30.61
C GLY B 728 -26.81 79.12 30.24
N VAL B 729 -25.70 79.57 30.79
CA VAL B 729 -24.37 79.13 30.36
C VAL B 729 -23.84 78.10 31.33
N LYS B 730 -23.56 76.90 30.81
CA LYS B 730 -22.87 75.90 31.62
C LYS B 730 -21.39 76.22 31.74
N ALA B 731 -20.76 76.65 30.65
CA ALA B 731 -19.32 76.86 30.64
C ALA B 731 -18.96 77.85 29.55
N ARG B 732 -17.91 78.64 29.80
CA ARG B 732 -17.33 79.55 28.83
C ARG B 732 -15.95 79.04 28.46
N PHE B 733 -15.71 78.82 27.17
CA PHE B 733 -14.40 78.38 26.71
C PHE B 733 -13.98 79.18 25.48
N VAL B 734 -12.67 79.35 25.32
CA VAL B 734 -12.09 80.04 24.18
C VAL B 734 -11.01 79.15 23.59
N VAL B 735 -11.00 79.03 22.26
CA VAL B 735 -9.99 78.29 21.53
C VAL B 735 -9.29 79.26 20.59
N THR B 736 -7.97 79.29 20.64
CA THR B 736 -7.19 80.28 19.92
C THR B 736 -6.15 79.59 19.05
N ASP B 737 -5.91 80.16 17.87
CA ASP B 737 -4.75 79.78 17.09
C ASP B 737 -3.50 80.06 17.91
N GLY B 738 -2.53 79.16 17.83
CA GLY B 738 -1.40 79.16 18.73
C GLY B 738 -1.46 78.12 19.82
N GLY B 739 -2.46 77.23 19.78
CA GLY B 739 -2.47 76.05 20.63
C GLY B 739 -2.65 76.30 22.11
N ILE B 740 -3.61 77.13 22.50
CA ILE B 740 -4.02 77.26 23.89
C ILE B 740 -5.55 77.27 23.95
N THR B 741 -6.09 76.55 24.93
CA THR B 741 -7.53 76.48 25.15
C THR B 741 -7.81 76.58 26.64
N ARG B 742 -8.71 77.48 27.03
CA ARG B 742 -9.05 77.69 28.43
C ARG B 742 -10.56 77.72 28.59
N VAL B 743 -11.06 76.92 29.54
CA VAL B 743 -12.48 76.90 29.89
C VAL B 743 -12.60 77.27 31.37
N TYR B 744 -13.51 78.21 31.66
CA TYR B 744 -13.55 78.79 33.01
C TYR B 744 -13.96 77.80 34.10
N PRO B 745 -15.08 77.06 33.98
CA PRO B 745 -15.44 76.15 35.08
C PRO B 745 -14.48 74.99 35.19
N LYS B 746 -14.29 74.51 36.42
CA LYS B 746 -13.39 73.37 36.64
C LYS B 746 -14.04 72.06 36.24
N GLU B 747 -15.32 71.90 36.55
CA GLU B 747 -16.03 70.69 36.12
C GLU B 747 -16.09 70.61 34.60
N ALA B 748 -16.20 71.76 33.93
CA ALA B 748 -16.18 71.77 32.47
C ALA B 748 -14.86 71.29 31.92
N GLY B 749 -13.75 71.60 32.59
CA GLY B 749 -12.46 71.12 32.14
C GLY B 749 -12.38 69.61 32.11
N GLU B 750 -12.93 68.96 33.14
CA GLU B 750 -13.04 67.51 33.13
C GLU B 750 -14.02 67.05 32.05
N ASN B 751 -15.12 67.79 31.87
CA ASN B 751 -16.10 67.43 30.85
C ASN B 751 -15.55 67.67 29.45
N TRP B 752 -14.59 68.59 29.32
CA TRP B 752 -14.02 68.91 28.01
C TRP B 752 -13.34 67.70 27.41
N GLN B 753 -13.80 67.29 26.23
CA GLN B 753 -13.28 66.10 25.56
C GLN B 753 -12.61 66.41 24.22
N GLU B 754 -12.51 67.67 23.85
CA GLU B 754 -11.94 68.02 22.55
C GLU B 754 -10.44 67.79 22.54
N ASN B 755 -9.89 67.72 21.33
CA ASN B 755 -8.46 67.48 21.17
C ASN B 755 -7.67 68.66 21.73
N PRO B 756 -6.56 68.41 22.44
CA PRO B 756 -5.73 69.53 22.90
C PRO B 756 -5.23 70.41 21.77
N GLU B 757 -4.90 69.82 20.62
CA GLU B 757 -4.48 70.61 19.47
C GLU B 757 -5.66 71.41 18.93
N THR B 758 -5.43 72.71 18.74
CA THR B 758 -6.50 73.57 18.23
C THR B 758 -6.80 73.28 16.76
N TYR B 759 -5.77 72.90 16.00
CA TYR B 759 -5.98 72.61 14.58
C TYR B 759 -6.85 71.38 14.38
N GLU B 760 -6.74 70.41 15.28
CA GLU B 760 -7.48 69.16 15.11
C GLU B 760 -8.95 69.30 15.48
N ASP B 761 -9.32 70.39 16.15
CA ASP B 761 -10.70 70.56 16.58
C ASP B 761 -11.62 70.82 15.39
N SER B 762 -12.71 70.05 15.31
CA SER B 762 -13.65 70.20 14.20
C SER B 762 -14.49 71.46 14.34
N PHE B 763 -14.96 71.75 15.56
CA PHE B 763 -15.78 72.93 15.77
C PHE B 763 -15.01 74.21 15.46
N TYR B 764 -13.70 74.20 15.72
CA TYR B 764 -12.87 75.35 15.37
C TYR B 764 -12.89 75.61 13.87
N LYS B 765 -12.69 74.56 13.07
CA LYS B 765 -12.70 74.73 11.62
C LYS B 765 -14.07 75.15 11.12
N ARG B 766 -15.14 74.58 11.70
CA ARG B 766 -16.48 75.01 11.30
C ARG B 766 -16.72 76.48 11.60
N SER B 767 -16.30 76.94 12.78
CA SER B 767 -16.48 78.34 13.13
C SER B 767 -15.66 79.24 12.21
N LEU B 768 -14.46 78.78 11.83
CA LEU B 768 -13.68 79.52 10.84
C LEU B 768 -14.42 79.65 9.52
N ASP B 769 -15.03 78.55 9.05
CA ASP B 769 -15.69 78.59 7.74
C ASP B 769 -16.93 79.47 7.75
N ASN B 770 -17.70 79.44 8.83
CA ASN B 770 -18.97 80.14 8.90
C ASN B 770 -18.80 81.52 9.53
N ASP B 771 -19.53 82.50 8.99
CA ASP B 771 -19.57 83.84 9.53
C ASP B 771 -20.67 84.05 10.56
N ASN B 772 -21.40 82.99 10.92
CA ASN B 772 -22.47 83.04 11.89
C ASN B 772 -22.22 82.02 12.99
N TYR B 773 -23.06 82.06 14.02
CA TYR B 773 -22.93 81.14 15.14
C TYR B 773 -23.15 79.70 14.66
N VAL B 774 -22.34 78.79 15.19
CA VAL B 774 -22.35 77.38 14.77
C VAL B 774 -22.69 76.53 15.99
N PHE B 775 -23.68 75.66 15.83
CA PHE B 775 -24.08 74.74 16.89
C PHE B 775 -23.56 73.34 16.58
N THR B 776 -22.91 72.73 17.56
CA THR B 776 -22.35 71.40 17.42
C THR B 776 -23.19 70.40 18.19
N ALA B 777 -23.70 69.40 17.49
CA ALA B 777 -24.56 68.40 18.13
C ALA B 777 -23.73 67.48 19.01
N PRO B 778 -24.22 67.15 20.21
CA PRO B 778 -23.50 66.20 21.06
C PRO B 778 -23.63 64.78 20.54
N TYR B 779 -22.68 63.94 20.94
CA TYR B 779 -22.74 62.53 20.59
C TYR B 779 -23.83 61.82 21.38
N PHE B 780 -24.46 60.84 20.75
CA PHE B 780 -25.60 60.13 21.31
C PHE B 780 -25.24 58.68 21.59
N ASN B 781 -25.70 58.18 22.74
CA ASN B 781 -25.49 56.79 23.16
C ASN B 781 -24.01 56.43 23.16
N LYS B 782 -23.21 57.28 23.79
CA LYS B 782 -21.77 57.10 23.87
C LYS B 782 -21.33 56.96 25.33
N SER B 783 -20.13 56.41 25.50
CA SER B 783 -19.58 56.26 26.85
C SER B 783 -19.36 57.62 27.51
N GLY B 784 -19.00 58.63 26.73
CA GLY B 784 -18.85 59.98 27.22
C GLY B 784 -20.18 60.54 27.71
N PRO B 785 -20.13 61.48 28.64
CA PRO B 785 -21.37 62.03 29.19
C PRO B 785 -22.21 62.72 28.12
N GLY B 786 -23.52 62.56 28.24
CA GLY B 786 -24.44 63.12 27.27
C GLY B 786 -24.66 64.61 27.48
N ALA B 787 -25.59 65.15 26.70
CA ALA B 787 -25.90 66.57 26.78
C ALA B 787 -26.85 66.86 27.94
N TYR B 788 -26.51 66.36 29.12
CA TYR B 788 -27.21 66.68 30.35
C TYR B 788 -26.27 67.19 31.43
N GLU B 789 -25.00 66.80 31.39
CA GLU B 789 -23.97 67.31 32.28
C GLU B 789 -22.92 68.14 31.57
N SER B 790 -22.80 68.00 30.25
CA SER B 790 -21.84 68.76 29.46
C SER B 790 -22.47 69.91 28.69
N GLY B 791 -23.73 69.80 28.30
CA GLY B 791 -24.42 70.87 27.62
C GLY B 791 -24.29 70.81 26.10
N ILE B 792 -24.82 71.84 25.46
CA ILE B 792 -24.82 71.98 24.01
C ILE B 792 -23.78 73.02 23.63
N MET B 793 -22.88 72.66 22.72
CA MET B 793 -21.77 73.52 22.33
C MET B 793 -22.16 74.39 21.13
N VAL B 794 -22.03 75.70 21.29
CA VAL B 794 -22.20 76.66 20.20
C VAL B 794 -20.98 77.56 20.18
N SER B 795 -20.40 77.74 18.99
CA SER B 795 -19.13 78.45 18.84
C SER B 795 -19.26 79.54 17.79
N LYS B 796 -18.62 80.68 18.04
CA LYS B 796 -18.57 81.80 17.12
C LYS B 796 -17.13 82.24 16.94
N ALA B 797 -16.71 82.43 15.70
CA ALA B 797 -15.32 82.79 15.40
C ALA B 797 -15.10 84.27 15.62
N VAL B 798 -13.96 84.63 16.21
CA VAL B 798 -13.61 86.02 16.41
C VAL B 798 -12.93 86.57 15.15
N GLU B 799 -13.42 87.70 14.67
CA GLU B 799 -12.91 88.33 13.46
C GLU B 799 -12.17 89.61 13.83
N ILE B 800 -10.96 89.77 13.30
CA ILE B 800 -10.10 90.90 13.61
C ILE B 800 -9.82 91.68 12.33
N TYR B 801 -9.84 93.00 12.43
CA TYR B 801 -9.62 93.89 11.30
C TYR B 801 -8.41 94.79 11.60
N ILE B 802 -7.21 94.28 11.29
CA ILE B 802 -6.01 95.10 11.36
C ILE B 802 -5.76 95.70 9.99
N GLN B 803 -5.67 97.04 9.93
CA GLN B 803 -5.62 97.78 8.68
C GLN B 803 -6.85 97.38 7.87
N GLY B 804 -6.72 97.07 6.58
CA GLY B 804 -7.81 96.51 5.80
C GLY B 804 -7.84 95.01 5.77
N LYS B 805 -6.90 94.34 6.43
CA LYS B 805 -6.80 92.89 6.37
C LYS B 805 -7.82 92.22 7.28
N LEU B 806 -8.12 90.96 6.98
CA LEU B 806 -9.07 90.17 7.75
C LEU B 806 -8.33 89.04 8.46
N LEU B 807 -8.57 88.90 9.77
CA LEU B 807 -7.95 87.88 10.58
C LEU B 807 -9.00 87.21 11.46
N LYS B 808 -8.84 85.90 11.63
CA LYS B 808 -9.73 85.09 12.47
C LYS B 808 -8.89 84.24 13.41
N PRO B 809 -8.29 84.86 14.44
CA PRO B 809 -7.32 84.11 15.25
C PRO B 809 -7.95 83.18 16.27
N ALA B 810 -9.08 83.54 16.87
CA ALA B 810 -9.63 82.78 17.99
C ALA B 810 -11.09 82.46 17.75
N VAL B 811 -11.55 81.42 18.43
CA VAL B 811 -12.94 80.98 18.40
C VAL B 811 -13.42 80.80 19.84
N VAL B 812 -14.57 81.38 20.16
CA VAL B 812 -15.17 81.27 21.49
C VAL B 812 -16.39 80.37 21.40
N GLY B 813 -16.72 79.72 22.51
CA GLY B 813 -17.89 78.87 22.56
C GLY B 813 -18.60 78.95 23.90
N ILE B 814 -19.87 78.58 23.89
CA ILE B 814 -20.72 78.57 25.07
C ILE B 814 -21.42 77.23 25.13
N LYS B 815 -21.46 76.64 26.32
CA LYS B 815 -22.16 75.38 26.56
C LYS B 815 -23.51 75.69 27.19
N ILE B 816 -24.58 75.26 26.52
CA ILE B 816 -25.94 75.64 26.88
C ILE B 816 -26.53 74.56 27.78
N ASP B 817 -27.12 74.98 28.90
CA ASP B 817 -27.83 74.05 29.76
C ASP B 817 -29.05 73.49 29.04
N VAL B 818 -29.20 72.16 29.09
CA VAL B 818 -30.34 71.53 28.43
C VAL B 818 -31.65 71.91 29.13
N ASN B 819 -31.61 72.02 30.46
CA ASN B 819 -32.83 72.31 31.21
C ASN B 819 -33.32 73.73 30.94
N SER B 820 -32.42 74.71 31.02
CA SER B 820 -32.80 76.08 30.72
C SER B 820 -33.28 76.22 29.29
N TRP B 821 -32.59 75.56 28.35
CA TRP B 821 -32.99 75.63 26.96
C TRP B 821 -34.39 75.04 26.75
N ILE B 822 -34.68 73.90 27.36
CA ILE B 822 -35.97 73.26 27.15
C ILE B 822 -37.09 74.06 27.78
N GLU B 823 -36.86 74.62 28.98
CA GLU B 823 -37.91 75.40 29.61
C GLU B 823 -38.16 76.71 28.86
N ASN B 824 -37.10 77.35 28.36
CA ASN B 824 -37.27 78.54 27.54
C ASN B 824 -38.00 78.22 26.24
N PHE B 825 -37.68 77.08 25.63
CA PHE B 825 -38.36 76.67 24.41
C PHE B 825 -39.84 76.40 24.67
N THR B 826 -40.16 75.80 25.82
CA THR B 826 -41.55 75.46 26.11
C THR B 826 -42.38 76.71 26.39
N LYS B 827 -41.86 77.62 27.23
CA LYS B 827 -42.72 78.74 27.66
C LYS B 827 -43.08 79.66 26.50
N THR B 828 -42.13 79.91 25.61
CA THR B 828 -42.38 80.87 24.53
C THR B 828 -43.26 80.29 23.44
N SER B 829 -43.14 78.99 23.18
CA SER B 829 -43.88 78.39 22.07
C SER B 829 -45.40 78.52 22.27
N ILE B 830 -45.90 78.20 23.46
CA ILE B 830 -47.34 78.05 23.66
C ILE B 830 -47.98 79.39 23.96
N ARG B 831 -49.22 79.56 23.52
CA ARG B 831 -50.05 80.70 23.88
C ARG B 831 -51.10 80.24 24.89
N ASP B 832 -51.13 80.90 26.05
CA ASP B 832 -52.10 80.53 27.08
C ASP B 832 -53.57 80.71 26.66
N PRO B 833 -53.99 81.84 26.10
CA PRO B 833 -55.41 82.02 25.76
C PRO B 833 -55.80 81.67 24.33
N CYS B 834 -54.91 81.00 23.56
CA CYS B 834 -55.18 80.78 22.15
C CYS B 834 -56.45 79.94 21.94
N ALA B 835 -56.52 78.79 22.61
CA ALA B 835 -57.67 77.91 22.47
C ALA B 835 -57.61 76.86 23.58
N GLY B 836 -58.72 76.15 23.76
CA GLY B 836 -58.78 75.05 24.69
C GLY B 836 -57.79 73.96 24.31
N PRO B 837 -57.97 73.36 23.14
CA PRO B 837 -56.92 72.48 22.60
C PRO B 837 -55.66 73.28 22.34
N VAL B 838 -54.51 72.62 22.55
CA VAL B 838 -53.24 73.33 22.47
C VAL B 838 -52.97 73.75 21.04
N CYS B 839 -52.68 75.04 20.86
CA CYS B 839 -52.25 75.58 19.58
C CYS B 839 -50.76 75.38 19.33
N ASP B 840 -50.01 74.98 20.36
CA ASP B 840 -48.60 74.69 20.24
C ASP B 840 -48.23 73.61 21.24
N CYS B 841 -46.99 73.14 21.15
CA CYS B 841 -46.55 72.00 21.96
C CYS B 841 -46.49 72.36 23.44
N LYS B 842 -47.03 71.49 24.27
CA LYS B 842 -46.84 71.56 25.72
C LYS B 842 -45.65 70.69 26.09
N ARG B 843 -45.48 70.40 27.37
CA ARG B 843 -44.37 69.58 27.82
C ARG B 843 -44.40 68.20 27.15
N ASN B 844 -45.56 67.55 27.14
CA ASN B 844 -45.77 66.31 26.40
C ASN B 844 -47.07 66.46 25.59
N SER B 845 -46.94 67.04 24.39
CA SER B 845 -48.10 67.24 23.54
C SER B 845 -48.52 65.93 22.91
N ASP B 846 -49.80 65.58 23.05
CA ASP B 846 -50.29 64.34 22.47
C ASP B 846 -50.24 64.36 20.95
N VAL B 847 -50.56 65.51 20.35
CA VAL B 847 -50.68 65.64 18.90
C VAL B 847 -49.51 66.41 18.31
N MET B 848 -49.31 67.66 18.72
CA MET B 848 -48.37 68.53 18.03
C MET B 848 -46.93 68.19 18.42
N ASP B 849 -46.04 68.22 17.44
CA ASP B 849 -44.63 67.87 17.63
C ASP B 849 -43.78 69.09 17.35
N CYS B 850 -42.85 69.39 18.26
CA CYS B 850 -41.95 70.54 18.12
C CYS B 850 -40.52 70.05 18.25
N VAL B 851 -39.75 70.16 17.18
CA VAL B 851 -38.35 69.79 17.17
C VAL B 851 -37.55 70.83 16.40
N ILE B 852 -36.38 71.18 16.92
CA ILE B 852 -35.46 72.11 16.26
C ILE B 852 -34.20 71.34 15.89
N LEU B 853 -33.73 71.54 14.67
CA LEU B 853 -32.65 70.75 14.11
C LEU B 853 -31.50 71.65 13.68
N ASP B 854 -30.34 71.05 13.50
CA ASP B 854 -29.16 71.75 12.99
C ASP B 854 -28.96 71.43 11.51
N ASP B 855 -27.93 72.04 10.92
CA ASP B 855 -27.66 71.83 9.50
C ASP B 855 -27.39 70.37 9.19
N GLY B 856 -26.78 69.64 10.12
CA GLY B 856 -26.57 68.21 9.90
C GLY B 856 -27.83 67.40 10.04
N GLY B 857 -28.85 67.96 10.69
CA GLY B 857 -30.10 67.26 10.92
C GLY B 857 -30.22 66.59 12.26
N PHE B 858 -29.18 66.61 13.09
CA PHE B 858 -29.26 66.01 14.41
C PHE B 858 -30.16 66.84 15.33
N LEU B 859 -30.86 66.16 16.23
CA LEU B 859 -31.82 66.81 17.12
C LEU B 859 -31.09 67.47 18.28
N LEU B 860 -31.35 68.76 18.50
CA LEU B 860 -30.73 69.50 19.59
C LEU B 860 -31.71 69.85 20.71
N MET B 861 -32.98 70.08 20.37
CA MET B 861 -34.00 70.36 21.37
C MET B 861 -35.36 69.96 20.83
N ALA B 862 -36.20 69.40 21.69
CA ALA B 862 -37.52 68.95 21.30
C ALA B 862 -38.46 69.04 22.50
N ASN B 863 -39.76 69.10 22.20
CA ASN B 863 -40.77 69.20 23.26
C ASN B 863 -40.91 67.89 24.02
N HIS B 864 -40.96 66.77 23.29
CA HIS B 864 -41.28 65.49 23.91
C HIS B 864 -40.15 65.03 24.84
N ASP B 865 -40.57 64.35 25.91
CA ASP B 865 -39.59 63.91 26.92
C ASP B 865 -38.66 62.85 26.37
N ASP B 866 -39.20 61.86 25.63
CA ASP B 866 -38.34 60.86 25.02
C ASP B 866 -37.46 61.46 23.94
N TYR B 867 -37.99 62.43 23.19
CA TYR B 867 -37.19 63.14 22.21
C TYR B 867 -36.02 63.87 22.88
N THR B 868 -36.27 64.48 24.04
CA THR B 868 -35.21 65.14 24.78
C THR B 868 -34.22 64.13 25.34
N ASN B 869 -34.71 62.93 25.68
CA ASN B 869 -33.80 61.85 26.04
C ASN B 869 -32.93 61.44 24.85
N GLN B 870 -33.43 61.67 23.63
CA GLN B 870 -32.71 61.34 22.41
C GLN B 870 -32.01 62.55 21.79
N ILE B 871 -31.55 63.50 22.60
CA ILE B 871 -30.86 64.67 22.08
C ILE B 871 -29.49 64.27 21.54
N GLY B 872 -29.12 64.86 20.39
CA GLY B 872 -27.86 64.55 19.75
C GLY B 872 -27.95 63.48 18.69
N ARG B 873 -29.07 62.78 18.59
CA ARG B 873 -29.25 61.77 17.57
C ARG B 873 -29.72 62.40 16.27
N PHE B 874 -29.40 61.76 15.15
CA PHE B 874 -29.92 62.19 13.87
C PHE B 874 -31.44 62.17 13.90
N PHE B 875 -32.06 63.12 13.19
CA PHE B 875 -33.52 63.21 13.27
C PHE B 875 -34.14 62.04 12.52
N GLY B 876 -33.40 61.42 11.62
CA GLY B 876 -33.77 60.10 11.14
C GLY B 876 -33.76 59.11 12.29
N GLU B 877 -34.45 57.98 12.10
CA GLU B 877 -34.76 56.97 13.12
C GLU B 877 -35.79 57.53 14.09
N ILE B 878 -36.27 58.75 13.89
CA ILE B 878 -37.25 59.37 14.78
C ILE B 878 -38.51 59.63 13.96
N ASP B 879 -38.36 60.42 12.90
CA ASP B 879 -39.41 60.63 11.91
C ASP B 879 -38.79 60.51 10.52
N PRO B 880 -38.42 59.30 10.11
CA PRO B 880 -37.70 59.15 8.83
C PRO B 880 -38.47 59.64 7.63
N SER B 881 -39.79 59.47 7.62
CA SER B 881 -40.60 59.97 6.52
C SER B 881 -40.50 61.49 6.44
N LEU B 882 -40.46 62.16 7.59
CA LEU B 882 -40.32 63.61 7.61
C LEU B 882 -38.98 64.03 7.00
N MET B 883 -37.90 63.35 7.36
CA MET B 883 -36.60 63.66 6.74
C MET B 883 -36.62 63.43 5.25
N ARG B 884 -37.25 62.35 4.80
CA ARG B 884 -37.32 62.11 3.36
C ARG B 884 -38.09 63.22 2.66
N HIS B 885 -39.16 63.72 3.29
CA HIS B 885 -39.87 64.85 2.71
C HIS B 885 -39.00 66.10 2.65
N LEU B 886 -38.28 66.40 3.75
CA LEU B 886 -37.40 67.58 3.74
C LEU B 886 -36.37 67.48 2.64
N VAL B 887 -35.76 66.31 2.47
CA VAL B 887 -34.75 66.13 1.44
C VAL B 887 -35.37 66.27 0.06
N ASN B 888 -36.57 65.71 -0.11
CA ASN B 888 -37.26 65.75 -1.42
C ASN B 888 -37.62 67.17 -1.87
N ILE B 889 -37.89 68.04 -0.92
CA ILE B 889 -38.26 69.42 -1.26
C ILE B 889 -37.02 70.29 -1.27
N SER B 890 -35.85 69.67 -1.17
CA SER B 890 -34.55 70.37 -1.23
C SER B 890 -34.18 71.17 0.01
N VAL B 891 -34.67 70.75 1.18
CA VAL B 891 -34.23 71.40 2.40
C VAL B 891 -32.80 71.01 2.74
N TYR B 892 -32.52 69.71 2.74
CA TYR B 892 -31.19 69.18 2.98
C TYR B 892 -30.70 68.51 1.71
N ALA B 893 -29.38 68.59 1.50
CA ALA B 893 -28.75 67.92 0.38
C ALA B 893 -27.81 66.84 0.92
N PHE B 894 -28.02 65.61 0.47
CA PHE B 894 -27.22 64.48 0.90
C PHE B 894 -26.05 64.31 -0.05
N ASN B 895 -24.81 64.21 0.45
CA ASN B 895 -23.62 63.97 -0.41
C ASN B 895 -22.87 62.82 0.14
N LYS B 896 -22.72 61.76 -0.62
CA LYS B 896 -22.06 60.57 -0.11
C LYS B 896 -20.67 60.31 -0.64
N SER B 897 -19.85 59.60 0.13
CA SER B 897 -18.49 59.39 -0.22
C SER B 897 -18.08 58.08 0.30
N TYR B 898 -16.81 57.71 0.18
CA TYR B 898 -16.36 56.42 0.60
C TYR B 898 -15.08 56.57 1.33
N ASP B 899 -14.94 55.96 2.48
CA ASP B 899 -13.74 56.04 3.28
C ASP B 899 -13.14 54.75 3.00
N TYR B 900 -11.86 54.70 2.69
CA TYR B 900 -11.30 53.45 2.25
C TYR B 900 -10.41 52.91 3.27
N GLN B 901 -9.99 53.74 4.20
CA GLN B 901 -9.17 53.29 5.27
C GLN B 901 -9.99 53.28 6.52
N SER B 902 -10.85 52.29 6.69
CA SER B 902 -11.74 52.26 7.83
C SER B 902 -11.79 50.84 8.30
N VAL B 903 -12.13 50.62 9.57
CA VAL B 903 -12.09 49.28 10.14
C VAL B 903 -13.45 48.87 10.63
N CYS B 904 -13.85 47.66 10.34
CA CYS B 904 -15.19 47.23 10.70
C CYS B 904 -15.22 45.99 11.57
N GLU B 905 -16.40 45.42 11.77
CA GLU B 905 -16.49 44.18 12.54
C GLU B 905 -16.98 43.14 11.57
N PRO B 906 -16.26 42.02 11.48
CA PRO B 906 -16.65 41.05 10.45
C PRO B 906 -17.91 40.29 10.80
N CYS B 974 -11.92 47.74 5.52
CA CYS B 974 -13.11 47.80 4.72
C CYS B 974 -13.53 49.17 4.29
N ILE B 975 -14.22 49.26 3.17
CA ILE B 975 -14.66 50.53 2.68
C ILE B 975 -15.93 50.78 3.40
N THR B 976 -16.19 51.99 3.85
CA THR B 976 -17.45 52.31 4.46
C THR B 976 -18.04 53.36 3.55
N GLU B 977 -19.23 53.84 3.80
CA GLU B 977 -19.77 54.88 2.98
C GLU B 977 -20.33 55.83 3.91
N GLN B 978 -20.06 57.09 3.75
CA GLN B 978 -20.51 58.04 4.72
C GLN B 978 -21.48 58.95 4.03
N THR B 979 -22.38 59.60 4.75
CA THR B 979 -23.31 60.55 4.17
C THR B 979 -23.31 61.76 5.04
N GLN B 980 -23.44 62.95 4.47
CA GLN B 980 -23.34 64.13 5.29
C GLN B 980 -24.33 65.15 4.82
N TYR B 981 -25.32 65.51 5.64
CA TYR B 981 -26.38 66.37 5.17
C TYR B 981 -26.18 67.83 5.47
N PHE B 982 -26.40 68.68 4.50
CA PHE B 982 -26.24 70.10 4.67
C PHE B 982 -27.39 70.91 4.16
N PHE B 983 -27.56 72.14 4.62
CA PHE B 983 -28.70 72.95 4.21
C PHE B 983 -28.38 73.30 2.80
N ASP B 984 -29.33 73.41 1.90
CA ASP B 984 -28.91 73.80 0.54
C ASP B 984 -29.72 74.77 -0.27
N ASN B 985 -30.54 75.59 0.37
CA ASN B 985 -31.40 76.44 -0.42
C ASN B 985 -31.52 77.84 0.09
N ASP B 986 -30.85 78.17 1.19
CA ASP B 986 -30.92 79.51 1.81
C ASP B 986 -32.30 80.22 1.81
N SER B 987 -33.40 79.48 1.91
CA SER B 987 -34.70 80.08 1.99
C SER B 987 -35.10 79.88 3.42
N LYS B 988 -35.42 80.94 4.12
CA LYS B 988 -35.69 80.81 5.53
C LYS B 988 -37.01 80.15 5.83
N SER B 989 -37.87 79.99 4.84
CA SER B 989 -39.20 79.47 5.10
C SER B 989 -39.66 78.34 4.21
N PHE B 990 -40.19 77.29 4.82
CA PHE B 990 -40.72 76.17 4.07
C PHE B 990 -41.94 75.69 4.79
N SER B 991 -42.99 75.31 4.07
CA SER B 991 -44.17 74.73 4.72
C SER B 991 -44.75 73.59 3.91
N GLY B 992 -45.87 73.05 4.34
CA GLY B 992 -46.51 72.03 3.54
C GLY B 992 -47.16 70.91 4.30
N VAL B 993 -47.88 70.03 3.61
CA VAL B 993 -48.46 68.88 4.26
C VAL B 993 -47.66 67.68 3.84
N LEU B 994 -47.57 66.69 4.70
CA LEU B 994 -46.71 65.57 4.41
C LEU B 994 -47.19 64.63 3.34
N ASP B 995 -48.47 64.69 2.98
CA ASP B 995 -49.04 63.76 2.01
C ASP B 995 -48.66 62.35 2.37
N CYS B 996 -48.85 62.00 3.63
CA CYS B 996 -48.50 60.66 4.12
C CYS B 996 -49.40 59.58 3.53
N GLY B 997 -49.05 58.31 3.71
CA GLY B 997 -49.88 57.21 3.23
C GLY B 997 -51.31 57.47 3.65
N ASN B 998 -52.26 57.59 2.72
CA ASN B 998 -53.66 57.95 3.02
C ASN B 998 -53.92 59.18 3.92
N CYS B 999 -52.91 60.01 4.19
CA CYS B 999 -53.09 61.12 5.11
C CYS B 999 -52.24 62.35 4.76
N SER B 1000 -52.03 63.25 5.71
CA SER B 1000 -51.29 64.50 5.47
C SER B 1000 -50.99 65.23 6.76
N ARG B 1001 -49.73 65.57 7.02
CA ARG B 1001 -49.38 66.29 8.25
C ARG B 1001 -48.83 67.66 7.96
N ILE B 1002 -49.41 68.69 8.54
CA ILE B 1002 -48.96 70.04 8.23
C ILE B 1002 -47.74 70.50 9.01
N PHE B 1003 -46.73 71.02 8.31
CA PHE B 1003 -45.53 71.50 8.97
C PHE B 1003 -45.05 72.84 8.52
N HIS B 1004 -44.32 73.55 9.36
CA HIS B 1004 -43.72 74.79 8.90
C HIS B 1004 -42.34 74.72 9.45
N GLY B 1005 -41.38 75.21 8.68
CA GLY B 1005 -40.01 75.20 9.14
C GLY B 1005 -39.45 76.58 9.07
N GLU B 1006 -38.98 77.08 10.21
CA GLU B 1006 -38.33 78.37 10.16
C GLU B 1006 -36.91 78.25 10.68
N LYS B 1007 -35.96 78.84 9.98
CA LYS B 1007 -34.58 78.78 10.39
C LYS B 1007 -34.25 79.93 11.33
N LEU B 1008 -33.51 79.65 12.41
CA LEU B 1008 -33.16 80.65 13.44
C LEU B 1008 -31.99 81.52 13.12
N MET B 1009 -32.20 82.46 12.23
CA MET B 1009 -31.18 83.45 11.95
C MET B 1009 -29.75 83.04 11.79
N ASN B 1010 -28.87 83.78 12.46
CA ASN B 1010 -27.47 83.53 12.33
C ASN B 1010 -27.16 82.20 12.85
N THR B 1011 -27.72 81.87 14.02
CA THR B 1011 -27.44 80.61 14.69
C THR B 1011 -27.50 79.36 13.81
N ASN B 1012 -28.22 79.41 12.70
CA ASN B 1012 -28.28 78.29 11.73
C ASN B 1012 -29.20 77.12 12.13
N LEU B 1013 -29.90 77.25 13.25
CA LEU B 1013 -30.82 76.20 13.66
C LEU B 1013 -32.09 76.24 12.79
N ILE B 1014 -32.79 75.12 12.65
CA ILE B 1014 -34.06 75.13 11.92
C ILE B 1014 -35.19 74.49 12.73
N PHE B 1015 -36.25 75.26 12.97
CA PHE B 1015 -37.34 74.76 13.79
C PHE B 1015 -38.41 74.26 12.88
N ILE B 1016 -38.85 73.04 13.09
CA ILE B 1016 -39.93 72.51 12.29
C ILE B 1016 -41.04 72.01 13.21
N MET B 1017 -42.27 72.47 12.98
CA MET B 1017 -43.40 72.06 13.82
C MET B 1017 -44.32 71.28 12.95
N VAL B 1018 -44.48 69.99 13.26
CA VAL B 1018 -45.32 69.10 12.46
C VAL B 1018 -46.26 68.28 13.37
N GLU B 1019 -47.24 67.60 12.80
CA GLU B 1019 -48.14 66.73 13.59
C GLU B 1019 -47.49 65.41 14.01
N SER B 1020 -48.01 64.77 15.05
CA SER B 1020 -47.49 63.46 15.46
C SER B 1020 -47.87 62.38 14.48
N LYS B 1021 -47.09 61.31 14.46
CA LYS B 1021 -47.37 60.21 13.55
C LYS B 1021 -48.59 59.37 13.93
N GLY B 1022 -49.37 59.77 14.95
CA GLY B 1022 -50.53 58.98 15.25
C GLY B 1022 -51.55 59.42 14.23
N THR B 1023 -51.59 60.71 13.97
CA THR B 1023 -52.53 61.25 13.00
C THR B 1023 -52.46 60.51 11.68
N CYS B 1024 -51.31 60.58 11.03
CA CYS B 1024 -51.16 59.95 9.74
C CYS B 1024 -50.04 58.95 9.85
N PRO B 1025 -50.35 57.68 9.78
CA PRO B 1025 -49.32 56.67 9.99
C PRO B 1025 -48.52 56.41 8.74
N CYS B 1026 -47.27 56.84 8.71
CA CYS B 1026 -46.43 56.64 7.55
C CYS B 1026 -45.48 55.49 7.80
N ASP B 1027 -44.63 55.21 6.81
CA ASP B 1027 -43.74 54.06 6.92
C ASP B 1027 -42.43 54.54 7.42
N THR B 1028 -41.75 53.72 8.18
CA THR B 1028 -40.57 54.19 8.83
C THR B 1028 -39.19 53.72 8.45
N ARG B 1029 -38.94 53.25 7.24
CA ARG B 1029 -37.61 52.77 6.98
C ARG B 1029 -36.77 53.95 7.38
N LEU B 1030 -35.80 53.72 8.24
CA LEU B 1030 -35.02 54.80 8.77
C LEU B 1030 -34.06 55.41 7.77
N LEU B 1031 -33.75 56.68 7.89
CA LEU B 1031 -32.74 57.26 7.03
C LEU B 1031 -31.53 57.37 7.93
N ILE B 1032 -30.57 56.46 7.84
CA ILE B 1032 -29.42 56.45 8.73
C ILE B 1032 -28.28 57.38 8.25
N GLN B 1033 -27.59 58.08 9.17
CA GLN B 1033 -26.49 58.95 8.80
C GLN B 1033 -25.16 58.42 9.20
N ALA B 1034 -25.11 57.23 9.72
CA ALA B 1034 -23.81 56.69 10.00
C ALA B 1034 -23.08 56.07 8.79
N GLU B 1035 -21.96 55.43 9.03
CA GLU B 1035 -21.21 54.87 7.97
C GLU B 1035 -21.56 53.46 8.01
N GLN B 1036 -21.85 52.88 6.87
CA GLN B 1036 -22.27 51.53 6.84
C GLN B 1036 -21.35 50.83 5.96
N THR B 1037 -20.87 49.66 6.40
CA THR B 1037 -19.90 48.92 5.63
C THR B 1037 -20.53 48.70 4.27
N SER B 1038 -19.97 49.32 3.24
CA SER B 1038 -20.54 49.21 1.91
C SER B 1038 -19.37 49.06 0.98
N ASP B 1039 -19.41 48.06 0.12
CA ASP B 1039 -18.36 47.90 -0.86
C ASP B 1039 -18.35 49.13 -1.75
N GLY B 1040 -17.18 49.55 -2.18
CA GLY B 1040 -17.08 50.76 -2.99
C GLY B 1040 -17.49 50.62 -4.42
N PRO B 1041 -17.10 51.60 -5.24
CA PRO B 1041 -17.47 51.59 -6.65
C PRO B 1041 -17.17 50.28 -7.36
N ASN B 1042 -18.09 49.80 -8.19
CA ASN B 1042 -17.93 48.55 -8.86
C ASN B 1042 -16.73 48.69 -9.68
N PRO B 1043 -15.84 47.73 -9.63
CA PRO B 1043 -14.65 47.98 -10.38
C PRO B 1043 -14.93 47.87 -11.80
N CYS B 1044 -15.91 47.07 -12.19
CA CYS B 1044 -16.18 46.82 -13.58
C CYS B 1044 -16.60 47.98 -14.38
N ASP B 1045 -17.22 48.94 -13.74
CA ASP B 1045 -17.71 50.09 -14.43
C ASP B 1045 -16.71 51.18 -14.38
N MET B 1046 -15.85 51.13 -13.39
CA MET B 1046 -14.84 52.13 -13.26
C MET B 1046 -13.71 51.93 -14.20
N VAL B 1047 -13.64 50.80 -14.86
CA VAL B 1047 -12.51 50.54 -15.71
C VAL B 1047 -12.89 50.89 -17.10
N LYS B 1048 -14.14 51.23 -17.30
CA LYS B 1048 -14.54 51.64 -18.60
C LYS B 1048 -14.24 53.06 -18.73
N GLN B 1049 -14.36 53.83 -17.65
CA GLN B 1049 -13.96 55.22 -17.70
C GLN B 1049 -12.88 55.45 -16.70
N PRO B 1050 -11.65 55.22 -17.09
CA PRO B 1050 -10.60 55.30 -16.12
C PRO B 1050 -10.31 56.72 -15.76
N ARG B 1051 -9.54 56.98 -14.71
CA ARG B 1051 -9.16 58.33 -14.38
C ARG B 1051 -7.92 58.63 -15.14
N TYR B 1052 -7.42 59.85 -15.01
CA TYR B 1052 -6.25 60.22 -15.77
C TYR B 1052 -5.02 59.92 -14.96
N ARG B 1053 -4.10 59.14 -15.52
CA ARG B 1053 -2.85 58.88 -14.84
C ARG B 1053 -1.72 58.99 -15.82
N LYS B 1054 -0.69 59.76 -15.48
CA LYS B 1054 0.46 59.81 -16.35
C LYS B 1054 1.26 58.57 -16.07
N GLY B 1055 1.99 58.11 -17.07
CA GLY B 1055 2.72 56.88 -16.88
C GLY B 1055 4.23 56.98 -17.11
N PRO B 1056 5.09 56.17 -16.39
CA PRO B 1056 6.47 56.23 -16.76
C PRO B 1056 6.75 56.12 -18.22
N ASP B 1057 7.65 56.95 -18.73
CA ASP B 1057 8.02 56.84 -20.12
C ASP B 1057 9.47 56.51 -20.23
N VAL B 1058 9.87 55.36 -19.71
CA VAL B 1058 11.23 54.92 -19.86
C VAL B 1058 11.12 53.43 -19.82
N CYS B 1059 11.26 52.79 -20.95
CA CYS B 1059 11.11 51.38 -20.97
C CYS B 1059 12.17 50.73 -21.73
N PHE B 1060 12.67 49.64 -21.19
CA PHE B 1060 13.72 48.92 -21.81
C PHE B 1060 13.09 47.59 -22.01
N ASP B 1061 12.66 47.33 -23.22
CA ASP B 1061 11.97 46.13 -23.48
C ASP B 1061 12.58 45.28 -24.53
N ASN B 1062 13.66 45.73 -25.17
CA ASN B 1062 14.36 44.88 -26.12
C ASN B 1062 15.74 45.35 -26.42
N ASN B 1063 16.65 44.43 -26.68
CA ASN B 1063 17.99 44.79 -27.11
C ASN B 1063 18.22 43.64 -28.02
N VAL B 1064 19.15 43.77 -28.93
CA VAL B 1064 19.35 42.72 -29.89
C VAL B 1064 20.54 41.91 -29.46
N LEU B 1065 21.24 42.38 -28.46
CA LEU B 1065 22.35 41.66 -27.93
C LEU B 1065 21.89 40.57 -27.01
N GLU B 1066 20.73 40.72 -26.41
CA GLU B 1066 20.24 39.77 -25.43
C GLU B 1066 20.30 38.35 -25.84
N ASP B 1067 20.88 37.54 -24.99
CA ASP B 1067 21.02 36.16 -25.30
C ASP B 1067 19.88 35.42 -24.73
N TYR B 1068 18.98 34.92 -25.56
CA TYR B 1068 17.83 34.23 -25.10
C TYR B 1068 18.06 32.77 -25.07
N THR B 1069 19.27 32.35 -24.76
CA THR B 1069 19.54 30.94 -24.82
C THR B 1069 19.28 30.28 -23.52
N ASP B 1070 19.06 31.04 -22.47
CA ASP B 1070 18.70 30.46 -21.21
C ASP B 1070 17.21 30.40 -21.22
N CYS B 1071 16.65 29.31 -21.72
CA CYS B 1071 15.21 29.15 -21.71
C CYS B 1071 14.75 28.22 -20.59
N GLY B 1072 15.68 27.45 -20.03
CA GLY B 1072 15.32 26.63 -18.87
C GLY B 1072 15.15 25.15 -19.05
N GLY B 1073 14.49 24.74 -20.13
CA GLY B 1073 14.29 23.33 -20.38
C GLY B 1073 15.60 22.59 -20.47
N VAL B 1074 16.54 23.14 -21.23
CA VAL B 1074 17.85 22.51 -21.38
C VAL B 1074 18.60 22.46 -20.06
N SER B 1075 18.40 23.46 -19.20
CA SER B 1075 19.12 23.53 -17.94
C SER B 1075 18.30 22.89 -16.83
N GLY B 1076 17.76 21.70 -17.07
CA GLY B 1076 16.98 21.02 -16.06
C GLY B 1076 16.65 19.62 -16.51
N GLU C 38 37.70 -113.31 -1.89
CA GLU C 38 38.80 -113.63 -2.80
C GLU C 38 39.93 -112.61 -2.67
N SER C 39 41.16 -113.09 -2.78
CA SER C 39 42.32 -112.20 -2.64
C SER C 39 42.55 -111.36 -3.89
N ALA C 40 42.16 -111.86 -5.06
CA ALA C 40 42.43 -111.14 -6.31
C ALA C 40 41.68 -109.82 -6.38
N ARG C 41 40.41 -109.81 -5.97
CA ARG C 41 39.63 -108.58 -6.01
C ARG C 41 40.19 -107.54 -5.03
N ARG C 42 40.60 -107.97 -3.84
CA ARG C 42 41.22 -107.05 -2.89
C ARG C 42 42.55 -106.52 -3.43
N GLU C 43 43.34 -107.39 -4.09
CA GLU C 43 44.61 -106.95 -4.63
C GLU C 43 44.42 -105.92 -5.74
N VAL C 44 43.46 -106.15 -6.65
CA VAL C 44 43.23 -105.19 -7.71
C VAL C 44 42.61 -103.91 -7.14
N GLU C 45 41.82 -104.02 -6.07
CA GLU C 45 41.33 -102.84 -5.37
C GLU C 45 42.48 -101.99 -4.84
N SER C 46 43.44 -102.64 -4.18
CA SER C 46 44.59 -101.91 -3.64
C SER C 46 45.42 -101.30 -4.77
N GLN C 47 45.61 -102.04 -5.87
CA GLN C 47 46.37 -101.52 -6.99
C GLN C 47 45.71 -100.29 -7.60
N ALA C 48 44.38 -100.36 -7.80
CA ALA C 48 43.67 -99.19 -8.31
C ALA C 48 43.74 -98.02 -7.34
N GLN C 49 43.67 -98.30 -6.04
CA GLN C 49 43.76 -97.22 -5.05
C GLN C 49 45.11 -96.53 -5.10
N GLN C 50 46.20 -97.30 -5.17
CA GLN C 50 47.52 -96.68 -5.20
C GLN C 50 47.75 -95.96 -6.52
N GLN C 51 47.22 -96.50 -7.63
CA GLN C 51 47.33 -95.81 -8.90
C GLN C 51 46.59 -94.48 -8.86
N LEU C 52 45.39 -94.46 -8.27
CA LEU C 52 44.66 -93.21 -8.12
C LEU C 52 45.41 -92.22 -7.25
N GLU C 53 46.00 -92.71 -6.15
CA GLU C 53 46.76 -91.83 -5.27
C GLU C 53 47.96 -91.22 -5.98
N ARG C 54 48.66 -92.03 -6.80
CA ARG C 54 49.81 -91.52 -7.53
C ARG C 54 49.43 -90.69 -8.74
N ALA C 55 48.19 -90.77 -9.21
CA ALA C 55 47.72 -90.02 -10.37
C ALA C 55 46.92 -88.79 -9.98
N LYS C 56 46.88 -88.43 -8.70
CA LYS C 56 46.10 -87.27 -8.27
C LYS C 56 46.70 -85.96 -8.77
N HIS C 57 48.01 -85.94 -9.03
CA HIS C 57 48.70 -84.69 -9.36
C HIS C 57 49.34 -84.76 -10.73
N LYS C 58 48.62 -85.24 -11.73
CA LYS C 58 49.11 -85.35 -13.09
C LYS C 58 48.17 -84.63 -14.06
N PRO C 59 48.69 -84.18 -15.21
CA PRO C 59 47.85 -83.41 -16.13
C PRO C 59 46.71 -84.24 -16.71
N VAL C 60 45.62 -83.55 -17.03
CA VAL C 60 44.45 -84.18 -17.62
C VAL C 60 44.71 -84.48 -19.09
N ALA C 61 44.27 -85.65 -19.55
CA ALA C 61 44.51 -86.05 -20.92
C ALA C 61 43.51 -85.41 -21.89
N PHE C 62 42.23 -85.70 -21.70
CA PHE C 62 41.18 -85.22 -22.60
C PHE C 62 39.83 -85.32 -21.90
N ALA C 63 38.79 -84.86 -22.58
CA ALA C 63 37.46 -84.77 -22.01
C ALA C 63 36.44 -85.41 -22.96
N VAL C 64 35.29 -85.78 -22.40
CA VAL C 64 34.23 -86.44 -23.15
C VAL C 64 32.91 -85.71 -22.88
N ARG C 65 31.95 -85.91 -23.79
CA ARG C 65 30.61 -85.38 -23.66
C ARG C 65 29.61 -86.53 -23.69
N THR C 66 28.62 -86.47 -22.80
CA THR C 66 27.64 -87.53 -22.65
C THR C 66 26.26 -87.03 -23.05
N ASN C 67 25.38 -88.00 -23.34
CA ASN C 67 24.00 -87.68 -23.73
C ASN C 67 22.98 -88.60 -23.06
N VAL C 68 23.39 -89.41 -22.10
CA VAL C 68 22.50 -90.34 -21.40
C VAL C 68 22.71 -90.19 -19.90
N SER C 69 21.62 -90.24 -19.15
CA SER C 69 21.66 -90.11 -17.69
C SER C 69 21.94 -91.48 -17.09
N TYR C 70 23.21 -91.79 -16.89
CA TYR C 70 23.65 -93.04 -16.31
C TYR C 70 24.55 -92.77 -15.11
N CYS C 71 24.45 -93.61 -14.10
CA CYS C 71 25.25 -93.50 -12.88
C CYS C 71 26.31 -94.60 -12.87
N GLY C 72 27.55 -94.20 -12.67
CA GLY C 72 28.67 -95.11 -12.61
C GLY C 72 29.03 -95.62 -11.24
N VAL C 73 28.20 -95.37 -10.23
CA VAL C 73 28.48 -95.78 -8.86
C VAL C 73 27.63 -96.98 -8.50
N LEU C 74 26.49 -97.14 -9.18
CA LEU C 74 25.57 -98.23 -8.91
C LEU C 74 25.89 -99.51 -9.68
N ASP C 75 26.88 -99.47 -10.58
CA ASP C 75 27.25 -100.65 -11.35
C ASP C 75 28.29 -101.46 -10.58
N GLU C 76 28.03 -102.77 -10.46
CA GLU C 76 28.90 -103.64 -9.69
C GLU C 76 30.13 -104.11 -10.48
N GLU C 77 30.18 -103.86 -11.79
CA GLU C 77 31.30 -104.30 -12.60
C GLU C 77 32.48 -103.34 -12.55
N CYS C 78 32.35 -102.21 -11.86
CA CYS C 78 33.45 -101.28 -11.74
C CYS C 78 34.59 -101.88 -10.92
N PRO C 79 35.84 -101.57 -11.26
CA PRO C 79 36.96 -102.13 -10.48
C PRO C 79 36.96 -101.74 -9.02
N VAL C 80 36.50 -100.53 -8.70
CA VAL C 80 36.46 -100.03 -7.33
C VAL C 80 35.03 -99.62 -7.01
N GLN C 81 34.47 -100.22 -5.97
CA GLN C 81 33.12 -99.90 -5.53
C GLN C 81 33.14 -98.75 -4.52
N GLY C 82 32.10 -97.93 -4.57
CA GLY C 82 31.98 -96.77 -3.70
C GLY C 82 32.70 -95.54 -4.19
N SER C 83 33.43 -95.61 -5.30
CA SER C 83 34.14 -94.48 -5.87
C SER C 83 33.67 -94.22 -7.29
N GLY C 84 32.37 -94.42 -7.54
CA GLY C 84 31.80 -94.17 -8.85
C GLY C 84 31.35 -92.72 -9.01
N VAL C 85 30.76 -92.44 -10.16
CA VAL C 85 30.29 -91.11 -10.50
C VAL C 85 28.78 -91.17 -10.75
N ASN C 86 28.03 -90.35 -10.03
CA ASN C 86 26.60 -90.19 -10.27
C ASN C 86 26.34 -88.91 -11.04
N PHE C 87 26.62 -88.97 -12.34
CA PHE C 87 26.52 -87.81 -13.23
C PHE C 87 25.27 -87.95 -14.10
N GLU C 88 24.52 -86.85 -14.23
CA GLU C 88 23.36 -86.81 -15.09
C GLU C 88 23.78 -86.43 -16.51
N ALA C 89 22.78 -86.19 -17.37
CA ALA C 89 23.05 -85.74 -18.72
C ALA C 89 23.54 -84.29 -18.70
N LYS C 90 23.94 -83.80 -19.87
CA LYS C 90 24.43 -82.43 -20.03
C LYS C 90 25.61 -82.15 -19.10
N ASP C 91 26.53 -83.12 -19.02
CA ASP C 91 27.65 -83.03 -18.10
C ASP C 91 28.94 -83.36 -18.83
N PHE C 92 30.05 -82.82 -18.31
CA PHE C 92 31.37 -83.01 -18.89
C PHE C 92 32.24 -83.81 -17.94
N LEU C 93 33.04 -84.73 -18.49
CA LEU C 93 33.96 -85.54 -17.72
C LEU C 93 35.37 -85.37 -18.28
N HIS C 94 36.35 -85.45 -17.39
CA HIS C 94 37.76 -85.25 -17.74
C HIS C 94 38.53 -86.54 -17.45
N ILE C 95 39.22 -87.06 -18.47
CA ILE C 95 39.99 -88.29 -18.36
C ILE C 95 41.47 -87.94 -18.26
N LYS C 96 42.17 -88.59 -17.32
CA LYS C 96 43.59 -88.34 -17.12
C LYS C 96 44.46 -89.54 -17.47
N GLU C 97 44.20 -90.70 -16.88
CA GLU C 97 45.06 -91.87 -17.05
C GLU C 97 44.29 -92.97 -17.80
N LYS C 98 44.98 -94.08 -18.02
CA LYS C 98 44.47 -95.22 -18.78
C LYS C 98 44.29 -96.41 -17.86
N TYR C 99 43.12 -97.05 -17.93
CA TYR C 99 42.84 -98.24 -17.13
C TYR C 99 42.67 -99.48 -17.99
N SER C 100 41.72 -99.47 -18.91
CA SER C 100 41.40 -100.63 -19.75
C SER C 100 40.42 -100.18 -20.82
N ASN C 101 39.95 -101.11 -21.63
CA ASN C 101 38.97 -100.83 -22.67
C ASN C 101 37.54 -100.82 -22.14
N ASP C 102 37.32 -101.09 -20.85
CA ASP C 102 35.99 -101.20 -20.28
C ASP C 102 35.67 -100.08 -19.30
N TRP C 103 36.66 -99.60 -18.55
CA TRP C 103 36.47 -98.46 -17.65
C TRP C 103 37.64 -97.50 -17.80
N TRP C 104 37.41 -96.25 -17.38
CA TRP C 104 38.41 -95.21 -17.40
C TRP C 104 38.34 -94.41 -16.10
N ILE C 105 39.45 -93.78 -15.75
CA ILE C 105 39.50 -92.88 -14.61
C ILE C 105 39.12 -91.48 -15.08
N GLY C 106 38.09 -90.91 -14.46
CA GLY C 106 37.61 -89.60 -14.84
C GLY C 106 37.35 -88.73 -13.62
N ARG C 107 37.13 -87.44 -13.88
CA ARG C 107 36.78 -86.49 -12.84
C ARG C 107 35.64 -85.61 -13.34
N LEU C 108 34.88 -85.08 -12.40
CA LEU C 108 33.74 -84.24 -12.72
C LEU C 108 34.16 -82.78 -12.83
N VAL C 109 33.35 -82.00 -13.56
CA VAL C 109 33.50 -80.55 -13.57
C VAL C 109 32.93 -79.90 -12.32
N LYS C 110 32.31 -80.69 -11.44
CA LYS C 110 31.81 -80.16 -10.18
C LYS C 110 32.97 -79.77 -9.26
N GLU C 111 32.74 -78.71 -8.49
CA GLU C 111 33.73 -78.29 -7.50
C GLU C 111 33.71 -79.26 -6.32
N GLY C 112 34.90 -79.75 -5.95
CA GLY C 112 35.02 -80.72 -4.90
C GLY C 112 34.79 -82.16 -5.33
N GLY C 113 34.46 -82.39 -6.59
CA GLY C 113 34.25 -83.74 -7.09
C GLY C 113 35.53 -84.57 -7.05
N ASP C 114 35.45 -85.75 -6.44
CA ASP C 114 36.62 -86.60 -6.29
C ASP C 114 36.84 -87.42 -7.56
N ILE C 115 37.97 -88.12 -7.61
CA ILE C 115 38.29 -88.95 -8.76
C ILE C 115 37.40 -90.19 -8.76
N ALA C 116 36.77 -90.45 -9.90
CA ALA C 116 35.83 -91.57 -10.04
C ALA C 116 36.14 -92.32 -11.32
N PHE C 117 35.30 -93.31 -11.61
CA PHE C 117 35.42 -94.14 -12.80
C PHE C 117 34.15 -94.01 -13.64
N ILE C 118 34.32 -93.82 -14.94
CA ILE C 118 33.20 -93.70 -15.87
C ILE C 118 33.26 -94.88 -16.83
N PRO C 119 32.13 -95.34 -17.36
CA PRO C 119 32.17 -96.44 -18.33
C PRO C 119 32.79 -96.03 -19.65
N SER C 120 33.40 -97.01 -20.32
CA SER C 120 33.90 -96.81 -21.67
C SER C 120 32.71 -96.73 -22.65
N PRO C 121 32.92 -96.14 -23.83
CA PRO C 121 31.79 -96.05 -24.78
C PRO C 121 31.22 -97.41 -25.18
N GLN C 122 32.07 -98.43 -25.33
CA GLN C 122 31.55 -99.77 -25.58
C GLN C 122 30.86 -100.32 -24.34
N ARG C 123 31.36 -99.98 -23.15
CA ARG C 123 30.69 -100.36 -21.92
C ARG C 123 29.33 -99.67 -21.81
N LEU C 124 29.24 -98.41 -22.24
CA LEU C 124 27.96 -97.73 -22.25
C LEU C 124 27.01 -98.35 -23.26
N GLU C 125 27.53 -98.78 -24.41
CA GLU C 125 26.68 -99.50 -25.37
C GLU C 125 26.17 -100.80 -24.78
N SER C 126 27.03 -101.54 -24.08
CA SER C 126 26.60 -102.78 -23.44
C SER C 126 25.54 -102.52 -22.37
N ILE C 127 25.73 -101.48 -21.56
CA ILE C 127 24.75 -101.20 -20.52
C ILE C 127 23.46 -100.68 -21.13
N ARG C 128 23.52 -99.99 -22.26
CA ARG C 128 22.31 -99.58 -22.97
C ARG C 128 21.56 -100.80 -23.48
N LEU C 129 22.28 -101.79 -24.01
CA LEU C 129 21.64 -103.04 -24.40
C LEU C 129 21.02 -103.74 -23.20
N LYS C 130 21.70 -103.73 -22.06
CA LYS C 130 21.17 -104.33 -20.85
C LYS C 130 19.95 -103.58 -20.33
N GLN C 131 19.85 -102.28 -20.62
CA GLN C 131 18.74 -101.49 -20.11
C GLN C 131 17.40 -101.98 -20.66
N GLU C 132 17.36 -102.35 -21.94
CA GLU C 132 16.13 -102.74 -22.60
C GLU C 132 15.86 -104.25 -22.55
N GLN C 133 16.73 -105.02 -21.90
CA GLN C 133 16.49 -106.46 -21.78
C GLN C 133 15.77 -106.85 -20.50
N LYS C 134 15.71 -105.95 -19.51
CA LYS C 134 14.91 -106.23 -18.32
C LYS C 134 13.42 -106.21 -18.60
N ALA C 135 13.00 -105.57 -19.70
CA ALA C 135 11.59 -105.54 -20.06
C ALA C 135 11.15 -106.93 -20.56
N ARG C 136 9.82 -107.10 -20.64
CA ARG C 136 9.29 -108.39 -21.08
C ARG C 136 9.70 -108.71 -22.49
N ARG C 137 9.65 -107.74 -23.40
CA ARG C 137 10.00 -107.93 -24.79
C ARG C 137 10.75 -106.71 -25.30
N SER C 138 11.65 -106.94 -26.26
CA SER C 138 12.40 -105.87 -26.91
C SER C 138 12.42 -105.96 -28.43
N GLY C 139 12.21 -107.13 -29.01
CA GLY C 139 12.19 -107.33 -30.44
C GLY C 139 10.79 -107.27 -31.02
N ASN C 140 10.57 -108.04 -32.08
CA ASN C 140 9.27 -108.09 -32.74
C ASN C 140 8.18 -108.89 -32.01
N PRO C 141 8.46 -110.01 -31.29
CA PRO C 141 7.35 -110.86 -30.83
C PRO C 141 6.68 -110.27 -29.60
N SER C 142 5.47 -109.77 -29.77
CA SER C 142 4.73 -109.17 -28.67
C SER C 142 4.21 -110.25 -27.71
N SER C 143 4.05 -109.87 -26.46
CA SER C 143 3.57 -110.76 -25.41
C SER C 143 2.08 -110.56 -25.12
N LEU C 144 1.30 -110.17 -26.12
CA LEU C 144 -0.14 -109.97 -25.97
C LEU C 144 -0.84 -111.33 -26.00
N SER C 145 -0.66 -112.08 -24.91
CA SER C 145 -1.22 -113.42 -24.76
C SER C 145 -0.81 -114.34 -25.91
N ASP C 146 0.44 -114.21 -26.35
CA ASP C 146 1.00 -115.04 -27.41
C ASP C 146 2.30 -115.65 -26.88
N ILE C 147 2.18 -116.79 -26.20
CA ILE C 147 3.31 -117.51 -25.65
C ILE C 147 3.27 -118.94 -26.16
N GLY C 148 4.39 -119.42 -26.70
CA GLY C 148 4.48 -120.77 -27.21
C GLY C 148 4.00 -120.96 -28.63
N ASN C 149 3.51 -119.90 -29.28
CA ASN C 149 3.02 -120.00 -30.66
C ASN C 149 4.09 -119.54 -31.66
N ARG C 150 4.61 -118.33 -31.48
CA ARG C 150 5.67 -117.78 -32.34
C ARG C 150 6.86 -117.46 -31.46
N ARG C 151 7.84 -118.37 -31.42
CA ARG C 151 9.04 -118.13 -30.64
C ARG C 151 9.82 -116.93 -31.16
N SER C 152 9.92 -116.80 -32.49
CA SER C 152 10.54 -115.66 -33.14
C SER C 152 11.95 -115.40 -32.61
N PRO C 153 12.93 -116.21 -32.99
CA PRO C 153 14.30 -115.98 -32.52
C PRO C 153 14.80 -114.62 -32.94
N PRO C 154 15.60 -113.96 -32.11
CA PRO C 154 16.01 -112.58 -32.39
C PRO C 154 16.87 -112.50 -33.64
N PRO C 155 16.41 -111.76 -34.65
CA PRO C 155 17.23 -111.56 -35.85
C PRO C 155 18.22 -110.43 -35.66
N SER C 156 18.91 -110.04 -36.74
CA SER C 156 19.82 -108.90 -36.67
C SER C 156 19.09 -107.60 -36.38
N LEU C 157 17.77 -107.57 -36.56
CA LEU C 157 17.00 -106.37 -36.24
C LEU C 157 16.95 -106.08 -34.74
N ALA C 158 17.07 -107.11 -33.90
CA ALA C 158 16.96 -106.92 -32.45
C ALA C 158 18.26 -106.50 -31.80
N LYS C 159 19.37 -106.49 -32.54
CA LYS C 159 20.66 -106.09 -32.00
C LYS C 159 20.93 -104.63 -32.40
N GLN C 160 22.05 -104.08 -31.93
CA GLN C 160 22.43 -102.71 -32.23
C GLN C 160 22.98 -102.55 -33.64
N LYS C 161 23.07 -103.64 -34.41
CA LYS C 161 23.54 -103.53 -35.79
C LYS C 161 22.62 -102.67 -36.63
N GLN C 162 21.30 -102.81 -36.43
CA GLN C 162 20.34 -102.00 -37.15
C GLN C 162 20.19 -100.65 -36.45
N LYS C 163 19.19 -99.87 -36.86
CA LYS C 163 18.97 -98.51 -36.35
C LYS C 163 20.22 -97.65 -36.55
N GLN C 164 20.87 -97.81 -37.71
CA GLN C 164 22.11 -97.11 -38.01
C GLN C 164 21.89 -95.89 -38.89
N ALA C 165 20.64 -95.44 -39.06
CA ALA C 165 20.40 -94.25 -39.86
C ALA C 165 21.09 -93.03 -39.26
N GLU C 166 21.02 -92.87 -37.95
CA GLU C 166 21.73 -91.81 -37.24
C GLU C 166 22.79 -92.38 -36.31
N HIS C 167 22.39 -93.25 -35.38
CA HIS C 167 23.32 -93.96 -34.48
C HIS C 167 24.22 -92.97 -33.74
N VAL C 168 23.61 -92.13 -32.93
CA VAL C 168 24.37 -91.13 -32.17
C VAL C 168 25.21 -91.85 -31.12
N PRO C 169 26.54 -91.68 -31.12
CA PRO C 169 27.36 -92.35 -30.12
C PRO C 169 27.07 -91.81 -28.73
N PRO C 170 27.18 -92.65 -27.70
CA PRO C 170 26.99 -92.15 -26.33
C PRO C 170 28.03 -91.12 -25.91
N TYR C 171 29.21 -91.12 -26.54
CA TYR C 171 30.26 -90.17 -26.22
C TYR C 171 30.53 -89.25 -27.41
N ASP C 172 30.80 -87.98 -27.11
CA ASP C 172 31.18 -87.00 -28.11
C ASP C 172 32.48 -86.34 -27.68
N VAL C 173 33.30 -85.98 -28.65
CA VAL C 173 34.60 -85.36 -28.40
C VAL C 173 34.40 -83.86 -28.33
N VAL C 174 34.78 -83.26 -27.20
CA VAL C 174 34.61 -81.83 -26.99
C VAL C 174 35.93 -81.26 -26.46
N PRO C 175 36.16 -79.97 -26.68
CA PRO C 175 37.38 -79.35 -26.13
C PRO C 175 37.42 -79.44 -24.62
N SER C 176 38.63 -79.56 -24.07
CA SER C 176 38.79 -79.76 -22.64
C SER C 176 38.23 -78.59 -21.84
N MET C 177 38.52 -77.37 -22.26
CA MET C 177 38.01 -76.17 -21.62
C MET C 177 36.92 -75.57 -22.48
N ARG C 178 35.78 -75.26 -21.86
CA ARG C 178 34.62 -74.79 -22.62
C ARG C 178 34.90 -73.44 -23.27
N PRO C 179 34.80 -73.32 -24.59
CA PRO C 179 34.96 -72.01 -25.22
C PRO C 179 33.80 -71.09 -24.91
N VAL C 180 34.08 -69.78 -24.96
CA VAL C 180 33.10 -68.75 -24.64
C VAL C 180 32.76 -67.99 -25.92
N VAL C 181 31.48 -67.94 -26.25
CA VAL C 181 30.97 -67.23 -27.42
C VAL C 181 29.95 -66.21 -26.97
N LEU C 182 30.07 -64.98 -27.47
CA LEU C 182 29.17 -63.89 -27.12
C LEU C 182 28.17 -63.66 -28.24
N VAL C 183 26.88 -63.68 -27.95
CA VAL C 183 25.92 -63.51 -29.04
C VAL C 183 25.51 -62.05 -29.15
N GLY C 184 25.42 -61.54 -30.37
CA GLY C 184 25.07 -60.14 -30.56
C GLY C 184 23.68 -59.88 -30.04
N PRO C 185 23.43 -58.69 -29.43
CA PRO C 185 22.02 -58.46 -29.10
C PRO C 185 21.37 -58.38 -30.47
N SER C 186 22.17 -58.11 -31.50
CA SER C 186 21.68 -57.98 -32.87
C SER C 186 22.82 -58.40 -33.79
N LEU C 187 22.60 -58.39 -35.09
CA LEU C 187 23.64 -58.75 -36.05
C LEU C 187 25.06 -58.28 -35.75
N LYS C 188 26.00 -59.21 -35.60
CA LYS C 188 27.40 -58.87 -35.41
C LYS C 188 27.94 -58.18 -36.67
N GLY C 189 29.06 -57.49 -36.51
CA GLY C 189 29.61 -56.68 -37.57
C GLY C 189 29.01 -55.30 -37.68
N TYR C 190 28.04 -54.96 -36.82
CA TYR C 190 27.48 -53.63 -36.76
C TYR C 190 27.98 -52.92 -35.50
N GLU C 191 27.88 -51.59 -35.51
CA GLU C 191 28.57 -50.79 -34.50
C GLU C 191 28.13 -51.14 -33.09
N VAL C 192 26.81 -51.11 -32.83
CA VAL C 192 26.31 -51.23 -31.47
C VAL C 192 26.74 -52.57 -30.87
N THR C 193 26.47 -53.66 -31.59
CA THR C 193 26.88 -54.97 -31.11
C THR C 193 28.39 -55.03 -30.94
N ASP C 194 29.12 -54.48 -31.92
CA ASP C 194 30.58 -54.54 -31.89
C ASP C 194 31.13 -53.96 -30.59
N MET C 195 30.66 -52.78 -30.20
CA MET C 195 31.08 -52.26 -28.90
C MET C 195 30.58 -53.14 -27.74
N MET C 196 29.35 -53.68 -27.87
CA MET C 196 28.83 -54.57 -26.83
C MET C 196 29.75 -55.75 -26.54
N GLN C 197 30.34 -56.37 -27.56
CA GLN C 197 31.27 -57.45 -27.28
C GLN C 197 32.71 -56.99 -27.07
N LYS C 198 33.12 -55.86 -27.64
CA LYS C 198 34.49 -55.39 -27.37
C LYS C 198 34.67 -54.98 -25.92
N ALA C 199 33.61 -54.47 -25.28
CA ALA C 199 33.70 -54.17 -23.84
C ALA C 199 34.07 -55.42 -23.05
N LEU C 200 33.33 -56.51 -23.28
CA LEU C 200 33.64 -57.76 -22.58
C LEU C 200 35.02 -58.28 -22.96
N PHE C 201 35.40 -58.17 -24.23
CA PHE C 201 36.69 -58.68 -24.66
C PHE C 201 37.83 -57.95 -23.96
N ASP C 202 37.74 -56.62 -23.90
CA ASP C 202 38.77 -55.83 -23.21
C ASP C 202 38.79 -56.16 -21.73
N PHE C 203 37.61 -56.34 -21.11
CA PHE C 203 37.58 -56.69 -19.69
C PHE C 203 38.24 -58.04 -19.42
N LEU C 204 37.88 -59.08 -20.17
CA LEU C 204 38.50 -60.39 -19.97
C LEU C 204 40.00 -60.34 -20.23
N LYS C 205 40.42 -59.56 -21.22
CA LYS C 205 41.84 -59.45 -21.50
C LYS C 205 42.57 -58.78 -20.34
N HIS C 206 42.02 -57.68 -19.80
CA HIS C 206 42.76 -56.85 -18.87
C HIS C 206 42.75 -57.44 -17.46
N ARG C 207 41.57 -57.65 -16.87
CA ARG C 207 41.51 -58.27 -15.54
C ARG C 207 42.15 -59.64 -15.52
N PHE C 208 41.94 -60.44 -16.55
CA PHE C 208 42.30 -61.86 -16.52
C PHE C 208 43.47 -62.16 -17.45
N ASP C 209 44.46 -61.27 -17.47
CA ASP C 209 45.66 -61.47 -18.29
C ASP C 209 46.49 -62.62 -17.74
N GLY C 210 47.15 -63.33 -18.65
CA GLY C 210 48.07 -64.40 -18.29
C GLY C 210 47.44 -65.77 -18.17
N ARG C 211 46.10 -65.86 -18.24
CA ARG C 211 45.43 -67.15 -18.16
C ARG C 211 44.32 -67.32 -19.19
N ILE C 212 44.11 -66.34 -20.06
CA ILE C 212 43.04 -66.38 -21.06
C ILE C 212 43.61 -65.90 -22.38
N SER C 213 43.36 -66.64 -23.45
CA SER C 213 43.82 -66.30 -24.80
C SER C 213 42.62 -65.90 -25.65
N ILE C 214 42.78 -64.84 -26.43
CA ILE C 214 41.71 -64.31 -27.26
C ILE C 214 42.03 -64.64 -28.71
N THR C 215 41.09 -65.30 -29.39
CA THR C 215 41.26 -65.69 -30.78
C THR C 215 40.07 -65.22 -31.59
N ARG C 216 40.33 -64.78 -32.83
CA ARG C 216 39.31 -64.27 -33.72
C ARG C 216 39.14 -65.21 -34.91
N VAL C 217 37.90 -65.60 -35.18
CA VAL C 217 37.58 -66.47 -36.31
C VAL C 217 36.90 -65.59 -37.35
N THR C 218 37.69 -65.13 -38.33
CA THR C 218 37.14 -64.31 -39.40
C THR C 218 36.21 -65.11 -40.29
N ALA C 219 36.54 -66.38 -40.55
CA ALA C 219 35.75 -67.22 -41.43
C ALA C 219 34.52 -67.76 -40.70
N ASP C 220 33.72 -68.55 -41.41
CA ASP C 220 32.52 -69.13 -40.84
C ASP C 220 32.86 -70.25 -39.86
N LEU C 221 31.89 -70.56 -39.00
CA LEU C 221 32.03 -71.65 -38.03
C LEU C 221 30.78 -72.49 -37.89
N SER C 222 29.71 -72.20 -38.65
CA SER C 222 28.45 -72.92 -38.52
C SER C 222 28.41 -74.18 -39.35
N LEU C 223 29.45 -74.48 -40.12
CA LEU C 223 29.48 -75.64 -41.00
C LEU C 223 30.25 -76.80 -40.40
N ALA C 224 30.22 -76.93 -39.07
CA ALA C 224 30.92 -78.01 -38.37
C ALA C 224 30.01 -79.22 -38.31
N LYS C 225 30.26 -80.19 -39.18
CA LYS C 225 29.50 -81.42 -39.23
C LYS C 225 30.43 -82.62 -39.06
N ARG C 226 29.90 -83.69 -38.46
CA ARG C 226 30.69 -84.88 -38.18
C ARG C 226 30.15 -86.16 -38.80
N SER C 227 28.90 -86.19 -39.24
CA SER C 227 28.29 -87.40 -39.80
C SER C 227 27.80 -87.14 -41.22
N VAL C 228 28.59 -86.43 -42.02
CA VAL C 228 28.25 -86.18 -43.41
C VAL C 228 28.95 -87.15 -44.34
N LEU C 229 30.27 -87.28 -44.21
CA LEU C 229 31.04 -88.19 -45.04
C LEU C 229 32.35 -88.48 -44.33
N ASN C 230 33.05 -89.51 -44.81
CA ASN C 230 34.33 -89.90 -44.20
C ASN C 230 35.35 -88.78 -44.33
N ASN C 231 35.44 -88.15 -45.51
CA ASN C 231 36.41 -87.08 -45.73
C ASN C 231 36.00 -86.23 -46.93
N PRO C 232 35.06 -85.29 -46.75
CA PRO C 232 34.66 -84.42 -47.87
C PRO C 232 35.75 -83.41 -48.19
N GLY C 233 36.34 -83.54 -49.38
CA GLY C 233 37.39 -82.64 -49.79
C GLY C 233 38.66 -82.78 -48.99
N LYS C 234 39.25 -83.99 -49.01
CA LYS C 234 40.47 -84.23 -48.25
C LYS C 234 41.66 -83.47 -48.82
N ARG C 235 41.70 -83.29 -50.14
CA ARG C 235 42.82 -82.62 -50.80
C ARG C 235 42.30 -81.46 -51.63
N THR C 236 43.15 -80.44 -51.78
CA THR C 236 42.79 -79.26 -52.56
C THR C 236 43.03 -79.43 -54.05
N ILE C 237 43.66 -80.54 -54.47
CA ILE C 237 43.92 -80.77 -55.89
C ILE C 237 42.84 -81.62 -56.55
N ILE C 238 41.83 -82.06 -55.80
CA ILE C 238 40.75 -82.85 -56.38
C ILE C 238 39.91 -82.02 -57.33
N GLU C 239 39.92 -80.69 -57.19
CA GLU C 239 39.09 -79.79 -57.99
C GLU C 239 37.61 -80.10 -57.84
N ARG C 240 37.23 -80.62 -56.68
CA ARG C 240 35.83 -80.91 -56.40
C ARG C 240 35.08 -79.64 -56.03
N SER C 241 33.75 -79.73 -56.04
CA SER C 241 32.93 -78.60 -55.60
C SER C 241 33.16 -78.30 -54.12
N SER C 242 33.35 -79.33 -53.31
CA SER C 242 33.63 -79.17 -51.90
C SER C 242 35.10 -78.92 -51.60
N ALA C 243 36.01 -79.33 -52.50
CA ALA C 243 37.44 -79.12 -52.27
C ALA C 243 37.81 -77.64 -52.36
N ARG C 244 37.29 -76.93 -53.35
CA ARG C 244 37.59 -75.53 -53.55
C ARG C 244 36.63 -74.61 -52.78
N SER C 245 35.69 -75.18 -52.03
CA SER C 245 34.75 -74.37 -51.26
C SER C 245 35.39 -73.99 -49.92
N SER C 246 34.62 -73.34 -49.06
CA SER C 246 35.13 -72.83 -47.79
C SER C 246 35.04 -73.83 -46.65
N ILE C 247 34.46 -75.01 -46.90
CA ILE C 247 34.26 -75.96 -45.80
C ILE C 247 35.58 -76.51 -45.29
N ALA C 248 36.61 -76.55 -46.14
CA ALA C 248 37.91 -77.06 -45.72
C ALA C 248 38.51 -76.19 -44.62
N GLU C 249 38.52 -74.88 -44.82
CA GLU C 249 39.06 -73.98 -43.81
C GLU C 249 38.25 -73.99 -42.53
N VAL C 250 36.92 -74.06 -42.64
CA VAL C 250 36.07 -74.13 -41.45
C VAL C 250 36.35 -75.43 -40.69
N GLN C 251 36.51 -76.54 -41.41
CA GLN C 251 36.83 -77.80 -40.75
C GLN C 251 38.19 -77.73 -40.06
N SER C 252 39.15 -77.04 -40.68
CA SER C 252 40.45 -76.86 -40.03
C SER C 252 40.36 -75.96 -38.81
N GLU C 253 39.43 -75.01 -38.80
CA GLU C 253 39.21 -74.16 -37.64
C GLU C 253 38.78 -74.93 -36.40
N ILE C 254 38.22 -76.14 -36.56
CA ILE C 254 37.59 -76.83 -35.45
C ILE C 254 38.63 -77.28 -34.41
N GLU C 255 39.71 -77.91 -34.87
CA GLU C 255 40.63 -78.56 -33.94
C GLU C 255 41.59 -77.60 -33.27
N ARG C 256 41.80 -76.40 -33.82
CA ARG C 256 42.66 -75.44 -33.14
C ARG C 256 42.05 -74.99 -31.82
N ILE C 257 40.72 -74.89 -31.77
CA ILE C 257 40.05 -74.69 -30.50
C ILE C 257 40.37 -75.83 -29.55
N PHE C 258 40.44 -77.05 -30.07
CA PHE C 258 40.78 -78.20 -29.24
C PHE C 258 42.18 -78.08 -28.66
N GLU C 259 43.17 -77.72 -29.49
CA GLU C 259 44.54 -77.63 -28.96
C GLU C 259 44.67 -76.47 -27.97
N LEU C 260 44.00 -75.34 -28.22
CA LEU C 260 44.01 -74.27 -27.22
C LEU C 260 43.33 -74.69 -25.93
N ALA C 261 42.31 -75.54 -26.02
CA ALA C 261 41.65 -76.03 -24.81
C ALA C 261 42.55 -76.99 -24.04
N LYS C 262 43.34 -77.80 -24.76
CA LYS C 262 44.24 -78.74 -24.09
C LYS C 262 45.34 -78.03 -23.31
N SER C 263 45.55 -76.74 -23.51
CA SER C 263 46.55 -75.98 -22.78
C SER C 263 46.00 -75.40 -21.48
N LEU C 264 44.75 -75.73 -21.12
CA LEU C 264 44.14 -75.36 -19.85
C LEU C 264 43.79 -73.86 -19.82
N GLN C 265 44.21 -73.13 -20.84
CA GLN C 265 43.93 -71.70 -20.91
C GLN C 265 42.55 -71.45 -21.50
N LEU C 266 41.76 -70.62 -20.84
CA LEU C 266 40.42 -70.30 -21.32
C LEU C 266 40.51 -69.52 -22.63
N VAL C 267 39.68 -69.90 -23.59
CA VAL C 267 39.69 -69.30 -24.92
C VAL C 267 38.28 -68.90 -25.30
N VAL C 268 38.17 -67.75 -25.97
CA VAL C 268 36.90 -67.25 -26.48
C VAL C 268 36.92 -67.31 -27.99
N LEU C 269 35.73 -67.22 -28.58
CA LEU C 269 35.56 -67.28 -30.03
C LEU C 269 34.91 -65.98 -30.50
N ASP C 270 35.63 -65.22 -31.30
CA ASP C 270 35.10 -63.96 -31.84
C ASP C 270 34.48 -64.17 -33.23
N ALA C 271 33.56 -65.13 -33.32
CA ALA C 271 32.94 -65.45 -34.59
C ALA C 271 31.92 -64.38 -34.98
N ASP C 272 32.03 -63.87 -36.20
CA ASP C 272 31.17 -62.80 -36.68
C ASP C 272 29.98 -63.31 -37.48
N THR C 273 29.79 -64.62 -37.55
CA THR C 273 28.70 -65.22 -38.33
C THR C 273 27.58 -65.80 -37.47
N ILE C 274 27.91 -66.39 -36.34
CA ILE C 274 26.89 -67.01 -35.49
C ILE C 274 26.15 -65.92 -34.72
N ASN C 275 24.83 -65.90 -34.85
CA ASN C 275 23.98 -64.95 -34.14
C ASN C 275 22.83 -65.63 -33.41
N HIS C 276 22.87 -66.96 -33.24
CA HIS C 276 21.81 -67.69 -32.57
C HIS C 276 22.43 -68.92 -31.94
N PRO C 277 22.00 -69.29 -30.71
CA PRO C 277 22.59 -70.47 -30.07
C PRO C 277 22.39 -71.76 -30.85
N ALA C 278 21.25 -71.91 -31.53
CA ALA C 278 20.99 -73.12 -32.30
C ALA C 278 21.91 -73.26 -33.49
N GLN C 279 22.51 -72.16 -33.95
CA GLN C 279 23.45 -72.24 -35.07
C GLN C 279 24.71 -72.99 -34.70
N LEU C 280 25.09 -72.98 -33.42
CA LEU C 280 26.31 -73.62 -32.93
C LEU C 280 26.02 -74.46 -31.70
N ALA C 281 24.98 -75.29 -31.78
CA ALA C 281 24.58 -76.15 -30.69
C ALA C 281 24.73 -77.63 -30.98
N LYS C 282 24.51 -78.06 -32.23
CA LYS C 282 24.64 -79.47 -32.59
C LYS C 282 26.05 -79.87 -32.94
N THR C 283 26.98 -78.93 -33.02
CA THR C 283 28.36 -79.24 -33.37
C THR C 283 29.10 -79.83 -32.18
N SER C 284 30.36 -80.19 -32.40
CA SER C 284 31.15 -80.80 -31.33
C SER C 284 31.92 -79.80 -30.49
N LEU C 285 31.71 -78.51 -30.73
CA LEU C 285 32.38 -77.50 -29.91
C LEU C 285 31.80 -77.47 -28.50
N ALA C 286 30.47 -77.44 -28.39
CA ALA C 286 29.78 -77.31 -27.12
C ALA C 286 30.32 -76.14 -26.30
N PRO C 287 30.12 -74.91 -26.77
CA PRO C 287 30.74 -73.75 -26.13
C PRO C 287 29.85 -73.11 -25.07
N ILE C 288 30.47 -72.25 -24.28
CA ILE C 288 29.74 -71.39 -23.36
C ILE C 288 29.22 -70.18 -24.13
N ILE C 289 27.90 -69.96 -24.07
CA ILE C 289 27.26 -68.90 -24.81
C ILE C 289 26.83 -67.81 -23.84
N VAL C 290 27.28 -66.59 -24.09
CA VAL C 290 26.98 -65.44 -23.24
C VAL C 290 25.99 -64.54 -23.97
N PHE C 291 24.93 -64.17 -23.28
CA PHE C 291 23.83 -63.39 -23.86
C PHE C 291 23.93 -61.96 -23.35
N VAL C 292 24.24 -61.04 -24.26
CA VAL C 292 24.12 -59.60 -23.99
C VAL C 292 22.89 -59.09 -24.72
N LYS C 293 21.93 -58.58 -23.95
CA LYS C 293 20.67 -58.14 -24.53
C LYS C 293 20.21 -56.85 -23.87
N VAL C 294 19.45 -56.07 -24.63
CA VAL C 294 18.73 -54.93 -24.08
C VAL C 294 17.37 -55.41 -23.62
N SER C 295 16.88 -54.84 -22.51
CA SER C 295 15.63 -55.30 -21.93
C SER C 295 14.45 -55.08 -22.87
N SER C 296 14.42 -53.93 -23.55
CA SER C 296 13.30 -53.58 -24.41
C SER C 296 13.80 -53.11 -25.76
N PRO C 297 13.09 -53.47 -26.84
CA PRO C 297 13.47 -52.95 -28.17
C PRO C 297 13.35 -51.45 -28.31
N LYS C 298 12.54 -50.80 -27.47
CA LYS C 298 12.44 -49.34 -27.51
C LYS C 298 13.78 -48.70 -27.18
N VAL C 299 14.48 -49.22 -26.18
CA VAL C 299 15.80 -48.71 -25.85
C VAL C 299 16.78 -49.02 -26.97
N LEU C 300 16.67 -50.21 -27.55
CA LEU C 300 17.60 -50.61 -28.61
C LEU C 300 17.47 -49.72 -29.83
N GLN C 301 16.25 -49.33 -30.19
CA GLN C 301 16.05 -48.49 -31.38
C GLN C 301 16.76 -47.15 -31.22
N ARG C 302 16.60 -46.51 -30.07
CA ARG C 302 17.27 -45.24 -29.85
C ARG C 302 18.78 -45.41 -29.68
N LEU C 303 19.21 -46.54 -29.11
CA LEU C 303 20.64 -46.82 -29.02
C LEU C 303 21.27 -46.94 -30.40
N ILE C 304 20.55 -47.59 -31.33
CA ILE C 304 21.00 -47.66 -32.71
C ILE C 304 20.97 -46.27 -33.35
N ARG C 305 19.94 -45.49 -33.03
CA ARG C 305 19.81 -44.14 -33.57
C ARG C 305 20.98 -43.26 -33.15
N SER C 306 21.53 -43.48 -31.96
CA SER C 306 22.59 -42.64 -31.43
C SER C 306 23.89 -42.75 -32.23
N ARG C 307 24.07 -43.79 -33.03
CA ARG C 307 25.32 -43.96 -33.76
C ARG C 307 25.45 -42.93 -34.89
N GLY C 308 24.40 -42.74 -35.67
CA GLY C 308 24.42 -41.79 -36.76
C GLY C 308 23.54 -42.25 -37.89
N LYS C 309 23.65 -41.54 -39.02
CA LYS C 309 22.85 -41.85 -40.20
C LYS C 309 23.26 -43.15 -40.86
N SER C 310 24.48 -43.62 -40.63
CA SER C 310 24.96 -44.83 -41.30
C SER C 310 24.14 -46.05 -40.89
N GLN C 311 23.81 -46.17 -39.61
CA GLN C 311 23.07 -47.32 -39.12
C GLN C 311 21.58 -47.23 -39.41
N MET C 312 21.09 -46.08 -39.87
CA MET C 312 19.67 -45.96 -40.20
C MET C 312 19.27 -46.87 -41.34
N LYS C 313 20.20 -47.16 -42.24
CA LYS C 313 19.88 -47.98 -43.41
C LYS C 313 19.65 -49.45 -43.01
N HIS C 314 20.47 -49.97 -42.11
CA HIS C 314 20.39 -51.36 -41.69
C HIS C 314 19.62 -51.54 -40.38
N LEU C 315 19.07 -50.45 -39.85
CA LEU C 315 18.27 -50.52 -38.64
C LEU C 315 17.11 -51.49 -38.85
N THR C 316 16.48 -51.44 -40.01
CA THR C 316 15.30 -52.26 -40.29
C THR C 316 15.61 -53.74 -40.12
N VAL C 317 16.65 -54.23 -40.80
CA VAL C 317 17.03 -55.63 -40.65
C VAL C 317 17.66 -55.89 -39.29
N GLN C 318 18.10 -54.83 -38.60
CA GLN C 318 18.71 -55.00 -37.30
C GLN C 318 17.69 -55.25 -36.19
N MET C 319 16.43 -54.84 -36.37
CA MET C 319 15.41 -55.26 -35.41
C MET C 319 15.16 -56.76 -35.37
N MET C 320 15.13 -57.43 -36.54
CA MET C 320 14.76 -58.85 -36.55
C MET C 320 15.85 -59.72 -35.92
N ALA C 321 17.12 -59.36 -36.13
CA ALA C 321 18.19 -60.12 -35.46
C ALA C 321 18.06 -60.04 -33.95
N TYR C 322 17.43 -59.00 -33.43
CA TYR C 322 17.18 -58.91 -31.99
C TYR C 322 15.94 -59.69 -31.59
N ASP C 323 14.83 -59.51 -32.32
CA ASP C 323 13.58 -60.10 -31.85
C ASP C 323 13.55 -61.62 -32.04
N LYS C 324 14.08 -62.12 -33.16
CA LYS C 324 14.17 -63.57 -33.34
C LYS C 324 15.06 -64.19 -32.28
N LEU C 325 16.16 -63.52 -31.94
CA LEU C 325 17.09 -64.05 -30.94
C LEU C 325 16.47 -64.04 -29.55
N VAL C 326 15.73 -63.00 -29.18
CA VAL C 326 15.13 -62.96 -27.85
C VAL C 326 13.94 -63.90 -27.78
N GLN C 327 13.34 -64.23 -28.93
CA GLN C 327 12.29 -65.25 -28.93
C GLN C 327 12.82 -66.64 -28.56
N CYS C 328 14.14 -66.83 -28.63
CA CYS C 328 14.72 -68.11 -28.26
C CYS C 328 14.52 -68.38 -26.77
N PRO C 329 14.21 -69.61 -26.38
CA PRO C 329 14.06 -69.94 -24.95
C PRO C 329 15.37 -69.72 -24.21
N PRO C 330 15.30 -69.33 -22.93
CA PRO C 330 16.53 -69.00 -22.22
C PRO C 330 17.30 -70.20 -21.71
N GLU C 331 16.72 -71.40 -21.73
CA GLU C 331 17.44 -72.59 -21.32
C GLU C 331 18.58 -72.94 -22.28
N SER C 332 18.45 -72.58 -23.55
CA SER C 332 19.55 -72.78 -24.50
C SER C 332 20.77 -71.96 -24.09
N PHE C 333 20.55 -70.72 -23.66
CA PHE C 333 21.64 -69.86 -23.23
C PHE C 333 22.20 -70.32 -21.90
N ASP C 334 23.51 -70.16 -21.73
CA ASP C 334 24.17 -70.60 -20.51
C ASP C 334 24.18 -69.50 -19.46
N VAL C 335 24.52 -68.28 -19.85
CA VAL C 335 24.50 -67.13 -18.95
C VAL C 335 23.75 -65.99 -19.63
N ILE C 336 23.14 -65.13 -18.81
CA ILE C 336 22.30 -64.04 -19.27
C ILE C 336 22.81 -62.74 -18.67
N LEU C 337 22.93 -61.71 -19.50
CA LEU C 337 23.29 -60.36 -19.07
C LEU C 337 22.13 -59.44 -19.46
N ASP C 338 21.15 -59.32 -18.57
CA ASP C 338 19.93 -58.57 -18.84
C ASP C 338 19.95 -57.17 -18.24
N GLU C 339 21.08 -56.73 -17.70
CA GLU C 339 21.19 -55.43 -17.06
C GLU C 339 21.97 -54.45 -17.93
N ASN C 340 21.84 -53.18 -17.60
CA ASN C 340 22.38 -52.08 -18.39
C ASN C 340 23.63 -51.45 -17.80
N GLN C 341 23.83 -51.50 -16.49
CA GLN C 341 25.07 -50.98 -15.91
C GLN C 341 26.25 -51.79 -16.39
N LEU C 342 27.43 -51.15 -16.42
CA LEU C 342 28.62 -51.83 -16.93
C LEU C 342 29.25 -52.71 -15.86
N GLU C 343 29.43 -52.16 -14.65
CA GLU C 343 30.24 -52.85 -13.63
C GLU C 343 29.54 -54.08 -13.09
N ASP C 344 28.21 -54.03 -12.94
CA ASP C 344 27.50 -55.19 -12.40
C ASP C 344 27.60 -56.39 -13.34
N ALA C 345 27.35 -56.18 -14.64
CA ALA C 345 27.54 -57.24 -15.62
C ALA C 345 29.00 -57.67 -15.69
N CYS C 346 29.91 -56.70 -15.55
CA CYS C 346 31.34 -56.99 -15.55
C CYS C 346 31.70 -58.00 -14.47
N GLU C 347 31.30 -57.71 -13.22
CA GLU C 347 31.59 -58.64 -12.12
C GLU C 347 30.78 -59.92 -12.25
N HIS C 348 29.60 -59.87 -12.86
CA HIS C 348 28.81 -61.07 -13.10
C HIS C 348 29.60 -62.07 -13.94
N LEU C 349 30.10 -61.62 -15.10
CA LEU C 349 30.85 -62.54 -15.95
C LEU C 349 32.20 -62.89 -15.33
N ALA C 350 32.81 -61.95 -14.61
CA ALA C 350 34.05 -62.25 -13.90
C ALA C 350 33.85 -63.43 -12.94
N GLU C 351 32.78 -63.38 -12.15
CA GLU C 351 32.50 -64.45 -11.20
C GLU C 351 32.06 -65.73 -11.90
N TYR C 352 31.37 -65.63 -13.03
CA TYR C 352 31.00 -66.85 -13.76
C TYR C 352 32.23 -67.59 -14.26
N LEU C 353 33.18 -66.88 -14.87
CA LEU C 353 34.38 -67.58 -15.29
C LEU C 353 35.27 -67.92 -14.09
N GLU C 354 35.10 -67.23 -12.97
CA GLU C 354 35.78 -67.62 -11.74
C GLU C 354 35.30 -68.98 -11.24
N VAL C 355 33.98 -69.20 -11.22
CA VAL C 355 33.47 -70.50 -10.77
C VAL C 355 33.84 -71.58 -11.79
N TYR C 356 33.83 -71.23 -13.08
CA TYR C 356 34.36 -72.17 -14.06
C TYR C 356 35.84 -72.49 -13.84
N TRP C 357 36.63 -71.52 -13.38
CA TRP C 357 38.04 -71.74 -13.10
C TRP C 357 38.23 -72.67 -11.91
N ARG C 358 37.49 -72.42 -10.83
CA ARG C 358 37.61 -73.26 -9.65
C ARG C 358 36.98 -74.63 -9.86
N ALA C 359 36.14 -74.77 -10.89
CA ALA C 359 35.54 -76.07 -11.18
C ALA C 359 36.58 -77.09 -11.60
N THR C 360 37.55 -76.69 -12.43
CA THR C 360 38.54 -77.60 -12.98
C THR C 360 39.92 -77.41 -12.37
N HIS C 361 39.98 -77.09 -11.08
CA HIS C 361 41.27 -76.90 -10.40
C HIS C 361 41.21 -77.41 -8.97
C1 NAG D . 36.34 37.38 1.00
C2 NAG D . 36.68 38.83 1.37
C3 NAG D . 38.17 39.05 1.53
C4 NAG D . 38.93 37.94 2.23
C5 NAG D . 38.34 36.55 2.09
C6 NAG D . 38.59 35.76 3.35
C7 NAG D . 35.66 40.92 0.63
C8 NAG D . 35.33 41.76 -0.56
N2 NAG D . 36.14 39.72 0.36
O3 NAG D . 38.36 40.24 2.30
O4 NAG D . 40.24 37.93 1.64
O5 NAG D . 36.93 36.56 2.00
O6 NAG D . 38.21 36.58 4.45
O7 NAG D . 35.51 41.33 1.76
C1 NAG D . 41.27 38.11 2.65
C2 NAG D . 42.63 37.80 2.06
C3 NAG D . 43.73 38.05 3.09
C4 NAG D . 43.60 39.41 3.77
C5 NAG D . 42.16 39.58 4.24
C6 NAG D . 41.91 40.94 4.88
C7 NAG D . 42.14 35.35 1.89
C8 NAG D . 42.45 34.63 3.16
N2 NAG D . 42.83 36.45 1.59
O3 NAG D . 44.96 37.95 2.38
O4 NAG D . 44.49 39.44 4.89
O5 NAG D . 41.29 39.45 3.13
O6 NAG D . 42.20 40.84 6.28
O7 NAG D . 41.28 34.94 1.12
C1 NAG D . 45.59 40.36 4.71
C2 NAG D . 46.71 39.91 5.64
C3 NAG D . 47.88 39.30 4.87
C4 NAG D . 48.37 40.21 3.74
C5 NAG D . 47.28 41.12 3.22
C6 NAG D . 47.49 41.49 1.75
C7 NAG D . 46.43 41.94 7.03
C8 NAG D . 46.83 43.34 6.65
N2 NAG D . 47.19 40.97 6.52
O3 NAG D . 47.49 38.04 4.31
O4 NAG D . 49.45 41.00 4.24
O5 NAG D . 46.02 40.45 3.36
O6 NAG D . 47.04 42.84 1.55
O7 NAG D . 45.49 41.72 7.78
C1 NAG E . -11.67 49.90 -30.79
C2 NAG E . -11.62 50.79 -32.03
C3 NAG E . -11.15 49.97 -33.23
C4 NAG E . -11.66 48.53 -33.30
C5 NAG E . -11.70 47.86 -31.94
C6 NAG E . -10.97 46.53 -31.88
C7 NAG E . -13.01 52.73 -32.36
C8 NAG E . -14.07 53.35 -31.49
N2 NAG E . -12.90 51.41 -32.26
O3 NAG E . -9.71 49.95 -33.19
O4 NAG E . -12.99 48.45 -33.83
O5 NAG E . -11.00 48.68 -31.06
O6 NAG E . -10.19 46.57 -30.68
O7 NAG E . -12.33 53.39 -33.11
C1 NAG E . -13.20 49.34 -34.92
C2 NAG E . -13.39 48.53 -36.19
C3 NAG E . -14.73 48.86 -36.84
C4 NAG E . -14.96 50.36 -36.98
C5 NAG E . -14.58 51.11 -35.70
C6 NAG E . -15.70 52.03 -35.25
C7 NAG E . -11.79 47.89 -37.91
C8 NAG E . -11.41 46.58 -37.28
N2 NAG E . -12.27 48.81 -37.08
O3 NAG E . -15.78 48.27 -36.06
O4 NAG E . -14.19 50.87 -38.07
O5 NAG E . -14.32 50.17 -34.66
O6 NAG E . -16.09 51.69 -33.91
O7 NAG E . -11.65 48.10 -39.10
C1 NAG F . 28.87 37.53 -11.27
C2 NAG F . 28.34 36.37 -10.48
C3 NAG F . 29.29 35.20 -10.58
C4 NAG F . 29.79 34.91 -11.97
C5 NAG F . 30.03 36.19 -12.74
C6 NAG F . 30.21 35.89 -14.21
C7 NAG F . 27.07 36.89 -8.52
C8 NAG F . 27.09 37.02 -7.03
N2 NAG F . 28.24 36.76 -9.10
O3 NAG F . 28.61 34.04 -10.11
O4 NAG F . 31.05 34.28 -11.82
O5 NAG F . 28.94 37.07 -12.60
O6 NAG F . 30.51 37.14 -14.85
O7 NAG F . 26.05 36.89 -9.16
C1 NAG F . 31.09 32.86 -12.10
C2 NAG F . 32.57 32.51 -12.09
C3 NAG F . 32.89 31.03 -12.15
C4 NAG F . 31.99 30.20 -11.26
C5 NAG F . 30.57 30.72 -11.36
C6 NAG F . 29.65 30.02 -10.39
C7 NAG F . 34.17 34.12 -12.85
C8 NAG F . 34.72 34.91 -13.99
N2 NAG F . 33.27 33.19 -13.15
O3 NAG F . 34.25 30.97 -11.73
O4 NAG F . 31.91 28.84 -11.69
O5 NAG F . 30.52 32.10 -11.06
O6 NAG F . 28.72 31.00 -9.92
O7 NAG F . 34.50 34.31 -11.70
C1 NAG F . 33.10 28.05 -11.44
C2 NAG F . 33.13 27.43 -10.05
C3 NAG F . 32.12 26.31 -9.98
C4 NAG F . 32.02 25.39 -11.19
C5 NAG F . 32.62 25.89 -12.51
C6 NAG F . 31.55 26.08 -13.57
C7 NAG F . 35.52 27.65 -9.71
C8 NAG F . 36.69 27.19 -10.54
N2 NAG F . 34.44 26.89 -9.76
O3 NAG F . 30.83 26.85 -9.71
O4 NAG F . 32.58 24.13 -10.82
O5 NAG F . 33.43 27.08 -12.43
O6 NAG F . 30.27 26.19 -12.91
O7 NAG F . 35.57 28.65 -9.03
C1 NAG F . 31.61 23.06 -10.84
C2 NAG F . 30.98 22.82 -9.46
C3 NAG F . 29.49 23.21 -9.33
C4 NAG F . 28.74 23.25 -10.65
C5 NAG F . 29.46 22.42 -11.69
C6 NAG F . 28.68 22.34 -12.99
C7 NAG F . 31.09 21.03 -7.80
C8 NAG F . 30.10 19.93 -7.56
N2 NAG F . 31.21 21.44 -9.05
O3 NAG F . 29.40 24.51 -8.74
O4 NAG F . 27.42 22.75 -10.45
O5 NAG F . 30.69 23.08 -11.93
O6 NAG F . 29.03 23.44 -13.82
O7 NAG F . 31.75 21.53 -6.90
C1 NAG G . 12.27 74.10 -11.00
C2 NAG G . 11.67 75.37 -10.45
C3 NAG G . 11.19 76.30 -11.55
C4 NAG G . 12.04 76.26 -12.82
C5 NAG G . 12.54 74.86 -13.14
C6 NAG G . 13.48 74.81 -14.33
C7 NAG G . 10.57 75.10 -8.33
C8 NAG G . 9.68 74.15 -7.62
N2 NAG G . 10.53 75.02 -9.65
O3 NAG G . 11.18 77.62 -11.01
O4 NAG G . 11.22 76.72 -13.89
O5 NAG G . 13.23 74.38 -12.00
O6 NAG G . 12.77 74.36 -15.47
O7 NAG G . 11.29 75.89 -7.75
C1 NAG G . 11.70 78.00 -14.36
C2 NAG G . 11.27 78.29 -15.77
C3 NAG G . 12.17 79.41 -16.23
C4 NAG G . 12.04 80.61 -15.30
C5 NAG G . 12.13 80.22 -13.83
C6 NAG G . 11.66 81.34 -12.93
C7 NAG G . 10.32 76.37 -16.91
C8 NAG G . 9.15 77.09 -17.51
N2 NAG G . 11.38 77.12 -16.62
O3 NAG G . 11.84 79.80 -17.56
O4 NAG G . 13.10 81.53 -15.61
O5 NAG G . 11.30 79.09 -13.56
O6 NAG G . 10.78 80.78 -11.95
O7 NAG G . 10.30 75.17 -16.71
C1 NAG H . -23.37 67.09 -3.38
C2 NAG H . -24.14 66.54 -4.56
C3 NAG H . -23.79 67.44 -5.73
C4 NAG H . -24.38 68.77 -5.37
C5 NAG H . -23.53 69.34 -4.26
C6 NAG H . -24.05 70.70 -3.83
C7 NAG H . -22.71 64.52 -4.93
C8 NAG H . -22.74 63.14 -4.34
N2 NAG H . -23.88 65.15 -4.87
O3 NAG H . -24.38 66.93 -6.93
O4 NAG H . -24.47 69.60 -6.56
O5 NAG H . -23.68 68.46 -3.16
O6 NAG H . -25.41 70.53 -3.45
O7 NAG H . -21.70 64.98 -5.41
C1 NAG H . -25.82 70.03 -6.91
C2 NAG H . -25.77 70.99 -8.11
C3 NAG H . -27.17 71.50 -8.43
C4 NAG H . -28.13 70.33 -8.62
C5 NAG H . -28.08 69.40 -7.43
C6 NAG H . -28.92 68.16 -7.60
C7 NAG H . -23.69 72.24 -8.47
C8 NAG H . -22.89 73.44 -8.07
N2 NAG H . -24.87 72.09 -7.85
O3 NAG H . -27.12 72.30 -9.61
O4 NAG H . -29.46 70.83 -8.79
O5 NAG H . -26.73 68.96 -7.20
O6 NAG H . -28.55 67.14 -6.69
O7 NAG H . -23.30 71.44 -9.31
O1 PS1 I . -4.40 -12.55 1.39
O2 PS1 I . -6.13 -11.93 3.03
P1 PS1 I . -4.84 -12.69 2.82
O3 PS1 I . -3.68 -12.07 3.82
C1 PS1 I . -3.74 -10.72 4.15
C2 PS1 I . -2.34 -10.25 4.53
C3 PS1 I . -2.44 -8.95 5.33
O4 PS1 I . -3.11 -8.92 6.40
O5 PS1 I . -1.86 -7.91 4.93
N1 PS1 I . -1.69 -11.26 5.34
O6 PS1 I . -5.07 -14.29 3.16
C4 PS1 I . -4.70 -15.24 2.19
C5 PS1 I . -4.58 -16.59 2.89
C6 PS1 I . -3.44 -17.40 2.29
O7 PS1 I . -3.60 -18.73 2.70
C7 PS1 I . -2.47 -19.54 2.56
O8 PS1 I . -1.94 -19.67 1.51
C8 PS1 I . -1.91 -20.28 3.77
C9 PS1 I . -0.89 -21.36 3.40
C10 PS1 I . 0.53 -20.95 3.80
C11 PS1 I . 0.70 -20.87 5.32
C12 PS1 I . 2.14 -20.53 5.70
C13 PS1 I . 3.15 -21.57 5.22
C14 PS1 I . 4.55 -21.30 5.74
C15 PS1 I . 5.50 -22.48 5.53
C16 PS1 I . 6.86 -22.24 6.15
O9 PS1 I . -4.42 -16.40 4.27
C17 PS1 I . -3.12 -16.17 4.73
O10 PS1 I . -2.52 -15.20 4.40
C18 PS1 I . -2.46 -17.15 5.70
C19 PS1 I . -2.54 -16.65 7.14
C20 PS1 I . -1.18 -16.60 7.82
C21 PS1 I . -0.51 -17.98 7.89
C22 PS1 I . -1.31 -19.00 8.69
C23 PS1 I . -1.68 -18.50 10.08
C24 PS1 I . -0.47 -18.15 10.94
C25 PS1 I . -0.76 -17.05 11.94
C26 PS1 I . -1.75 -17.48 13.02
C1 CLR J . -0.45 -14.07 -1.01
C2 CLR J . -1.86 -14.01 -1.60
C3 CLR J . -2.38 -15.35 -2.14
C4 CLR J . -2.26 -16.43 -1.09
C5 CLR J . -0.97 -16.26 -0.32
C6 CLR J . -0.16 -17.32 -0.22
C7 CLR J . 1.06 -17.32 0.65
C8 CLR J . 0.80 -16.31 1.73
C9 CLR J . 0.58 -14.94 1.18
C10 CLR J . -0.61 -14.90 0.24
C11 CLR J . 0.42 -13.98 2.38
C12 CLR J . 0.81 -14.44 3.80
C13 CLR J . 1.72 -15.65 3.86
C14 CLR J . 2.04 -15.90 2.43
C15 CLR J . 3.22 -16.83 2.41
C16 CLR J . 4.07 -16.11 3.44
C17 CLR J . 3.11 -15.49 4.46
C18 CLR J . 1.00 -16.89 4.37
C19 CLR J . -1.66 -14.20 1.07
C20 CLR J . 3.41 -16.09 5.83
C21 CLR J . 2.81 -15.24 6.94
C22 CLR J . 4.93 -16.13 6.02
C23 CLR J . 5.56 -17.52 6.16
C24 CLR J . 7.08 -17.39 6.17
C25 CLR J . 7.77 -17.71 4.84
C26 CLR J . 9.04 -18.51 5.06
C27 CLR J . 6.89 -18.49 3.89
O1 CLR J . -3.77 -15.19 -2.39
O12 PT5 K . 17.98 -31.69 -15.67
P1 PT5 K . 17.36 -32.75 -14.80
O13 PT5 K . 17.67 -32.40 -13.27
O11 PT5 K . 15.88 -32.98 -14.96
O6 PT5 K . 20.81 -32.99 -16.63
O1 PT5 K . 18.08 -34.16 -15.05
C1 PT5 K . 18.92 -34.32 -16.19
C6 PT5 K . 20.36 -34.03 -15.77
C2 PT5 K . 18.74 -35.69 -16.85
O2 PT5 K . 18.55 -36.73 -15.89
C3 PT5 K . 19.91 -36.00 -17.82
O3 PT5 K . 19.84 -37.37 -18.20
C4 PT5 K . 21.32 -35.69 -17.30
O4 PT5 K . 22.07 -34.72 -18.05
P4 PT5 K . 21.70 -33.94 -19.43
O41 PT5 K . 21.64 -35.03 -20.47
O42 PT5 K . 20.40 -33.19 -19.22
O43 PT5 K . 22.86 -32.98 -19.56
C5 PT5 K . 21.33 -35.18 -15.87
O5 PT5 K . 21.03 -36.22 -14.95
P5 PT5 K . 21.08 -35.94 -13.38
O52 PT5 K . 19.72 -35.43 -13.03
O51 PT5 K . 21.37 -37.29 -12.78
O53 PT5 K . 22.21 -34.95 -13.26
C7 PT5 K . 17.35 -31.08 -12.86
C8 PT5 K . 18.62 -30.42 -12.35
C9 PT5 K . 18.51 -28.90 -12.41
O16 PT5 K . 18.92 -30.85 -11.03
C10 PT5 K . 17.91 -30.74 -10.01
O17 PT5 K . 17.13 -31.65 -9.86
O18 PT5 K . 19.73 -28.29 -11.96
C11 PT5 K . 20.08 -26.91 -12.31
O19 PT5 K . 21.13 -26.72 -12.91
C12 PT5 K . 17.87 -29.55 -9.09
C13 PT5 K . 17.48 -30.03 -7.71
C14 PT5 K . 16.08 -29.53 -7.41
C15 PT5 K . 16.01 -28.11 -7.90
C16 PT5 K . 14.84 -27.50 -7.91
C17 PT5 K . 13.64 -28.25 -7.42
C18 PT5 K . 12.53 -27.26 -7.48
C19 PT5 K . 12.42 -26.53 -8.58
C20 PT5 K . 11.32 -25.53 -8.64
C21 PT5 K . 11.67 -24.44 -9.60
C22 PT5 K . 11.10 -23.26 -9.42
C23 PT5 K . 11.39 -22.11 -10.33
C24 PT5 K . 10.46 -20.99 -9.96
C31 PT5 K . 19.17 -25.78 -11.91
C32 PT5 K . 18.00 -25.62 -12.89
C33 PT5 K . 16.78 -25.09 -12.17
C34 PT5 K . 15.57 -25.15 -13.09
C35 PT5 K . 14.41 -24.38 -12.47
C36 PT5 K . 13.15 -24.41 -13.34
C37 PT5 K . 12.66 -25.85 -13.54
C38 PT5 K . 11.15 -25.92 -13.41
C39 PT5 K . 10.45 -25.11 -14.49
C40 PT5 K . 8.94 -25.11 -14.24
C25 PT5 K . 9.32 -20.80 -10.63
C26 PT5 K . 8.91 -21.69 -11.78
C27 PT5 K . 7.42 -21.90 -11.69
C28 PT5 K . 6.68 -20.57 -11.70
C29 PT5 K . 5.32 -20.74 -11.06
C30 PT5 K . 4.68 -21.99 -11.59
C41 PT5 K . 8.14 -24.73 -15.48
C42 PT5 K . 8.21 -23.23 -15.74
CA CA L . -2.47 -5.83 5.62
C1 NAG M . -7.01 20.81 32.45
C2 NAG M . -7.26 22.32 32.49
C3 NAG M . -6.36 22.78 33.60
C4 NAG M . -6.81 22.11 34.90
C5 NAG M . -6.98 20.60 34.81
C6 NAG M . -7.87 20.08 35.93
C7 NAG M . -7.97 23.83 30.77
C8 NAG M . -7.86 24.20 29.32
N2 NAG M . -7.02 23.04 31.26
O3 NAG M . -6.45 24.20 33.69
O4 NAG M . -5.81 22.38 35.91
O5 NAG M . -7.59 20.18 33.58
O6 NAG M . -7.41 20.54 37.20
O7 NAG M . -8.89 24.23 31.47
CAA Y01 N . 1.57 -14.12 -15.03
CBA Y01 N . 1.05 -13.23 -13.92
CAB Y01 N . 0.01 -13.97 -13.10
CAN Y01 N . 0.50 -11.92 -14.47
CAJ Y01 N . 1.26 -10.68 -14.08
CAO Y01 N . 0.98 -9.50 -14.98
CBB Y01 N . 2.20 -8.92 -15.71
CAC Y01 N . 2.33 -9.53 -17.10
CBE Y01 N . 2.14 -7.39 -15.71
CAP Y01 N . 1.79 -6.84 -14.30
CAQ Y01 N . 2.58 -5.53 -14.11
CBG Y01 N . 3.05 -5.19 -15.52
CBI Y01 N . 3.37 -6.55 -16.16
CAE Y01 N . 4.66 -7.15 -15.58
CAU Y01 N . 3.53 -6.28 -17.66
CAS Y01 N . 4.61 -5.22 -17.94
CBF Y01 N . 4.39 -3.90 -17.19
CBD Y01 N . 4.12 -4.13 -15.70
CAK Y01 N . 3.68 -2.82 -15.07
CAI Y01 N . 4.56 -1.68 -15.47
CAZ Y01 N . 5.32 -1.66 -16.54
CAV Y01 N . 6.05 -0.41 -16.97
CBH Y01 N . 5.54 -2.88 -17.42
CAD Y01 N . 6.91 -3.49 -17.11
CAT Y01 N . 5.51 -2.39 -18.89
CAR Y01 N . 4.85 -1.02 -19.06
CBC Y01 N . 5.61 0.06 -18.34
OAW Y01 N . 6.81 0.37 -19.10
CAY Y01 N . 7.15 1.65 -19.23
OAG Y01 N . 8.27 2.04 -19.37
CAM Y01 N . 5.94 2.55 -19.15
CAL Y01 N . 6.22 3.97 -18.69
CAX Y01 N . 5.25 4.50 -17.64
OAH Y01 N . 5.52 5.58 -17.08
OAF Y01 N . 4.23 3.83 -17.40
C1 CLR O . 15.75 -5.28 -14.28
C2 CLR O . 15.68 -3.85 -14.80
C3 CLR O . 15.37 -3.84 -16.28
C4 CLR O . 14.01 -4.48 -16.47
C5 CLR O . 13.99 -5.91 -15.95
C6 CLR O . 13.56 -6.90 -16.72
C7 CLR O . 13.52 -8.34 -16.33
C8 CLR O . 13.73 -8.56 -14.84
C9 CLR O . 14.81 -7.62 -14.32
C10 CLR O . 14.47 -6.11 -14.52
C11 CLR O . 15.18 -7.93 -12.86
C12 CLR O . 15.55 -9.41 -12.65
C13 CLR O . 14.44 -10.35 -13.11
C14 CLR O . 14.15 -9.99 -14.58
C15 CLR O . 13.25 -11.12 -15.06
C16 CLR O . 13.81 -12.36 -14.33
C17 CLR O . 14.82 -11.84 -13.27
C18 CLR O . 13.20 -10.21 -12.22
C19 CLR O . 13.35 -5.66 -13.57
C20 CLR O . 14.85 -12.77 -12.05
C21 CLR O . 15.99 -12.47 -11.08
C22 CLR O . 14.93 -14.23 -12.53
C23 CLR O . 15.87 -15.11 -11.73
C24 CLR O . 15.15 -16.01 -10.75
C25 CLR O . 15.22 -17.50 -11.04
C26 CLR O . 13.87 -18.04 -11.50
C27 CLR O . 16.29 -17.82 -12.07
O1 CLR O . 15.37 -2.50 -16.76
C1 CLR P . -32.03 0.75 6.75
C2 CLR P . -32.22 2.27 6.92
C3 CLR P . -31.71 3.03 5.71
C4 CLR P . -32.39 2.52 4.46
C5 CLR P . -32.26 1.02 4.30
C6 CLR P . -31.78 0.49 3.19
C7 CLR P . -31.77 -0.96 2.87
C8 CLR P . -32.56 -1.79 3.88
C9 CLR P . -32.26 -1.29 5.30
C10 CLR P . -32.71 0.18 5.49
C11 CLR P . -32.85 -2.22 6.37
C12 CLR P . -32.55 -3.71 6.14
C13 CLR P . -32.97 -4.16 4.74
C14 CLR P . -32.19 -3.26 3.77
C15 CLR P . -32.32 -3.95 2.43
C16 CLR P . -32.06 -5.41 2.82
C17 CLR P . -32.51 -5.57 4.30
C18 CLR P . -34.48 -4.03 4.57
C19 CLR P . -34.24 0.30 5.62
C20 CLR P . -33.47 -6.75 4.46
C21 CLR P . -33.31 -7.49 5.78
C22 CLR P . -33.32 -7.71 3.27
C23 CLR P . -33.23 -9.16 3.62
C24 CLR P . -34.49 -9.91 3.32
C25 CLR P . -34.36 -11.03 2.27
C26 CLR P . -34.25 -12.39 2.95
C27 CLR P . -35.52 -11.00 1.31
O1 CLR P . -31.99 4.42 5.87
CAA Y01 Q . 27.34 -19.07 0.97
CBA Y01 Q . 27.50 -18.19 2.20
CAB Y01 Q . 27.87 -19.04 3.39
CAN Y01 Q . 28.52 -17.09 1.96
CAJ Y01 Q . 28.96 -16.33 3.17
CAO Y01 Q . 27.93 -15.34 3.65
CBB Y01 Q . 27.96 -13.99 2.92
CAC Y01 Q . 26.89 -13.96 1.83
CBE Y01 Q . 27.79 -12.84 3.92
CAP Y01 Q . 28.04 -13.30 5.38
CAQ Y01 Q . 28.37 -12.02 6.18
CBG Y01 Q . 28.34 -10.90 5.15
CBI Y01 Q . 28.70 -11.59 3.82
CAE Y01 Q . 30.17 -12.02 3.76
CAU Y01 Q . 28.38 -10.59 2.72
CAS Y01 Q . 29.22 -9.33 2.89
CBF Y01 Q . 29.05 -8.65 4.25
CBD Y01 Q . 29.13 -9.63 5.43
CAK Y01 Q . 28.61 -8.94 6.69
CAI Y01 Q . 29.00 -7.49 6.75
CAZ Y01 Q . 29.75 -6.87 5.84
CAV Y01 Q . 30.40 -5.54 6.13
CBH Y01 Q . 30.02 -7.47 4.47
CAD Y01 Q . 31.49 -7.94 4.44
CAT Y01 Q . 29.78 -6.38 3.40
CAR Y01 Q . 30.51 -5.07 3.70
CBC Y01 Q . 30.15 -4.52 5.05
OAW Y01 Q . 31.02 -3.38 5.33
CAY Y01 Q . 30.48 -2.27 5.81
OAG Y01 Q . 29.42 -2.23 6.36
CAM Y01 Q . 31.35 -1.07 5.58
CAL Y01 Q . 32.61 -1.32 4.77
CAX Y01 Q . 33.57 -0.15 4.73
OAH Y01 Q . 34.80 -0.40 4.65
OAF Y01 Q . 33.11 1.01 4.76
CAA Y01 R . -3.75 -18.45 30.43
CBA Y01 R . -2.98 -19.17 31.51
CAB Y01 R . -1.50 -19.25 31.14
CAN Y01 R . -3.17 -18.51 32.86
CAJ Y01 R . -3.32 -17.01 32.81
CAO Y01 R . -2.13 -16.29 33.35
CBB Y01 R . -2.22 -14.76 33.26
CAC Y01 R . -2.97 -14.36 32.01
CBE Y01 R . -2.85 -14.21 34.55
CAP Y01 R . -2.61 -15.15 35.76
CAQ Y01 R . -2.59 -14.26 37.02
CBG Y01 R . -2.94 -12.86 36.51
CBI Y01 R . -2.38 -12.82 35.08
CAE Y01 R . -0.85 -12.74 35.07
CAU Y01 R . -2.99 -11.59 34.41
CAS Y01 R . -2.68 -10.32 35.20
CBF Y01 R . -3.10 -10.40 36.67
CBD Y01 R . -2.57 -11.67 37.37
CAK Y01 R . -3.16 -11.79 38.76
CAI Y01 R . -3.26 -10.49 39.47
CAZ Y01 R . -3.02 -9.30 38.93
CAV Y01 R . -3.00 -8.05 39.79
CBH Y01 R . -2.75 -9.10 37.45
CAD Y01 R . -1.27 -8.72 37.28
CAT Y01 R . -3.65 -7.97 36.94
CAR Y01 R . -3.61 -6.70 37.81
CBC Y01 R . -3.93 -7.00 39.25
OAW Y01 R . -3.79 -5.80 40.07
CAY Y01 R . -3.17 -4.73 39.58
OAG Y01 R . -3.70 -3.89 38.91
CAM Y01 R . -1.72 -4.68 39.99
CAL Y01 R . -1.49 -4.71 41.48
CAX Y01 R . -1.25 -3.34 42.11
OAH Y01 R . -0.52 -3.29 43.13
OAF Y01 R . -1.77 -2.35 41.59
C1 CLR S . -1.48 -7.38 44.73
C2 CLR S . -1.30 -5.94 45.21
C3 CLR S . -0.33 -5.85 46.37
C4 CLR S . 1.00 -6.44 45.96
C5 CLR S . 0.86 -7.85 45.44
C6 CLR S . 1.61 -8.83 45.94
C7 CLR S . 1.62 -10.24 45.44
C8 CLR S . 0.89 -10.40 44.12
C9 CLR S . -0.42 -9.60 44.15
C10 CLR S . -0.16 -8.07 44.33
C11 CLR S . -1.33 -9.89 42.95
C12 CLR S . -1.55 -11.39 42.72
C13 CLR S . -0.22 -12.13 42.58
C14 CLR S . 0.57 -11.87 43.87
C15 CLR S . 1.72 -12.86 43.81
C16 CLR S . 1.14 -14.09 43.08
C17 CLR S . -0.28 -13.68 42.60
C18 CLR S . 0.53 -11.66 41.32
C19 CLR S . 0.38 -7.45 43.03
C20 CLR S . -0.69 -14.42 41.31
C21 CLR S . -2.02 -15.15 41.46
C22 CLR S . 0.42 -15.41 40.90
C23 CLR S . 0.00 -16.85 40.94
C24 CLR S . 1.15 -17.78 40.68
C25 CLR S . 1.95 -18.20 41.90
C26 CLR S . 3.21 -17.37 42.04
C27 CLR S . 1.10 -18.10 43.17
O1 CLR S . -0.15 -4.47 46.74
C1 CLR T . 22.51 -5.75 19.85
C2 CLR T . 22.70 -4.44 20.60
C3 CLR T . 21.74 -4.34 21.76
C4 CLR T . 22.04 -5.47 22.73
C5 CLR T . 21.92 -6.82 22.07
C6 CLR T . 21.24 -7.79 22.67
C7 CLR T . 20.93 -9.13 22.08
C8 CLR T . 21.73 -9.44 20.83
C9 CLR T . 21.90 -8.18 19.97
C10 CLR T . 22.62 -7.03 20.72
C11 CLR T . 22.54 -8.50 18.60
C12 CLR T . 21.85 -9.65 17.86
C13 CLR T . 21.76 -10.91 18.71
C14 CLR T . 21.04 -10.52 20.02
C15 CLR T . 20.70 -11.84 20.67
C16 CLR T . 20.24 -12.69 19.47
C17 CLR T . 20.82 -12.05 18.20
C18 CLR T . 23.17 -11.48 18.99
C19 CLR T . 24.10 -7.37 20.97
C20 CLR T . 21.40 -13.10 17.23
C21 CLR T . 20.58 -13.25 15.96
C22 CLR T . 21.53 -14.46 17.96
C23 CLR T . 20.61 -15.54 17.49
C24 CLR T . 20.47 -16.65 18.50
C25 CLR T . 19.16 -16.69 19.28
C26 CLR T . 18.61 -18.10 19.37
C27 CLR T . 19.34 -16.10 20.67
O1 CLR T . 21.87 -3.08 22.41
P 3PE U . -4.91 -4.85 30.40
N 3PE U . -4.28 -2.01 33.84
O11 3PE U . -5.82 -5.28 29.16
O12 3PE U . -4.36 -6.09 31.05
O13 3PE U . -5.99 -4.20 31.39
O14 3PE U . -3.99 -3.77 29.92
C11 3PE U . -5.67 -2.93 32.04
C12 3PE U . -4.91 -3.22 33.32
C1 3PE U . -7.20 -4.87 29.12
C2 3PE U . -7.92 -5.81 28.20
C3 3PE U . -7.36 -5.77 26.80
O31 3PE U . -7.03 -7.11 26.37
O32 3PE U . -6.98 -6.37 24.29
C31 3PE U . -6.87 -7.28 25.07
C32 3PE U . -6.57 -8.69 24.72
C33 3PE U . -6.88 -9.64 25.84
C34 3PE U . -6.38 -11.04 25.54
C35 3PE U . -6.29 -11.36 24.09
C36 3PE U . -6.16 -12.83 23.81
C37 3PE U . -5.61 -13.16 22.45
C38 3PE U . -4.87 -14.46 22.38
C39 3PE U . -4.36 -14.80 21.01
C3A 3PE U . -4.81 -16.15 20.52
C3B 3PE U . -3.71 -17.18 20.49
C3C 3PE U . -4.17 -18.57 20.87
C3D 3PE U . -3.52 -19.10 22.12
C3E 3PE U . -2.93 -18.04 23.01
C3F 3PE U . -3.12 -18.29 24.48
C3G 3PE U . -1.85 -18.21 25.28
C3H 3PE U . -2.03 -18.66 26.70
C3I 3PE U . -3.36 -18.28 27.26
O21 3PE U . -7.77 -7.15 28.74
O22 3PE U . -9.17 -6.93 30.46
C21 3PE U . -8.70 -7.60 29.58
C22 3PE U . -9.07 -9.02 29.30
C23 3PE U . -9.14 -9.86 30.53
C24 3PE U . -8.98 -11.34 30.21
C25 3PE U . -8.32 -11.60 28.87
C26 3PE U . -8.87 -12.80 28.15
C27 3PE U . -8.26 -14.11 28.57
P 3PE V . -21.54 -0.23 27.10
N 3PE V . -24.59 -1.27 23.38
O11 3PE V . -20.34 -1.28 26.94
O12 3PE V . -21.82 -0.05 28.56
O13 3PE V . -22.77 -1.04 26.46
O14 3PE V . -21.24 0.97 26.23
C11 3PE V . -22.79 -1.29 25.02
C12 3PE V . -24.13 -1.85 24.64
C1 3PE V . -20.50 -2.61 27.50
C2 3PE V . -20.51 -3.63 26.38
C3 3PE V . -19.13 -4.09 25.98
O31 3PE V . -19.26 -5.05 24.91
O32 3PE V . -19.35 -3.39 23.43
C31 3PE V . -19.26 -4.56 23.68
C32 3PE V . -19.12 -5.65 22.65
C33 3PE V . -19.02 -7.02 23.24
C34 3PE V . -19.06 -8.11 22.18
C35 3PE V . -19.12 -9.50 22.73
C36 3PE V . -19.30 -10.57 21.69
C37 3PE V . -19.69 -11.91 22.26
C38 3PE V . -19.97 -12.96 21.24
C39 3PE V . -18.73 -13.55 20.61
C3A 3PE V . -18.95 -14.15 19.25
C3B 3PE V . -19.53 -15.54 19.27
C3C 3PE V . -20.21 -15.91 17.97
C3D 3PE V . -20.25 -17.37 17.65
C3E 3PE V . -20.82 -17.67 16.29
C3F 3PE V . -20.61 -19.06 15.79
C3G 3PE V . -20.87 -19.23 14.31
C3H 3PE V . -20.58 -20.60 13.76
C3I 3PE V . -20.67 -20.70 12.26
O21 3PE V . -21.33 -4.78 26.74
O22 3PE V . -21.28 -4.98 28.97
C21 3PE V . -21.07 -5.44 27.88
C22 3PE V . -20.56 -6.83 27.66
C23 3PE V . -21.57 -7.73 27.03
C24 3PE V . -21.16 -9.18 27.11
C25 3PE V . -20.16 -9.59 26.06
C26 3PE V . -19.55 -10.95 26.29
C27 3PE V . -20.49 -11.95 26.88
C28 3PE V . -19.89 -13.33 27.03
C29 3PE V . -19.94 -14.16 25.78
C2A 3PE V . -18.96 -15.31 25.78
C2B 3PE V . -18.55 -15.78 27.15
C2C 3PE V . -17.43 -16.79 27.15
C2D 3PE V . -16.91 -17.11 28.53
C2E 3PE V . -16.23 -15.97 29.22
C2F 3PE V . -14.86 -15.64 28.70
C2G 3PE V . -14.38 -14.25 29.03
C2H 3PE V . -14.22 -13.94 30.49
C2I 3PE V . -13.83 -12.50 30.73
CA CA W . -5.73 18.78 -20.85
C1 NAG X . 21.04 67.63 2.46
C2 NAG X . 20.16 68.29 3.50
C3 NAG X . 20.93 69.46 4.11
C4 NAG X . 22.26 69.01 4.68
C5 NAG X . 23.03 68.21 3.64
C6 NAG X . 24.24 67.51 4.23
C7 NAG X . 17.73 68.45 3.34
C8 NAG X . 17.68 67.37 4.39
N2 NAG X . 18.93 68.75 2.88
O3 NAG X . 20.16 70.05 5.17
O4 NAG X . 23.05 70.15 5.05
O5 NAG X . 22.19 67.19 3.17
O6 NAG X . 24.52 66.39 3.40
O7 NAG X . 16.73 69.01 2.93
#